data_9KZJ
#
_entry.id   9KZJ
#
_cell.length_a   1.00
_cell.length_b   1.00
_cell.length_c   1.00
_cell.angle_alpha   90.00
_cell.angle_beta   90.00
_cell.angle_gamma   90.00
#
_symmetry.space_group_name_H-M   'P 1'
#
loop_
_entity.id
_entity.type
_entity.pdbx_description
1 polymer 'Major capsid protein'
2 polymer 'cement protein II'
3 polymer 'BIG2 domain-containing protein'
#
loop_
_entity_poly.entity_id
_entity_poly.type
_entity_poly.pdbx_seq_one_letter_code
_entity_poly.pdbx_strand_id
1 'polypeptide(L)'
;MTTKKFDEADKSNVEMYLIQAGVKQDAAATMGIWTAQELHRIKSQSYEEDYPVGSALRVFPVTTELSPTDKTFEYMTFDK
VGTAQIIADYTDDLPLVDALGTSEFGKVFRLGNAYLISIDEIKAGQATGRPLSTRKASACQLAHDQLVNRLVFKGSAPHK
IVSVFNHPNITKITSGKWIDVSTMKPETAEAELTQAIETIETITRGQHRATNILIPPSMRKVLAIRMPETTMSYLDYFKS
QNSGIEIDSIAELEDIDGAGTKGVLVYEKNPMNMSIEIPEAFNMLPAQPKDLHFKVPCTSKCTGLTIYRPMTIVLITGV
;
A,B,C,D,E,F,G
2 'polypeptide(L)'
;MAQINASYQRDMAIALPGMVADTSKYNIDGACVVNEGDVLVGAAVQVVQAQAVDGHKLVKALTTGTTPYGVAIRSHWQTV
NAQNQMIYEDGGAINVMTSGRVWMLSKSTEAPTFGSAVKLDVDGQEKSDGTIETTWTYAGGWTKYKDIQLVEVQLHQL
;
N,I,J,K,L,M
3 'polypeptide(L)'
;MAYENLMLRPACPGNLSDTSTYNIDGACVAQGDIEFGSAVQVVGIVDGVKVVTALSDGGTPYGIAFRSQYEHLSGKILDG
EVCNVVSHGRVWALTSLDEAPSLFSKLQFGSGGVVTGGSGYAGWTFAGGFVKHEDGYIIEVRVKQNAFIVPPPPPPVVLV
ESATITTDKESPQPNNVTIQCVANALPANATDKTGKWSIDATNIATVNPDSGLVTPVGGEVVGDFNITWTANDASKTTAT
IAYRVEAVPTPEVDV
;
H
#
# COMPACT_ATOMS: atom_id res chain seq x y z
N ALA A 27 -92.13 -6.62 66.23
CA ALA A 27 -91.33 -6.08 65.14
C ALA A 27 -90.58 -4.83 65.59
N ALA A 28 -91.29 -3.98 66.37
CA ALA A 28 -90.70 -2.75 66.89
C ALA A 28 -89.39 -3.05 67.60
N ALA A 29 -88.60 -2.01 67.85
CA ALA A 29 -87.31 -2.13 68.53
C ALA A 29 -87.33 -1.24 69.77
N THR A 30 -87.07 -1.83 70.93
CA THR A 30 -87.08 -1.12 72.20
C THR A 30 -85.79 -1.36 72.97
N MET A 31 -84.65 -1.24 72.30
CA MET A 31 -83.36 -1.53 72.90
C MET A 31 -82.87 -0.31 73.71
N GLY A 32 -81.69 -0.46 74.31
CA GLY A 32 -81.08 0.59 75.11
C GLY A 32 -80.31 1.58 74.26
N ILE A 33 -79.63 2.50 74.95
CA ILE A 33 -78.90 3.55 74.25
C ILE A 33 -77.41 3.25 74.19
N TRP A 34 -76.94 2.32 75.02
CA TRP A 34 -75.54 1.91 75.00
C TRP A 34 -75.40 0.51 74.40
N THR A 35 -74.33 0.31 73.65
CA THR A 35 -74.06 -0.97 73.01
C THR A 35 -72.94 -1.72 73.75
N ALA A 36 -72.75 -2.97 73.36
CA ALA A 36 -71.78 -3.83 74.03
C ALA A 36 -70.35 -3.32 73.82
N GLN A 37 -70.06 -2.82 72.62
CA GLN A 37 -68.71 -2.39 72.27
C GLN A 37 -68.25 -1.23 73.15
N GLU A 38 -69.14 -0.29 73.44
CA GLU A 38 -68.77 0.88 74.21
C GLU A 38 -68.36 0.55 75.64
N LEU A 39 -68.72 -0.63 76.16
CA LEU A 39 -68.31 -1.08 77.49
C LEU A 39 -67.64 -2.44 77.30
N HIS A 40 -66.34 -2.41 77.00
CA HIS A 40 -65.55 -3.59 76.72
C HIS A 40 -64.10 -3.17 76.65
N ARG A 41 -63.21 -4.02 77.16
CA ARG A 41 -61.79 -3.69 77.22
C ARG A 41 -60.96 -4.84 76.68
N ILE A 42 -59.91 -4.50 75.94
CA ILE A 42 -58.94 -5.47 75.44
C ILE A 42 -57.63 -5.19 76.18
N LYS A 43 -57.26 -6.10 77.07
CA LYS A 43 -56.06 -5.91 77.88
C LYS A 43 -54.82 -5.87 76.99
N SER A 44 -53.95 -4.90 77.24
CA SER A 44 -52.79 -4.65 76.38
C SER A 44 -51.57 -5.40 76.90
N GLN A 45 -51.67 -6.72 76.90
CA GLN A 45 -50.54 -7.58 77.27
C GLN A 45 -50.78 -8.96 76.70
N SER A 46 -49.71 -9.57 76.19
CA SER A 46 -49.77 -10.90 75.60
C SER A 46 -49.22 -11.92 76.58
N TYR A 47 -49.85 -13.09 76.62
CA TYR A 47 -49.52 -14.08 77.63
C TYR A 47 -48.94 -15.36 77.03
N GLU A 48 -48.05 -15.23 76.05
CA GLU A 48 -47.32 -16.37 75.52
C GLU A 48 -46.01 -16.55 76.29
N GLU A 49 -45.38 -17.70 76.10
CA GLU A 49 -44.20 -18.05 76.87
C GLU A 49 -43.00 -17.19 76.45
N ASP A 50 -42.01 -17.15 77.34
CA ASP A 50 -40.80 -16.37 77.13
C ASP A 50 -39.79 -17.22 76.35
N TYR A 51 -38.54 -16.74 76.27
CA TYR A 51 -37.51 -17.46 75.55
C TYR A 51 -37.21 -18.80 76.22
N PRO A 52 -37.01 -19.86 75.44
CA PRO A 52 -36.81 -21.19 76.03
C PRO A 52 -35.57 -21.24 76.93
N VAL A 53 -35.67 -22.08 77.96
CA VAL A 53 -34.61 -22.23 78.95
C VAL A 53 -33.63 -23.29 78.50
N GLY A 54 -34.14 -24.41 77.99
CA GLY A 54 -33.30 -25.51 77.56
C GLY A 54 -32.71 -25.32 76.18
N SER A 55 -31.70 -24.45 76.06
CA SER A 55 -31.07 -24.15 74.80
C SER A 55 -29.60 -24.58 74.83
N ALA A 56 -29.07 -24.91 73.66
CA ALA A 56 -27.67 -25.31 73.55
C ALA A 56 -26.70 -24.13 73.63
N LEU A 57 -27.21 -22.92 73.51
CA LEU A 57 -26.36 -21.75 73.54
C LEU A 57 -26.33 -21.19 74.95
N ARG A 58 -26.90 -21.91 75.90
CA ARG A 58 -26.89 -21.47 77.29
C ARG A 58 -26.22 -22.51 78.18
N VAL A 59 -26.31 -23.79 77.80
CA VAL A 59 -25.68 -24.84 78.58
C VAL A 59 -24.27 -25.15 78.10
N PHE A 60 -23.88 -24.61 76.95
CA PHE A 60 -22.53 -24.80 76.44
C PHE A 60 -21.87 -23.46 76.17
N PRO A 61 -20.56 -23.34 76.47
CA PRO A 61 -19.87 -22.04 76.30
C PRO A 61 -19.83 -21.54 74.87
N VAL A 62 -19.94 -20.23 74.67
CA VAL A 62 -19.85 -19.66 73.33
C VAL A 62 -18.63 -18.75 73.25
N THR A 63 -17.80 -18.96 72.24
CA THR A 63 -16.57 -18.21 72.02
C THR A 63 -16.68 -17.43 70.71
N THR A 64 -15.79 -16.45 70.53
CA THR A 64 -15.79 -15.65 69.31
C THR A 64 -14.38 -15.40 68.79
N GLU A 65 -13.92 -16.24 67.85
CA GLU A 65 -12.59 -16.08 67.28
C GLU A 65 -12.63 -16.04 65.76
N LEU A 66 -13.50 -16.84 65.16
CA LEU A 66 -13.55 -16.96 63.70
C LEU A 66 -14.06 -15.68 63.06
N SER A 67 -13.57 -15.39 61.87
CA SER A 67 -14.02 -14.25 61.07
C SER A 67 -15.23 -14.63 60.25
N PRO A 68 -16.05 -13.65 59.86
CA PRO A 68 -17.26 -13.98 59.09
C PRO A 68 -17.01 -14.58 57.71
N THR A 69 -15.79 -14.45 57.17
CA THR A 69 -15.48 -14.92 55.82
C THR A 69 -14.57 -16.15 55.84
N ASP A 70 -14.81 -17.06 56.77
CA ASP A 70 -14.03 -18.29 56.89
C ASP A 70 -14.91 -19.50 56.58
N LYS A 71 -14.28 -20.54 56.03
CA LYS A 71 -14.98 -21.79 55.74
C LYS A 71 -14.36 -22.98 56.47
N THR A 72 -13.17 -22.81 57.04
CA THR A 72 -12.48 -23.90 57.72
C THR A 72 -11.63 -23.32 58.83
N PHE A 73 -11.33 -24.15 59.83
CA PHE A 73 -10.46 -23.76 60.92
C PHE A 73 -9.70 -25.00 61.39
N GLU A 74 -8.81 -24.78 62.36
CA GLU A 74 -7.91 -25.84 62.80
C GLU A 74 -7.35 -25.50 64.18
N TYR A 75 -7.33 -26.47 65.06
CA TYR A 75 -6.76 -26.33 66.40
C TYR A 75 -5.75 -27.43 66.63
N MET A 76 -4.74 -27.14 67.45
CA MET A 76 -3.62 -28.05 67.67
C MET A 76 -3.42 -28.30 69.16
N THR A 77 -2.90 -29.48 69.48
CA THR A 77 -2.53 -29.86 70.83
C THR A 77 -1.13 -30.43 70.82
N PHE A 78 -0.39 -30.23 71.92
CA PHE A 78 1.02 -30.57 71.98
C PHE A 78 1.31 -31.51 73.15
N ASP A 79 2.29 -32.37 72.96
CA ASP A 79 2.72 -33.34 73.96
C ASP A 79 4.17 -33.08 74.35
N LYS A 80 4.60 -33.75 75.41
CA LYS A 80 5.95 -33.62 75.95
C LYS A 80 6.59 -34.99 76.08
N VAL A 81 7.85 -35.09 75.63
CA VAL A 81 8.59 -36.34 75.68
C VAL A 81 9.97 -36.09 76.29
N GLY A 82 10.30 -36.78 77.36
CA GLY A 82 11.59 -36.62 77.97
C GLY A 82 11.73 -37.39 79.27
N THR A 83 12.90 -37.22 79.90
CA THR A 83 13.19 -37.89 81.15
C THR A 83 14.34 -37.17 81.83
N ALA A 84 14.57 -37.52 83.10
CA ALA A 84 15.65 -36.95 83.89
C ALA A 84 16.32 -38.07 84.69
N GLN A 85 17.57 -37.84 85.07
CA GLN A 85 18.34 -38.84 85.81
C GLN A 85 19.19 -38.16 86.86
N ILE A 86 19.52 -38.91 87.91
CA ILE A 86 20.44 -38.41 88.94
C ILE A 86 21.85 -38.38 88.36
N ILE A 87 22.52 -37.24 88.48
CA ILE A 87 23.72 -36.96 87.72
C ILE A 87 24.85 -36.57 88.66
N ALA A 88 26.04 -37.12 88.38
CA ALA A 88 27.28 -36.72 89.04
C ALA A 88 28.06 -35.79 88.11
N ASP A 89 29.00 -35.06 88.69
CA ASP A 89 29.80 -34.13 87.90
C ASP A 89 30.72 -34.91 86.95
N TYR A 90 31.36 -34.16 86.03
CA TYR A 90 32.18 -34.76 84.98
C TYR A 90 31.40 -35.77 84.17
N THR A 91 30.17 -35.39 83.80
CA THR A 91 29.28 -36.27 83.05
C THR A 91 29.06 -35.69 81.66
N ASP A 92 29.01 -36.56 80.66
CA ASP A 92 28.67 -36.18 79.29
C ASP A 92 27.39 -36.83 78.80
N ASP A 93 26.86 -37.81 79.54
CA ASP A 93 25.66 -38.54 79.12
C ASP A 93 24.45 -37.91 79.79
N LEU A 94 23.84 -36.96 79.08
CA LEU A 94 22.65 -36.28 79.57
C LEU A 94 21.44 -36.62 78.71
N PRO A 95 20.33 -37.00 79.32
CA PRO A 95 19.12 -37.33 78.55
C PRO A 95 18.56 -36.09 77.86
N LEU A 96 17.84 -36.33 76.76
CA LEU A 96 17.30 -35.28 75.92
C LEU A 96 15.78 -35.30 75.95
N VAL A 97 15.17 -34.13 75.78
CA VAL A 97 13.72 -33.99 75.75
C VAL A 97 13.29 -33.51 74.37
N ASP A 98 11.98 -33.43 74.14
CA ASP A 98 11.45 -33.06 72.82
C ASP A 98 10.06 -32.48 73.01
N ALA A 99 9.38 -32.23 71.89
CA ALA A 99 8.01 -31.72 71.90
C ALA A 99 7.37 -31.96 70.54
N LEU A 100 6.18 -32.55 70.53
CA LEU A 100 5.48 -32.90 69.30
C LEU A 100 4.04 -32.42 69.40
N GLY A 101 3.26 -32.61 68.34
CA GLY A 101 1.88 -32.18 68.36
C GLY A 101 1.10 -32.68 67.16
N THR A 102 -0.22 -32.54 67.26
CA THR A 102 -1.16 -32.92 66.21
C THR A 102 -2.21 -31.83 66.06
N SER A 103 -3.16 -32.04 65.14
CA SER A 103 -4.18 -31.04 64.87
C SER A 103 -5.44 -31.68 64.29
N GLU A 104 -6.56 -30.97 64.41
CA GLU A 104 -7.84 -31.37 63.85
C GLU A 104 -8.51 -30.17 63.18
N PHE A 105 -9.60 -30.43 62.47
CA PHE A 105 -10.23 -29.42 61.61
C PHE A 105 -11.70 -29.23 61.96
N GLY A 106 -12.38 -28.42 61.16
CA GLY A 106 -13.78 -28.10 61.36
C GLY A 106 -14.33 -27.37 60.17
N LYS A 107 -15.63 -27.01 60.25
CA LYS A 107 -16.31 -26.38 59.14
C LYS A 107 -17.40 -25.44 59.64
N VAL A 108 -17.84 -24.53 58.77
CA VAL A 108 -18.86 -23.54 59.07
C VAL A 108 -19.99 -23.67 58.05
N PHE A 109 -21.20 -23.28 58.46
CA PHE A 109 -22.39 -23.40 57.63
C PHE A 109 -23.19 -22.08 57.64
N ARG A 110 -24.29 -22.09 56.90
CA ARG A 110 -25.16 -20.93 56.78
C ARG A 110 -26.62 -21.35 56.91
N LEU A 111 -27.44 -20.44 57.44
CA LEU A 111 -28.86 -20.68 57.64
C LEU A 111 -29.64 -19.51 57.05
N GLY A 112 -30.92 -19.75 56.74
CA GLY A 112 -31.71 -18.70 56.12
C GLY A 112 -33.22 -18.87 56.16
N ASN A 113 -33.93 -17.76 56.43
CA ASN A 113 -35.38 -17.72 56.45
C ASN A 113 -35.90 -16.53 55.64
N ALA A 114 -37.21 -16.31 55.66
CA ALA A 114 -37.83 -15.17 55.00
C ALA A 114 -39.25 -15.02 55.53
N TYR A 115 -39.85 -13.86 55.27
CA TYR A 115 -41.24 -13.61 55.63
C TYR A 115 -41.80 -12.52 54.73
N LEU A 116 -43.12 -12.51 54.61
CA LEU A 116 -43.82 -11.61 53.69
C LEU A 116 -44.76 -10.71 54.48
N ILE A 117 -44.90 -9.46 54.03
CA ILE A 117 -45.83 -8.51 54.61
C ILE A 117 -46.29 -7.54 53.54
N SER A 118 -47.45 -6.94 53.76
CA SER A 118 -48.05 -6.02 52.80
C SER A 118 -47.99 -4.60 53.35
N ILE A 119 -48.55 -3.63 52.62
CA ILE A 119 -48.60 -2.24 53.06
C ILE A 119 -49.78 -2.00 53.99
N ASP A 120 -50.94 -2.58 53.68
CA ASP A 120 -52.11 -2.40 54.54
C ASP A 120 -51.87 -3.00 55.92
N GLU A 121 -51.19 -4.15 55.98
CA GLU A 121 -50.87 -4.74 57.28
C GLU A 121 -49.93 -3.85 58.07
N ILE A 122 -48.94 -3.24 57.40
CA ILE A 122 -48.02 -2.34 58.09
C ILE A 122 -48.77 -1.14 58.66
N LYS A 123 -49.64 -0.53 57.84
CA LYS A 123 -50.38 0.63 58.30
C LYS A 123 -51.33 0.28 59.44
N ALA A 124 -52.00 -0.88 59.33
CA ALA A 124 -52.91 -1.30 60.40
C ALA A 124 -52.15 -1.56 61.69
N GLY A 125 -50.96 -2.17 61.59
CA GLY A 125 -50.16 -2.40 62.79
C GLY A 125 -49.71 -1.10 63.43
N GLN A 126 -49.31 -0.13 62.61
CA GLN A 126 -48.86 1.14 63.15
C GLN A 126 -50.02 2.00 63.66
N ALA A 127 -51.25 1.72 63.22
CA ALA A 127 -52.40 2.48 63.67
C ALA A 127 -53.10 1.89 64.89
N THR A 128 -53.16 0.56 65.01
CA THR A 128 -53.86 -0.08 66.11
C THR A 128 -52.95 -0.31 67.33
N GLY A 129 -51.66 -0.02 67.22
CA GLY A 129 -50.74 -0.15 68.33
C GLY A 129 -50.13 -1.52 68.50
N ARG A 130 -50.53 -2.50 67.70
CA ARG A 130 -49.99 -3.86 67.79
C ARG A 130 -49.28 -4.21 66.48
N PRO A 131 -47.97 -4.02 66.38
CA PRO A 131 -47.27 -4.30 65.13
C PRO A 131 -47.27 -5.79 64.81
N LEU A 132 -47.12 -6.09 63.53
CA LEU A 132 -47.01 -7.45 63.04
C LEU A 132 -45.62 -7.80 62.51
N SER A 133 -44.85 -6.79 62.09
CA SER A 133 -43.50 -7.04 61.57
C SER A 133 -42.59 -7.63 62.64
N THR A 134 -42.66 -7.09 63.86
CA THR A 134 -41.82 -7.61 64.93
C THR A 134 -42.17 -9.04 65.31
N ARG A 135 -43.46 -9.38 65.31
CA ARG A 135 -43.89 -10.72 65.65
C ARG A 135 -43.45 -11.76 64.63
N LYS A 136 -43.30 -11.38 63.36
CA LYS A 136 -42.75 -12.26 62.35
C LYS A 136 -41.22 -12.26 62.33
N ALA A 137 -40.58 -11.18 62.77
CA ALA A 137 -39.13 -11.15 62.85
C ALA A 137 -38.62 -11.99 64.01
N SER A 138 -39.36 -12.02 65.12
CA SER A 138 -38.95 -12.84 66.26
C SER A 138 -39.03 -14.32 65.94
N ALA A 139 -39.99 -14.72 65.10
CA ALA A 139 -40.11 -16.11 64.70
C ALA A 139 -38.87 -16.58 63.96
N CYS A 140 -38.24 -15.68 63.19
CA CYS A 140 -37.02 -16.04 62.47
C CYS A 140 -35.89 -16.38 63.44
N GLN A 141 -35.69 -15.55 64.47
CA GLN A 141 -34.66 -15.84 65.46
C GLN A 141 -34.96 -17.13 66.20
N LEU A 142 -36.23 -17.35 66.55
CA LEU A 142 -36.59 -18.59 67.25
C LEU A 142 -36.33 -19.81 66.37
N ALA A 143 -36.63 -19.70 65.08
CA ALA A 143 -36.39 -20.81 64.15
C ALA A 143 -34.89 -21.09 64.02
N HIS A 144 -34.07 -20.03 63.96
CA HIS A 144 -32.63 -20.21 63.88
C HIS A 144 -32.11 -20.89 65.15
N ASP A 145 -32.62 -20.48 66.31
CA ASP A 145 -32.21 -21.11 67.56
C ASP A 145 -32.60 -22.58 67.60
N GLN A 146 -33.81 -22.91 67.12
CA GLN A 146 -34.23 -24.31 67.08
C GLN A 146 -33.34 -25.13 66.14
N LEU A 147 -32.99 -24.55 64.99
CA LEU A 147 -32.12 -25.26 64.05
C LEU A 147 -30.74 -25.49 64.65
N VAL A 148 -30.21 -24.51 65.37
CA VAL A 148 -28.93 -24.69 66.05
C VAL A 148 -29.04 -25.77 67.12
N ASN A 149 -30.14 -25.78 67.86
CA ASN A 149 -30.35 -26.81 68.86
C ASN A 149 -30.37 -28.21 68.25
N ARG A 150 -31.04 -28.37 67.12
CA ARG A 150 -31.16 -29.67 66.48
C ARG A 150 -29.83 -30.18 65.94
N LEU A 151 -28.89 -29.29 65.62
CA LEU A 151 -27.59 -29.69 65.07
C LEU A 151 -26.56 -30.05 66.13
N VAL A 152 -26.85 -29.83 67.41
CA VAL A 152 -25.93 -30.15 68.49
C VAL A 152 -26.25 -31.48 69.14
N PHE A 153 -27.48 -31.64 69.65
CA PHE A 153 -27.87 -32.89 70.28
C PHE A 153 -28.14 -33.99 69.25
N LYS A 154 -28.63 -33.64 68.07
CA LYS A 154 -28.70 -34.54 66.94
C LYS A 154 -27.78 -34.03 65.85
N GLY A 155 -27.57 -34.84 64.83
CA GLY A 155 -26.72 -34.48 63.71
C GLY A 155 -27.48 -34.56 62.40
N SER A 156 -26.80 -34.17 61.33
CA SER A 156 -27.30 -34.29 59.97
C SER A 156 -26.36 -35.23 59.22
N ALA A 157 -26.77 -36.48 59.08
CA ALA A 157 -25.93 -37.47 58.37
C ALA A 157 -25.59 -37.04 56.94
N PRO A 158 -26.51 -36.55 56.11
CA PRO A 158 -26.09 -36.04 54.80
C PRO A 158 -25.12 -34.87 54.88
N HIS A 159 -25.24 -34.01 55.89
CA HIS A 159 -24.33 -32.89 56.05
C HIS A 159 -23.02 -33.26 56.73
N LYS A 160 -22.89 -34.49 57.23
CA LYS A 160 -21.69 -34.95 57.95
C LYS A 160 -21.38 -34.05 59.14
N ILE A 161 -22.41 -33.74 59.93
CA ILE A 161 -22.26 -33.05 61.19
C ILE A 161 -22.44 -34.08 62.29
N VAL A 162 -21.32 -34.57 62.83
CA VAL A 162 -21.36 -35.63 63.83
C VAL A 162 -21.92 -35.07 65.13
N SER A 163 -22.84 -35.80 65.75
CA SER A 163 -23.43 -35.40 67.01
C SER A 163 -22.43 -35.66 68.14
N VAL A 164 -22.87 -35.40 69.38
CA VAL A 164 -22.10 -35.82 70.55
C VAL A 164 -22.09 -37.33 70.71
N PHE A 165 -23.17 -38.01 70.34
CA PHE A 165 -23.32 -39.44 70.55
C PHE A 165 -22.66 -40.27 69.46
N ASN A 166 -22.06 -39.62 68.45
CA ASN A 166 -21.36 -40.32 67.39
C ASN A 166 -19.87 -40.03 67.37
N HIS A 167 -19.35 -39.32 68.37
CA HIS A 167 -17.93 -39.05 68.42
C HIS A 167 -17.17 -40.34 68.71
N PRO A 168 -16.06 -40.60 68.01
CA PRO A 168 -15.39 -41.91 68.16
C PRO A 168 -14.47 -42.01 69.36
N ASN A 169 -14.30 -40.95 70.15
CA ASN A 169 -13.37 -40.97 71.27
C ASN A 169 -14.01 -40.73 72.62
N ILE A 170 -15.34 -40.61 72.68
CA ILE A 170 -16.01 -40.32 73.94
C ILE A 170 -16.47 -41.62 74.59
N THR A 171 -16.23 -41.73 75.89
CA THR A 171 -16.63 -42.93 76.64
C THR A 171 -18.15 -43.07 76.63
N LYS A 172 -18.61 -44.29 76.34
CA LYS A 172 -20.03 -44.60 76.29
C LYS A 172 -20.37 -45.69 77.30
N ILE A 173 -21.57 -45.62 77.85
CA ILE A 173 -22.04 -46.56 78.87
C ILE A 173 -23.39 -47.10 78.42
N THR A 174 -23.41 -48.37 77.99
CA THR A 174 -24.68 -49.03 77.74
C THR A 174 -25.40 -49.28 79.05
N SER A 175 -26.70 -49.00 79.05
CA SER A 175 -27.47 -48.94 80.29
C SER A 175 -28.71 -49.82 80.20
N GLY A 176 -29.03 -50.48 81.32
CA GLY A 176 -30.33 -51.11 81.44
C GLY A 176 -31.39 -50.03 81.54
N LYS A 177 -32.62 -50.36 81.13
CA LYS A 177 -33.67 -49.37 81.05
C LYS A 177 -34.00 -48.79 82.42
N TRP A 178 -33.98 -47.46 82.51
CA TRP A 178 -34.43 -46.77 83.71
C TRP A 178 -35.94 -46.96 83.91
N ILE A 179 -36.70 -46.89 82.82
CA ILE A 179 -38.11 -47.26 82.82
C ILE A 179 -38.27 -48.47 81.94
N ASP A 180 -38.78 -49.57 82.50
CA ASP A 180 -38.98 -50.82 81.76
C ASP A 180 -40.48 -51.10 81.72
N VAL A 181 -41.13 -50.67 80.64
CA VAL A 181 -42.56 -50.82 80.44
C VAL A 181 -43.32 -50.28 81.64
N SER A 182 -43.22 -48.97 81.86
CA SER A 182 -43.96 -48.24 82.90
C SER A 182 -43.65 -48.75 84.31
N THR A 183 -42.43 -49.20 84.56
CA THR A 183 -41.99 -49.60 85.89
C THR A 183 -40.74 -48.80 86.22
N MET A 184 -40.92 -47.64 86.84
CA MET A 184 -39.80 -46.77 87.17
C MET A 184 -38.86 -47.47 88.14
N LYS A 185 -37.56 -47.41 87.85
CA LYS A 185 -36.54 -48.03 88.69
C LYS A 185 -35.58 -46.97 89.22
N PRO A 186 -35.78 -46.48 90.44
CA PRO A 186 -34.81 -45.52 90.99
C PRO A 186 -33.38 -46.02 90.98
N GLU A 187 -33.17 -47.30 91.28
CA GLU A 187 -31.84 -47.88 91.17
C GLU A 187 -31.53 -48.19 89.71
N THR A 188 -30.31 -48.68 89.46
CA THR A 188 -29.77 -48.83 88.10
C THR A 188 -29.81 -47.52 87.34
N ALA A 189 -30.00 -46.40 88.05
CA ALA A 189 -29.90 -45.06 87.50
C ALA A 189 -28.98 -44.25 88.40
N GLU A 190 -28.98 -44.59 89.68
CA GLU A 190 -28.01 -44.00 90.61
C GLU A 190 -26.61 -44.52 90.35
N ALA A 191 -26.48 -45.85 90.19
CA ALA A 191 -25.15 -46.44 89.99
C ALA A 191 -24.51 -45.95 88.70
N GLU A 192 -25.29 -45.89 87.62
CA GLU A 192 -24.74 -45.43 86.35
C GLU A 192 -24.31 -43.98 86.42
N LEU A 193 -25.13 -43.13 87.05
CA LEU A 193 -24.75 -41.72 87.21
C LEU A 193 -23.51 -41.55 88.07
N THR A 194 -23.39 -42.28 89.18
CA THR A 194 -22.18 -42.21 89.98
C THR A 194 -20.95 -42.69 89.23
N GLN A 195 -21.07 -43.78 88.45
CA GLN A 195 -19.95 -44.22 87.63
C GLN A 195 -19.54 -43.16 86.62
N ALA A 196 -20.52 -42.54 85.95
CA ALA A 196 -20.21 -41.49 85.00
C ALA A 196 -19.53 -40.31 85.68
N ILE A 197 -20.03 -39.89 86.85
CA ILE A 197 -19.42 -38.78 87.56
C ILE A 197 -17.99 -39.08 87.99
N GLU A 198 -17.73 -40.28 88.52
CA GLU A 198 -16.37 -40.59 88.94
C GLU A 198 -15.43 -40.84 87.76
N THR A 199 -15.96 -41.19 86.60
CA THR A 199 -15.09 -41.51 85.49
C THR A 199 -14.34 -40.28 85.00
N ILE A 200 -15.02 -39.14 84.96
CA ILE A 200 -14.38 -37.95 84.43
C ILE A 200 -13.13 -37.59 85.21
N GLU A 201 -13.22 -37.60 86.54
CA GLU A 201 -12.08 -37.20 87.36
C GLU A 201 -10.98 -38.25 87.35
N THR A 202 -11.36 -39.51 87.49
CA THR A 202 -10.38 -40.58 87.50
C THR A 202 -9.52 -40.52 86.25
N ILE A 203 -10.14 -40.59 85.09
CA ILE A 203 -9.38 -40.59 83.84
C ILE A 203 -8.47 -39.37 83.76
N THR A 204 -8.98 -38.20 84.10
CA THR A 204 -8.22 -36.95 83.96
C THR A 204 -7.27 -36.70 85.11
N ARG A 205 -7.08 -37.66 86.00
CA ARG A 205 -6.12 -37.57 87.10
C ARG A 205 -6.42 -36.37 87.99
N GLY A 206 -7.71 -36.14 88.22
CA GLY A 206 -8.14 -35.09 89.13
C GLY A 206 -8.01 -33.68 88.61
N GLN A 207 -7.92 -33.49 87.30
CA GLN A 207 -7.84 -32.15 86.73
C GLN A 207 -9.20 -31.54 86.46
N HIS A 208 -10.21 -32.37 86.17
CA HIS A 208 -11.54 -31.91 85.82
C HIS A 208 -12.58 -32.66 86.63
N ARG A 209 -13.66 -31.96 86.98
CA ARG A 209 -14.77 -32.54 87.72
C ARG A 209 -16.09 -32.17 87.03
N ALA A 210 -17.06 -33.08 87.11
CA ALA A 210 -18.34 -32.87 86.45
C ALA A 210 -19.12 -31.74 87.12
N THR A 211 -19.74 -30.89 86.29
CA THR A 211 -20.54 -29.78 86.81
C THR A 211 -21.84 -29.59 86.05
N ASN A 212 -22.21 -30.53 85.18
CA ASN A 212 -23.45 -30.39 84.41
C ASN A 212 -24.02 -31.74 83.99
N ILE A 213 -25.34 -31.86 83.98
CA ILE A 213 -26.04 -33.06 83.57
C ILE A 213 -27.24 -32.66 82.73
N LEU A 214 -27.45 -33.34 81.61
CA LEU A 214 -28.61 -33.13 80.75
C LEU A 214 -29.40 -34.42 80.65
N ILE A 215 -30.70 -34.35 80.93
CA ILE A 215 -31.55 -35.55 80.96
C ILE A 215 -32.79 -35.30 80.11
N PRO A 216 -33.40 -36.35 79.60
CA PRO A 216 -34.71 -36.22 78.95
C PRO A 216 -35.79 -35.92 79.97
N PRO A 217 -36.91 -35.32 79.56
CA PRO A 217 -37.97 -34.96 80.52
C PRO A 217 -38.89 -36.13 80.87
N SER A 218 -38.30 -37.30 81.11
CA SER A 218 -39.01 -38.44 81.68
C SER A 218 -38.19 -38.98 82.84
N MET A 219 -36.88 -38.97 82.67
CA MET A 219 -36.00 -39.33 83.77
C MET A 219 -36.07 -38.32 84.91
N ARG A 220 -36.60 -37.13 84.65
CA ARG A 220 -36.93 -36.21 85.73
C ARG A 220 -38.04 -36.80 86.61
N LYS A 221 -39.04 -37.42 85.97
CA LYS A 221 -40.06 -38.16 86.71
C LYS A 221 -39.43 -39.34 87.44
N VAL A 222 -38.46 -39.99 86.82
CA VAL A 222 -37.80 -41.13 87.46
C VAL A 222 -37.06 -40.70 88.73
N LEU A 223 -36.33 -39.58 88.66
CA LEU A 223 -35.46 -39.16 89.76
C LEU A 223 -36.12 -38.17 90.70
N ALA A 224 -37.45 -38.18 90.81
CA ALA A 224 -38.14 -37.33 91.76
C ALA A 224 -38.57 -38.03 93.03
N ILE A 225 -38.39 -39.36 93.11
CA ILE A 225 -38.83 -40.09 94.29
C ILE A 225 -37.89 -39.83 95.44
N ARG A 226 -38.45 -39.74 96.64
CA ARG A 226 -37.63 -39.66 97.84
C ARG A 226 -36.90 -40.99 98.06
N MET A 227 -35.67 -40.90 98.53
CA MET A 227 -34.91 -42.09 98.83
C MET A 227 -35.57 -42.87 99.95
N PRO A 228 -35.40 -44.20 100.01
CA PRO A 228 -36.17 -45.04 100.94
C PRO A 228 -36.33 -44.50 102.35
N GLU A 229 -35.24 -44.12 103.01
CA GLU A 229 -35.31 -43.68 104.39
C GLU A 229 -34.43 -42.46 104.66
N THR A 230 -34.37 -41.53 103.71
CA THR A 230 -33.64 -40.28 103.91
C THR A 230 -34.57 -39.09 103.74
N THR A 231 -34.01 -37.88 103.77
CA THR A 231 -34.78 -36.65 103.60
C THR A 231 -34.40 -35.93 102.31
N MET A 232 -33.95 -36.68 101.30
CA MET A 232 -33.53 -36.11 100.03
C MET A 232 -34.12 -36.93 98.89
N SER A 233 -34.23 -36.30 97.73
CA SER A 233 -34.65 -36.97 96.52
C SER A 233 -33.44 -37.27 95.64
N TYR A 234 -33.61 -38.21 94.71
CA TYR A 234 -32.52 -38.59 93.82
C TYR A 234 -32.01 -37.43 92.99
N LEU A 235 -32.84 -36.41 92.76
CA LEU A 235 -32.44 -35.26 91.97
C LEU A 235 -31.63 -34.25 92.77
N ASP A 236 -31.62 -34.35 94.11
CA ASP A 236 -30.88 -33.43 94.95
C ASP A 236 -29.54 -33.97 95.43
N TYR A 237 -29.46 -35.27 95.69
CA TYR A 237 -28.19 -35.86 96.10
C TYR A 237 -27.15 -35.71 95.00
N PHE A 238 -27.53 -35.93 93.75
CA PHE A 238 -26.60 -35.72 92.65
C PHE A 238 -26.31 -34.23 92.44
N LYS A 239 -27.27 -33.37 92.77
CA LYS A 239 -27.05 -31.93 92.73
C LYS A 239 -26.10 -31.44 93.81
N SER A 240 -25.93 -32.20 94.88
CA SER A 240 -25.14 -31.75 96.03
C SER A 240 -23.69 -32.22 95.99
N GLN A 241 -23.26 -32.89 94.93
CA GLN A 241 -21.92 -33.46 94.89
C GLN A 241 -20.91 -32.42 94.38
N ASN A 242 -19.63 -32.81 94.39
CA ASN A 242 -18.52 -31.93 94.04
C ASN A 242 -18.65 -30.57 94.69
N SER A 243 -18.81 -29.53 93.88
CA SER A 243 -19.19 -28.21 94.36
C SER A 243 -20.65 -27.91 94.14
N GLY A 244 -21.14 -28.09 92.91
CA GLY A 244 -22.56 -28.02 92.61
C GLY A 244 -22.83 -28.49 91.21
N ILE A 245 -23.77 -29.43 91.06
CA ILE A 245 -24.13 -29.93 89.74
C ILE A 245 -25.48 -29.33 89.36
N GLU A 246 -25.66 -29.04 88.07
CA GLU A 246 -26.84 -28.30 87.60
C GLU A 246 -27.58 -29.19 86.59
N ILE A 247 -28.70 -29.76 87.05
CA ILE A 247 -29.48 -30.66 86.22
C ILE A 247 -30.60 -29.90 85.54
N ASP A 248 -30.75 -30.09 84.23
CA ASP A 248 -31.84 -29.51 83.46
C ASP A 248 -32.24 -30.47 82.36
N SER A 249 -33.45 -30.30 81.84
CA SER A 249 -34.07 -31.25 80.92
C SER A 249 -34.06 -30.67 79.52
N ILE A 250 -33.44 -31.40 78.59
CA ILE A 250 -33.44 -31.02 77.18
C ILE A 250 -34.42 -31.92 76.42
N ALA A 251 -35.24 -31.31 75.57
CA ALA A 251 -36.29 -32.03 74.87
C ALA A 251 -35.79 -32.82 73.66
N GLU A 252 -34.65 -32.47 73.09
CA GLU A 252 -34.13 -33.17 71.92
C GLU A 252 -33.46 -34.49 72.27
N LEU A 253 -33.32 -34.81 73.56
CA LEU A 253 -32.62 -36.02 73.99
C LEU A 253 -33.54 -37.23 74.09
N GLU A 254 -34.80 -37.09 73.66
CA GLU A 254 -35.71 -38.22 73.57
C GLU A 254 -35.57 -38.97 72.26
N ASP A 255 -34.80 -38.44 71.32
CA ASP A 255 -34.56 -39.09 70.03
C ASP A 255 -33.17 -38.75 69.52
N ILE A 256 -32.18 -39.61 69.78
CA ILE A 256 -30.83 -39.31 69.31
C ILE A 256 -30.58 -39.97 67.96
N ASP A 257 -31.00 -41.22 67.79
CA ASP A 257 -30.94 -41.88 66.48
C ASP A 257 -32.29 -41.77 65.78
N GLY A 258 -32.50 -42.57 64.74
CA GLY A 258 -33.73 -42.50 63.99
C GLY A 258 -34.95 -43.00 64.73
N ALA A 259 -34.85 -44.17 65.35
CA ALA A 259 -36.00 -44.76 66.04
C ALA A 259 -36.18 -44.17 67.43
N GLY A 260 -35.22 -44.41 68.31
CA GLY A 260 -35.22 -43.81 69.63
C GLY A 260 -34.28 -44.52 70.56
N THR A 261 -33.50 -43.78 71.34
CA THR A 261 -32.62 -44.37 72.34
C THR A 261 -32.68 -43.67 73.69
N LYS A 262 -32.81 -42.33 73.69
CA LYS A 262 -32.77 -41.50 74.89
C LYS A 262 -31.37 -41.50 75.50
N GLY A 263 -30.79 -40.32 75.73
CA GLY A 263 -29.42 -40.25 76.19
C GLY A 263 -29.25 -39.23 77.30
N VAL A 264 -28.11 -39.34 77.98
CA VAL A 264 -27.77 -38.46 79.10
C VAL A 264 -26.30 -38.06 78.95
N LEU A 265 -26.02 -36.79 79.22
CA LEU A 265 -24.67 -36.25 79.11
C LEU A 265 -24.19 -35.76 80.47
N VAL A 266 -22.97 -36.16 80.85
CA VAL A 266 -22.28 -35.63 82.02
C VAL A 266 -20.95 -35.06 81.55
N TYR A 267 -20.70 -33.80 81.87
CA TYR A 267 -19.53 -33.11 81.34
C TYR A 267 -19.15 -31.96 82.25
N GLU A 268 -18.01 -31.34 81.94
CA GLU A 268 -17.55 -30.13 82.61
C GLU A 268 -17.68 -28.96 81.64
N LYS A 269 -18.25 -27.86 82.11
CA LYS A 269 -18.48 -26.67 81.29
C LYS A 269 -17.28 -25.74 81.44
N ASN A 270 -16.55 -25.54 80.35
CA ASN A 270 -15.40 -24.65 80.31
C ASN A 270 -15.16 -24.26 78.87
N PRO A 271 -14.76 -23.01 78.60
CA PRO A 271 -14.54 -22.59 77.21
C PRO A 271 -13.38 -23.28 76.51
N MET A 272 -12.50 -23.97 77.25
CA MET A 272 -11.37 -24.66 76.64
C MET A 272 -11.62 -26.16 76.50
N ASN A 273 -12.85 -26.62 76.79
CA ASN A 273 -13.23 -28.00 76.59
C ASN A 273 -14.21 -28.21 75.44
N MET A 274 -15.12 -27.27 75.21
CA MET A 274 -16.08 -27.34 74.13
C MET A 274 -16.59 -25.93 73.87
N SER A 275 -17.08 -25.69 72.65
CA SER A 275 -17.57 -24.36 72.32
C SER A 275 -18.41 -24.33 71.05
N ILE A 276 -19.47 -23.54 71.06
CA ILE A 276 -20.26 -23.23 69.87
C ILE A 276 -19.88 -21.83 69.41
N GLU A 277 -19.82 -21.65 68.09
CA GLU A 277 -19.36 -20.38 67.54
C GLU A 277 -20.35 -19.86 66.52
N ILE A 278 -20.61 -18.56 66.55
CA ILE A 278 -21.51 -17.90 65.61
C ILE A 278 -20.73 -16.80 64.90
N PRO A 279 -20.09 -17.09 63.77
CA PRO A 279 -19.28 -16.05 63.09
C PRO A 279 -20.08 -14.82 62.69
N GLU A 280 -21.32 -14.99 62.23
CA GLU A 280 -22.16 -13.87 61.83
C GLU A 280 -23.51 -13.99 62.51
N ALA A 281 -23.96 -12.90 63.12
CA ALA A 281 -25.19 -12.91 63.89
C ALA A 281 -26.40 -12.84 62.97
N PHE A 282 -27.59 -12.75 63.58
CA PHE A 282 -28.83 -12.68 62.83
C PHE A 282 -28.98 -11.31 62.18
N ASN A 283 -29.11 -11.31 60.85
CA ASN A 283 -29.28 -10.08 60.07
C ASN A 283 -30.56 -10.17 59.25
N MET A 284 -31.20 -9.03 59.06
CA MET A 284 -32.37 -8.91 58.19
C MET A 284 -31.96 -8.07 56.98
N LEU A 285 -32.01 -8.68 55.80
CA LEU A 285 -31.66 -7.97 54.58
C LEU A 285 -32.72 -6.92 54.26
N PRO A 286 -32.37 -5.89 53.50
CA PRO A 286 -33.36 -4.87 53.13
C PRO A 286 -34.55 -5.44 52.37
N ALA A 287 -35.72 -4.87 52.57
CA ALA A 287 -36.95 -5.34 51.99
C ALA A 287 -36.92 -5.21 50.47
N GLN A 288 -37.44 -6.22 49.78
CA GLN A 288 -37.50 -6.21 48.32
C GLN A 288 -38.95 -6.04 47.88
N PRO A 289 -39.34 -4.85 47.39
CA PRO A 289 -40.74 -4.64 47.02
C PRO A 289 -41.14 -5.48 45.81
N LYS A 290 -42.40 -5.90 45.79
CA LYS A 290 -42.98 -6.63 44.66
C LYS A 290 -44.47 -6.33 44.66
N ASP A 291 -44.89 -5.42 43.77
CA ASP A 291 -46.26 -4.94 43.71
C ASP A 291 -46.62 -4.19 44.99
N LEU A 292 -47.64 -4.66 45.70
CA LEU A 292 -48.07 -3.98 46.93
C LEU A 292 -47.66 -4.71 48.21
N HIS A 293 -46.65 -5.57 48.12
CA HIS A 293 -46.17 -6.28 49.30
C HIS A 293 -44.65 -6.30 49.31
N PHE A 294 -44.05 -6.91 50.32
CA PHE A 294 -42.59 -6.94 50.41
C PHE A 294 -42.06 -8.30 50.85
N LYS A 295 -40.80 -8.58 50.53
CA LYS A 295 -40.17 -9.82 50.98
C LYS A 295 -38.89 -9.47 51.73
N VAL A 296 -38.72 -10.04 52.92
CA VAL A 296 -37.55 -9.72 53.74
C VAL A 296 -36.82 -11.02 54.04
N PRO A 297 -35.59 -11.21 53.54
CA PRO A 297 -34.83 -12.42 53.88
C PRO A 297 -33.96 -12.23 55.12
N CYS A 298 -33.75 -13.32 55.85
CA CYS A 298 -32.95 -13.33 57.06
C CYS A 298 -31.94 -14.46 57.00
N THR A 299 -30.70 -14.17 57.43
CA THR A 299 -29.63 -15.15 57.35
C THR A 299 -28.72 -15.03 58.57
N SER A 300 -27.96 -16.09 58.81
CA SER A 300 -26.97 -16.15 59.89
C SER A 300 -26.08 -17.36 59.62
N LYS A 301 -24.97 -17.45 60.36
CA LYS A 301 -24.03 -18.55 60.20
C LYS A 301 -23.75 -19.19 61.56
N CYS A 302 -23.39 -20.48 61.53
CA CYS A 302 -23.06 -21.23 62.72
C CYS A 302 -22.12 -22.36 62.35
N THR A 303 -21.47 -22.94 63.35
CA THR A 303 -20.52 -24.02 63.11
C THR A 303 -21.01 -25.34 63.70
N GLY A 304 -21.35 -25.32 64.98
CA GLY A 304 -21.73 -26.50 65.71
C GLY A 304 -20.92 -26.63 66.99
N LEU A 305 -20.98 -27.83 67.58
CA LEU A 305 -20.25 -28.11 68.80
C LEU A 305 -18.91 -28.75 68.46
N THR A 306 -17.83 -28.15 68.95
CA THR A 306 -16.49 -28.68 68.78
C THR A 306 -15.95 -29.11 70.13
N ILE A 307 -15.42 -30.34 70.19
CA ILE A 307 -14.96 -30.95 71.43
C ILE A 307 -13.44 -30.95 71.41
N TYR A 308 -12.84 -29.97 72.08
CA TYR A 308 -11.39 -29.86 72.12
C TYR A 308 -10.77 -30.93 73.00
N ARG A 309 -11.33 -31.18 74.18
CA ARG A 309 -10.86 -32.23 75.07
C ARG A 309 -11.95 -33.26 75.24
N PRO A 310 -11.86 -34.42 74.58
CA PRO A 310 -12.93 -35.43 74.66
C PRO A 310 -12.88 -36.34 75.88
N MET A 311 -11.98 -36.08 76.83
CA MET A 311 -11.86 -36.90 78.03
C MET A 311 -12.72 -36.38 79.17
N THR A 312 -13.47 -35.31 78.96
CA THR A 312 -14.29 -34.70 80.00
C THR A 312 -15.79 -34.87 79.74
N ILE A 313 -16.17 -35.79 78.86
CA ILE A 313 -17.57 -36.04 78.54
C ILE A 313 -17.83 -37.54 78.60
N VAL A 314 -18.94 -37.92 79.24
CA VAL A 314 -19.35 -39.31 79.34
C VAL A 314 -20.84 -39.40 78.97
N LEU A 315 -21.15 -40.35 78.10
CA LEU A 315 -22.51 -40.50 77.57
C LEU A 315 -23.15 -41.78 78.12
N ILE A 316 -24.39 -41.68 78.55
CA ILE A 316 -25.19 -42.83 78.96
C ILE A 316 -26.28 -43.00 77.90
N THR A 317 -26.06 -43.93 76.98
CA THR A 317 -26.98 -44.16 75.88
C THR A 317 -27.76 -45.45 76.14
N GLY A 318 -29.01 -45.49 75.69
CA GLY A 318 -29.84 -46.65 75.91
C GLY A 318 -31.16 -46.29 76.56
N VAL A 319 -31.13 -45.32 77.47
CA VAL A 319 -32.31 -44.90 78.21
C VAL A 319 -32.04 -43.63 79.02
N ALA B 27 -60.03 -1.04 11.00
CA ALA B 27 -59.67 -0.02 10.03
C ALA B 27 -59.41 1.31 10.72
N ALA B 28 -59.24 1.29 12.04
CA ALA B 28 -58.97 2.48 12.81
C ALA B 28 -57.47 2.77 12.77
N ALA B 29 -57.05 3.80 13.50
CA ALA B 29 -55.64 4.18 13.58
C ALA B 29 -55.09 3.82 14.96
N THR B 30 -54.00 3.05 14.97
CA THR B 30 -53.40 2.61 16.23
C THR B 30 -51.89 2.80 16.22
N MET B 31 -51.39 3.85 15.58
CA MET B 31 -49.95 4.08 15.52
C MET B 31 -49.43 4.62 16.85
N GLY B 32 -48.13 4.90 16.89
CA GLY B 32 -47.52 5.47 18.06
C GLY B 32 -47.61 6.98 18.08
N ILE B 33 -47.09 7.56 19.16
CA ILE B 33 -47.14 9.01 19.35
C ILE B 33 -46.22 9.72 18.36
N TRP B 34 -45.01 9.19 18.18
CA TRP B 34 -43.97 9.87 17.42
C TRP B 34 -43.97 9.40 15.98
N THR B 35 -43.93 10.33 15.04
CA THR B 35 -43.88 10.02 13.62
C THR B 35 -42.48 9.57 13.23
N ALA B 36 -42.36 9.16 11.97
CA ALA B 36 -41.10 8.65 11.45
C ALA B 36 -40.08 9.73 11.12
N GLN B 37 -40.52 10.99 10.97
CA GLN B 37 -39.62 12.08 10.64
C GLN B 37 -39.08 12.80 11.86
N GLU B 38 -39.65 12.57 13.04
CA GLU B 38 -39.09 13.17 14.25
C GLU B 38 -37.83 12.44 14.70
N LEU B 39 -37.60 11.21 14.24
CA LEU B 39 -36.39 10.47 14.49
C LEU B 39 -35.74 10.15 13.14
N HIS B 40 -34.97 11.10 12.64
CA HIS B 40 -34.41 11.04 11.29
C HIS B 40 -33.42 12.17 11.14
N ARG B 41 -32.36 11.93 10.36
CA ARG B 41 -31.33 12.93 10.14
C ARG B 41 -30.98 13.00 8.66
N ILE B 42 -30.88 14.21 8.14
CA ILE B 42 -30.41 14.46 6.78
C ILE B 42 -28.99 15.00 6.88
N LYS B 43 -28.03 14.24 6.36
CA LYS B 43 -26.64 14.66 6.45
C LYS B 43 -26.41 15.93 5.63
N SER B 44 -25.52 16.79 6.13
CA SER B 44 -25.38 18.13 5.59
C SER B 44 -24.77 18.11 4.20
N GLN B 45 -23.98 17.09 3.88
CA GLN B 45 -23.31 17.05 2.59
C GLN B 45 -24.19 16.39 1.52
N SER B 46 -24.00 16.84 0.28
CA SER B 46 -24.54 16.19 -0.90
C SER B 46 -23.39 15.94 -1.87
N TYR B 47 -23.54 14.92 -2.71
CA TYR B 47 -22.52 14.52 -3.66
C TYR B 47 -22.97 14.90 -5.07
N GLU B 48 -22.03 15.36 -5.88
CA GLU B 48 -22.30 15.74 -7.26
C GLU B 48 -21.33 15.01 -8.18
N GLU B 49 -21.86 14.40 -9.24
CA GLU B 49 -21.03 13.72 -10.22
C GLU B 49 -20.19 14.72 -11.00
N ASP B 50 -18.97 14.32 -11.36
CA ASP B 50 -18.01 15.18 -12.01
C ASP B 50 -17.81 14.73 -13.45
N TYR B 51 -17.89 15.67 -14.38
CA TYR B 51 -17.68 15.40 -15.81
C TYR B 51 -16.54 16.26 -16.31
N PRO B 52 -15.30 15.76 -16.35
CA PRO B 52 -14.20 16.56 -16.88
C PRO B 52 -14.39 16.89 -18.35
N VAL B 53 -13.93 18.08 -18.73
CA VAL B 53 -14.05 18.53 -20.12
C VAL B 53 -13.04 17.82 -21.00
N GLY B 54 -11.76 17.94 -20.67
CA GLY B 54 -10.71 17.33 -21.45
C GLY B 54 -9.49 18.22 -21.48
N SER B 55 -8.63 17.98 -22.49
CA SER B 55 -7.36 18.68 -22.59
C SER B 55 -7.05 19.09 -24.03
N ALA B 56 -8.08 19.35 -24.83
CA ALA B 56 -7.85 19.76 -26.22
C ALA B 56 -7.23 21.15 -26.29
N LEU B 57 -7.79 22.11 -25.55
CA LEU B 57 -7.27 23.48 -25.60
C LEU B 57 -5.97 23.62 -24.82
N ARG B 58 -5.75 22.76 -23.83
CA ARG B 58 -4.57 22.89 -22.99
C ARG B 58 -3.31 22.45 -23.71
N VAL B 59 -3.39 21.36 -24.49
CA VAL B 59 -2.20 20.81 -25.14
C VAL B 59 -1.97 21.37 -26.54
N PHE B 60 -2.88 22.19 -27.06
CA PHE B 60 -2.70 22.77 -28.37
C PHE B 60 -2.87 24.28 -28.31
N PRO B 61 -2.11 25.03 -29.09
CA PRO B 61 -2.16 26.50 -29.01
C PRO B 61 -3.50 27.05 -29.47
N VAL B 62 -3.84 28.23 -28.95
CA VAL B 62 -5.06 28.94 -29.30
C VAL B 62 -4.69 30.33 -29.81
N THR B 63 -5.24 30.73 -30.95
CA THR B 63 -4.98 32.03 -31.55
C THR B 63 -6.28 32.81 -31.67
N THR B 64 -6.14 34.11 -32.00
CA THR B 64 -7.27 35.02 -32.06
C THR B 64 -7.25 35.88 -33.32
N GLU B 65 -6.81 35.33 -34.45
CA GLU B 65 -6.71 36.12 -35.67
C GLU B 65 -8.09 36.41 -36.27
N LEU B 66 -8.94 35.39 -36.34
CA LEU B 66 -10.18 35.51 -37.10
C LEU B 66 -11.21 36.36 -36.37
N SER B 67 -11.88 37.23 -37.13
CA SER B 67 -13.01 37.98 -36.63
C SER B 67 -14.27 37.13 -36.72
N PRO B 68 -15.33 37.49 -35.98
CA PRO B 68 -16.54 36.65 -35.99
C PRO B 68 -17.17 36.46 -37.36
N THR B 69 -17.08 37.46 -38.24
CA THR B 69 -17.86 37.42 -39.48
C THR B 69 -17.19 36.64 -40.61
N ASP B 70 -15.92 36.26 -40.47
CA ASP B 70 -15.25 35.55 -41.55
C ASP B 70 -15.75 34.12 -41.64
N LYS B 71 -15.64 33.53 -42.83
CA LYS B 71 -16.00 32.14 -43.08
C LYS B 71 -14.83 31.30 -43.57
N THR B 72 -13.76 31.93 -44.06
CA THR B 72 -12.62 31.20 -44.60
C THR B 72 -11.34 31.94 -44.24
N PHE B 73 -10.22 31.26 -44.42
CA PHE B 73 -8.90 31.87 -44.22
C PHE B 73 -7.90 31.18 -45.13
N GLU B 74 -6.74 31.83 -45.29
CA GLU B 74 -5.73 31.38 -46.26
C GLU B 74 -4.34 31.72 -45.77
N TYR B 75 -3.39 30.80 -46.03
CA TYR B 75 -1.97 31.01 -45.74
C TYR B 75 -1.16 30.51 -46.91
N MET B 76 0.03 31.08 -47.10
CA MET B 76 0.84 30.83 -48.30
C MET B 76 2.28 30.51 -47.93
N THR B 77 2.95 29.77 -48.82
CA THR B 77 4.36 29.42 -48.68
C THR B 77 5.10 29.73 -49.98
N PHE B 78 6.43 29.66 -49.93
CA PHE B 78 7.28 29.97 -51.07
C PHE B 78 8.47 29.04 -51.12
N ASP B 79 9.18 29.08 -52.25
CA ASP B 79 10.33 28.20 -52.48
C ASP B 79 11.19 28.81 -53.58
N LYS B 80 12.35 28.19 -53.82
CA LYS B 80 13.26 28.65 -54.86
C LYS B 80 14.15 27.50 -55.32
N VAL B 81 14.72 27.66 -56.53
CA VAL B 81 15.64 26.69 -57.11
C VAL B 81 16.82 27.44 -57.70
N GLY B 82 17.94 26.74 -57.89
CA GLY B 82 19.11 27.37 -58.48
C GLY B 82 20.30 26.43 -58.48
N THR B 83 21.36 26.86 -59.17
CA THR B 83 22.59 26.09 -59.27
C THR B 83 23.74 27.01 -59.68
N ALA B 84 24.96 26.48 -59.56
CA ALA B 84 26.16 27.20 -59.94
C ALA B 84 27.15 26.23 -60.57
N GLN B 85 28.09 26.77 -61.35
CA GLN B 85 29.04 25.96 -62.10
C GLN B 85 30.37 26.66 -62.19
N ILE B 86 31.42 25.89 -62.45
CA ILE B 86 32.76 26.45 -62.67
C ILE B 86 32.87 26.95 -64.10
N ILE B 87 33.27 28.20 -64.25
CA ILE B 87 33.33 28.85 -65.56
C ILE B 87 34.75 29.31 -65.84
N ALA B 88 34.98 29.70 -67.09
CA ALA B 88 36.25 30.24 -67.53
C ALA B 88 36.02 31.58 -68.22
N ASP B 89 37.11 32.19 -68.67
CA ASP B 89 37.03 33.46 -69.36
C ASP B 89 36.31 33.29 -70.69
N TYR B 90 35.59 34.34 -71.11
CA TYR B 90 34.75 34.30 -72.30
C TYR B 90 33.74 33.16 -72.22
N THR B 91 32.96 33.12 -71.14
CA THR B 91 32.07 32.00 -70.91
C THR B 91 30.85 32.06 -71.82
N ASP B 92 30.11 33.17 -71.80
CA ASP B 92 28.91 33.37 -72.61
C ASP B 92 27.84 32.32 -72.30
N ASP B 93 27.93 31.68 -71.15
CA ASP B 93 27.02 30.60 -70.77
C ASP B 93 26.97 30.49 -69.25
N LEU B 94 25.86 30.91 -68.65
CA LEU B 94 25.73 30.91 -67.20
C LEU B 94 24.38 30.35 -66.78
N PRO B 95 24.31 29.72 -65.61
CA PRO B 95 23.03 29.16 -65.14
C PRO B 95 22.07 30.23 -64.67
N LEU B 96 20.84 29.81 -64.37
CA LEU B 96 19.76 30.71 -63.98
C LEU B 96 19.01 30.15 -62.77
N VAL B 97 18.17 31.01 -62.17
CA VAL B 97 17.41 30.68 -60.97
C VAL B 97 15.97 31.14 -61.14
N ASP B 98 15.09 30.67 -60.25
CA ASP B 98 13.67 31.01 -60.29
C ASP B 98 13.08 30.81 -58.89
N ALA B 99 11.75 30.90 -58.80
CA ALA B 99 11.04 30.78 -57.54
C ALA B 99 9.59 30.39 -57.79
N LEU B 100 8.86 30.12 -56.70
CA LEU B 100 7.48 29.67 -56.79
C LEU B 100 6.77 29.89 -55.45
N GLY B 101 5.47 29.57 -55.44
CA GLY B 101 4.67 29.68 -54.22
C GLY B 101 3.33 29.00 -54.36
N THR B 102 2.68 28.76 -53.22
CA THR B 102 1.39 28.08 -53.16
C THR B 102 0.56 28.70 -52.03
N SER B 103 -0.59 28.07 -51.75
CA SER B 103 -1.51 28.54 -50.71
C SER B 103 -2.50 27.44 -50.35
N GLU B 104 -3.22 27.65 -49.25
CA GLU B 104 -4.22 26.70 -48.74
C GLU B 104 -5.34 27.46 -48.04
N PHE B 105 -6.36 26.74 -47.58
CA PHE B 105 -7.59 27.34 -47.08
C PHE B 105 -8.13 26.60 -45.86
N GLY B 106 -9.25 27.10 -45.32
CA GLY B 106 -9.92 26.54 -44.17
C GLY B 106 -11.31 27.11 -44.02
N LYS B 107 -12.04 26.64 -43.00
CA LYS B 107 -13.44 26.99 -42.80
C LYS B 107 -13.76 27.18 -41.32
N VAL B 108 -15.01 27.58 -41.05
CA VAL B 108 -15.50 27.90 -39.71
C VAL B 108 -16.92 27.37 -39.56
N PHE B 109 -17.30 27.02 -38.32
CA PHE B 109 -18.60 26.42 -38.03
C PHE B 109 -19.28 27.11 -36.85
N ARG B 110 -20.49 26.64 -36.52
CA ARG B 110 -21.33 27.21 -35.47
C ARG B 110 -22.05 26.10 -34.71
N LEU B 111 -22.30 26.34 -33.42
CA LEU B 111 -22.97 25.37 -32.55
C LEU B 111 -24.12 26.04 -31.83
N GLY B 112 -24.97 25.24 -31.18
CA GLY B 112 -26.08 25.79 -30.42
C GLY B 112 -26.93 24.74 -29.74
N ASN B 113 -27.55 25.13 -28.63
CA ASN B 113 -28.50 24.30 -27.91
C ASN B 113 -29.45 25.22 -27.15
N ALA B 114 -30.32 24.64 -26.32
CA ALA B 114 -31.33 25.42 -25.60
C ALA B 114 -31.81 24.63 -24.40
N TYR B 115 -32.72 25.24 -23.61
CA TYR B 115 -33.32 24.59 -22.45
C TYR B 115 -34.64 25.26 -22.07
N LEU B 116 -35.47 24.58 -21.28
CA LEU B 116 -36.78 25.09 -20.90
C LEU B 116 -36.94 25.11 -19.38
N ILE B 117 -37.86 25.96 -18.90
CA ILE B 117 -38.22 26.04 -17.49
C ILE B 117 -39.55 26.76 -17.37
N SER B 118 -40.26 26.49 -16.27
CA SER B 118 -41.57 27.05 -16.03
C SER B 118 -41.52 28.01 -14.84
N ILE B 119 -42.67 28.60 -14.51
CA ILE B 119 -42.74 29.57 -13.42
C ILE B 119 -42.78 28.89 -12.06
N ASP B 120 -43.54 27.81 -11.92
CA ASP B 120 -43.63 27.12 -10.63
C ASP B 120 -42.29 26.54 -10.23
N GLU B 121 -41.52 26.05 -11.20
CA GLU B 121 -40.17 25.55 -10.90
C GLU B 121 -39.28 26.68 -10.41
N ILE B 122 -39.38 27.87 -11.02
CA ILE B 122 -38.59 29.01 -10.57
C ILE B 122 -38.94 29.38 -9.13
N LYS B 123 -40.25 29.44 -8.84
CA LYS B 123 -40.68 29.81 -7.49
C LYS B 123 -40.25 28.76 -6.47
N ALA B 124 -40.32 27.48 -6.83
CA ALA B 124 -39.89 26.43 -5.92
C ALA B 124 -38.39 26.49 -5.68
N GLY B 125 -37.60 26.78 -6.73
CA GLY B 125 -36.17 26.90 -6.58
C GLY B 125 -35.78 28.07 -5.70
N GLN B 126 -36.47 29.20 -5.84
CA GLN B 126 -36.17 30.36 -5.00
C GLN B 126 -36.49 30.11 -3.54
N ALA B 127 -37.51 29.29 -3.26
CA ALA B 127 -37.99 29.07 -1.91
C ALA B 127 -37.32 27.88 -1.23
N THR B 128 -36.48 27.12 -1.93
CA THR B 128 -35.79 25.99 -1.32
C THR B 128 -34.28 26.09 -1.35
N GLY B 129 -33.71 27.16 -1.91
CA GLY B 129 -32.27 27.28 -1.99
C GLY B 129 -31.59 26.27 -2.88
N ARG B 130 -32.23 25.90 -4.00
CA ARG B 130 -31.64 24.96 -4.95
C ARG B 130 -32.18 25.27 -6.34
N PRO B 131 -31.65 26.32 -6.99
CA PRO B 131 -32.14 26.69 -8.32
C PRO B 131 -31.90 25.61 -9.36
N LEU B 132 -32.77 25.56 -10.36
CA LEU B 132 -32.61 24.59 -11.44
C LEU B 132 -32.05 25.24 -12.70
N SER B 133 -32.25 26.55 -12.84
CA SER B 133 -31.74 27.28 -13.99
C SER B 133 -30.22 27.22 -14.06
N THR B 134 -29.57 27.36 -12.91
CA THR B 134 -28.11 27.31 -12.88
C THR B 134 -27.61 25.95 -13.34
N ARG B 135 -28.25 24.87 -12.87
CA ARG B 135 -27.85 23.53 -13.28
C ARG B 135 -28.04 23.32 -14.78
N LYS B 136 -29.18 23.79 -15.32
CA LYS B 136 -29.42 23.63 -16.74
C LYS B 136 -28.42 24.43 -17.58
N ALA B 137 -28.10 25.64 -17.15
CA ALA B 137 -27.12 26.46 -17.87
C ALA B 137 -25.73 25.84 -17.81
N SER B 138 -25.36 25.28 -16.66
CA SER B 138 -24.07 24.59 -16.55
C SER B 138 -24.01 23.39 -17.49
N ALA B 139 -25.09 22.62 -17.56
CA ALA B 139 -25.14 21.51 -18.51
C ALA B 139 -25.01 22.01 -19.94
N CYS B 140 -25.67 23.13 -20.26
CA CYS B 140 -25.61 23.68 -21.61
C CYS B 140 -24.18 24.09 -21.99
N GLN B 141 -23.47 24.73 -21.06
CA GLN B 141 -22.09 25.12 -21.36
C GLN B 141 -21.16 23.90 -21.46
N LEU B 142 -21.36 22.92 -20.57
CA LEU B 142 -20.54 21.72 -20.61
C LEU B 142 -20.72 20.97 -21.91
N ALA B 143 -21.95 20.95 -22.44
CA ALA B 143 -22.21 20.27 -23.71
C ALA B 143 -21.39 20.90 -24.84
N HIS B 144 -21.35 22.24 -24.88
CA HIS B 144 -20.54 22.92 -25.89
C HIS B 144 -19.07 22.58 -25.76
N ASP B 145 -18.55 22.58 -24.52
CA ASP B 145 -17.14 22.27 -24.33
C ASP B 145 -16.81 20.86 -24.79
N GLN B 146 -17.65 19.89 -24.43
CA GLN B 146 -17.40 18.50 -24.83
C GLN B 146 -17.55 18.31 -26.33
N LEU B 147 -18.47 19.04 -26.96
CA LEU B 147 -18.61 18.93 -28.41
C LEU B 147 -17.38 19.47 -29.12
N VAL B 148 -16.82 20.59 -28.62
CA VAL B 148 -15.59 21.10 -29.20
C VAL B 148 -14.46 20.08 -29.04
N ASN B 149 -14.37 19.46 -27.86
CA ASN B 149 -13.36 18.43 -27.65
C ASN B 149 -13.54 17.25 -28.61
N ARG B 150 -14.79 16.83 -28.82
CA ARG B 150 -15.08 15.74 -29.75
C ARG B 150 -14.65 16.09 -31.16
N LEU B 151 -14.94 17.33 -31.59
CA LEU B 151 -14.52 17.76 -32.92
C LEU B 151 -13.01 17.75 -33.05
N VAL B 152 -12.31 18.18 -31.99
CA VAL B 152 -10.85 18.27 -32.06
C VAL B 152 -10.22 16.88 -32.13
N PHE B 153 -10.66 15.96 -31.27
CA PHE B 153 -9.96 14.69 -31.11
C PHE B 153 -10.53 13.54 -31.93
N LYS B 154 -11.76 13.65 -32.44
CA LYS B 154 -12.32 12.58 -33.25
C LYS B 154 -12.86 13.02 -34.61
N GLY B 155 -13.34 14.26 -34.75
CA GLY B 155 -13.83 14.73 -36.03
C GLY B 155 -15.15 14.11 -36.44
N SER B 156 -15.81 14.71 -37.42
CA SER B 156 -17.05 14.18 -37.96
C SER B 156 -16.92 13.94 -39.46
N ALA B 157 -17.24 12.73 -39.89
CA ALA B 157 -17.12 12.34 -41.29
C ALA B 157 -18.07 13.11 -42.21
N PRO B 158 -19.37 13.23 -41.90
CA PRO B 158 -20.26 13.97 -42.81
C PRO B 158 -19.88 15.43 -43.00
N HIS B 159 -19.31 16.08 -41.97
CA HIS B 159 -18.91 17.47 -42.07
C HIS B 159 -17.51 17.65 -42.66
N LYS B 160 -16.83 16.56 -42.99
CA LYS B 160 -15.49 16.58 -43.55
C LYS B 160 -14.52 17.31 -42.64
N ILE B 161 -14.47 16.90 -41.37
CA ILE B 161 -13.51 17.40 -40.40
C ILE B 161 -12.58 16.24 -40.03
N VAL B 162 -11.28 16.46 -40.18
CA VAL B 162 -10.27 15.42 -39.98
C VAL B 162 -9.73 15.53 -38.58
N SER B 163 -9.63 14.40 -37.87
CA SER B 163 -9.10 14.39 -36.52
C SER B 163 -7.58 14.52 -36.54
N VAL B 164 -6.99 14.53 -35.34
CA VAL B 164 -5.54 14.63 -35.23
C VAL B 164 -4.89 13.36 -35.78
N PHE B 165 -5.48 12.20 -35.51
CA PHE B 165 -4.89 10.93 -35.90
C PHE B 165 -5.18 10.54 -37.34
N ASN B 166 -5.99 11.32 -38.06
CA ASN B 166 -6.34 10.94 -39.43
C ASN B 166 -5.83 11.94 -40.46
N HIS B 167 -4.93 12.84 -40.09
CA HIS B 167 -4.35 13.74 -41.07
C HIS B 167 -3.44 12.96 -42.01
N PRO B 168 -3.60 13.14 -43.32
CA PRO B 168 -2.84 12.32 -44.28
C PRO B 168 -1.34 12.56 -44.23
N ASN B 169 -0.91 13.82 -44.21
CA ASN B 169 0.51 14.15 -44.31
C ASN B 169 1.11 14.38 -42.92
N ILE B 170 1.15 13.30 -42.14
CA ILE B 170 1.91 13.27 -40.90
C ILE B 170 2.67 11.95 -40.83
N THR B 171 3.72 11.93 -40.01
CA THR B 171 4.55 10.76 -39.86
C THR B 171 3.90 9.77 -38.91
N LYS B 172 3.72 8.54 -39.36
CA LYS B 172 3.15 7.46 -38.56
C LYS B 172 4.15 6.33 -38.45
N ILE B 173 4.30 5.80 -37.24
CA ILE B 173 5.26 4.75 -36.95
C ILE B 173 4.50 3.60 -36.30
N THR B 174 4.50 2.44 -36.95
CA THR B 174 3.98 1.23 -36.32
C THR B 174 4.96 0.75 -35.26
N SER B 175 4.42 0.22 -34.17
CA SER B 175 5.22 -0.14 -33.02
C SER B 175 4.94 -1.58 -32.58
N GLY B 176 5.95 -2.20 -31.99
CA GLY B 176 5.77 -3.44 -31.27
C GLY B 176 5.12 -3.13 -29.94
N LYS B 177 4.18 -3.98 -29.55
CA LYS B 177 3.36 -3.72 -28.37
C LYS B 177 4.22 -3.51 -27.13
N TRP B 178 4.02 -2.37 -26.46
CA TRP B 178 4.73 -2.11 -25.21
C TRP B 178 4.29 -3.06 -24.11
N ILE B 179 3.06 -3.58 -24.17
CA ILE B 179 2.60 -4.61 -23.27
C ILE B 179 2.01 -5.75 -24.09
N ASP B 180 2.81 -6.76 -24.39
CA ASP B 180 2.31 -7.93 -25.10
C ASP B 180 1.58 -8.84 -24.12
N VAL B 181 0.39 -9.30 -24.54
CA VAL B 181 -0.57 -10.03 -23.70
C VAL B 181 -0.55 -9.50 -22.27
N SER B 182 0.42 -9.92 -21.45
CA SER B 182 0.59 -9.37 -20.11
C SER B 182 2.02 -8.97 -19.79
N THR B 183 3.02 -9.49 -20.50
CA THR B 183 4.40 -9.09 -20.29
C THR B 183 4.61 -7.67 -20.81
N MET B 184 5.35 -6.87 -20.04
CA MET B 184 5.60 -5.48 -20.40
C MET B 184 7.07 -5.32 -20.82
N LYS B 185 7.29 -4.64 -21.94
CA LYS B 185 8.63 -4.44 -22.47
C LYS B 185 9.07 -2.99 -22.23
N PRO B 186 9.94 -2.75 -21.26
CA PRO B 186 10.38 -1.38 -20.96
C PRO B 186 11.58 -0.88 -21.76
N GLU B 187 12.11 -1.68 -22.69
CA GLU B 187 13.26 -1.28 -23.48
C GLU B 187 12.90 -0.85 -24.90
N THR B 188 11.77 -1.30 -25.43
CA THR B 188 11.31 -0.81 -26.74
C THR B 188 10.75 0.60 -26.66
N ALA B 189 10.19 0.99 -25.51
CA ALA B 189 9.62 2.32 -25.36
C ALA B 189 10.68 3.40 -25.55
N GLU B 190 11.84 3.21 -24.90
CA GLU B 190 12.91 4.20 -25.02
C GLU B 190 13.41 4.29 -26.46
N ALA B 191 13.57 3.14 -27.13
CA ALA B 191 14.05 3.12 -28.50
C ALA B 191 13.07 3.86 -29.42
N GLU B 192 11.78 3.59 -29.25
CA GLU B 192 10.79 4.22 -30.11
C GLU B 192 10.70 5.72 -29.85
N LEU B 193 10.77 6.13 -28.58
CA LEU B 193 10.74 7.56 -28.28
C LEU B 193 11.95 8.28 -28.85
N THR B 194 13.15 7.68 -28.72
CA THR B 194 14.34 8.30 -29.29
C THR B 194 14.25 8.38 -30.80
N GLN B 195 13.76 7.32 -31.45
CA GLN B 195 13.60 7.35 -32.90
C GLN B 195 12.62 8.42 -33.34
N ALA B 196 11.48 8.55 -32.66
CA ALA B 196 10.50 9.58 -32.97
C ALA B 196 11.05 10.99 -32.76
N ILE B 197 11.85 11.21 -31.71
CA ILE B 197 12.47 12.50 -31.48
C ILE B 197 13.45 12.80 -32.62
N GLU B 198 14.21 11.79 -33.03
CA GLU B 198 15.19 11.99 -34.09
C GLU B 198 14.54 12.34 -35.42
N THR B 199 13.51 11.60 -35.80
CA THR B 199 12.88 11.83 -37.10
C THR B 199 12.45 13.27 -37.29
N ILE B 200 11.79 13.85 -36.30
CA ILE B 200 11.28 15.20 -36.45
C ILE B 200 12.38 16.16 -36.89
N GLU B 201 13.47 16.21 -36.12
CA GLU B 201 14.54 17.15 -36.45
C GLU B 201 15.21 16.82 -37.76
N THR B 202 15.59 15.56 -37.93
CA THR B 202 16.28 15.16 -39.16
C THR B 202 15.48 15.61 -40.37
N ILE B 203 14.18 15.37 -40.36
CA ILE B 203 13.34 15.75 -41.49
C ILE B 203 13.25 17.27 -41.60
N THR B 204 13.05 17.96 -40.49
CA THR B 204 12.90 19.40 -40.54
C THR B 204 14.23 20.13 -40.72
N ARG B 205 15.34 19.39 -40.66
CA ARG B 205 16.67 19.95 -40.87
C ARG B 205 17.03 21.01 -39.84
N GLY B 206 16.60 20.81 -38.60
CA GLY B 206 17.07 21.62 -37.48
C GLY B 206 16.21 22.80 -37.10
N GLN B 207 15.22 23.18 -37.91
CA GLN B 207 14.36 24.29 -37.53
C GLN B 207 13.48 23.92 -36.34
N HIS B 208 12.93 22.71 -36.33
CA HIS B 208 11.96 22.29 -35.35
C HIS B 208 12.49 21.10 -34.56
N ARG B 209 12.33 21.14 -33.24
CA ARG B 209 12.72 20.07 -32.36
C ARG B 209 11.55 19.69 -31.46
N ALA B 210 11.49 18.42 -31.08
CA ALA B 210 10.42 17.94 -30.23
C ALA B 210 10.49 18.56 -28.84
N THR B 211 9.32 18.92 -28.31
CA THR B 211 9.26 19.54 -26.99
C THR B 211 8.27 18.81 -26.08
N ASN B 212 7.27 18.15 -26.65
CA ASN B 212 6.20 17.56 -25.85
C ASN B 212 5.98 16.11 -26.26
N ILE B 213 5.55 15.30 -25.28
CA ILE B 213 5.20 13.91 -25.49
C ILE B 213 3.91 13.63 -24.72
N LEU B 214 3.00 12.86 -25.33
CA LEU B 214 1.72 12.51 -24.70
C LEU B 214 1.53 11.00 -24.83
N ILE B 215 1.41 10.31 -23.70
CA ILE B 215 1.32 8.86 -23.66
C ILE B 215 0.01 8.44 -22.98
N PRO B 216 -0.49 7.23 -23.22
CA PRO B 216 -1.65 6.77 -22.47
C PRO B 216 -1.30 6.57 -21.01
N PRO B 217 -2.28 6.66 -20.12
CA PRO B 217 -2.00 6.54 -18.67
C PRO B 217 -1.82 5.09 -18.20
N SER B 218 -1.09 4.31 -18.99
CA SER B 218 -0.66 2.98 -18.58
C SER B 218 0.83 2.86 -18.87
N MET B 219 1.28 3.62 -19.86
CA MET B 219 2.71 3.71 -20.13
C MET B 219 3.44 4.43 -19.01
N ARG B 220 2.72 5.15 -18.16
CA ARG B 220 3.30 5.64 -16.91
C ARG B 220 3.73 4.47 -16.04
N LYS B 221 2.88 3.44 -15.94
CA LYS B 221 3.26 2.23 -15.24
C LYS B 221 4.39 1.51 -15.96
N VAL B 222 4.36 1.52 -17.29
CA VAL B 222 5.40 0.84 -18.07
C VAL B 222 6.77 1.46 -17.81
N LEU B 223 6.84 2.80 -17.81
CA LEU B 223 8.12 3.50 -17.73
C LEU B 223 8.64 3.61 -16.31
N ALA B 224 7.89 3.10 -15.33
CA ALA B 224 8.30 3.13 -13.94
C ALA B 224 9.10 1.92 -13.51
N ILE B 225 9.42 1.02 -14.45
CA ILE B 225 10.21 -0.16 -14.14
C ILE B 225 11.64 0.22 -13.80
N ARG B 226 12.25 -0.50 -12.85
CA ARG B 226 13.62 -0.18 -12.42
C ARG B 226 14.66 -0.56 -13.45
N MET B 227 15.79 0.13 -13.45
CA MET B 227 16.86 -0.17 -14.39
C MET B 227 17.32 -1.60 -14.19
N PRO B 228 17.73 -2.26 -15.27
CA PRO B 228 18.15 -3.67 -15.19
C PRO B 228 18.78 -4.02 -13.86
N GLU B 229 19.71 -3.21 -13.38
CA GLU B 229 20.41 -3.58 -12.15
C GLU B 229 20.56 -2.40 -11.18
N THR B 230 20.85 -1.20 -11.69
CA THR B 230 21.27 -0.11 -10.82
C THR B 230 20.12 0.82 -10.45
N THR B 231 19.13 0.31 -9.73
CA THR B 231 18.03 1.11 -9.17
C THR B 231 17.41 2.04 -10.21
N MET B 232 16.75 3.10 -9.73
CA MET B 232 16.13 4.18 -10.51
C MET B 232 15.23 3.68 -11.63
N SER B 233 14.56 4.60 -12.31
CA SER B 233 13.62 4.25 -13.36
C SER B 233 14.19 4.61 -14.74
N TYR B 234 13.63 3.97 -15.77
CA TYR B 234 13.96 4.35 -17.14
C TYR B 234 13.58 5.81 -17.40
N LEU B 235 12.51 6.28 -16.76
CA LEU B 235 12.07 7.66 -16.95
C LEU B 235 13.12 8.64 -16.49
N ASP B 236 13.78 8.36 -15.36
CA ASP B 236 14.79 9.27 -14.84
C ASP B 236 15.96 9.39 -15.81
N TYR B 237 16.46 8.26 -16.32
CA TYR B 237 17.57 8.30 -17.26
C TYR B 237 17.17 8.98 -18.56
N PHE B 238 15.95 8.69 -19.04
CA PHE B 238 15.47 9.32 -20.26
C PHE B 238 15.39 10.84 -20.12
N LYS B 239 14.88 11.31 -18.97
CA LYS B 239 14.80 12.75 -18.73
C LYS B 239 16.19 13.35 -18.60
N SER B 240 17.13 12.64 -17.96
CA SER B 240 18.47 13.16 -17.79
C SER B 240 19.18 13.30 -19.14
N GLN B 241 19.01 12.33 -20.03
CA GLN B 241 19.70 12.37 -21.31
C GLN B 241 18.88 13.08 -22.39
N ASN B 242 17.66 13.48 -22.11
CA ASN B 242 16.79 14.17 -23.07
C ASN B 242 16.15 15.42 -22.46
N SER B 243 16.96 16.26 -21.79
CA SER B 243 16.44 17.42 -21.09
C SER B 243 15.73 18.38 -22.03
N GLY B 244 14.67 19.01 -21.55
CA GLY B 244 13.87 19.93 -22.35
C GLY B 244 12.50 19.43 -22.73
N ILE B 245 12.30 18.11 -22.69
CA ILE B 245 11.03 17.54 -23.09
C ILE B 245 10.18 17.21 -21.86
N GLU B 246 8.91 17.61 -21.90
CA GLU B 246 7.95 17.34 -20.83
C GLU B 246 7.07 16.17 -21.27
N ILE B 247 6.89 15.21 -20.38
CA ILE B 247 6.05 14.05 -20.64
C ILE B 247 4.75 14.18 -19.85
N ASP B 248 3.63 13.90 -20.51
CA ASP B 248 2.31 14.03 -19.89
C ASP B 248 1.41 12.96 -20.47
N SER B 249 0.31 12.68 -19.77
CA SER B 249 -0.63 11.65 -20.17
C SER B 249 -2.03 12.22 -20.29
N ILE B 250 -2.73 11.82 -21.36
CA ILE B 250 -4.12 12.19 -21.57
C ILE B 250 -4.92 10.92 -21.85
N ALA B 251 -6.16 10.90 -21.38
CA ALA B 251 -6.99 9.71 -21.52
C ALA B 251 -7.56 9.57 -22.92
N GLU B 252 -7.46 10.62 -23.74
CA GLU B 252 -8.01 10.58 -25.10
C GLU B 252 -7.19 9.68 -26.01
N LEU B 253 -5.99 9.29 -25.57
CA LEU B 253 -5.07 8.50 -26.39
C LEU B 253 -5.21 7.01 -26.16
N GLU B 254 -6.17 6.59 -25.32
CA GLU B 254 -6.38 5.18 -25.04
C GLU B 254 -7.36 4.53 -26.01
N ASP B 255 -7.92 5.30 -26.95
CA ASP B 255 -8.79 4.77 -27.98
C ASP B 255 -8.73 5.66 -29.22
N ILE B 256 -7.95 5.25 -30.22
CA ILE B 256 -7.73 6.12 -31.38
C ILE B 256 -8.75 5.83 -32.47
N ASP B 257 -8.86 4.56 -32.88
CA ASP B 257 -9.76 4.19 -33.96
C ASP B 257 -11.11 3.68 -33.49
N GLY B 258 -11.30 3.50 -32.19
CA GLY B 258 -12.54 3.00 -31.64
C GLY B 258 -12.57 1.50 -31.44
N ALA B 259 -11.46 0.80 -31.67
CA ALA B 259 -11.38 -0.64 -31.51
C ALA B 259 -10.21 -1.00 -30.60
N GLY B 260 -9.89 -0.14 -29.65
CA GLY B 260 -8.83 -0.40 -28.70
C GLY B 260 -7.43 -0.36 -29.30
N THR B 261 -6.99 0.83 -29.72
CA THR B 261 -5.65 1.00 -30.24
C THR B 261 -5.01 2.25 -29.65
N LYS B 262 -4.06 2.06 -28.74
CA LYS B 262 -3.42 3.19 -28.08
C LYS B 262 -2.36 3.82 -28.98
N GLY B 263 -1.99 5.05 -28.65
CA GLY B 263 -1.00 5.76 -29.45
C GLY B 263 -0.30 6.82 -28.63
N VAL B 264 0.86 7.24 -29.14
CA VAL B 264 1.70 8.25 -28.50
C VAL B 264 2.01 9.35 -29.51
N LEU B 265 1.90 10.59 -29.06
CA LEU B 265 2.13 11.77 -29.90
C LEU B 265 3.40 12.47 -29.44
N VAL B 266 4.32 12.69 -30.38
CA VAL B 266 5.52 13.49 -30.15
C VAL B 266 5.47 14.66 -31.12
N TYR B 267 5.54 15.88 -30.60
CA TYR B 267 5.31 17.07 -31.43
C TYR B 267 5.97 18.26 -30.77
N GLU B 268 6.04 19.35 -31.52
CA GLU B 268 6.49 20.65 -31.02
C GLU B 268 5.30 21.60 -30.90
N LYS B 269 5.18 22.27 -29.76
CA LYS B 269 4.03 23.14 -29.57
C LYS B 269 4.33 24.59 -29.93
N ASN B 270 3.90 25.02 -31.11
CA ASN B 270 4.11 26.39 -31.55
C ASN B 270 2.87 26.92 -32.24
N PRO B 271 2.32 28.04 -31.74
CA PRO B 271 1.12 28.62 -32.34
C PRO B 271 1.28 28.78 -33.84
N MET B 272 2.51 28.73 -34.31
CA MET B 272 2.77 28.89 -35.74
C MET B 272 2.68 27.58 -36.51
N ASN B 273 2.50 26.44 -35.82
CA ASN B 273 2.38 25.14 -36.47
C ASN B 273 0.98 24.56 -36.39
N MET B 274 0.23 24.83 -35.32
CA MET B 274 -1.12 24.33 -35.16
C MET B 274 -1.90 25.35 -34.34
N SER B 275 -3.22 25.31 -34.46
CA SER B 275 -4.06 26.28 -33.78
C SER B 275 -5.51 25.84 -33.66
N ILE B 276 -6.15 26.20 -32.54
CA ILE B 276 -7.58 26.04 -32.34
C ILE B 276 -8.15 27.43 -32.07
N GLU B 277 -9.22 27.78 -32.78
CA GLU B 277 -9.79 29.12 -32.71
C GLU B 277 -11.26 29.06 -32.33
N ILE B 278 -11.67 29.96 -31.45
CA ILE B 278 -13.07 30.10 -31.06
C ILE B 278 -13.47 31.56 -31.29
N PRO B 279 -13.94 31.92 -32.48
CA PRO B 279 -14.23 33.33 -32.77
C PRO B 279 -15.34 33.92 -31.92
N GLU B 280 -16.25 33.12 -31.37
CA GLU B 280 -17.31 33.65 -30.54
C GLU B 280 -17.54 32.71 -29.37
N ALA B 281 -17.61 33.26 -28.16
CA ALA B 281 -17.76 32.47 -26.96
C ALA B 281 -19.23 32.11 -26.71
N PHE B 282 -19.46 31.37 -25.64
CA PHE B 282 -20.80 30.92 -25.29
C PHE B 282 -21.68 32.10 -24.91
N ASN B 283 -22.85 32.20 -25.53
CA ASN B 283 -23.79 33.28 -25.29
C ASN B 283 -25.17 32.72 -25.00
N MET B 284 -25.89 33.36 -24.09
CA MET B 284 -27.25 32.96 -23.73
C MET B 284 -28.19 34.07 -24.18
N LEU B 285 -29.07 33.77 -25.14
CA LEU B 285 -30.02 34.73 -25.65
C LEU B 285 -31.11 34.97 -24.61
N PRO B 286 -31.78 36.13 -24.66
CA PRO B 286 -32.89 36.38 -23.73
C PRO B 286 -34.04 35.41 -23.94
N ALA B 287 -34.74 35.12 -22.84
CA ALA B 287 -35.79 34.12 -22.87
C ALA B 287 -36.96 34.57 -23.74
N GLN B 288 -37.62 33.60 -24.36
CA GLN B 288 -38.79 33.84 -25.19
C GLN B 288 -40.01 33.22 -24.51
N PRO B 289 -40.85 34.00 -23.83
CA PRO B 289 -41.91 33.42 -23.01
C PRO B 289 -42.99 32.76 -23.84
N LYS B 290 -43.53 31.67 -23.31
CA LYS B 290 -44.75 31.04 -23.79
C LYS B 290 -45.74 31.02 -22.63
N ASP B 291 -46.84 30.28 -22.80
CA ASP B 291 -47.84 30.23 -21.75
C ASP B 291 -47.29 29.61 -20.48
N LEU B 292 -46.98 30.45 -19.49
CA LEU B 292 -46.54 30.02 -18.16
C LEU B 292 -45.24 29.21 -18.22
N HIS B 293 -44.44 29.44 -19.25
CA HIS B 293 -43.10 28.86 -19.33
C HIS B 293 -42.24 29.56 -20.38
N PHE B 294 -40.94 29.31 -20.39
CA PHE B 294 -39.99 30.07 -21.19
C PHE B 294 -39.18 29.14 -22.07
N LYS B 295 -38.21 29.71 -22.79
CA LYS B 295 -37.30 28.96 -23.66
C LYS B 295 -36.06 29.82 -23.88
N VAL B 296 -34.91 29.34 -23.43
CA VAL B 296 -33.67 30.11 -23.47
C VAL B 296 -32.70 29.42 -24.43
N PRO B 297 -32.41 30.02 -25.60
CA PRO B 297 -31.44 29.40 -26.51
C PRO B 297 -30.00 29.78 -26.20
N CYS B 298 -29.05 28.97 -26.66
CA CYS B 298 -27.63 29.22 -26.51
C CYS B 298 -26.92 28.95 -27.83
N THR B 299 -25.77 29.60 -28.03
CA THR B 299 -25.02 29.42 -29.27
C THR B 299 -23.56 29.81 -29.05
N SER B 300 -22.72 29.31 -29.97
CA SER B 300 -21.29 29.59 -29.97
C SER B 300 -20.72 29.11 -31.30
N LYS B 301 -19.46 29.49 -31.56
CA LYS B 301 -18.77 29.09 -32.78
C LYS B 301 -17.40 28.51 -32.45
N CYS B 302 -16.91 27.64 -33.35
CA CYS B 302 -15.61 27.01 -33.20
C CYS B 302 -15.10 26.63 -34.59
N THR B 303 -13.81 26.34 -34.68
CA THR B 303 -13.20 26.03 -35.96
C THR B 303 -12.61 24.62 -36.03
N GLY B 304 -12.03 24.15 -34.93
CA GLY B 304 -11.41 22.85 -34.91
C GLY B 304 -9.91 22.98 -34.79
N LEU B 305 -9.20 21.97 -35.28
CA LEU B 305 -7.74 21.96 -35.28
C LEU B 305 -7.22 22.00 -36.71
N THR B 306 -6.31 22.93 -36.97
CA THR B 306 -5.67 23.06 -38.27
C THR B 306 -4.16 22.90 -38.11
N ILE B 307 -3.56 22.04 -38.93
CA ILE B 307 -2.12 21.82 -38.91
C ILE B 307 -1.51 22.57 -40.09
N TYR B 308 -0.50 23.38 -39.82
CA TYR B 308 0.18 24.11 -40.88
C TYR B 308 1.58 23.54 -41.00
N ARG B 309 2.05 22.85 -39.97
CA ARG B 309 3.37 22.24 -40.00
C ARG B 309 3.25 20.80 -39.54
N PRO B 310 2.69 19.93 -40.39
CA PRO B 310 2.47 18.53 -40.00
C PRO B 310 3.78 17.78 -39.84
N MET B 311 4.85 18.32 -40.39
CA MET B 311 6.16 17.68 -40.30
C MET B 311 6.60 17.57 -38.85
N THR B 312 5.96 18.32 -37.96
CA THR B 312 6.34 18.32 -36.55
C THR B 312 5.59 17.29 -35.71
N ILE B 313 4.59 16.62 -36.29
CA ILE B 313 3.79 15.69 -35.51
C ILE B 313 4.17 14.26 -35.89
N VAL B 314 4.44 13.44 -34.89
CA VAL B 314 4.76 12.03 -35.10
C VAL B 314 3.83 11.20 -34.22
N LEU B 315 3.18 10.21 -34.83
CA LEU B 315 2.23 9.34 -34.14
C LEU B 315 2.77 7.92 -34.14
N ILE B 316 2.84 7.31 -32.96
CA ILE B 316 3.27 5.93 -32.80
C ILE B 316 2.01 5.10 -32.56
N THR B 317 1.67 4.24 -33.51
CA THR B 317 0.42 3.49 -33.48
C THR B 317 0.66 2.06 -33.01
N GLY B 318 -0.17 1.60 -32.08
CA GLY B 318 -0.15 0.22 -31.63
C GLY B 318 0.51 0.01 -30.28
N VAL B 319 0.90 1.06 -29.58
CA VAL B 319 1.54 0.92 -28.27
C VAL B 319 0.53 0.38 -27.26
N ALA C 27 -32.46 31.23 -66.65
CA ALA C 27 -31.01 31.41 -66.59
C ALA C 27 -30.66 32.78 -66.01
N ALA C 28 -31.64 33.42 -65.37
CA ALA C 28 -31.42 34.72 -64.78
C ALA C 28 -30.53 34.60 -63.54
N ALA C 29 -29.95 35.73 -63.14
CA ALA C 29 -29.07 35.78 -61.98
C ALA C 29 -29.91 35.98 -60.72
N THR C 30 -30.01 34.93 -59.91
CA THR C 30 -30.75 34.96 -58.65
C THR C 30 -29.79 34.75 -57.48
N MET C 31 -28.60 35.34 -57.57
CA MET C 31 -27.57 35.16 -56.57
C MET C 31 -27.86 36.03 -55.34
N GLY C 32 -26.93 36.03 -54.40
CA GLY C 32 -27.07 36.80 -53.18
C GLY C 32 -26.57 38.22 -53.32
N ILE C 33 -26.22 38.82 -52.18
CA ILE C 33 -25.74 40.19 -52.12
C ILE C 33 -24.24 40.25 -51.86
N TRP C 34 -23.69 39.25 -51.16
CA TRP C 34 -22.30 39.31 -50.72
C TRP C 34 -21.47 38.33 -51.53
N THR C 35 -20.25 38.73 -51.84
CA THR C 35 -19.32 37.91 -52.61
C THR C 35 -18.45 37.09 -51.66
N ALA C 36 -17.74 36.13 -52.24
CA ALA C 36 -16.91 35.21 -51.47
C ALA C 36 -15.67 35.88 -50.88
N GLN C 37 -15.20 36.98 -51.45
CA GLN C 37 -14.03 37.66 -50.94
C GLN C 37 -14.34 38.68 -49.85
N GLU C 38 -15.62 38.99 -49.62
CA GLU C 38 -15.98 39.88 -48.52
C GLU C 38 -15.91 39.18 -47.17
N LEU C 39 -16.03 37.85 -47.15
CA LEU C 39 -15.83 37.05 -45.94
C LEU C 39 -14.63 36.13 -46.18
N HIS C 40 -13.44 36.65 -45.94
CA HIS C 40 -12.21 35.95 -46.24
C HIS C 40 -11.05 36.68 -45.57
N ARG C 41 -10.14 35.92 -44.98
CA ARG C 41 -9.00 36.46 -44.26
C ARG C 41 -7.72 35.82 -44.77
N ILE C 42 -6.67 36.62 -44.92
CA ILE C 42 -5.35 36.12 -45.28
C ILE C 42 -4.44 36.26 -44.06
N LYS C 43 -3.94 35.14 -43.56
CA LYS C 43 -3.12 35.15 -42.37
C LYS C 43 -1.80 35.88 -42.63
N SER C 44 -1.36 36.65 -41.63
CA SER C 44 -0.19 37.51 -41.81
C SER C 44 1.09 36.69 -42.03
N GLN C 45 1.24 35.59 -41.29
CA GLN C 45 2.47 34.81 -41.38
C GLN C 45 2.58 34.10 -42.73
N SER C 46 3.81 33.98 -43.21
CA SER C 46 4.15 33.19 -44.38
C SER C 46 5.32 32.29 -44.06
N TYR C 47 5.33 31.10 -44.65
CA TYR C 47 6.33 30.08 -44.35
C TYR C 47 7.30 29.96 -45.52
N GLU C 48 8.60 29.97 -45.20
CA GLU C 48 9.66 29.86 -46.19
C GLU C 48 10.58 28.70 -45.80
N GLU C 49 10.77 27.77 -46.72
CA GLU C 49 11.67 26.65 -46.47
C GLU C 49 13.11 27.14 -46.38
N ASP C 50 13.91 26.46 -45.57
CA ASP C 50 15.30 26.83 -45.36
C ASP C 50 16.22 25.80 -45.99
N TYR C 51 17.32 26.26 -46.57
CA TYR C 51 18.32 25.39 -47.18
C TYR C 51 19.66 25.62 -46.49
N PRO C 52 20.03 24.79 -45.52
CA PRO C 52 21.31 25.00 -44.82
C PRO C 52 22.49 24.92 -45.77
N VAL C 53 23.50 25.75 -45.50
CA VAL C 53 24.69 25.80 -46.36
C VAL C 53 25.60 24.62 -46.06
N GLY C 54 26.07 24.52 -44.82
CA GLY C 54 26.99 23.45 -44.46
C GLY C 54 27.91 23.92 -43.34
N SER C 55 29.02 23.18 -43.17
CA SER C 55 29.97 23.52 -42.13
C SER C 55 31.41 23.37 -42.60
N ALA C 56 31.67 23.60 -43.89
CA ALA C 56 33.02 23.48 -44.42
C ALA C 56 33.94 24.57 -43.88
N LEU C 57 33.47 25.82 -43.92
CA LEU C 57 34.31 26.93 -43.45
C LEU C 57 34.37 27.00 -41.93
N ARG C 58 33.35 26.47 -41.25
CA ARG C 58 33.31 26.55 -39.80
C ARG C 58 34.30 25.58 -39.15
N VAL C 59 34.38 24.35 -39.66
CA VAL C 59 35.23 23.34 -39.06
C VAL C 59 36.65 23.33 -39.60
N PHE C 60 36.94 24.11 -40.64
CA PHE C 60 38.29 24.17 -41.17
C PHE C 60 38.73 25.62 -41.26
N PRO C 61 40.00 25.89 -40.98
CA PRO C 61 40.47 27.29 -40.93
C PRO C 61 40.51 27.94 -42.30
N VAL C 62 40.50 29.27 -42.30
CA VAL C 62 40.51 30.08 -43.51
C VAL C 62 41.71 31.02 -43.45
N THR C 63 42.51 31.04 -44.53
CA THR C 63 43.65 31.93 -44.65
C THR C 63 43.39 32.98 -45.73
N THR C 64 44.31 33.93 -45.86
CA THR C 64 44.11 35.11 -46.69
C THR C 64 45.40 35.47 -47.46
N GLU C 65 46.36 34.54 -47.51
CA GLU C 65 47.67 34.88 -48.05
C GLU C 65 47.62 35.21 -49.54
N LEU C 66 46.87 34.42 -50.33
CA LEU C 66 46.92 34.57 -51.77
C LEU C 66 46.20 35.84 -52.22
N SER C 67 46.79 36.50 -53.23
CA SER C 67 46.15 37.64 -53.88
C SER C 67 45.25 37.15 -55.00
N PRO C 68 44.27 37.97 -55.41
CA PRO C 68 43.34 37.53 -56.46
C PRO C 68 44.01 37.13 -57.77
N THR C 69 45.13 37.77 -58.12
CA THR C 69 45.77 37.52 -59.40
C THR C 69 46.47 36.16 -59.47
N ASP C 70 47.01 35.67 -58.36
CA ASP C 70 47.82 34.45 -58.39
C ASP C 70 46.98 33.25 -58.78
N LYS C 71 47.61 32.29 -59.47
CA LYS C 71 46.99 31.04 -59.87
C LYS C 71 47.64 29.82 -59.24
N THR C 72 48.82 29.99 -58.62
CA THR C 72 49.55 28.86 -58.06
C THR C 72 50.26 29.32 -56.79
N PHE C 73 50.66 28.34 -55.98
CA PHE C 73 51.42 28.61 -54.76
C PHE C 73 52.30 27.41 -54.46
N GLU C 74 53.27 27.60 -53.56
CA GLU C 74 54.28 26.60 -53.30
C GLU C 74 54.79 26.70 -51.87
N TYR C 75 55.04 25.55 -51.25
CA TYR C 75 55.63 25.47 -49.92
C TYR C 75 56.71 24.39 -49.92
N MET C 76 57.69 24.52 -49.05
CA MET C 76 58.88 23.68 -49.06
C MET C 76 59.14 23.07 -47.68
N THR C 77 59.83 21.92 -47.68
CA THR C 77 60.23 21.23 -46.46
C THR C 77 61.71 20.88 -46.56
N PHE C 78 62.31 20.52 -45.41
CA PHE C 78 63.73 20.19 -45.34
C PHE C 78 63.96 19.02 -44.40
N ASP C 79 65.18 18.49 -44.44
CA ASP C 79 65.57 17.32 -43.65
C ASP C 79 67.09 17.28 -43.57
N LYS C 80 67.63 16.40 -42.72
CA LYS C 80 69.07 16.29 -42.55
C LYS C 80 69.43 14.91 -42.04
N VAL C 81 70.70 14.53 -42.23
CA VAL C 81 71.23 13.24 -41.79
C VAL C 81 72.61 13.44 -41.19
N GLY C 82 73.08 12.43 -40.48
CA GLY C 82 74.42 12.47 -39.89
C GLY C 82 74.64 11.30 -38.95
N THR C 83 75.89 11.19 -38.49
CA THR C 83 76.29 10.12 -37.59
C THR C 83 77.59 10.52 -36.90
N ALA C 84 78.00 9.72 -35.92
CA ALA C 84 79.23 9.95 -35.19
C ALA C 84 79.77 8.61 -34.68
N GLN C 85 81.07 8.58 -34.38
CA GLN C 85 81.74 7.36 -33.96
C GLN C 85 82.75 7.67 -32.88
N ILE C 86 83.14 6.63 -32.13
CA ILE C 86 84.20 6.76 -31.14
C ILE C 86 85.55 6.68 -31.83
N ILE C 87 86.38 7.70 -31.62
CA ILE C 87 87.67 7.80 -32.30
C ILE C 87 88.79 7.82 -31.27
N ALA C 88 90.01 7.65 -31.76
CA ALA C 88 91.22 7.72 -30.96
C ALA C 88 92.16 8.77 -31.55
N ASP C 89 93.28 8.99 -30.86
CA ASP C 89 94.25 9.96 -31.33
C ASP C 89 94.91 9.48 -32.62
N TYR C 90 95.28 10.44 -33.47
CA TYR C 90 95.84 10.18 -34.79
C TYR C 90 94.87 9.33 -35.63
N THR C 91 93.69 9.92 -35.87
CA THR C 91 92.58 9.20 -36.48
C THR C 91 92.54 9.36 -38.00
N ASP C 92 92.45 10.59 -38.51
CA ASP C 92 92.32 10.87 -39.94
C ASP C 92 91.13 10.16 -40.55
N ASP C 93 90.09 9.89 -39.76
CA ASP C 93 88.91 9.18 -40.24
C ASP C 93 87.67 9.61 -39.46
N LEU C 94 86.90 10.55 -39.99
CA LEU C 94 85.74 11.08 -39.30
C LEU C 94 84.51 11.04 -40.20
N PRO C 95 83.32 10.83 -39.63
CA PRO C 95 82.11 10.80 -40.46
C PRO C 95 81.70 12.20 -40.94
N LEU C 96 80.68 12.22 -41.79
CA LEU C 96 80.22 13.44 -42.44
C LEU C 96 78.69 13.53 -42.35
N VAL C 97 78.16 14.71 -42.68
CA VAL C 97 76.74 14.99 -42.62
C VAL C 97 76.31 15.69 -43.91
N ASP C 98 74.99 15.79 -44.10
CA ASP C 98 74.43 16.42 -45.30
C ASP C 98 73.01 16.90 -44.99
N ALA C 99 72.32 17.34 -46.04
CA ALA C 99 70.95 17.86 -45.92
C ALA C 99 70.24 17.76 -47.27
N LEU C 100 68.94 18.04 -47.26
CA LEU C 100 68.11 17.94 -48.46
C LEU C 100 66.82 18.71 -48.27
N GLY C 101 65.97 18.70 -49.30
CA GLY C 101 64.69 19.39 -49.25
C GLY C 101 63.81 19.05 -50.43
N THR C 102 62.58 19.57 -50.38
CA THR C 102 61.59 19.34 -51.43
C THR C 102 60.53 20.43 -51.37
N SER C 103 59.52 20.31 -52.24
CA SER C 103 58.47 21.32 -52.35
C SER C 103 57.24 20.73 -53.04
N GLU C 104 56.13 21.48 -53.00
CA GLU C 104 54.86 21.09 -53.60
C GLU C 104 54.12 22.33 -54.06
N PHE C 105 52.98 22.13 -54.74
CA PHE C 105 52.25 23.21 -55.40
C PHE C 105 50.74 23.05 -55.22
N GLY C 106 49.99 23.99 -55.81
CA GLY C 106 48.54 24.02 -55.76
C GLY C 106 47.97 24.94 -56.82
N LYS C 107 46.63 24.97 -56.89
CA LYS C 107 45.94 25.74 -57.93
C LYS C 107 44.70 26.43 -57.36
N VAL C 108 44.06 27.26 -58.21
CA VAL C 108 42.89 28.07 -57.86
C VAL C 108 41.86 27.93 -58.97
N PHE C 109 40.61 28.33 -58.68
CA PHE C 109 39.51 28.24 -59.63
C PHE C 109 38.57 29.43 -59.50
N ARG C 110 37.49 29.40 -60.28
CA ARG C 110 36.54 30.51 -60.38
C ARG C 110 35.14 29.97 -60.65
N LEU C 111 34.12 30.68 -60.16
CA LEU C 111 32.73 30.26 -60.26
C LEU C 111 31.88 31.41 -60.77
N GLY C 112 30.65 31.10 -61.19
CA GLY C 112 29.75 32.13 -61.67
C GLY C 112 28.35 31.62 -61.99
N ASN C 113 27.40 32.55 -62.01
CA ASN C 113 26.00 32.29 -62.37
C ASN C 113 25.34 33.62 -62.70
N ALA C 114 24.05 33.57 -63.05
CA ALA C 114 23.35 34.78 -63.48
C ALA C 114 21.84 34.58 -63.27
N TYR C 115 21.07 35.62 -63.59
CA TYR C 115 19.60 35.60 -63.47
C TYR C 115 18.97 36.68 -64.35
N LEU C 116 17.67 36.57 -64.61
CA LEU C 116 16.95 37.51 -65.48
C LEU C 116 15.74 38.10 -64.77
N ILE C 117 15.29 39.26 -65.25
CA ILE C 117 14.08 39.91 -64.78
C ILE C 117 13.68 40.98 -65.79
N SER C 118 12.38 41.28 -65.82
CA SER C 118 11.84 42.25 -66.77
C SER C 118 11.27 43.46 -66.02
N ILE C 119 10.80 44.44 -66.80
CA ILE C 119 10.27 45.68 -66.23
C ILE C 119 8.92 45.47 -65.54
N ASP C 120 8.02 44.69 -66.14
CA ASP C 120 6.70 44.48 -65.56
C ASP C 120 6.80 43.80 -64.20
N GLU C 121 7.70 42.82 -64.07
CA GLU C 121 7.89 42.16 -62.80
C GLU C 121 8.43 43.13 -61.75
N ILE C 122 9.32 44.03 -62.14
CA ILE C 122 9.85 45.02 -61.21
C ILE C 122 8.73 45.94 -60.73
N LYS C 123 7.90 46.42 -61.65
CA LYS C 123 6.80 47.31 -61.28
C LYS C 123 5.79 46.58 -60.39
N ALA C 124 5.51 45.31 -60.69
CA ALA C 124 4.59 44.55 -59.86
C ALA C 124 5.15 44.35 -58.46
N GLY C 125 6.44 44.07 -58.35
CA GLY C 125 7.08 43.91 -57.06
C GLY C 125 7.07 45.18 -56.24
N GLN C 126 7.31 46.33 -56.88
CA GLN C 126 7.29 47.59 -56.16
C GLN C 126 5.88 47.95 -55.70
N ALA C 127 4.86 47.51 -56.43
CA ALA C 127 3.48 47.85 -56.14
C ALA C 127 2.80 46.88 -55.18
N THR C 128 3.45 45.76 -54.87
CA THR C 128 2.86 44.77 -53.97
C THR C 128 3.73 44.41 -52.78
N GLY C 129 4.99 44.86 -52.72
CA GLY C 129 5.83 44.57 -51.57
C GLY C 129 6.40 43.17 -51.53
N ARG C 130 6.55 42.52 -52.69
CA ARG C 130 7.17 41.19 -52.76
C ARG C 130 8.21 41.17 -53.87
N PRO C 131 9.33 41.87 -53.68
CA PRO C 131 10.35 41.93 -54.74
C PRO C 131 10.88 40.57 -55.15
N LEU C 132 11.16 40.39 -56.44
CA LEU C 132 11.66 39.11 -56.94
C LEU C 132 13.18 39.14 -57.08
N SER C 133 13.74 40.32 -57.30
CA SER C 133 15.18 40.43 -57.50
C SER C 133 15.94 40.00 -56.25
N THR C 134 15.44 40.36 -55.07
CA THR C 134 16.10 39.97 -53.84
C THR C 134 16.10 38.45 -53.68
N ARG C 135 14.96 37.81 -53.98
CA ARG C 135 14.89 36.35 -53.88
C ARG C 135 15.84 35.68 -54.85
N LYS C 136 15.91 36.19 -56.09
CA LYS C 136 16.81 35.59 -57.07
C LYS C 136 18.27 35.77 -56.67
N ALA C 137 18.63 36.96 -56.15
CA ALA C 137 20.00 37.18 -55.71
C ALA C 137 20.35 36.27 -54.53
N SER C 138 19.42 36.10 -53.58
CA SER C 138 19.66 35.19 -52.48
C SER C 138 19.85 33.76 -52.97
N ALA C 139 19.05 33.35 -53.97
CA ALA C 139 19.20 32.01 -54.54
C ALA C 139 20.58 31.84 -55.17
N CYS C 140 21.03 32.86 -55.91
CA CYS C 140 22.35 32.77 -56.54
C CYS C 140 23.46 32.67 -55.51
N GLN C 141 23.40 33.50 -54.46
CA GLN C 141 24.43 33.45 -53.42
C GLN C 141 24.43 32.11 -52.69
N LEU C 142 23.23 31.59 -52.39
CA LEU C 142 23.15 30.28 -51.74
C LEU C 142 23.71 29.19 -52.64
N ALA C 143 23.44 29.28 -53.95
CA ALA C 143 24.00 28.30 -54.87
C ALA C 143 25.53 28.35 -54.88
N HIS C 144 26.09 29.56 -54.85
CA HIS C 144 27.55 29.68 -54.79
C HIS C 144 28.10 29.03 -53.52
N ASP C 145 27.49 29.33 -52.37
CA ASP C 145 27.99 28.77 -51.11
C ASP C 145 27.87 27.25 -51.10
N GLN C 146 26.75 26.72 -51.58
CA GLN C 146 26.57 25.27 -51.61
C GLN C 146 27.54 24.61 -52.57
N LEU C 147 27.85 25.25 -53.70
CA LEU C 147 28.83 24.68 -54.62
C LEU C 147 30.23 24.66 -54.00
N VAL C 148 30.58 25.71 -53.25
CA VAL C 148 31.86 25.70 -52.54
C VAL C 148 31.91 24.56 -51.53
N ASN C 149 30.81 24.37 -50.78
CA ASN C 149 30.75 23.26 -49.84
C ASN C 149 30.88 21.91 -50.54
N ARG C 150 30.22 21.77 -51.69
CA ARG C 150 30.31 20.52 -52.45
C ARG C 150 31.74 20.26 -52.91
N LEU C 151 32.42 21.30 -53.37
CA LEU C 151 33.82 21.16 -53.78
C LEU C 151 34.69 20.73 -52.60
N VAL C 152 34.43 21.31 -51.43
CA VAL C 152 35.25 21.00 -50.25
C VAL C 152 35.04 19.55 -49.81
N PHE C 153 33.79 19.11 -49.71
CA PHE C 153 33.50 17.83 -49.08
C PHE C 153 33.38 16.65 -50.04
N LYS C 154 33.20 16.90 -51.33
CA LYS C 154 33.09 15.80 -52.30
C LYS C 154 34.06 15.88 -53.46
N GLY C 155 34.40 17.07 -53.96
CA GLY C 155 35.37 17.18 -55.04
C GLY C 155 34.80 16.79 -56.38
N SER C 156 35.50 17.17 -57.45
CA SER C 156 35.10 16.84 -58.81
C SER C 156 36.18 16.02 -59.50
N ALA C 157 35.76 14.96 -60.18
CA ALA C 157 36.69 14.07 -60.87
C ALA C 157 37.24 14.68 -62.14
N PRO C 158 36.40 15.21 -63.06
CA PRO C 158 36.97 15.79 -64.30
C PRO C 158 37.91 16.95 -64.05
N HIS C 159 37.67 17.76 -63.01
CA HIS C 159 38.54 18.89 -62.72
C HIS C 159 39.71 18.53 -61.82
N LYS C 160 39.80 17.26 -61.40
CA LYS C 160 40.90 16.77 -60.58
C LYS C 160 41.01 17.51 -59.25
N ILE C 161 39.93 17.50 -58.48
CA ILE C 161 39.92 18.03 -57.12
C ILE C 161 39.65 16.88 -56.16
N VAL C 162 40.54 16.69 -55.19
CA VAL C 162 40.47 15.57 -54.26
C VAL C 162 39.63 15.98 -53.06
N SER C 163 38.77 15.08 -52.60
CA SER C 163 37.95 15.36 -51.43
C SER C 163 38.73 15.10 -50.15
N VAL C 164 38.08 15.38 -49.02
CA VAL C 164 38.70 15.13 -47.72
C VAL C 164 38.96 13.65 -47.52
N PHE C 165 37.99 12.81 -47.88
CA PHE C 165 38.05 11.38 -47.63
C PHE C 165 38.85 10.62 -48.67
N ASN C 166 39.33 11.28 -49.72
CA ASN C 166 40.08 10.58 -50.77
C ASN C 166 41.53 11.03 -50.86
N HIS C 167 42.03 11.74 -49.85
CA HIS C 167 43.43 12.13 -49.85
C HIS C 167 44.31 10.89 -49.70
N PRO C 168 45.35 10.75 -50.53
CA PRO C 168 46.17 9.53 -50.49
C PRO C 168 46.93 9.34 -49.20
N ASN C 169 47.63 10.39 -48.75
CA ASN C 169 48.52 10.28 -47.60
C ASN C 169 47.83 10.78 -46.34
N ILE C 170 46.82 10.03 -45.92
CA ILE C 170 46.18 10.21 -44.61
C ILE C 170 45.95 8.84 -44.00
N THR C 171 45.79 8.81 -42.68
CA THR C 171 45.60 7.57 -41.95
C THR C 171 44.14 7.14 -42.06
N LYS C 172 43.93 5.93 -42.57
CA LYS C 172 42.60 5.35 -42.69
C LYS C 172 42.51 4.07 -41.88
N ILE C 173 41.45 3.94 -41.09
CA ILE C 173 41.23 2.79 -40.22
C ILE C 173 39.86 2.21 -40.54
N THR C 174 39.84 0.97 -41.01
CA THR C 174 38.58 0.24 -41.11
C THR C 174 38.09 -0.14 -39.72
N SER C 175 36.78 -0.08 -39.53
CA SER C 175 36.20 -0.25 -38.20
C SER C 175 35.08 -1.27 -38.23
N GLY C 176 35.02 -2.07 -37.17
CA GLY C 176 33.83 -2.85 -36.92
C GLY C 176 32.64 -1.94 -36.71
N LYS C 177 31.49 -2.34 -37.25
CA LYS C 177 30.32 -1.47 -37.26
C LYS C 177 29.89 -1.12 -35.84
N TRP C 178 29.65 0.18 -35.62
CA TRP C 178 29.09 0.66 -34.37
C TRP C 178 27.63 0.26 -34.19
N ILE C 179 26.89 0.13 -35.28
CA ILE C 179 25.51 -0.36 -35.24
C ILE C 179 25.37 -1.47 -36.27
N ASP C 180 25.51 -2.72 -35.83
CA ASP C 180 25.32 -3.86 -36.72
C ASP C 180 23.83 -4.16 -36.84
N VAL C 181 23.38 -4.39 -38.08
CA VAL C 181 21.97 -4.50 -38.44
C VAL C 181 21.10 -3.58 -37.60
N SER C 182 20.78 -3.99 -36.37
CA SER C 182 20.08 -3.13 -35.42
C SER C 182 20.71 -3.10 -34.04
N THR C 183 21.62 -4.01 -33.73
CA THR C 183 22.28 -4.01 -32.43
C THR C 183 23.33 -2.90 -32.38
N MET C 184 23.35 -2.16 -31.28
CA MET C 184 24.27 -1.05 -31.11
C MET C 184 25.40 -1.46 -30.17
N LYS C 185 26.64 -1.28 -30.62
CA LYS C 185 27.81 -1.64 -29.82
C LYS C 185 28.48 -0.38 -29.29
N PRO C 186 28.32 -0.06 -28.01
CA PRO C 186 28.91 1.16 -27.45
C PRO C 186 30.31 0.98 -26.87
N GLU C 187 30.87 -0.23 -26.85
CA GLU C 187 32.21 -0.45 -26.35
C GLU C 187 33.28 -0.41 -27.42
N THR C 188 32.95 -0.69 -28.68
CA THR C 188 33.90 -0.53 -29.76
C THR C 188 34.18 0.93 -30.09
N ALA C 189 33.17 1.80 -29.91
CA ALA C 189 33.35 3.21 -30.23
C ALA C 189 34.42 3.85 -29.37
N GLU C 190 34.40 3.57 -28.06
CA GLU C 190 35.41 4.12 -27.16
C GLU C 190 36.80 3.63 -27.52
N ALA C 191 36.92 2.33 -27.80
CA ALA C 191 38.22 1.76 -28.14
C ALA C 191 38.77 2.39 -29.42
N GLU C 192 37.91 2.53 -30.42
CA GLU C 192 38.36 3.09 -31.70
C GLU C 192 38.72 4.57 -31.57
N LEU C 193 37.94 5.33 -30.81
CA LEU C 193 38.27 6.74 -30.59
C LEU C 193 39.58 6.89 -29.85
N THR C 194 39.79 6.09 -28.80
CA THR C 194 41.05 6.15 -28.06
C THR C 194 42.23 5.75 -28.94
N GLN C 195 42.06 4.71 -29.75
CA GLN C 195 43.13 4.30 -30.66
C GLN C 195 43.46 5.37 -31.69
N ALA C 196 42.44 6.02 -32.26
CA ALA C 196 42.64 7.12 -33.20
C ALA C 196 43.31 8.32 -32.55
N ILE C 197 43.02 8.59 -31.28
CA ILE C 197 43.68 9.66 -30.56
C ILE C 197 45.15 9.30 -30.36
N GLU C 198 45.40 8.06 -29.99
CA GLU C 198 46.78 7.63 -29.74
C GLU C 198 47.62 7.68 -31.00
N THR C 199 47.10 7.14 -32.09
CA THR C 199 47.86 7.08 -33.34
C THR C 199 48.39 8.46 -33.71
N ILE C 200 47.55 9.47 -33.65
CA ILE C 200 47.97 10.79 -34.08
C ILE C 200 49.24 11.22 -33.37
N GLU C 201 49.21 11.25 -32.04
CA GLU C 201 50.36 11.72 -31.29
C GLU C 201 51.59 10.85 -31.49
N THR C 202 51.40 9.53 -31.45
CA THR C 202 52.53 8.62 -31.62
C THR C 202 53.25 8.90 -32.93
N ILE C 203 52.50 8.91 -34.02
CA ILE C 203 53.10 9.11 -35.34
C ILE C 203 53.72 10.50 -35.43
N THR C 204 53.00 11.52 -34.95
CA THR C 204 53.58 12.86 -34.98
C THR C 204 54.64 13.06 -33.92
N ARG C 205 54.80 12.09 -33.01
CA ARG C 205 55.87 12.09 -32.01
C ARG C 205 55.75 13.27 -31.06
N GLY C 206 54.53 13.65 -30.70
CA GLY C 206 54.29 14.62 -29.66
C GLY C 206 54.17 16.06 -30.10
N GLN C 207 54.44 16.38 -31.38
CA GLN C 207 54.31 17.76 -31.82
C GLN C 207 52.84 18.17 -31.96
N HIS C 208 51.98 17.26 -32.40
CA HIS C 208 50.57 17.55 -32.62
C HIS C 208 49.71 16.56 -31.85
N ARG C 209 48.59 17.05 -31.32
CA ARG C 209 47.62 16.25 -30.59
C ARG C 209 46.21 16.55 -31.10
N ALA C 210 45.34 15.55 -31.03
CA ALA C 210 43.98 15.71 -31.51
C ALA C 210 43.21 16.68 -30.62
N THR C 211 42.39 17.52 -31.26
CA THR C 211 41.61 18.51 -30.54
C THR C 211 40.14 18.49 -30.91
N ASN C 212 39.78 17.82 -32.01
CA ASN C 212 38.42 17.86 -32.50
C ASN C 212 38.00 16.48 -33.01
N ILE C 213 36.70 16.19 -32.90
CA ILE C 213 36.10 14.96 -33.40
C ILE C 213 34.78 15.33 -34.08
N LEU C 214 34.52 14.70 -35.23
CA LEU C 214 33.28 14.94 -35.99
C LEU C 214 32.67 13.59 -36.31
N ILE C 215 31.52 13.31 -35.71
CA ILE C 215 30.82 12.03 -35.88
C ILE C 215 29.53 12.26 -36.66
N PRO C 216 28.98 11.23 -37.33
CA PRO C 216 27.68 11.40 -37.96
C PRO C 216 26.59 11.59 -36.92
N PRO C 217 25.50 12.30 -37.25
CA PRO C 217 24.41 12.55 -36.30
C PRO C 217 23.46 11.37 -36.14
N SER C 218 24.01 10.16 -36.17
CA SER C 218 23.22 8.95 -35.97
C SER C 218 23.86 8.09 -34.90
N MET C 219 25.18 8.19 -34.78
CA MET C 219 25.93 7.52 -33.72
C MET C 219 25.86 8.32 -32.43
N ARG C 220 25.27 9.50 -32.50
CA ARG C 220 25.05 10.33 -31.32
C ARG C 220 24.19 9.62 -30.27
N LYS C 221 23.34 8.68 -30.68
CA LYS C 221 22.56 7.87 -29.77
C LYS C 221 23.34 6.65 -29.25
N VAL C 222 24.48 6.33 -29.86
CA VAL C 222 25.31 5.22 -29.39
C VAL C 222 26.14 5.62 -28.17
N LEU C 223 26.72 6.82 -28.17
CA LEU C 223 27.49 7.32 -27.04
C LEU C 223 26.59 7.73 -25.88
N ALA C 224 25.27 7.73 -26.07
CA ALA C 224 24.33 8.07 -25.02
C ALA C 224 23.93 6.87 -24.16
N ILE C 225 24.33 5.65 -24.53
CA ILE C 225 24.09 4.50 -23.67
C ILE C 225 24.90 4.66 -22.39
N ARG C 226 24.36 4.17 -21.29
CA ARG C 226 25.02 4.35 -19.99
C ARG C 226 26.16 3.38 -19.74
N MET C 227 26.91 3.62 -18.67
CA MET C 227 28.01 2.73 -18.32
C MET C 227 27.49 1.39 -17.87
N PRO C 228 28.29 0.33 -18.01
CA PRO C 228 27.86 -1.01 -17.64
C PRO C 228 26.88 -1.04 -16.47
N GLU C 229 27.27 -0.51 -15.32
CA GLU C 229 26.40 -0.57 -14.15
C GLU C 229 26.34 0.75 -13.38
N THR C 230 27.35 1.61 -13.53
CA THR C 230 27.49 2.77 -12.67
C THR C 230 26.90 4.05 -13.24
N THR C 231 25.65 4.00 -13.72
CA THR C 231 24.97 5.15 -14.31
C THR C 231 25.84 5.85 -15.35
N MET C 232 25.50 7.09 -15.68
CA MET C 232 26.16 8.00 -16.62
C MET C 232 26.45 7.38 -17.98
N SER C 233 26.61 8.22 -19.00
CA SER C 233 26.81 7.75 -20.36
C SER C 233 28.29 7.51 -20.63
N TYR C 234 28.57 6.81 -21.73
CA TYR C 234 29.96 6.66 -22.17
C TYR C 234 30.57 8.01 -22.50
N LEU C 235 29.75 8.96 -22.95
CA LEU C 235 30.25 10.29 -23.29
C LEU C 235 30.84 10.99 -22.08
N ASP C 236 30.18 10.88 -20.93
CA ASP C 236 30.68 11.54 -19.73
C ASP C 236 32.04 11.00 -19.32
N TYR C 237 32.19 9.68 -19.33
CA TYR C 237 33.47 9.07 -18.97
C TYR C 237 34.55 9.45 -19.98
N PHE C 238 34.21 9.44 -21.28
CA PHE C 238 35.15 9.78 -22.32
C PHE C 238 35.65 11.22 -22.18
N LYS C 239 34.73 12.14 -21.91
CA LYS C 239 35.13 13.53 -21.73
C LYS C 239 35.92 13.73 -20.43
N SER C 240 35.58 12.98 -19.39
CA SER C 240 36.31 13.09 -18.14
C SER C 240 37.76 12.64 -18.29
N GLN C 241 37.97 11.54 -19.01
CA GLN C 241 39.34 11.03 -19.16
C GLN C 241 40.07 11.61 -20.36
N ASN C 242 39.40 12.35 -21.22
CA ASN C 242 40.00 12.94 -22.42
C ASN C 242 39.72 14.43 -22.53
N SER C 243 39.93 15.17 -21.44
CA SER C 243 39.59 16.59 -21.39
C SER C 243 40.35 17.39 -22.43
N GLY C 244 39.69 18.38 -23.01
CA GLY C 244 40.29 19.21 -24.05
C GLY C 244 39.72 18.99 -25.44
N ILE C 245 39.33 17.75 -25.73
CA ILE C 245 38.78 17.44 -27.05
C ILE C 245 37.31 17.83 -27.10
N GLU C 246 36.92 18.47 -28.21
CA GLU C 246 35.55 18.93 -28.43
C GLU C 246 34.90 18.02 -29.46
N ILE C 247 33.71 17.54 -29.15
CA ILE C 247 32.98 16.60 -30.00
C ILE C 247 31.80 17.31 -30.64
N ASP C 248 31.65 17.14 -31.95
CA ASP C 248 30.56 17.75 -32.69
C ASP C 248 30.13 16.79 -33.79
N SER C 249 28.94 17.04 -34.34
CA SER C 249 28.38 16.20 -35.39
C SER C 249 27.98 17.04 -36.59
N ILE C 250 28.29 16.53 -37.78
CA ILE C 250 27.90 17.17 -39.03
C ILE C 250 27.23 16.13 -39.91
N ALA C 251 26.31 16.58 -40.76
CA ALA C 251 25.50 15.70 -41.58
C ALA C 251 26.17 15.29 -42.88
N GLU C 252 27.37 15.79 -43.16
CA GLU C 252 28.10 15.45 -44.37
C GLU C 252 28.90 14.16 -44.24
N LEU C 253 28.88 13.52 -43.07
CA LEU C 253 29.67 12.33 -42.81
C LEU C 253 28.80 11.06 -42.81
N GLU C 254 27.76 11.03 -43.64
CA GLU C 254 26.87 9.89 -43.71
C GLU C 254 26.78 9.26 -45.09
N ASP C 255 27.29 9.92 -46.12
CA ASP C 255 27.28 9.40 -47.49
C ASP C 255 28.66 9.63 -48.10
N ILE C 256 29.70 9.20 -47.38
CA ILE C 256 31.08 9.53 -47.74
C ILE C 256 31.40 9.08 -49.16
N ASP C 257 31.10 7.82 -49.49
CA ASP C 257 31.42 7.27 -50.79
C ASP C 257 30.25 7.31 -51.76
N GLY C 258 29.11 7.88 -51.36
CA GLY C 258 27.95 7.88 -52.21
C GLY C 258 27.18 6.57 -52.24
N ALA C 259 27.51 5.63 -51.35
CA ALA C 259 26.81 4.36 -51.33
C ALA C 259 26.28 3.99 -49.93
N GLY C 260 26.39 4.89 -48.96
CA GLY C 260 25.88 4.63 -47.64
C GLY C 260 26.93 4.17 -46.65
N THR C 261 28.09 4.83 -46.65
CA THR C 261 29.18 4.53 -45.73
C THR C 261 29.39 5.73 -44.81
N LYS C 262 29.38 5.49 -43.51
CA LYS C 262 29.56 6.55 -42.53
C LYS C 262 31.03 6.60 -42.08
N GLY C 263 31.42 7.73 -41.51
CA GLY C 263 32.79 7.91 -41.11
C GLY C 263 32.94 8.94 -40.01
N VAL C 264 34.07 8.86 -39.31
CA VAL C 264 34.41 9.75 -38.22
C VAL C 264 35.79 10.35 -38.50
N LEU C 265 35.91 11.66 -38.27
CA LEU C 265 37.17 12.36 -38.49
C LEU C 265 37.71 12.82 -37.15
N VAL C 266 38.96 12.43 -36.86
CA VAL C 266 39.70 12.91 -35.70
C VAL C 266 40.92 13.65 -36.22
N TYR C 267 41.08 14.91 -35.82
CA TYR C 267 42.10 15.76 -36.39
C TYR C 267 42.40 16.90 -35.43
N GLU C 268 43.47 17.64 -35.72
CA GLU C 268 43.81 18.78 -34.89
C GLU C 268 43.62 20.06 -35.68
N LYS C 269 42.50 20.74 -35.47
CA LYS C 269 42.22 21.95 -36.25
C LYS C 269 43.36 22.96 -36.13
N ASN C 270 44.03 23.21 -37.24
CA ASN C 270 45.14 24.16 -37.23
C ASN C 270 45.38 24.74 -38.62
N PRO C 271 45.16 26.05 -38.76
CA PRO C 271 45.40 26.71 -40.05
C PRO C 271 46.80 26.41 -40.54
N MET C 272 47.76 26.37 -39.61
CA MET C 272 49.14 26.11 -39.98
C MET C 272 49.25 24.82 -40.78
N ASN C 273 48.27 23.93 -40.64
CA ASN C 273 48.37 22.65 -41.31
C ASN C 273 47.36 22.45 -42.44
N MET C 274 46.20 23.11 -42.39
CA MET C 274 45.20 23.02 -43.44
C MET C 274 44.51 24.36 -43.54
N SER C 275 43.92 24.62 -44.71
CA SER C 275 43.26 25.91 -44.95
C SER C 275 42.32 25.86 -46.15
N ILE C 276 41.30 26.74 -46.13
CA ILE C 276 40.43 27.00 -47.27
C ILE C 276 40.49 28.49 -47.56
N GLU C 277 40.63 28.85 -48.84
CA GLU C 277 40.84 30.22 -49.25
C GLU C 277 39.78 30.67 -50.24
N ILE C 278 39.33 31.91 -50.10
CA ILE C 278 38.41 32.54 -51.05
C ILE C 278 39.02 33.85 -51.51
N PRO C 279 39.84 33.85 -52.57
CA PRO C 279 40.49 35.10 -53.01
C PRO C 279 39.53 36.21 -53.41
N GLU C 280 38.36 35.89 -53.97
CA GLU C 280 37.41 36.92 -54.38
C GLU C 280 36.02 36.50 -53.92
N ALA C 281 35.31 37.43 -53.29
CA ALA C 281 33.99 37.15 -52.74
C ALA C 281 32.92 37.29 -53.81
N PHE C 282 31.67 37.10 -53.40
CA PHE C 282 30.54 37.19 -54.32
C PHE C 282 30.36 38.62 -54.82
N ASN C 283 30.31 38.77 -56.14
CA ASN C 283 30.14 40.06 -56.79
C ASN C 283 29.02 39.98 -57.81
N MET C 284 28.21 41.04 -57.87
CA MET C 284 27.11 41.14 -58.83
C MET C 284 27.47 42.25 -59.83
N LEU C 285 27.69 41.85 -61.09
CA LEU C 285 28.04 42.79 -62.13
C LEU C 285 26.82 43.66 -62.46
N PRO C 286 27.05 44.87 -62.98
CA PRO C 286 25.93 45.73 -63.36
C PRO C 286 25.06 45.09 -64.44
N ALA C 287 23.77 45.36 -64.35
CA ALA C 287 22.81 44.73 -65.26
C ALA C 287 23.07 45.16 -66.69
N GLN C 288 22.96 44.22 -67.62
CA GLN C 288 23.07 44.48 -69.05
C GLN C 288 21.68 44.54 -69.67
N PRO C 289 21.25 45.72 -70.17
CA PRO C 289 19.88 45.75 -70.64
C PRO C 289 19.53 45.30 -72.02
N LYS C 290 18.43 44.59 -72.16
CA LYS C 290 17.88 44.19 -73.44
C LYS C 290 16.48 44.80 -73.56
N ASP C 291 15.76 44.46 -74.63
CA ASP C 291 14.46 45.07 -74.86
C ASP C 291 13.45 44.64 -73.81
N LEU C 292 13.11 45.57 -72.90
CA LEU C 292 12.09 45.40 -71.88
C LEU C 292 12.41 44.27 -70.90
N HIS C 293 13.71 43.95 -70.78
CA HIS C 293 14.18 43.03 -69.74
C HIS C 293 15.70 43.10 -69.60
N PHE C 294 16.23 42.61 -68.49
CA PHE C 294 17.63 42.78 -68.14
C PHE C 294 18.28 41.41 -67.93
N LYS C 295 19.55 41.44 -67.50
CA LYS C 295 20.31 40.22 -67.23
C LYS C 295 21.48 40.62 -66.32
N VAL C 296 21.52 40.05 -65.12
CA VAL C 296 22.52 40.41 -64.11
C VAL C 296 23.44 39.21 -63.91
N PRO C 297 24.72 39.28 -64.31
CA PRO C 297 25.64 38.17 -64.06
C PRO C 297 26.30 38.24 -62.69
N CYS C 298 26.78 37.10 -62.18
CA CYS C 298 27.47 37.01 -60.91
C CYS C 298 28.69 36.11 -61.05
N THR C 299 29.69 36.33 -60.18
CA THR C 299 30.92 35.56 -60.26
C THR C 299 31.60 35.57 -58.90
N SER C 300 32.52 34.61 -58.71
CA SER C 300 33.28 34.43 -57.48
C SER C 300 34.40 33.44 -57.74
N LYS C 301 35.31 33.32 -56.78
CA LYS C 301 36.45 32.41 -56.90
C LYS C 301 36.64 31.61 -55.61
N CYS C 302 37.23 30.44 -55.75
CA CYS C 302 37.54 29.56 -54.63
C CYS C 302 38.62 28.58 -55.07
N THR C 303 39.22 27.91 -54.08
CA THR C 303 40.25 26.93 -54.36
C THR C 303 39.86 25.54 -53.86
N GLY C 304 39.48 25.44 -52.59
CA GLY C 304 39.20 24.17 -51.98
C GLY C 304 40.01 24.01 -50.71
N LEU C 305 40.20 22.76 -50.31
CA LEU C 305 40.95 22.42 -49.11
C LEU C 305 42.30 21.81 -49.50
N THR C 306 43.37 22.33 -48.92
CA THR C 306 44.71 21.83 -49.14
C THR C 306 45.30 21.41 -47.79
N ILE C 307 45.63 20.14 -47.65
CA ILE C 307 46.25 19.62 -46.44
C ILE C 307 47.76 19.76 -46.60
N TYR C 308 48.41 20.37 -45.60
CA TYR C 308 49.85 20.61 -45.67
C TYR C 308 50.67 19.59 -44.91
N ARG C 309 50.09 19.02 -43.85
CA ARG C 309 50.77 18.00 -43.08
C ARG C 309 49.89 16.77 -43.05
N PRO C 310 49.67 16.15 -44.23
CA PRO C 310 48.79 14.99 -44.30
C PRO C 310 49.15 13.91 -43.29
N MET C 311 48.65 14.03 -42.07
CA MET C 311 48.96 13.07 -41.02
C MET C 311 48.17 13.43 -39.78
N THR C 312 48.01 14.73 -39.54
CA THR C 312 47.26 15.19 -38.39
C THR C 312 45.77 14.87 -38.53
N ILE C 313 45.40 14.03 -39.50
CA ILE C 313 44.02 13.68 -39.76
C ILE C 313 43.90 12.16 -39.78
N VAL C 314 42.90 11.64 -39.07
CA VAL C 314 42.60 10.22 -39.05
C VAL C 314 41.15 10.02 -39.43
N LEU C 315 40.90 9.13 -40.40
CA LEU C 315 39.57 8.83 -40.87
C LEU C 315 39.22 7.39 -40.50
N ILE C 316 38.06 7.21 -39.86
CA ILE C 316 37.56 5.90 -39.49
C ILE C 316 36.41 5.59 -40.43
N THR C 317 36.56 4.53 -41.22
CA THR C 317 35.60 4.18 -42.26
C THR C 317 34.81 2.94 -41.85
N GLY C 318 33.50 3.00 -42.03
CA GLY C 318 32.61 1.87 -41.78
C GLY C 318 31.74 1.99 -40.55
N VAL C 319 31.86 3.09 -39.80
CA VAL C 319 31.06 3.26 -38.59
C VAL C 319 29.58 3.42 -38.93
N ALA D 27 57.04 26.60 -86.42
CA ALA D 27 57.50 26.46 -85.04
C ALA D 27 57.69 27.82 -84.39
N ALA D 28 57.10 28.86 -85.00
CA ALA D 28 57.20 30.20 -84.45
C ALA D 28 56.46 30.30 -83.12
N ALA D 29 57.04 31.04 -82.19
CA ALA D 29 56.43 31.19 -80.87
C ALA D 29 55.19 32.06 -80.95
N THR D 30 54.09 31.57 -80.37
CA THR D 30 52.83 32.29 -80.32
C THR D 30 52.26 32.29 -78.90
N MET D 31 53.14 32.33 -77.91
CA MET D 31 52.71 32.26 -76.52
C MET D 31 52.11 33.59 -76.07
N GLY D 32 51.51 33.59 -74.88
CA GLY D 32 50.88 34.77 -74.35
C GLY D 32 51.86 35.80 -73.85
N ILE D 33 51.32 36.96 -73.49
CA ILE D 33 52.17 38.06 -73.03
C ILE D 33 52.81 37.73 -71.68
N TRP D 34 52.02 37.20 -70.75
CA TRP D 34 52.51 36.93 -69.42
C TRP D 34 53.00 35.49 -69.29
N THR D 35 53.94 35.29 -68.38
CA THR D 35 54.49 33.97 -68.09
C THR D 35 53.96 33.46 -66.76
N ALA D 36 54.36 32.24 -66.41
CA ALA D 36 53.90 31.63 -65.17
C ALA D 36 54.63 32.16 -63.95
N GLN D 37 55.73 32.89 -64.13
CA GLN D 37 56.50 33.38 -63.00
C GLN D 37 55.82 34.54 -62.27
N GLU D 38 55.04 35.36 -62.98
CA GLU D 38 54.33 36.47 -62.35
C GLU D 38 53.02 36.03 -61.70
N LEU D 39 52.64 34.77 -61.87
CA LEU D 39 51.40 34.21 -61.30
C LEU D 39 51.73 33.12 -60.31
N HIS D 40 52.73 33.35 -59.46
CA HIS D 40 53.18 32.36 -58.48
C HIS D 40 53.25 33.01 -57.11
N ARG D 41 53.14 32.17 -56.08
CA ARG D 41 53.23 32.61 -54.69
C ARG D 41 54.00 31.55 -53.92
N ILE D 42 54.69 31.98 -52.85
CA ILE D 42 55.38 31.05 -51.97
C ILE D 42 54.84 31.20 -50.56
N LYS D 43 54.35 30.11 -49.99
CA LYS D 43 53.83 30.14 -48.63
C LYS D 43 54.96 30.46 -47.64
N SER D 44 54.61 31.18 -46.58
CA SER D 44 55.60 31.63 -45.62
C SER D 44 56.25 30.47 -44.88
N GLN D 45 55.52 29.38 -44.66
CA GLN D 45 56.00 28.31 -43.81
C GLN D 45 57.06 27.46 -44.49
N SER D 46 57.93 26.86 -43.66
CA SER D 46 58.84 25.81 -44.05
C SER D 46 58.76 24.70 -43.01
N TYR D 47 58.87 23.45 -43.46
CA TYR D 47 58.71 22.30 -42.59
C TYR D 47 60.07 21.67 -42.32
N GLU D 48 60.33 21.39 -41.04
CA GLU D 48 61.58 20.77 -40.61
C GLU D 48 61.24 19.51 -39.82
N GLU D 49 61.88 18.40 -40.19
CA GLU D 49 61.69 17.15 -39.46
C GLU D 49 62.30 17.26 -38.07
N ASP D 50 61.66 16.61 -37.10
CA ASP D 50 62.08 16.66 -35.70
C ASP D 50 62.73 15.34 -35.32
N TYR D 51 63.91 15.43 -34.70
CA TYR D 51 64.67 14.27 -34.25
C TYR D 51 64.93 14.43 -32.75
N PRO D 52 64.06 13.88 -31.90
CA PRO D 52 64.30 13.96 -30.46
C PRO D 52 65.57 13.23 -30.06
N VAL D 53 66.24 13.76 -29.03
CA VAL D 53 67.49 13.17 -28.55
C VAL D 53 67.22 11.99 -27.64
N GLY D 54 66.41 12.18 -26.60
CA GLY D 54 66.09 11.14 -25.66
C GLY D 54 66.09 11.67 -24.25
N SER D 55 66.26 10.77 -23.29
CA SER D 55 66.21 11.16 -21.88
C SER D 55 67.30 10.49 -21.05
N ALA D 56 68.45 10.17 -21.63
CA ALA D 56 69.50 9.52 -20.87
C ALA D 56 70.02 10.42 -19.75
N LEU D 57 70.22 11.71 -20.04
CA LEU D 57 70.74 12.62 -19.04
C LEU D 57 69.67 13.04 -18.04
N ARG D 58 68.41 13.09 -18.48
CA ARG D 58 67.33 13.54 -17.60
C ARG D 58 67.00 12.50 -16.55
N VAL D 59 66.98 11.22 -16.93
CA VAL D 59 66.57 10.15 -16.02
C VAL D 59 67.68 9.70 -15.07
N PHE D 60 68.95 9.89 -15.44
CA PHE D 60 70.05 9.43 -14.61
C PHE D 60 70.89 10.60 -14.13
N PRO D 61 71.41 10.54 -12.91
CA PRO D 61 72.17 11.68 -12.37
C PRO D 61 73.49 11.89 -13.10
N VAL D 62 73.97 13.14 -13.03
CA VAL D 62 75.24 13.54 -13.64
C VAL D 62 76.11 14.17 -12.57
N THR D 63 77.42 13.92 -12.64
CA THR D 63 78.40 14.49 -11.73
C THR D 63 79.51 15.16 -12.52
N THR D 64 80.37 15.88 -11.81
CA THR D 64 81.48 16.63 -12.42
C THR D 64 82.81 16.41 -11.71
N GLU D 65 83.06 15.19 -11.21
CA GLU D 65 84.29 14.95 -10.45
C GLU D 65 85.51 14.91 -11.35
N LEU D 66 85.44 14.19 -12.47
CA LEU D 66 86.64 13.91 -13.25
C LEU D 66 87.14 15.15 -13.98
N SER D 67 88.46 15.29 -14.02
CA SER D 67 89.12 16.32 -14.80
C SER D 67 89.22 15.90 -16.26
N PRO D 68 89.38 16.85 -17.18
CA PRO D 68 89.48 16.47 -18.60
C PRO D 68 90.63 15.53 -18.91
N THR D 69 91.74 15.64 -18.19
CA THR D 69 92.93 14.85 -18.53
C THR D 69 92.95 13.48 -17.88
N ASP D 70 92.01 13.17 -16.99
CA ASP D 70 92.02 11.88 -16.32
C ASP D 70 91.56 10.77 -17.26
N LYS D 71 92.13 9.58 -17.10
CA LYS D 71 91.76 8.41 -17.88
C LYS D 71 91.14 7.30 -17.04
N THR D 72 91.29 7.34 -15.72
CA THR D 72 90.78 6.29 -14.84
C THR D 72 90.35 6.90 -13.53
N PHE D 73 89.49 6.17 -12.82
CA PHE D 73 89.06 6.57 -11.49
C PHE D 73 88.87 5.32 -10.63
N GLU D 74 88.87 5.51 -9.32
CA GLU D 74 88.87 4.40 -8.37
C GLU D 74 88.03 4.73 -7.16
N TYR D 75 87.29 3.72 -6.67
CA TYR D 75 86.52 3.84 -5.43
C TYR D 75 86.72 2.56 -4.62
N MET D 76 86.67 2.68 -3.30
CA MET D 76 87.06 1.61 -2.39
C MET D 76 85.94 1.28 -1.41
N THR D 77 86.06 0.11 -0.78
CA THR D 77 85.12 -0.34 0.24
C THR D 77 85.87 -1.19 1.27
N PHE D 78 85.28 -1.32 2.45
CA PHE D 78 85.93 -1.96 3.60
C PHE D 78 85.02 -3.02 4.21
N ASP D 79 85.57 -3.76 5.16
CA ASP D 79 84.86 -4.85 5.82
C ASP D 79 85.45 -5.05 7.21
N LYS D 80 84.90 -6.03 7.94
CA LYS D 80 85.33 -6.31 9.31
C LYS D 80 84.94 -7.72 9.69
N VAL D 81 85.63 -8.26 10.70
CA VAL D 81 85.35 -9.59 11.24
C VAL D 81 85.54 -9.54 12.75
N GLY D 82 84.86 -10.43 13.46
CA GLY D 82 85.00 -10.50 14.90
C GLY D 82 84.04 -11.50 15.50
N THR D 83 84.17 -11.68 16.81
CA THR D 83 83.34 -12.62 17.57
C THR D 83 83.44 -12.30 19.05
N ALA D 84 82.62 -12.98 19.85
CA ALA D 84 82.63 -12.83 21.29
C ALA D 84 82.18 -14.14 21.93
N GLN D 85 82.52 -14.29 23.22
CA GLN D 85 82.22 -15.52 23.93
C GLN D 85 81.80 -15.19 25.36
N ILE D 86 81.16 -16.16 26.01
CA ILE D 86 80.78 -16.04 27.42
C ILE D 86 81.97 -16.48 28.27
N ILE D 87 82.53 -15.55 29.03
CA ILE D 87 83.75 -15.80 29.79
C ILE D 87 83.42 -15.79 31.28
N ALA D 88 84.41 -16.19 32.07
CA ALA D 88 84.32 -16.16 33.53
C ALA D 88 85.51 -15.39 34.09
N ASP D 89 85.54 -15.29 35.42
CA ASP D 89 86.65 -14.60 36.08
C ASP D 89 87.93 -15.38 35.88
N TYR D 90 89.06 -14.66 35.86
CA TYR D 90 90.38 -15.25 35.60
C TYR D 90 90.40 -15.97 34.25
N THR D 91 89.90 -15.30 33.21
CA THR D 91 89.73 -15.97 31.92
C THR D 91 91.07 -16.13 31.20
N ASP D 92 91.81 -15.04 31.02
CA ASP D 92 93.16 -15.05 30.44
C ASP D 92 93.18 -15.45 28.96
N ASP D 93 92.03 -15.64 28.33
CA ASP D 93 91.97 -15.91 26.90
C ASP D 93 90.73 -15.23 26.30
N LEU D 94 90.98 -14.33 25.35
CA LEU D 94 89.89 -13.56 24.75
C LEU D 94 90.05 -13.54 23.24
N PRO D 95 88.95 -13.49 22.48
CA PRO D 95 89.05 -13.46 21.02
C PRO D 95 89.50 -12.10 20.50
N LEU D 96 89.71 -12.03 19.18
CA LEU D 96 90.25 -10.84 18.53
C LEU D 96 89.42 -10.49 17.30
N VAL D 97 89.73 -9.32 16.72
CA VAL D 97 89.02 -8.78 15.56
C VAL D 97 90.05 -8.27 14.55
N ASP D 98 89.56 -7.93 13.35
CA ASP D 98 90.43 -7.46 12.27
C ASP D 98 89.58 -6.68 11.26
N ALA D 99 90.18 -6.34 10.12
CA ALA D 99 89.53 -5.55 9.07
C ALA D 99 90.28 -5.71 7.76
N LEU D 100 89.66 -5.25 6.67
CA LEU D 100 90.24 -5.35 5.34
C LEU D 100 89.51 -4.40 4.39
N GLY D 101 89.91 -4.44 3.11
CA GLY D 101 89.31 -3.58 2.09
C GLY D 101 89.69 -3.98 0.69
N THR D 102 89.11 -3.28 -0.29
CA THR D 102 89.35 -3.51 -1.70
C THR D 102 88.90 -2.27 -2.49
N SER D 103 88.92 -2.38 -3.82
CA SER D 103 88.59 -1.24 -4.68
C SER D 103 88.27 -1.71 -6.09
N GLU D 104 87.72 -0.78 -6.90
CA GLU D 104 87.38 -1.03 -8.30
C GLU D 104 87.71 0.21 -9.13
N PHE D 105 87.60 0.09 -10.45
CA PHE D 105 88.09 1.10 -11.38
C PHE D 105 87.08 1.40 -12.49
N GLY D 106 87.49 2.29 -13.41
CA GLY D 106 86.67 2.72 -14.53
C GLY D 106 87.51 3.38 -15.60
N LYS D 107 86.85 3.83 -16.68
CA LYS D 107 87.54 4.40 -17.84
C LYS D 107 86.69 5.49 -18.50
N VAL D 108 87.31 6.18 -19.46
CA VAL D 108 86.71 7.30 -20.19
C VAL D 108 86.98 7.11 -21.69
N PHE D 109 86.29 7.91 -22.52
CA PHE D 109 86.40 7.80 -23.98
C PHE D 109 86.28 9.15 -24.64
N ARG D 110 86.24 9.14 -25.99
CA ARG D 110 86.22 10.35 -26.81
C ARG D 110 85.45 10.11 -28.10
N LEU D 111 84.86 11.18 -28.65
CA LEU D 111 84.07 11.12 -29.87
C LEU D 111 84.53 12.21 -30.84
N GLY D 112 84.05 12.14 -32.08
CA GLY D 112 84.37 13.17 -33.05
C GLY D 112 83.71 12.95 -34.40
N ASN D 113 83.61 14.03 -35.17
CA ASN D 113 83.10 14.01 -36.54
C ASN D 113 83.53 15.31 -37.22
N ALA D 114 83.08 15.50 -38.46
CA ALA D 114 83.53 16.65 -39.25
C ALA D 114 82.50 16.96 -40.33
N TYR D 115 82.74 18.04 -41.08
CA TYR D 115 81.88 18.46 -42.19
C TYR D 115 82.65 19.39 -43.13
N LEU D 116 82.15 19.58 -44.36
CA LEU D 116 82.83 20.38 -45.37
C LEU D 116 81.88 21.40 -46.00
N ILE D 117 82.47 22.45 -46.58
CA ILE D 117 81.72 23.48 -47.29
C ILE D 117 82.71 24.26 -48.16
N SER D 118 82.18 24.92 -49.19
CA SER D 118 82.96 25.72 -50.11
C SER D 118 82.56 27.20 -50.02
N ILE D 119 83.30 28.05 -50.73
CA ILE D 119 83.01 29.48 -50.72
C ILE D 119 81.74 29.82 -51.49
N ASP D 120 81.49 29.13 -52.60
CA ASP D 120 80.29 29.39 -53.39
C ASP D 120 79.03 29.14 -52.57
N GLU D 121 79.02 28.06 -51.78
CA GLU D 121 77.87 27.76 -50.95
C GLU D 121 77.70 28.80 -49.85
N ILE D 122 78.81 29.31 -49.30
CA ILE D 122 78.73 30.35 -48.29
C ILE D 122 78.12 31.61 -48.89
N LYS D 123 78.56 31.99 -50.09
CA LYS D 123 78.02 33.18 -50.75
C LYS D 123 76.53 32.99 -51.08
N ALA D 124 76.16 31.79 -51.53
CA ALA D 124 74.75 31.51 -51.81
C ALA D 124 73.90 31.60 -50.57
N GLY D 125 74.41 31.08 -49.44
CA GLY D 125 73.70 31.18 -48.18
C GLY D 125 73.52 32.60 -47.71
N GLN D 126 74.56 33.42 -47.88
CA GLN D 126 74.45 34.83 -47.49
C GLN D 126 73.54 35.62 -48.42
N ALA D 127 73.44 35.19 -49.67
CA ALA D 127 72.65 35.90 -50.67
C ALA D 127 71.18 35.44 -50.72
N THR D 128 70.83 34.38 -49.99
CA THR D 128 69.46 33.89 -50.01
C THR D 128 68.82 33.79 -48.64
N GLY D 129 69.53 34.09 -47.55
CA GLY D 129 68.96 33.99 -46.23
C GLY D 129 68.75 32.57 -45.74
N ARG D 130 69.47 31.60 -46.32
CA ARG D 130 69.38 30.20 -45.91
C ARG D 130 70.79 29.62 -45.91
N PRO D 131 71.49 29.68 -44.79
CA PRO D 131 72.83 29.12 -44.71
C PRO D 131 72.85 27.60 -44.69
N LEU D 132 73.97 27.01 -45.10
CA LEU D 132 74.12 25.56 -45.00
C LEU D 132 74.99 25.16 -43.81
N SER D 133 75.90 26.05 -43.41
CA SER D 133 76.83 25.75 -42.32
C SER D 133 76.08 25.53 -41.02
N THR D 134 75.05 26.35 -40.75
CA THR D 134 74.28 26.19 -39.52
C THR D 134 73.59 24.84 -39.47
N ARG D 135 72.99 24.42 -40.59
CA ARG D 135 72.33 23.12 -40.64
C ARG D 135 73.33 21.99 -40.43
N LYS D 136 74.49 22.08 -41.08
CA LYS D 136 75.50 21.03 -40.92
C LYS D 136 76.02 20.95 -39.49
N ALA D 137 76.24 22.11 -38.86
CA ALA D 137 76.69 22.12 -37.47
C ALA D 137 75.64 21.54 -36.54
N SER D 138 74.36 21.88 -36.77
CA SER D 138 73.29 21.31 -35.96
C SER D 138 73.24 19.80 -36.10
N ALA D 139 73.38 19.30 -37.34
CA ALA D 139 73.40 17.86 -37.56
C ALA D 139 74.58 17.22 -36.84
N CYS D 140 75.75 17.87 -36.87
CA CYS D 140 76.93 17.33 -36.22
C CYS D 140 76.72 17.23 -34.71
N GLN D 141 76.13 18.26 -34.10
CA GLN D 141 75.88 18.24 -32.66
C GLN D 141 74.85 17.17 -32.30
N LEU D 142 73.80 17.05 -33.11
CA LEU D 142 72.76 16.05 -32.87
C LEU D 142 73.35 14.65 -32.96
N ALA D 143 74.31 14.46 -33.86
CA ALA D 143 74.97 13.16 -33.98
C ALA D 143 75.69 12.79 -32.70
N HIS D 144 76.40 13.74 -32.09
CA HIS D 144 77.08 13.47 -30.84
C HIS D 144 76.10 13.15 -29.73
N ASP D 145 75.00 13.91 -29.65
CA ASP D 145 74.01 13.67 -28.60
C ASP D 145 73.39 12.28 -28.74
N GLN D 146 73.03 11.90 -29.98
CA GLN D 146 72.45 10.58 -30.19
C GLN D 146 73.45 9.47 -29.94
N LEU D 147 74.73 9.71 -30.26
CA LEU D 147 75.76 8.70 -29.97
C LEU D 147 75.89 8.49 -28.46
N VAL D 148 75.85 9.58 -27.69
CA VAL D 148 75.89 9.45 -26.23
C VAL D 148 74.70 8.67 -25.72
N ASN D 149 73.51 8.96 -26.26
CA ASN D 149 72.32 8.20 -25.87
C ASN D 149 72.46 6.72 -26.21
N ARG D 150 73.00 6.41 -27.40
CA ARG D 150 73.18 5.03 -27.79
C ARG D 150 74.16 4.32 -26.86
N LEU D 151 75.25 5.00 -26.49
CA LEU D 151 76.20 4.41 -25.56
C LEU D 151 75.55 4.14 -24.21
N VAL D 152 74.71 5.06 -23.75
CA VAL D 152 74.08 4.89 -22.44
C VAL D 152 73.10 3.72 -22.44
N PHE D 153 72.26 3.63 -23.47
CA PHE D 153 71.15 2.68 -23.44
C PHE D 153 71.45 1.33 -24.10
N LYS D 154 72.45 1.24 -24.96
CA LYS D 154 72.79 -0.04 -25.60
C LYS D 154 74.23 -0.47 -25.44
N GLY D 155 75.20 0.44 -25.42
CA GLY D 155 76.58 0.06 -25.25
C GLY D 155 77.18 -0.60 -26.48
N SER D 156 78.50 -0.67 -26.55
CA SER D 156 79.19 -1.31 -27.66
C SER D 156 79.98 -2.51 -27.17
N ALA D 157 79.90 -3.59 -27.94
CA ALA D 157 80.59 -4.84 -27.61
C ALA D 157 82.09 -4.75 -27.87
N PRO D 158 82.55 -4.31 -29.05
CA PRO D 158 84.00 -4.24 -29.27
C PRO D 158 84.74 -3.33 -28.31
N HIS D 159 84.12 -2.24 -27.87
CA HIS D 159 84.75 -1.33 -26.92
C HIS D 159 84.55 -1.73 -25.47
N LYS D 160 83.85 -2.85 -25.24
CA LYS D 160 83.63 -3.39 -23.90
C LYS D 160 82.95 -2.38 -22.99
N ILE D 161 81.86 -1.79 -23.48
CA ILE D 161 80.99 -0.92 -22.69
C ILE D 161 79.69 -1.67 -22.43
N VAL D 162 79.34 -1.80 -21.16
CA VAL D 162 78.17 -2.56 -20.75
C VAL D 162 76.96 -1.62 -20.73
N SER D 163 75.79 -2.16 -21.06
CA SER D 163 74.57 -1.36 -21.07
C SER D 163 73.82 -1.50 -19.76
N VAL D 164 72.70 -0.79 -19.68
CA VAL D 164 71.84 -0.89 -18.50
C VAL D 164 71.21 -2.28 -18.42
N PHE D 165 70.79 -2.82 -19.56
CA PHE D 165 70.10 -4.11 -19.60
C PHE D 165 71.05 -5.29 -19.59
N ASN D 166 72.36 -5.08 -19.75
CA ASN D 166 73.27 -6.21 -19.89
C ASN D 166 74.32 -6.27 -18.78
N HIS D 167 74.10 -5.58 -17.67
CA HIS D 167 75.05 -5.67 -16.58
C HIS D 167 74.88 -7.00 -15.85
N PRO D 168 75.94 -7.79 -15.72
CA PRO D 168 75.82 -9.13 -15.13
C PRO D 168 75.24 -9.12 -13.71
N ASN D 169 75.65 -8.16 -12.88
CA ASN D 169 75.25 -8.15 -11.48
C ASN D 169 74.10 -7.16 -11.25
N ILE D 170 72.96 -7.46 -11.88
CA ILE D 170 71.71 -6.78 -11.60
C ILE D 170 70.61 -7.83 -11.50
N THR D 171 69.54 -7.47 -10.80
CA THR D 171 68.42 -8.37 -10.60
C THR D 171 67.51 -8.34 -11.82
N LYS D 172 67.35 -9.48 -12.47
CA LYS D 172 66.50 -9.62 -13.65
C LYS D 172 65.34 -10.55 -13.33
N ILE D 173 64.13 -10.12 -13.71
CA ILE D 173 62.92 -10.89 -13.47
C ILE D 173 62.25 -11.12 -14.81
N THR D 174 62.15 -12.39 -15.22
CA THR D 174 61.36 -12.72 -16.40
C THR D 174 59.89 -12.55 -16.10
N SER D 175 59.15 -12.05 -17.09
CA SER D 175 57.75 -11.67 -16.89
C SER D 175 56.87 -12.35 -17.91
N GLY D 176 55.73 -12.85 -17.45
CA GLY D 176 54.67 -13.21 -18.36
C GLY D 176 54.14 -11.98 -19.07
N LYS D 177 53.72 -12.18 -20.31
CA LYS D 177 53.32 -11.06 -21.17
C LYS D 177 52.14 -10.29 -20.59
N TRP D 178 52.30 -8.99 -20.40
CA TRP D 178 51.19 -8.14 -19.96
C TRP D 178 50.12 -8.09 -21.04
N ILE D 179 50.54 -8.26 -22.30
CA ILE D 179 49.63 -8.39 -23.42
C ILE D 179 49.95 -9.68 -24.15
N ASP D 180 49.24 -10.75 -23.81
CA ASP D 180 49.42 -12.02 -24.50
C ASP D 180 48.64 -12.02 -25.81
N VAL D 181 49.31 -12.39 -26.89
CA VAL D 181 48.80 -12.28 -28.26
C VAL D 181 48.01 -10.99 -28.46
N SER D 182 46.77 -10.92 -27.97
CA SER D 182 46.00 -9.69 -27.99
C SER D 182 45.30 -9.38 -26.68
N THR D 183 45.03 -10.38 -25.83
CA THR D 183 44.38 -10.14 -24.56
C THR D 183 45.32 -9.39 -23.62
N MET D 184 44.76 -8.49 -22.82
CA MET D 184 45.53 -7.69 -21.90
C MET D 184 45.35 -8.21 -20.49
N LYS D 185 46.47 -8.46 -19.79
CA LYS D 185 46.42 -8.91 -18.41
C LYS D 185 46.79 -7.75 -17.49
N PRO D 186 45.82 -7.09 -16.86
CA PRO D 186 46.12 -5.95 -15.99
C PRO D 186 46.36 -6.31 -14.53
N GLU D 187 46.34 -7.58 -14.16
CA GLU D 187 46.54 -7.98 -12.77
C GLU D 187 47.92 -8.59 -12.51
N THR D 188 48.62 -9.05 -13.54
CA THR D 188 50.00 -9.48 -13.36
C THR D 188 50.95 -8.30 -13.20
N ALA D 189 50.63 -7.16 -13.81
CA ALA D 189 51.49 -5.99 -13.74
C ALA D 189 51.64 -5.51 -12.30
N GLU D 190 50.53 -5.44 -11.57
CA GLU D 190 50.59 -4.96 -10.19
C GLU D 190 51.43 -5.89 -9.32
N ALA D 191 51.23 -7.20 -9.48
CA ALA D 191 51.99 -8.16 -8.69
C ALA D 191 53.48 -8.07 -8.99
N GLU D 192 53.82 -7.97 -10.28
CA GLU D 192 55.24 -7.90 -10.65
C GLU D 192 55.87 -6.61 -10.15
N LEU D 193 55.16 -5.49 -10.24
CA LEU D 193 55.70 -4.23 -9.74
C LEU D 193 55.90 -4.27 -8.23
N THR D 194 54.93 -4.82 -7.49
CA THR D 194 55.08 -4.92 -6.05
C THR D 194 56.27 -5.81 -5.67
N GLN D 195 56.42 -6.95 -6.36
CA GLN D 195 57.55 -7.82 -6.09
C GLN D 195 58.88 -7.15 -6.40
N ALA D 196 58.98 -6.43 -7.51
CA ALA D 196 60.17 -5.68 -7.86
C ALA D 196 60.49 -4.59 -6.84
N ILE D 197 59.48 -3.93 -6.29
CA ILE D 197 59.69 -2.94 -5.24
C ILE D 197 60.23 -3.60 -3.98
N GLU D 198 59.66 -4.76 -3.63
CA GLU D 198 60.03 -5.38 -2.35
C GLU D 198 61.42 -6.00 -2.40
N THR D 199 61.84 -6.50 -3.57
CA THR D 199 63.17 -7.10 -3.67
C THR D 199 64.27 -6.09 -3.36
N ILE D 200 64.11 -4.85 -3.82
CA ILE D 200 65.13 -3.82 -3.56
C ILE D 200 65.31 -3.63 -2.06
N GLU D 201 64.19 -3.50 -1.34
CA GLU D 201 64.26 -3.24 0.09
C GLU D 201 64.81 -4.45 0.84
N THR D 202 64.44 -5.66 0.41
CA THR D 202 64.93 -6.85 1.10
C THR D 202 66.43 -7.06 0.87
N ILE D 203 66.91 -6.79 -0.34
CA ILE D 203 68.33 -7.02 -0.63
C ILE D 203 69.19 -5.92 -0.03
N THR D 204 68.83 -4.66 -0.28
CA THR D 204 69.59 -3.56 0.27
C THR D 204 69.36 -3.39 1.77
N ARG D 205 68.36 -4.07 2.32
CA ARG D 205 68.11 -4.14 3.76
C ARG D 205 67.83 -2.77 4.37
N GLY D 206 66.95 -1.99 3.73
CA GLY D 206 66.45 -0.76 4.31
C GLY D 206 67.21 0.49 3.96
N GLN D 207 68.42 0.38 3.42
CA GLN D 207 69.17 1.58 3.06
C GLN D 207 68.65 2.19 1.76
N HIS D 208 68.16 1.35 0.84
CA HIS D 208 67.72 1.79 -0.47
C HIS D 208 66.30 1.31 -0.72
N ARG D 209 65.47 2.19 -1.28
CA ARG D 209 64.10 1.87 -1.66
C ARG D 209 63.83 2.42 -3.05
N ALA D 210 62.93 1.77 -3.78
CA ALA D 210 62.60 2.20 -5.13
C ALA D 210 61.91 3.56 -5.10
N THR D 211 62.26 4.41 -6.07
CA THR D 211 61.69 5.74 -6.15
C THR D 211 61.15 6.05 -7.55
N ASN D 212 61.57 5.29 -8.55
CA ASN D 212 61.18 5.59 -9.92
C ASN D 212 60.86 4.31 -10.67
N ILE D 213 59.93 4.42 -11.63
CA ILE D 213 59.54 3.33 -12.50
C ILE D 213 59.47 3.85 -13.93
N LEU D 214 59.98 3.08 -14.88
CA LEU D 214 59.97 3.45 -16.30
C LEU D 214 59.31 2.32 -17.08
N ILE D 215 58.17 2.62 -17.69
CA ILE D 215 57.40 1.62 -18.44
C ILE D 215 57.35 2.05 -19.91
N PRO D 216 57.07 1.13 -20.84
CA PRO D 216 56.88 1.53 -22.23
C PRO D 216 55.63 2.38 -22.39
N PRO D 217 55.53 3.19 -23.45
CA PRO D 217 54.38 4.06 -23.61
C PRO D 217 53.09 3.34 -23.99
N SER D 218 53.11 2.00 -23.96
CA SER D 218 51.91 1.20 -24.16
C SER D 218 51.40 0.57 -22.87
N MET D 219 52.28 0.27 -21.91
CA MET D 219 51.84 -0.22 -20.63
C MET D 219 51.01 0.80 -19.86
N ARG D 220 51.14 2.10 -20.19
CA ARG D 220 50.25 3.09 -19.59
C ARG D 220 48.85 2.97 -20.17
N LYS D 221 48.74 2.56 -21.43
CA LYS D 221 47.45 2.15 -21.97
C LYS D 221 46.93 0.90 -21.27
N VAL D 222 47.82 -0.05 -20.95
CA VAL D 222 47.43 -1.25 -20.22
C VAL D 222 46.89 -0.96 -18.82
N LEU D 223 47.53 -0.07 -18.06
CA LEU D 223 47.19 0.16 -16.66
C LEU D 223 45.99 1.09 -16.49
N ALA D 224 45.39 1.54 -17.58
CA ALA D 224 44.23 2.41 -17.52
C ALA D 224 42.91 1.65 -17.52
N ILE D 225 42.95 0.32 -17.53
CA ILE D 225 41.73 -0.48 -17.56
C ILE D 225 41.01 -0.33 -16.22
N ARG D 226 39.73 0.02 -16.27
CA ARG D 226 38.96 0.12 -15.02
C ARG D 226 38.73 -1.27 -14.43
N MET D 227 38.68 -1.35 -13.10
CA MET D 227 38.50 -2.64 -12.44
C MET D 227 37.16 -3.27 -12.79
N PRO D 228 37.07 -4.61 -12.72
CA PRO D 228 35.84 -5.31 -13.13
C PRO D 228 34.56 -4.74 -12.52
N GLU D 229 34.50 -4.67 -11.20
CA GLU D 229 33.31 -4.13 -10.53
C GLU D 229 33.70 -3.19 -9.40
N THR D 230 34.69 -2.32 -9.65
CA THR D 230 35.19 -1.42 -8.63
C THR D 230 35.18 0.04 -9.09
N THR D 231 35.07 0.30 -10.40
CA THR D 231 34.99 1.65 -10.95
C THR D 231 36.22 2.49 -10.57
N MET D 232 37.40 1.88 -10.57
CA MET D 232 38.61 2.58 -10.17
C MET D 232 39.81 1.90 -10.81
N SER D 233 40.63 2.69 -11.48
CA SER D 233 41.69 2.17 -12.33
C SER D 233 42.80 1.54 -11.49
N TYR D 234 43.55 0.62 -12.13
CA TYR D 234 44.65 -0.06 -11.47
C TYR D 234 45.76 0.90 -11.05
N LEU D 235 46.06 1.90 -11.87
CA LEU D 235 47.12 2.86 -11.56
C LEU D 235 46.79 3.67 -10.30
N ASP D 236 45.53 4.05 -10.13
CA ASP D 236 45.14 4.87 -8.98
C ASP D 236 45.38 4.14 -7.66
N TYR D 237 45.01 2.85 -7.59
CA TYR D 237 45.21 2.09 -6.37
C TYR D 237 46.69 1.92 -6.06
N PHE D 238 47.49 1.63 -7.09
CA PHE D 238 48.93 1.46 -6.92
C PHE D 238 49.57 2.75 -6.42
N LYS D 239 49.18 3.89 -7.00
CA LYS D 239 49.73 5.16 -6.57
C LYS D 239 49.28 5.50 -5.15
N SER D 240 48.03 5.19 -4.82
CA SER D 240 47.52 5.52 -3.49
C SER D 240 48.22 4.72 -2.41
N GLN D 241 48.41 3.41 -2.64
CA GLN D 241 49.00 2.56 -1.62
C GLN D 241 50.52 2.54 -1.67
N ASN D 242 51.14 3.11 -2.71
CA ASN D 242 52.58 3.16 -2.86
C ASN D 242 53.08 4.59 -3.07
N SER D 243 52.63 5.52 -2.23
CA SER D 243 52.94 6.93 -2.39
C SER D 243 54.44 7.19 -2.37
N GLY D 244 54.88 8.15 -3.17
CA GLY D 244 56.30 8.50 -3.26
C GLY D 244 56.99 8.13 -4.56
N ILE D 245 56.42 7.15 -5.28
CA ILE D 245 57.05 6.70 -6.52
C ILE D 245 56.43 7.44 -7.70
N GLU D 246 57.28 7.79 -8.67
CA GLU D 246 56.88 8.49 -9.88
C GLU D 246 56.93 7.49 -11.04
N ILE D 247 55.85 7.43 -11.81
CA ILE D 247 55.77 6.57 -12.98
C ILE D 247 55.91 7.44 -14.23
N ASP D 248 56.82 7.04 -15.12
CA ASP D 248 57.06 7.77 -16.35
C ASP D 248 57.34 6.76 -17.46
N SER D 249 57.20 7.23 -18.70
CA SER D 249 57.38 6.38 -19.87
C SER D 249 58.34 7.03 -20.84
N ILE D 250 59.30 6.24 -21.32
CA ILE D 250 60.21 6.66 -22.39
C ILE D 250 60.21 5.59 -23.46
N ALA D 251 60.58 5.98 -24.68
CA ALA D 251 60.45 5.13 -25.85
C ALA D 251 61.63 4.19 -26.05
N GLU D 252 62.62 4.22 -25.14
CA GLU D 252 63.81 3.39 -25.28
C GLU D 252 63.60 1.96 -24.85
N LEU D 253 62.48 1.63 -24.20
CA LEU D 253 62.19 0.26 -23.82
C LEU D 253 61.23 -0.44 -24.78
N GLU D 254 60.88 0.19 -25.90
CA GLU D 254 60.04 -0.47 -26.88
C GLU D 254 60.80 -1.56 -27.62
N ASP D 255 62.13 -1.44 -27.72
CA ASP D 255 63.00 -2.39 -28.42
C ASP D 255 64.28 -2.51 -27.62
N ILE D 256 64.37 -3.55 -26.78
CA ILE D 256 65.49 -3.65 -25.85
C ILE D 256 66.75 -4.11 -26.58
N ASP D 257 66.75 -5.35 -27.09
CA ASP D 257 67.99 -5.83 -27.71
C ASP D 257 68.05 -5.53 -29.20
N GLY D 258 67.29 -6.27 -30.01
CA GLY D 258 67.19 -5.98 -31.42
C GLY D 258 65.83 -6.24 -32.04
N ALA D 259 64.96 -6.96 -31.32
CA ALA D 259 63.81 -7.58 -31.95
C ALA D 259 62.50 -6.88 -31.61
N GLY D 260 62.40 -6.32 -30.41
CA GLY D 260 61.17 -5.71 -29.97
C GLY D 260 60.76 -6.19 -28.59
N THR D 261 61.69 -6.80 -27.88
CA THR D 261 61.47 -7.13 -26.48
C THR D 261 61.33 -5.85 -25.66
N LYS D 262 60.38 -5.87 -24.73
CA LYS D 262 60.06 -4.71 -23.92
C LYS D 262 60.46 -4.98 -22.47
N GLY D 263 60.72 -3.89 -21.74
CA GLY D 263 61.16 -4.02 -20.36
C GLY D 263 60.64 -2.90 -19.49
N VAL D 264 60.76 -3.11 -18.19
CA VAL D 264 60.37 -2.12 -17.18
C VAL D 264 61.51 -2.02 -16.17
N LEU D 265 61.87 -0.79 -15.83
CA LEU D 265 62.98 -0.51 -14.92
C LEU D 265 62.43 0.03 -13.61
N VAL D 266 62.79 -0.63 -12.50
CA VAL D 266 62.49 -0.16 -11.15
C VAL D 266 63.83 0.05 -10.46
N TYR D 267 64.06 1.26 -9.96
CA TYR D 267 65.37 1.61 -9.43
C TYR D 267 65.23 2.79 -8.49
N GLU D 268 66.35 3.16 -7.87
CA GLU D 268 66.45 4.35 -7.04
C GLU D 268 67.42 5.34 -7.67
N LYS D 269 67.03 6.62 -7.69
CA LYS D 269 67.87 7.63 -8.29
C LYS D 269 68.80 8.25 -7.26
N ASN D 270 70.09 7.99 -7.38
CA ASN D 270 71.07 8.54 -6.44
C ASN D 270 72.40 8.75 -7.12
N PRO D 271 72.92 9.98 -7.05
CA PRO D 271 74.23 10.25 -7.65
C PRO D 271 75.26 9.31 -7.05
N MET D 272 75.01 8.85 -5.83
CA MET D 272 75.94 7.94 -5.17
C MET D 272 75.76 6.49 -5.60
N ASN D 273 74.81 6.21 -6.50
CA ASN D 273 74.55 4.87 -6.99
C ASN D 273 74.86 4.69 -8.47
N MET D 274 74.62 5.71 -9.29
CA MET D 274 74.89 5.66 -10.72
C MET D 274 75.15 7.08 -11.19
N SER D 275 75.86 7.20 -12.31
CA SER D 275 76.20 8.51 -12.83
C SER D 275 76.70 8.45 -14.28
N ILE D 276 76.48 9.53 -15.03
CA ILE D 276 77.07 9.73 -16.34
C ILE D 276 77.75 11.09 -16.34
N GLU D 277 78.88 11.19 -17.04
CA GLU D 277 79.73 12.39 -17.00
C GLU D 277 80.12 12.80 -18.41
N ILE D 278 80.31 14.10 -18.61
CA ILE D 278 80.84 14.63 -19.86
C ILE D 278 82.00 15.55 -19.53
N PRO D 279 83.23 15.03 -19.40
CA PRO D 279 84.38 15.89 -19.07
C PRO D 279 84.59 17.03 -20.06
N GLU D 280 84.37 16.83 -21.36
CA GLU D 280 84.59 17.89 -22.34
C GLU D 280 83.37 17.97 -23.24
N ALA D 281 82.85 19.18 -23.44
CA ALA D 281 81.64 19.37 -24.22
C ALA D 281 81.97 19.49 -25.71
N PHE D 282 80.92 19.71 -26.51
CA PHE D 282 81.06 19.82 -27.95
C PHE D 282 81.90 21.03 -28.32
N ASN D 283 82.95 20.80 -29.13
CA ASN D 283 83.83 21.84 -29.60
C ASN D 283 84.00 21.74 -31.10
N MET D 284 84.11 22.89 -31.76
CA MET D 284 84.34 22.96 -33.20
C MET D 284 85.72 23.57 -33.43
N LEU D 285 86.62 22.76 -33.98
CA LEU D 285 87.98 23.21 -34.26
C LEU D 285 87.96 24.23 -35.40
N PRO D 286 88.94 25.12 -35.45
CA PRO D 286 89.00 26.09 -36.55
C PRO D 286 89.12 25.41 -37.90
N ALA D 287 88.49 26.02 -38.89
CA ALA D 287 88.47 25.45 -40.23
C ALA D 287 89.87 25.40 -40.83
N GLN D 288 90.16 24.32 -41.55
CA GLN D 288 91.44 24.14 -42.22
C GLN D 288 91.25 24.44 -43.69
N PRO D 289 91.74 25.59 -44.19
CA PRO D 289 91.42 25.98 -45.56
C PRO D 289 92.06 25.06 -46.59
N LYS D 290 91.35 24.87 -47.69
CA LYS D 290 91.85 24.18 -48.87
C LYS D 290 91.48 25.01 -50.09
N ASP D 291 91.66 24.44 -51.28
CA ASP D 291 91.39 25.21 -52.50
C ASP D 291 89.90 25.51 -52.63
N LEU D 292 89.53 26.76 -52.35
CA LEU D 292 88.17 27.27 -52.55
C LEU D 292 87.13 26.50 -51.72
N HIS D 293 87.61 25.74 -50.73
CA HIS D 293 86.72 25.05 -49.81
C HIS D 293 87.44 24.69 -48.52
N PHE D 294 86.69 24.40 -47.46
CA PHE D 294 87.25 24.25 -46.12
C PHE D 294 86.87 22.89 -45.57
N LYS D 295 87.20 22.67 -44.29
CA LYS D 295 86.86 21.44 -43.59
C LYS D 295 86.92 21.74 -42.08
N VAL D 296 85.80 21.56 -41.40
CA VAL D 296 85.67 21.92 -39.99
C VAL D 296 85.49 20.63 -39.18
N PRO D 297 86.49 20.20 -38.39
CA PRO D 297 86.31 19.01 -37.55
C PRO D 297 85.65 19.33 -36.21
N CYS D 298 85.08 18.30 -35.58
CA CYS D 298 84.41 18.44 -34.28
C CYS D 298 84.81 17.28 -33.38
N THR D 299 84.73 17.51 -32.07
CA THR D 299 85.14 16.49 -31.10
C THR D 299 84.47 16.77 -29.76
N SER D 300 84.41 15.72 -28.93
CA SER D 300 83.86 15.78 -27.58
C SER D 300 84.20 14.48 -26.87
N LYS D 301 84.01 14.47 -25.56
CA LYS D 301 84.31 13.29 -24.74
C LYS D 301 83.12 12.92 -23.87
N CYS D 302 83.07 11.63 -23.51
CA CYS D 302 82.03 11.09 -22.65
C CYS D 302 82.54 9.79 -22.04
N THR D 303 81.81 9.31 -21.04
CA THR D 303 82.20 8.07 -20.37
C THR D 303 81.13 6.99 -20.51
N GLY D 304 79.88 7.34 -20.25
CA GLY D 304 78.80 6.37 -20.25
C GLY D 304 78.16 6.30 -18.88
N LEU D 305 77.44 5.20 -18.65
CA LEU D 305 76.76 4.97 -17.38
C LEU D 305 77.58 4.00 -16.54
N THR D 306 77.90 4.42 -15.32
CA THR D 306 78.64 3.59 -14.37
C THR D 306 77.73 3.32 -13.18
N ILE D 307 77.58 2.04 -12.84
CA ILE D 307 76.78 1.62 -11.69
C ILE D 307 77.73 1.29 -10.55
N TYR D 308 77.47 1.84 -9.37
CA TYR D 308 78.36 1.66 -8.24
C TYR D 308 77.85 0.63 -7.24
N ARG D 309 76.54 0.46 -7.16
CA ARG D 309 75.97 -0.52 -6.25
C ARG D 309 74.98 -1.37 -7.02
N PRO D 310 75.49 -2.19 -7.96
CA PRO D 310 74.67 -2.88 -8.95
C PRO D 310 73.66 -3.77 -8.26
N MET D 311 72.56 -3.19 -7.80
CA MET D 311 71.55 -3.94 -7.09
C MET D 311 70.33 -3.06 -6.95
N THR D 312 70.57 -1.76 -6.76
CA THR D 312 69.46 -0.82 -6.67
C THR D 312 68.68 -0.75 -7.97
N ILE D 313 68.91 -1.68 -8.89
CA ILE D 313 68.24 -1.69 -10.19
C ILE D 313 67.63 -3.06 -10.42
N VAL D 314 66.36 -3.08 -10.80
CA VAL D 314 65.66 -4.30 -11.15
C VAL D 314 65.06 -4.14 -12.54
N LEU D 315 65.33 -5.09 -13.43
CA LEU D 315 64.83 -5.06 -14.79
C LEU D 315 63.83 -6.19 -14.98
N ILE D 316 62.66 -5.86 -15.52
CA ILE D 316 61.61 -6.83 -15.80
C ILE D 316 61.62 -7.10 -17.30
N THR D 317 62.07 -8.29 -17.69
CA THR D 317 62.27 -8.63 -19.09
C THR D 317 61.10 -9.47 -19.59
N GLY D 318 60.63 -9.17 -20.79
CA GLY D 318 59.58 -9.93 -21.45
C GLY D 318 58.22 -9.29 -21.41
N VAL D 319 58.10 -8.09 -20.87
CA VAL D 319 56.82 -7.39 -20.82
C VAL D 319 56.36 -7.00 -22.22
N ALA E 27 113.92 -6.81 -24.02
CA ALA E 27 114.41 -6.71 -22.65
C ALA E 27 114.52 -5.26 -22.21
N ALA E 28 114.87 -4.38 -23.14
CA ALA E 28 114.99 -2.97 -22.85
C ALA E 28 113.63 -2.36 -22.57
N ALA E 29 113.63 -1.25 -21.84
CA ALA E 29 112.41 -0.56 -21.44
C ALA E 29 112.08 0.52 -22.46
N THR E 30 110.85 0.45 -23.00
CA THR E 30 110.35 1.42 -23.96
C THR E 30 108.98 1.88 -23.48
N MET E 31 108.95 2.92 -22.66
CA MET E 31 107.73 3.41 -22.05
C MET E 31 107.60 4.91 -22.29
N GLY E 32 106.40 5.44 -22.02
CA GLY E 32 106.14 6.83 -22.22
C GLY E 32 106.67 7.72 -21.10
N ILE E 33 106.53 9.03 -21.29
CA ILE E 33 107.02 9.98 -20.30
C ILE E 33 106.17 9.94 -19.04
N TRP E 34 104.86 9.91 -19.19
CA TRP E 34 103.94 9.96 -18.06
C TRP E 34 103.60 8.55 -17.58
N THR E 35 103.25 8.46 -16.30
CA THR E 35 102.90 7.19 -15.66
C THR E 35 101.40 7.12 -15.45
N ALA E 36 100.94 5.96 -14.98
CA ALA E 36 99.52 5.74 -14.77
C ALA E 36 98.98 6.61 -13.64
N GLN E 37 99.77 6.78 -12.57
CA GLN E 37 99.29 7.52 -11.42
C GLN E 37 99.07 9.00 -11.72
N GLU E 38 99.82 9.55 -12.69
CA GLU E 38 99.67 10.96 -13.00
C GLU E 38 98.35 11.27 -13.71
N LEU E 39 97.73 10.28 -14.32
CA LEU E 39 96.45 10.44 -14.99
C LEU E 39 95.38 9.59 -14.31
N HIS E 40 95.37 9.58 -12.99
CA HIS E 40 94.47 8.78 -12.19
C HIS E 40 93.79 9.66 -11.15
N ARG E 41 92.56 9.29 -10.80
CA ARG E 41 91.77 10.03 -9.83
C ARG E 41 91.14 9.06 -8.84
N ILE E 42 91.10 9.44 -7.58
CA ILE E 42 90.48 8.64 -6.52
C ILE E 42 89.23 9.38 -6.06
N LYS E 43 88.07 8.73 -6.17
CA LYS E 43 86.82 9.36 -5.81
C LYS E 43 86.76 9.59 -4.29
N SER E 44 86.14 10.71 -3.91
CA SER E 44 86.07 11.08 -2.50
C SER E 44 85.21 10.10 -1.71
N GLN E 45 84.11 9.64 -2.30
CA GLN E 45 83.20 8.74 -1.60
C GLN E 45 83.84 7.39 -1.32
N SER E 46 83.51 6.82 -0.17
CA SER E 46 83.93 5.49 0.21
C SER E 46 82.73 4.72 0.74
N TYR E 47 82.72 3.41 0.48
CA TYR E 47 81.61 2.54 0.86
C TYR E 47 82.02 1.65 2.01
N GLU E 48 81.08 1.32 2.88
CA GLU E 48 81.31 0.40 3.98
C GLU E 48 80.18 -0.62 4.02
N GLU E 49 80.53 -1.89 4.25
CA GLU E 49 79.53 -2.93 4.28
C GLU E 49 78.67 -2.83 5.54
N ASP E 50 77.50 -3.47 5.50
CA ASP E 50 76.51 -3.36 6.55
C ASP E 50 76.43 -4.64 7.35
N TYR E 51 76.22 -4.51 8.67
CA TYR E 51 76.06 -5.64 9.56
C TYR E 51 75.01 -5.28 10.60
N PRO E 52 73.73 -5.49 10.28
CA PRO E 52 72.68 -5.17 11.25
C PRO E 52 72.78 -6.03 12.50
N VAL E 53 72.34 -5.46 13.62
CA VAL E 53 72.37 -6.14 14.90
C VAL E 53 71.15 -7.05 15.01
N GLY E 54 69.97 -6.47 14.94
CA GLY E 54 68.74 -7.25 15.02
C GLY E 54 67.65 -6.47 15.72
N SER E 55 66.69 -7.21 16.27
CA SER E 55 65.53 -6.60 16.90
C SER E 55 65.16 -7.25 18.23
N ALA E 56 66.11 -7.86 18.94
CA ALA E 56 65.79 -8.48 20.22
C ALA E 56 65.35 -7.45 21.24
N LEU E 57 66.04 -6.31 21.30
CA LEU E 57 65.72 -5.31 22.32
C LEU E 57 64.48 -4.51 21.97
N ARG E 58 64.22 -4.31 20.68
CA ARG E 58 63.09 -3.46 20.29
C ARG E 58 61.76 -4.15 20.50
N VAL E 59 61.67 -5.44 20.16
CA VAL E 59 60.39 -6.13 20.20
C VAL E 59 60.08 -6.78 21.54
N PHE E 60 61.01 -6.74 22.50
CA PHE E 60 60.78 -7.30 23.82
C PHE E 60 61.11 -6.26 24.88
N PRO E 61 60.37 -6.25 26.00
CA PRO E 61 60.61 -5.23 27.02
C PRO E 61 61.96 -5.38 27.69
N VAL E 62 62.48 -4.26 28.18
CA VAL E 62 63.75 -4.20 28.89
C VAL E 62 63.49 -3.68 30.30
N THR E 63 63.96 -4.41 31.29
CA THR E 63 63.77 -4.09 32.70
C THR E 63 65.12 -3.84 33.36
N THR E 64 65.09 -3.08 34.46
CA THR E 64 66.31 -2.68 35.16
C THR E 64 66.24 -2.96 36.66
N GLU E 65 65.66 -4.08 37.06
CA GLU E 65 65.61 -4.40 38.49
C GLU E 65 66.97 -4.85 39.02
N LEU E 66 67.66 -5.70 38.25
CA LEU E 66 68.86 -6.34 38.76
C LEU E 66 70.02 -5.35 38.88
N SER E 67 70.70 -5.39 40.02
CA SER E 67 71.93 -4.65 40.21
C SER E 67 73.10 -5.44 39.63
N PRO E 68 74.23 -4.79 39.36
CA PRO E 68 75.34 -5.50 38.70
C PRO E 68 75.86 -6.70 39.49
N THR E 69 75.79 -6.68 40.82
CA THR E 69 76.43 -7.73 41.62
C THR E 69 75.54 -8.95 41.82
N ASP E 70 74.29 -8.93 41.39
CA ASP E 70 73.43 -10.09 41.58
C ASP E 70 73.82 -11.23 40.65
N LYS E 71 73.59 -12.46 41.10
CA LYS E 71 73.80 -13.65 40.28
C LYS E 71 72.51 -14.43 40.05
N THR E 72 71.45 -14.14 40.79
CA THR E 72 70.20 -14.88 40.70
C THR E 72 69.05 -13.93 40.98
N PHE E 73 67.83 -14.40 40.67
CA PHE E 73 66.61 -13.69 41.02
C PHE E 73 65.48 -14.69 41.13
N GLU E 74 64.37 -14.25 41.74
CA GLU E 74 63.28 -15.16 42.07
C GLU E 74 61.94 -14.42 42.04
N TYR E 75 60.90 -15.11 41.56
CA TYR E 75 59.54 -14.60 41.60
C TYR E 75 58.61 -15.71 42.08
N MET E 76 57.49 -15.34 42.70
CA MET E 76 56.59 -16.29 43.34
C MET E 76 55.17 -16.11 42.85
N THR E 77 54.39 -17.20 42.88
CA THR E 77 52.98 -17.20 42.51
C THR E 77 52.17 -17.95 43.55
N PHE E 78 50.86 -17.71 43.57
CA PHE E 78 49.94 -18.35 44.50
C PHE E 78 48.65 -18.73 43.78
N ASP E 79 47.86 -19.58 44.44
CA ASP E 79 46.52 -19.93 43.97
C ASP E 79 45.71 -20.45 45.15
N LYS E 80 44.52 -20.99 44.87
CA LYS E 80 43.56 -21.38 45.89
C LYS E 80 42.82 -22.65 45.49
N VAL E 81 42.21 -23.29 46.49
CA VAL E 81 41.48 -24.54 46.30
C VAL E 81 40.30 -24.59 47.28
N GLY E 82 39.13 -25.01 46.81
CA GLY E 82 37.98 -25.12 47.69
C GLY E 82 36.77 -25.64 46.94
N THR E 83 35.70 -25.85 47.71
CA THR E 83 34.44 -26.36 47.17
C THR E 83 33.30 -26.03 48.13
N ALA E 84 32.10 -26.43 47.75
CA ALA E 84 30.91 -26.23 48.57
C ALA E 84 29.85 -27.25 48.17
N GLN E 85 28.87 -27.45 49.05
CA GLN E 85 27.83 -28.45 48.84
C GLN E 85 26.50 -27.97 49.38
N ILE E 86 25.42 -28.59 48.91
CA ILE E 86 24.07 -28.31 49.39
C ILE E 86 23.83 -29.14 50.65
N ILE E 87 23.52 -28.47 51.75
CA ILE E 87 23.44 -29.11 53.06
C ILE E 87 22.08 -28.83 53.68
N ALA E 88 21.76 -29.62 54.70
CA ALA E 88 20.60 -29.40 55.54
C ALA E 88 21.04 -29.01 56.94
N ASP E 89 20.06 -28.64 57.78
CA ASP E 89 20.39 -28.27 59.15
C ASP E 89 20.87 -29.50 59.92
N TYR E 90 21.45 -29.26 61.10
CA TYR E 90 22.05 -30.31 61.92
C TYR E 90 23.15 -31.04 61.15
N THR E 91 24.07 -30.27 60.58
CA THR E 91 25.13 -30.81 59.75
C THR E 91 26.47 -30.61 60.44
N ASP E 92 27.29 -31.67 60.45
CA ASP E 92 28.66 -31.58 60.91
C ASP E 92 29.69 -31.75 59.80
N ASP E 93 29.29 -32.30 58.67
CA ASP E 93 30.18 -32.41 57.52
C ASP E 93 30.11 -31.20 56.60
N LEU E 94 31.18 -30.43 56.58
CA LEU E 94 31.29 -29.21 55.80
C LEU E 94 32.62 -29.21 55.04
N PRO E 95 32.62 -28.83 53.77
CA PRO E 95 33.87 -28.83 52.99
C PRO E 95 34.84 -27.78 53.50
N LEU E 96 36.12 -27.97 53.14
CA LEU E 96 37.20 -27.13 53.61
C LEU E 96 37.97 -26.54 52.44
N VAL E 97 38.72 -25.48 52.72
CA VAL E 97 39.52 -24.80 51.70
C VAL E 97 40.96 -24.69 52.20
N ASP E 98 41.86 -24.32 51.29
CA ASP E 98 43.28 -24.22 51.59
C ASP E 98 43.94 -23.29 50.58
N ALA E 99 45.27 -23.26 50.59
CA ALA E 99 46.03 -22.41 49.69
C ALA E 99 47.44 -22.97 49.53
N LEU E 100 48.14 -22.51 48.50
CA LEU E 100 49.48 -23.01 48.20
C LEU E 100 50.26 -22.07 47.28
N GLY E 101 51.58 -21.99 47.45
CA GLY E 101 52.42 -21.16 46.62
C GLY E 101 53.57 -21.92 45.99
N THR E 102 54.36 -21.20 45.19
CA THR E 102 55.53 -21.75 44.52
C THR E 102 56.47 -20.61 44.14
N SER E 103 57.59 -20.95 43.50
CA SER E 103 58.59 -19.96 43.11
C SER E 103 59.48 -20.53 42.02
N GLU E 104 60.21 -19.63 41.35
CA GLU E 104 61.12 -19.99 40.26
C GLU E 104 62.29 -19.01 40.26
N PHE E 105 63.38 -19.39 39.58
CA PHE E 105 64.65 -18.68 39.67
C PHE E 105 65.20 -18.36 38.28
N GLY E 106 66.38 -17.72 38.28
CA GLY E 106 67.06 -17.33 37.05
C GLY E 106 68.52 -17.02 37.34
N LYS E 107 69.27 -16.78 36.26
CA LYS E 107 70.73 -16.59 36.36
C LYS E 107 71.18 -15.44 35.47
N VAL E 108 72.44 -15.05 35.64
CA VAL E 108 73.07 -13.96 34.91
C VAL E 108 74.43 -14.43 34.38
N PHE E 109 74.85 -13.86 33.25
CA PHE E 109 76.08 -14.27 32.57
C PHE E 109 76.92 -13.05 32.20
N ARG E 110 78.12 -13.31 31.68
CA ARG E 110 79.09 -12.28 31.34
C ARG E 110 79.75 -12.59 30.00
N LEU E 111 80.12 -11.53 29.27
CA LEU E 111 80.74 -11.66 27.95
C LEU E 111 82.04 -10.86 27.91
N GLY E 112 82.86 -11.11 26.89
CA GLY E 112 84.10 -10.37 26.74
C GLY E 112 84.83 -10.69 25.46
N ASN E 113 85.69 -9.77 25.04
CA ASN E 113 86.58 -9.94 23.89
C ASN E 113 87.70 -8.91 24.01
N ALA E 114 88.60 -8.90 23.02
CA ALA E 114 89.77 -8.01 23.09
C ALA E 114 90.30 -7.78 21.68
N TYR E 115 91.35 -6.97 21.57
CA TYR E 115 92.00 -6.67 20.29
C TYR E 115 93.43 -6.18 20.50
N LEU E 116 94.26 -6.23 19.47
CA LEU E 116 95.67 -5.86 19.57
C LEU E 116 96.02 -4.76 18.56
N ILE E 117 97.09 -4.03 18.85
CA ILE E 117 97.62 -2.99 17.97
C ILE E 117 99.03 -2.64 18.41
N SER E 118 99.82 -2.16 17.46
CA SER E 118 101.22 -1.82 17.71
C SER E 118 101.46 -0.32 17.49
N ILE E 119 102.69 0.12 17.75
CA ILE E 119 103.04 1.53 17.64
C ILE E 119 103.08 1.99 16.19
N ASP E 120 103.64 1.18 15.29
CA ASP E 120 103.76 1.58 13.89
C ASP E 120 102.40 1.79 13.25
N GLU E 121 101.45 0.92 13.57
CA GLU E 121 100.10 1.08 13.04
C GLU E 121 99.44 2.35 13.57
N ILE E 122 99.67 2.67 14.83
CA ILE E 122 99.14 3.89 15.42
C ILE E 122 99.70 5.11 14.69
N LYS E 123 101.01 5.12 14.47
CA LYS E 123 101.64 6.25 13.79
C LYS E 123 101.16 6.38 12.35
N ALA E 124 100.99 5.25 11.66
CA ALA E 124 100.48 5.29 10.30
C ALA E 124 99.05 5.80 10.25
N GLY E 125 98.21 5.38 11.19
CA GLY E 125 96.85 5.87 11.27
C GLY E 125 96.78 7.36 11.54
N GLN E 126 97.63 7.86 12.44
CA GLN E 126 97.63 9.29 12.73
C GLN E 126 98.17 10.11 11.57
N ALA E 127 98.91 9.49 10.66
CA ALA E 127 99.54 10.18 9.55
C ALA E 127 98.73 10.11 8.25
N THR E 128 97.62 9.37 8.25
CA THR E 128 96.80 9.25 7.05
C THR E 128 95.31 9.48 7.29
N GLY E 129 94.87 9.73 8.51
CA GLY E 129 93.47 10.00 8.77
C GLY E 129 92.59 8.77 8.75
N ARG E 130 93.16 7.58 8.90
CA ARG E 130 92.40 6.33 8.97
C ARG E 130 92.84 5.52 10.18
N PRO E 131 92.31 5.86 11.35
CA PRO E 131 92.66 5.08 12.56
C PRO E 131 92.21 3.63 12.47
N LEU E 132 93.01 2.72 13.04
CA LEU E 132 92.63 1.31 13.07
C LEU E 132 91.94 0.96 14.39
N SER E 133 92.28 1.68 15.45
CA SER E 133 91.71 1.41 16.77
C SER E 133 90.20 1.61 16.76
N THR E 134 89.73 2.67 16.08
CA THR E 134 88.30 2.93 16.03
C THR E 134 87.54 1.78 15.35
N ARG E 135 88.07 1.30 14.22
CA ARG E 135 87.43 0.19 13.52
C ARG E 135 87.43 -1.07 14.36
N LYS E 136 88.56 -1.36 15.01
CA LYS E 136 88.62 -2.57 15.84
C LYS E 136 87.66 -2.48 17.03
N ALA E 137 87.56 -1.30 17.65
CA ALA E 137 86.62 -1.14 18.75
C ALA E 137 85.17 -1.27 18.29
N SER E 138 84.85 -0.72 17.11
CA SER E 138 83.50 -0.88 16.58
C SER E 138 83.18 -2.34 16.32
N ALA E 139 84.14 -3.08 15.77
CA ALA E 139 83.95 -4.52 15.57
C ALA E 139 83.74 -5.23 16.91
N CYS E 140 84.50 -4.84 17.93
CA CYS E 140 84.35 -5.44 19.26
C CYS E 140 82.94 -5.22 19.81
N GLN E 141 82.42 -4.00 19.68
CA GLN E 141 81.09 -3.70 20.19
C GLN E 141 80.01 -4.44 19.40
N LEU E 142 80.17 -4.50 18.07
CA LEU E 142 79.23 -5.20 17.23
C LEU E 142 79.18 -6.68 17.59
N ALA E 143 80.34 -7.25 17.95
CA ALA E 143 80.39 -8.65 18.36
C ALA E 143 79.54 -8.89 19.60
N HIS E 144 79.64 -8.00 20.59
CA HIS E 144 78.83 -8.13 21.80
C HIS E 144 77.34 -8.03 21.48
N ASP E 145 76.96 -7.05 20.66
CA ASP E 145 75.54 -6.88 20.33
C ASP E 145 75.00 -8.11 19.61
N GLN E 146 75.75 -8.62 18.64
CA GLN E 146 75.28 -9.79 17.90
C GLN E 146 75.26 -11.04 18.77
N LEU E 147 76.19 -11.16 19.73
CA LEU E 147 76.15 -12.29 20.66
C LEU E 147 74.89 -12.23 21.53
N VAL E 148 74.53 -11.03 21.99
CA VAL E 148 73.30 -10.89 22.77
C VAL E 148 72.10 -11.30 21.92
N ASN E 149 72.07 -10.85 20.66
CA ASN E 149 70.97 -11.25 19.76
C ASN E 149 70.92 -12.75 19.56
N ARG E 150 72.07 -13.39 19.37
CA ARG E 150 72.11 -14.83 19.18
C ARG E 150 71.60 -15.56 20.43
N LEU E 151 72.00 -15.09 21.61
CA LEU E 151 71.52 -15.68 22.85
C LEU E 151 70.00 -15.56 22.96
N VAL E 152 69.47 -14.40 22.58
CA VAL E 152 68.02 -14.18 22.71
C VAL E 152 67.24 -15.06 21.74
N PHE E 153 67.66 -15.11 20.48
CA PHE E 153 66.83 -15.73 19.45
C PHE E 153 67.19 -17.19 19.16
N LYS E 154 68.34 -17.68 19.61
CA LYS E 154 68.71 -19.07 19.37
C LYS E 154 69.12 -19.84 20.61
N GLY E 155 69.70 -19.20 21.63
CA GLY E 155 70.07 -19.89 22.85
C GLY E 155 71.26 -20.81 22.68
N SER E 156 71.89 -21.19 23.79
CA SER E 156 73.02 -22.11 23.77
C SER E 156 72.70 -23.35 24.60
N ALA E 157 72.94 -24.52 23.99
CA ALA E 157 72.64 -25.79 24.62
C ALA E 157 73.56 -26.10 25.80
N PRO E 158 74.90 -26.03 25.67
CA PRO E 158 75.76 -26.35 26.82
C PRO E 158 75.55 -25.44 28.02
N HIS E 159 75.15 -24.20 27.80
CA HIS E 159 74.94 -23.25 28.89
C HIS E 159 73.53 -23.31 29.48
N LYS E 160 72.67 -24.17 28.93
CA LYS E 160 71.30 -24.35 29.40
C LYS E 160 70.50 -23.06 29.34
N ILE E 161 70.44 -22.45 28.15
CA ILE E 161 69.59 -21.30 27.88
C ILE E 161 68.61 -21.70 26.79
N VAL E 162 67.33 -21.45 27.01
CA VAL E 162 66.27 -21.82 26.08
C VAL E 162 65.93 -20.62 25.22
N SER E 163 65.77 -20.87 23.91
CA SER E 163 65.40 -19.81 22.98
C SER E 163 63.91 -19.53 23.05
N VAL E 164 63.48 -18.55 22.26
CA VAL E 164 62.06 -18.21 22.19
C VAL E 164 61.27 -19.34 21.55
N PHE E 165 61.79 -19.91 20.46
CA PHE E 165 61.06 -20.92 19.71
C PHE E 165 61.15 -22.31 20.33
N ASN E 166 62.10 -22.57 21.24
CA ASN E 166 62.29 -23.92 21.75
C ASN E 166 61.77 -24.10 23.17
N HIS E 167 61.03 -23.14 23.70
CA HIS E 167 60.55 -23.26 25.07
C HIS E 167 59.40 -24.26 25.15
N PRO E 168 59.41 -25.15 26.15
CA PRO E 168 58.40 -26.20 26.23
C PRO E 168 56.98 -25.70 26.48
N ASN E 169 56.79 -24.82 27.45
CA ASN E 169 55.46 -24.41 27.87
C ASN E 169 55.03 -23.15 27.13
N ILE E 170 54.89 -23.28 25.81
CA ILE E 170 54.25 -22.26 24.99
C ILE E 170 53.32 -22.97 24.01
N THR E 171 52.37 -22.23 23.47
CA THR E 171 51.39 -22.77 22.54
C THR E 171 51.96 -22.76 21.12
N LYS E 172 51.94 -23.92 20.48
CA LYS E 172 52.43 -24.08 19.12
C LYS E 172 51.30 -24.58 18.22
N ILE E 173 51.20 -23.99 17.03
CA ILE E 173 50.14 -24.31 16.08
C ILE E 173 50.80 -24.71 14.77
N THR E 174 50.50 -25.92 14.30
CA THR E 174 50.96 -26.33 12.99
C THR E 174 50.05 -25.77 11.91
N SER E 175 50.66 -25.16 10.90
CA SER E 175 49.90 -24.42 9.89
C SER E 175 50.10 -25.05 8.52
N GLY E 176 49.05 -24.99 7.72
CA GLY E 176 49.18 -25.29 6.30
C GLY E 176 49.95 -24.18 5.63
N LYS E 177 50.73 -24.53 4.60
CA LYS E 177 51.62 -23.56 3.96
C LYS E 177 50.85 -22.36 3.42
N TRP E 178 51.32 -21.15 3.73
CA TRP E 178 50.75 -19.96 3.12
C TRP E 178 51.11 -19.86 1.65
N ILE E 179 52.25 -20.43 1.24
CA ILE E 179 52.63 -20.51 -0.17
C ILE E 179 53.05 -21.95 -0.46
N ASP E 180 52.14 -22.73 -1.04
CA ASP E 180 52.43 -24.12 -1.34
C ASP E 180 53.08 -24.18 -2.71
N VAL E 181 54.23 -24.85 -2.79
CA VAL E 181 55.14 -24.80 -3.95
C VAL E 181 55.26 -23.36 -4.44
N SER E 182 54.30 -22.91 -5.24
CA SER E 182 54.32 -21.54 -5.75
C SER E 182 52.99 -20.81 -5.65
N THR E 183 51.89 -21.51 -5.34
CA THR E 183 50.58 -20.87 -5.25
C THR E 183 50.43 -20.21 -3.88
N MET E 184 49.79 -19.05 -3.86
CA MET E 184 49.58 -18.30 -2.63
C MET E 184 48.16 -18.52 -2.13
N LYS E 185 48.02 -18.80 -0.83
CA LYS E 185 46.71 -18.85 -0.20
C LYS E 185 46.54 -17.65 0.72
N PRO E 186 45.82 -16.62 0.30
CA PRO E 186 45.62 -15.44 1.15
C PRO E 186 44.45 -15.54 2.12
N GLU E 187 43.69 -16.64 2.11
CA GLU E 187 42.57 -16.81 3.03
C GLU E 187 42.91 -17.66 4.24
N THR E 188 43.91 -18.55 4.15
CA THR E 188 44.34 -19.30 5.32
C THR E 188 45.06 -18.43 6.34
N ALA E 189 45.77 -17.40 5.87
CA ALA E 189 46.51 -16.53 6.79
C ALA E 189 45.58 -15.82 7.76
N GLU E 190 44.47 -15.27 7.24
CA GLU E 190 43.52 -14.59 8.11
C GLU E 190 42.90 -15.54 9.12
N ALA E 191 42.54 -16.75 8.68
CA ALA E 191 41.95 -17.73 9.58
C ALA E 191 42.91 -18.11 10.69
N GLU E 192 44.18 -18.35 10.33
CA GLU E 192 45.16 -18.75 11.32
C GLU E 192 45.47 -17.62 12.30
N LEU E 193 45.56 -16.38 11.80
CA LEU E 193 45.78 -15.25 12.69
C LEU E 193 44.62 -15.07 13.67
N THR E 194 43.39 -15.18 13.17
CA THR E 194 42.23 -15.06 14.05
C THR E 194 42.22 -16.18 15.09
N GLN E 195 42.53 -17.41 14.68
CA GLN E 195 42.58 -18.51 15.64
C GLN E 195 43.66 -18.29 16.70
N ALA E 196 44.84 -17.85 16.31
CA ALA E 196 45.91 -17.55 17.25
C ALA E 196 45.55 -16.42 18.20
N ILE E 197 44.82 -15.41 17.73
CA ILE E 197 44.37 -14.33 18.59
C ILE E 197 43.35 -14.88 19.58
N GLU E 198 42.47 -15.77 19.12
CA GLU E 198 41.43 -16.30 20.00
C GLU E 198 42.01 -17.18 21.09
N THR E 199 43.03 -17.97 20.77
CA THR E 199 43.55 -18.93 21.75
C THR E 199 44.08 -18.23 23.00
N ILE E 200 44.82 -17.13 22.82
CA ILE E 200 45.39 -16.43 23.96
C ILE E 200 44.29 -15.92 24.88
N GLU E 201 43.26 -15.30 24.29
CA GLU E 201 42.18 -14.73 25.09
C GLU E 201 41.41 -15.84 25.81
N THR E 202 41.14 -16.95 25.12
CA THR E 202 40.38 -18.03 25.74
C THR E 202 41.15 -18.67 26.88
N ILE E 203 42.45 -18.90 26.69
CA ILE E 203 43.23 -19.60 27.71
C ILE E 203 43.49 -18.70 28.91
N THR E 204 43.86 -17.44 28.65
CA THR E 204 44.10 -16.51 29.76
C THR E 204 42.80 -15.91 30.29
N ARG E 205 41.66 -16.23 29.68
CA ARG E 205 40.34 -15.89 30.17
C ARG E 205 40.14 -14.39 30.37
N GLY E 206 40.60 -13.59 29.41
CA GLY E 206 40.31 -12.17 29.40
C GLY E 206 41.34 -11.28 30.05
N GLN E 207 42.25 -11.84 30.87
CA GLN E 207 43.29 -11.00 31.44
C GLN E 207 44.28 -10.55 30.38
N HIS E 208 44.64 -11.43 29.44
CA HIS E 208 45.66 -11.18 28.45
C HIS E 208 45.06 -11.26 27.06
N ARG E 209 45.36 -10.26 26.23
CA ARG E 209 44.94 -10.23 24.84
C ARG E 209 46.15 -9.89 23.96
N ALA E 210 46.17 -10.47 22.76
CA ALA E 210 47.29 -10.24 21.85
C ALA E 210 47.33 -8.79 21.39
N THR E 211 48.53 -8.24 21.31
CA THR E 211 48.71 -6.85 20.91
C THR E 211 49.67 -6.70 19.74
N ASN E 212 50.58 -7.66 19.54
CA ASN E 212 51.57 -7.55 18.48
C ASN E 212 51.63 -8.85 17.68
N ILE E 213 52.02 -8.72 16.41
CA ILE E 213 52.23 -9.86 15.52
C ILE E 213 53.54 -9.64 14.78
N LEU E 214 54.32 -10.70 14.60
CA LEU E 214 55.60 -10.65 13.88
C LEU E 214 55.58 -11.73 12.80
N ILE E 215 55.63 -11.31 11.54
CA ILE E 215 55.55 -12.22 10.40
C ILE E 215 56.84 -12.17 9.61
N PRO E 216 57.14 -13.16 8.78
CA PRO E 216 58.31 -13.08 7.89
C PRO E 216 58.11 -11.98 6.86
N PRO E 217 59.19 -11.42 6.32
CA PRO E 217 59.06 -10.29 5.38
C PRO E 217 58.60 -10.68 3.98
N SER E 218 58.14 -11.92 3.75
CA SER E 218 57.52 -12.30 2.50
C SER E 218 56.03 -12.57 2.63
N MET E 219 55.59 -13.10 3.77
CA MET E 219 54.15 -13.11 4.05
C MET E 219 53.59 -11.70 4.13
N ARG E 220 54.45 -10.70 4.32
CA ARG E 220 54.04 -9.31 4.15
C ARG E 220 53.58 -9.07 2.72
N LYS E 221 54.31 -9.62 1.75
CA LYS E 221 53.86 -9.59 0.36
C LYS E 221 52.59 -10.40 0.18
N VAL E 222 52.47 -11.51 0.90
CA VAL E 222 51.29 -12.37 0.78
C VAL E 222 50.04 -11.62 1.20
N LEU E 223 50.11 -10.88 2.31
CA LEU E 223 48.93 -10.22 2.87
C LEU E 223 48.59 -8.93 2.15
N ALA E 224 49.16 -8.71 0.97
CA ALA E 224 48.88 -7.51 0.19
C ALA E 224 47.95 -7.75 -0.99
N ILE E 225 47.47 -8.97 -1.19
CA ILE E 225 46.57 -9.27 -2.30
C ILE E 225 45.24 -8.57 -2.06
N ARG E 226 44.74 -7.86 -3.06
CA ARG E 226 43.48 -7.12 -2.91
C ARG E 226 42.26 -8.03 -2.86
N MET E 227 41.19 -7.56 -2.21
CA MET E 227 39.95 -8.34 -2.14
C MET E 227 39.47 -8.67 -3.54
N PRO E 228 38.80 -9.81 -3.71
CA PRO E 228 38.43 -10.17 -5.09
C PRO E 228 37.65 -9.11 -5.85
N GLU E 229 36.72 -8.44 -5.19
CA GLU E 229 35.85 -7.50 -5.87
C GLU E 229 35.63 -6.25 -5.04
N THR E 230 36.71 -5.72 -4.45
CA THR E 230 36.61 -4.56 -3.56
C THR E 230 37.80 -3.63 -3.77
N THR E 231 37.83 -2.50 -3.06
CA THR E 231 38.95 -1.57 -3.12
C THR E 231 39.98 -1.88 -2.04
N MET E 232 39.54 -2.48 -0.93
CA MET E 232 40.38 -2.74 0.22
C MET E 232 41.19 -4.02 -0.01
N SER E 233 42.15 -4.24 0.87
CA SER E 233 42.96 -5.45 0.86
C SER E 233 42.66 -6.28 2.10
N TYR E 234 43.22 -7.50 2.14
CA TYR E 234 43.00 -8.36 3.30
C TYR E 234 43.57 -7.76 4.56
N LEU E 235 44.75 -7.15 4.48
CA LEU E 235 45.36 -6.53 5.65
C LEU E 235 44.49 -5.41 6.20
N ASP E 236 43.93 -4.59 5.30
CA ASP E 236 43.09 -3.47 5.74
C ASP E 236 41.85 -3.95 6.48
N TYR E 237 41.19 -4.98 5.93
CA TYR E 237 39.99 -5.52 6.58
C TYR E 237 40.33 -6.16 7.92
N PHE E 238 41.43 -6.89 7.97
CA PHE E 238 41.87 -7.52 9.21
C PHE E 238 42.15 -6.47 10.28
N LYS E 239 42.84 -5.40 9.91
CA LYS E 239 43.12 -4.32 10.84
C LYS E 239 41.85 -3.61 11.28
N SER E 240 40.91 -3.44 10.35
CA SER E 240 39.65 -2.77 10.68
C SER E 240 38.84 -3.56 11.70
N GLN E 241 38.79 -4.89 11.55
CA GLN E 241 38.03 -5.67 12.51
C GLN E 241 38.84 -6.09 13.74
N ASN E 242 40.15 -5.86 13.75
CA ASN E 242 41.00 -6.20 14.88
C ASN E 242 41.82 -5.01 15.34
N SER E 243 41.17 -3.87 15.55
CA SER E 243 41.84 -2.62 15.90
C SER E 243 42.65 -2.76 17.19
N GLY E 244 43.82 -2.16 17.23
CA GLY E 244 44.71 -2.25 18.38
C GLY E 244 45.95 -3.09 18.16
N ILE E 245 45.90 -3.99 17.17
CA ILE E 245 47.04 -4.87 16.92
C ILE E 245 47.93 -4.25 15.85
N GLU E 246 49.25 -4.29 16.09
CA GLU E 246 50.24 -3.79 15.15
C GLU E 246 50.99 -4.98 14.55
N ILE E 247 51.15 -4.96 13.23
CA ILE E 247 51.84 -6.04 12.53
C ILE E 247 53.19 -5.51 12.03
N ASP E 248 54.22 -6.31 12.23
CA ASP E 248 55.58 -5.94 11.86
C ASP E 248 56.31 -7.20 11.40
N SER E 249 57.41 -7.00 10.69
CA SER E 249 58.19 -8.09 10.14
C SER E 249 59.64 -8.00 10.60
N ILE E 250 60.22 -9.16 10.93
CA ILE E 250 61.63 -9.25 11.28
C ILE E 250 62.25 -10.39 10.47
N ALA E 251 63.54 -10.26 10.18
CA ALA E 251 64.25 -11.21 9.35
C ALA E 251 64.71 -12.44 10.11
N GLU E 252 64.52 -12.48 11.43
CA GLU E 252 64.94 -13.61 12.25
C GLU E 252 63.94 -14.75 12.24
N LEU E 253 62.77 -14.56 11.64
CA LEU E 253 61.75 -15.59 11.61
C LEU E 253 61.74 -16.39 10.31
N GLU E 254 62.69 -16.12 9.41
CA GLU E 254 62.79 -16.85 8.15
C GLU E 254 63.55 -18.17 8.30
N ASP E 255 64.09 -18.44 9.48
CA ASP E 255 64.74 -19.71 9.76
C ASP E 255 64.66 -20.02 11.25
N ILE E 256 63.74 -20.90 11.64
CA ILE E 256 63.50 -21.17 13.05
C ILE E 256 64.26 -22.40 13.52
N ASP E 257 64.10 -23.53 12.84
CA ASP E 257 64.73 -24.77 13.27
C ASP E 257 66.10 -25.00 12.66
N GLY E 258 66.54 -24.13 11.77
CA GLY E 258 67.85 -24.26 11.13
C GLY E 258 67.80 -24.95 9.78
N ALA E 259 66.64 -25.44 9.34
CA ALA E 259 66.51 -26.14 8.08
C ALA E 259 65.40 -25.52 7.24
N GLY E 260 65.25 -24.20 7.31
CA GLY E 260 64.26 -23.49 6.52
C GLY E 260 62.83 -23.74 6.94
N THR E 261 62.46 -23.25 8.13
CA THR E 261 61.08 -23.35 8.59
C THR E 261 60.62 -22.02 9.15
N LYS E 262 59.77 -21.31 8.42
CA LYS E 262 59.33 -19.99 8.84
C LYS E 262 58.30 -20.10 9.97
N GLY E 263 58.04 -18.97 10.61
CA GLY E 263 57.10 -18.93 11.71
C GLY E 263 56.55 -17.55 11.95
N VAL E 264 55.49 -17.50 12.75
CA VAL E 264 54.83 -16.25 13.11
C VAL E 264 54.62 -16.24 14.62
N LEU E 265 54.87 -15.09 15.24
CA LEU E 265 54.73 -14.92 16.68
C LEU E 265 53.56 -13.98 16.96
N VAL E 266 52.62 -14.43 17.80
CA VAL E 266 51.53 -13.61 18.29
C VAL E 266 51.62 -13.59 19.81
N TYR E 267 51.72 -12.39 20.39
CA TYR E 267 51.98 -12.28 21.81
C TYR E 267 51.49 -10.93 22.31
N GLU E 268 51.50 -10.77 23.63
CA GLU E 268 51.22 -9.51 24.30
C GLU E 268 52.51 -8.93 24.87
N LYS E 269 52.81 -7.69 24.54
CA LYS E 269 54.04 -7.07 25.01
C LYS E 269 53.85 -6.41 26.37
N ASN E 270 54.37 -7.05 27.41
CA ASN E 270 54.25 -6.49 28.75
C ASN E 270 55.47 -6.85 29.58
N PRO E 271 56.20 -5.83 30.06
CA PRO E 271 57.40 -6.09 30.88
C PRO E 271 57.07 -7.03 32.02
N MET E 272 55.79 -7.19 32.30
CA MET E 272 55.38 -8.06 33.39
C MET E 272 55.26 -9.52 32.97
N ASN E 273 55.49 -9.84 31.70
CA ASN E 273 55.42 -11.20 31.18
C ASN E 273 56.74 -11.70 30.62
N MET E 274 57.56 -10.82 30.04
CA MET E 274 58.88 -11.18 29.55
C MET E 274 59.78 -9.97 29.71
N SER E 275 61.10 -10.22 29.72
CA SER E 275 62.05 -9.13 29.90
C SER E 275 63.48 -9.52 29.52
N ILE E 276 64.27 -8.53 29.10
CA ILE E 276 65.69 -8.69 28.84
C ILE E 276 66.41 -7.62 29.65
N GLU E 277 67.48 -8.02 30.34
CA GLU E 277 68.21 -7.12 31.23
C GLU E 277 69.70 -7.16 30.91
N ILE E 278 70.33 -5.99 30.90
CA ILE E 278 71.79 -5.89 30.79
C ILE E 278 72.30 -5.13 32.01
N PRO E 279 72.72 -5.83 33.07
CA PRO E 279 73.19 -5.15 34.28
C PRO E 279 74.36 -4.19 34.05
N GLU E 280 75.31 -4.52 33.18
CA GLU E 280 76.45 -3.65 32.94
C GLU E 280 76.69 -3.55 31.44
N ALA E 281 76.94 -2.34 30.95
CA ALA E 281 77.08 -2.09 29.53
C ALA E 281 78.51 -2.39 29.06
N PHE E 282 78.75 -2.11 27.78
CA PHE E 282 80.05 -2.38 27.17
C PHE E 282 81.11 -1.43 27.72
N ASN E 283 82.22 -2.01 28.19
CA ASN E 283 83.31 -1.25 28.77
C ASN E 283 84.62 -1.65 28.11
N MET E 284 85.54 -0.70 27.97
CA MET E 284 86.85 -0.94 27.40
C MET E 284 87.90 -0.67 28.47
N LEU E 285 88.61 -1.72 28.89
CA LEU E 285 89.63 -1.59 29.91
C LEU E 285 90.85 -0.86 29.34
N PRO E 286 91.65 -0.23 30.20
CA PRO E 286 92.87 0.44 29.71
C PRO E 286 93.86 -0.54 29.12
N ALA E 287 94.64 -0.03 28.16
CA ALA E 287 95.58 -0.88 27.43
C ALA E 287 96.68 -1.40 28.35
N GLN E 288 97.11 -2.63 28.09
CA GLN E 288 98.20 -3.26 28.83
C GLN E 288 99.41 -3.39 27.93
N PRO E 289 100.42 -2.53 28.07
CA PRO E 289 101.50 -2.49 27.08
C PRO E 289 102.40 -3.71 27.14
N LYS E 290 102.90 -4.09 25.96
CA LYS E 290 103.94 -5.10 25.81
C LYS E 290 105.05 -4.49 24.96
N ASP E 291 105.97 -5.34 24.49
CA ASP E 291 107.08 -4.85 23.69
C ASP E 291 106.59 -4.26 22.37
N LEU E 292 106.55 -2.94 22.30
CA LEU E 292 106.22 -2.20 21.07
C LEU E 292 104.82 -2.54 20.54
N HIS E 293 103.96 -3.04 21.43
CA HIS E 293 102.56 -3.28 21.09
C HIS E 293 101.70 -3.42 22.34
N PHE E 294 100.38 -3.36 22.18
CA PHE E 294 99.46 -3.24 23.30
C PHE E 294 98.43 -4.36 23.24
N LYS E 295 97.48 -4.32 24.18
CA LYS E 295 96.38 -5.30 24.24
C LYS E 295 95.25 -4.65 25.04
N VAL E 296 94.11 -4.40 24.38
CA VAL E 296 92.99 -3.71 24.99
C VAL E 296 91.85 -4.71 25.17
N PRO E 297 91.49 -5.08 26.40
CA PRO E 297 90.35 -5.99 26.60
C PRO E 297 89.01 -5.27 26.67
N CYS E 298 87.92 -5.99 26.41
CA CYS E 298 86.57 -5.46 26.53
C CYS E 298 85.70 -6.47 27.27
N THR E 299 84.66 -5.96 27.94
CA THR E 299 83.80 -6.82 28.75
C THR E 299 82.43 -6.18 28.91
N SER E 300 81.44 -7.01 29.21
CA SER E 300 80.07 -6.63 29.47
C SER E 300 79.31 -7.86 29.92
N LYS E 301 78.07 -7.67 30.35
CA LYS E 301 77.23 -8.77 30.81
C LYS E 301 75.81 -8.63 30.29
N CYS E 302 75.11 -9.76 30.22
CA CYS E 302 73.73 -9.82 29.74
C CYS E 302 73.03 -10.98 30.42
N THR E 303 71.70 -11.03 30.26
CA THR E 303 70.91 -12.06 30.91
C THR E 303 70.26 -13.01 29.92
N GLY E 304 69.50 -12.47 28.98
CA GLY E 304 68.74 -13.27 28.04
C GLY E 304 67.27 -12.91 28.13
N LEU E 305 66.43 -13.83 27.65
CA LEU E 305 64.99 -13.64 27.68
C LEU E 305 64.35 -14.64 28.63
N THR E 306 63.58 -14.14 29.58
CA THR E 306 62.86 -14.97 30.54
C THR E 306 61.37 -14.75 30.35
N ILE E 307 60.62 -15.82 30.20
CA ILE E 307 59.17 -15.75 30.06
C ILE E 307 58.54 -16.06 31.42
N TYR E 308 57.84 -15.08 31.98
CA TYR E 308 57.28 -15.26 33.32
C TYR E 308 55.91 -15.89 33.21
N ARG E 309 55.20 -15.56 32.13
CA ARG E 309 53.89 -16.15 31.90
C ARG E 309 53.93 -16.90 30.59
N PRO E 310 54.54 -18.10 30.58
CA PRO E 310 54.67 -18.88 29.36
C PRO E 310 53.31 -19.27 28.82
N MET E 311 52.54 -18.30 28.33
CA MET E 311 51.21 -18.57 27.83
C MET E 311 50.75 -17.42 26.97
N THR E 312 51.29 -16.23 27.22
CA THR E 312 50.94 -15.08 26.40
C THR E 312 51.62 -15.12 25.06
N ILE E 313 52.20 -16.26 24.68
CA ILE E 313 52.95 -16.39 23.43
C ILE E 313 52.41 -17.58 22.66
N VAL E 314 52.18 -17.36 21.36
CA VAL E 314 51.73 -18.41 20.46
C VAL E 314 52.62 -18.41 19.23
N LEU E 315 53.12 -19.59 18.86
CA LEU E 315 54.02 -19.73 17.72
C LEU E 315 53.32 -20.56 16.65
N ILE E 316 53.32 -20.06 15.42
CA ILE E 316 52.73 -20.76 14.27
C ILE E 316 53.88 -21.34 13.46
N THR E 317 54.06 -22.66 13.52
CA THR E 317 55.17 -23.33 12.89
C THR E 317 54.76 -23.88 11.54
N GLY E 318 55.62 -23.70 10.53
CA GLY E 318 55.40 -24.22 9.19
C GLY E 318 54.89 -23.20 8.19
N VAL E 319 54.80 -21.93 8.58
CA VAL E 319 54.33 -20.89 7.67
C VAL E 319 55.30 -20.71 6.50
N ALA F 27 86.88 -32.91 55.86
CA ALA F 27 85.49 -32.65 56.22
C ALA F 27 85.35 -31.31 56.93
N ALA F 28 86.30 -30.41 56.68
CA ALA F 28 86.28 -29.09 57.29
C ALA F 28 85.47 -28.13 56.43
N ALA F 29 85.54 -26.84 56.75
CA ALA F 29 84.83 -25.81 56.01
C ALA F 29 85.81 -25.04 55.13
N THR F 30 85.45 -24.87 53.86
CA THR F 30 86.33 -24.27 52.86
C THR F 30 85.61 -23.15 52.09
N MET F 31 84.30 -23.03 52.28
CA MET F 31 83.46 -22.14 51.49
C MET F 31 83.94 -20.68 51.57
N GLY F 32 83.41 -19.87 50.65
CA GLY F 32 83.85 -18.49 50.52
C GLY F 32 83.26 -17.55 51.55
N ILE F 33 83.64 -16.28 51.43
CA ILE F 33 83.23 -15.28 52.41
C ILE F 33 81.73 -14.97 52.27
N TRP F 34 81.27 -14.78 51.04
CA TRP F 34 79.91 -14.30 50.79
C TRP F 34 78.97 -15.48 50.60
N THR F 35 77.83 -15.43 51.29
CA THR F 35 76.81 -16.47 51.15
C THR F 35 75.98 -16.22 49.89
N ALA F 36 75.18 -17.22 49.53
CA ALA F 36 74.38 -17.17 48.32
C ALA F 36 73.20 -16.20 48.43
N GLN F 37 72.83 -15.79 49.64
CA GLN F 37 71.72 -14.87 49.82
C GLN F 37 72.13 -13.40 49.85
N GLU F 38 73.43 -13.11 49.86
CA GLU F 38 73.86 -11.72 49.75
C GLU F 38 73.91 -11.26 48.31
N LEU F 39 73.84 -12.19 47.35
CA LEU F 39 73.75 -11.86 45.93
C LEU F 39 72.50 -12.57 45.39
N HIS F 40 71.35 -11.93 45.59
CA HIS F 40 70.06 -12.52 45.27
C HIS F 40 69.00 -11.43 45.36
N ARG F 41 68.07 -11.46 44.41
CA ARG F 41 67.03 -10.44 44.33
C ARG F 41 65.67 -11.11 44.21
N ILE F 42 64.72 -10.68 45.04
CA ILE F 42 63.34 -11.14 44.97
C ILE F 42 62.53 -10.06 44.29
N LYS F 43 61.95 -10.37 43.14
CA LYS F 43 61.19 -9.38 42.39
C LYS F 43 59.95 -8.96 43.15
N SER F 44 59.57 -7.68 42.98
CA SER F 44 58.52 -7.10 43.80
C SER F 44 57.15 -7.73 43.51
N GLN F 45 56.86 -8.01 42.25
CA GLN F 45 55.54 -8.51 41.91
C GLN F 45 55.39 -10.00 42.17
N SER F 46 54.17 -10.41 42.50
CA SER F 46 53.77 -11.80 42.56
C SER F 46 52.51 -11.99 41.72
N TYR F 47 52.34 -13.20 41.20
CA TYR F 47 51.25 -13.50 40.27
C TYR F 47 50.20 -14.35 40.96
N GLU F 48 48.94 -14.03 40.74
CA GLU F 48 47.82 -14.75 41.32
C GLU F 48 46.89 -15.20 40.20
N GLU F 49 46.48 -16.47 40.24
CA GLU F 49 45.59 -17.00 39.21
C GLU F 49 44.18 -16.46 39.37
N ASP F 50 43.46 -16.39 38.25
CA ASP F 50 42.10 -15.86 38.22
C ASP F 50 41.10 -16.98 38.02
N TYR F 51 40.03 -16.96 38.82
CA TYR F 51 38.94 -17.93 38.73
C TYR F 51 37.62 -17.21 38.54
N PRO F 52 37.20 -16.94 37.31
CA PRO F 52 35.93 -16.24 37.10
C PRO F 52 34.75 -17.02 37.65
N VAL F 53 33.80 -16.30 38.25
CA VAL F 53 32.59 -16.92 38.78
C VAL F 53 31.69 -17.39 37.65
N GLY F 54 31.52 -16.55 36.64
CA GLY F 54 30.62 -16.85 35.52
C GLY F 54 29.71 -15.66 35.27
N SER F 55 28.65 -15.91 34.49
CA SER F 55 27.66 -14.89 34.20
C SER F 55 26.27 -15.54 34.28
N ALA F 56 25.69 -15.53 35.48
CA ALA F 56 24.34 -16.01 35.71
C ALA F 56 23.44 -14.95 36.34
N LEU F 57 23.94 -14.22 37.33
CA LEU F 57 23.19 -13.11 37.88
C LEU F 57 23.26 -11.89 36.98
N ARG F 58 24.27 -11.83 36.10
CA ARG F 58 24.44 -10.67 35.24
C ARG F 58 23.44 -10.68 34.09
N VAL F 59 23.15 -11.87 33.53
CA VAL F 59 22.29 -11.96 32.36
C VAL F 59 20.85 -12.34 32.69
N PHE F 60 20.52 -12.52 33.97
CA PHE F 60 19.15 -12.81 34.35
C PHE F 60 18.74 -11.92 35.53
N PRO F 61 17.49 -11.48 35.56
CA PRO F 61 17.06 -10.55 36.62
C PRO F 61 17.07 -11.20 37.99
N VAL F 62 17.25 -10.35 39.02
CA VAL F 62 17.28 -10.77 40.41
C VAL F 62 16.23 -9.98 41.18
N THR F 63 15.40 -10.69 41.94
CA THR F 63 14.37 -10.06 42.76
C THR F 63 14.65 -10.31 44.24
N THR F 64 13.75 -9.81 45.09
CA THR F 64 13.98 -9.75 46.53
C THR F 64 12.69 -10.08 47.31
N GLU F 65 11.71 -10.69 46.64
CA GLU F 65 10.40 -10.86 47.25
C GLU F 65 10.45 -11.78 48.47
N LEU F 66 11.16 -12.91 48.38
CA LEU F 66 11.10 -13.92 49.43
C LEU F 66 11.87 -13.48 50.67
N SER F 67 11.37 -13.89 51.84
CA SER F 67 12.04 -13.68 53.11
C SER F 67 12.89 -14.89 53.45
N PRO F 68 13.86 -14.74 54.37
CA PRO F 68 14.76 -15.85 54.68
C PRO F 68 14.07 -17.14 55.10
N THR F 69 12.98 -17.05 55.88
CA THR F 69 12.39 -18.25 56.46
C THR F 69 11.43 -18.98 55.53
N ASP F 70 11.08 -18.39 54.39
CA ASP F 70 10.12 -19.01 53.48
C ASP F 70 10.73 -20.26 52.84
N LYS F 71 9.88 -21.25 52.57
CA LYS F 71 10.31 -22.50 51.96
C LYS F 71 9.72 -22.72 50.57
N THR F 72 8.62 -22.05 50.23
CA THR F 72 7.97 -22.23 48.94
C THR F 72 7.39 -20.90 48.48
N PHE F 73 6.92 -20.88 47.24
CA PHE F 73 6.26 -19.70 46.69
C PHE F 73 5.26 -20.15 45.63
N GLU F 74 4.42 -19.20 45.19
CA GLU F 74 3.29 -19.51 44.33
C GLU F 74 2.86 -18.27 43.56
N TYR F 75 2.54 -18.45 42.28
CA TYR F 75 2.03 -17.37 41.43
C TYR F 75 0.86 -17.90 40.60
N MET F 76 -0.06 -17.01 40.23
CA MET F 76 -1.33 -17.41 39.64
C MET F 76 -1.60 -16.64 38.34
N THR F 77 -2.43 -17.24 37.49
CA THR F 77 -2.93 -16.62 36.26
C THR F 77 -4.45 -16.60 36.27
N PHE F 78 -5.04 -15.96 35.25
CA PHE F 78 -6.48 -15.77 35.19
C PHE F 78 -6.96 -15.75 33.74
N ASP F 79 -8.27 -15.74 33.57
CA ASP F 79 -8.91 -15.78 32.25
C ASP F 79 -10.33 -15.23 32.37
N LYS F 80 -11.04 -15.19 31.24
CA LYS F 80 -12.43 -14.76 31.23
C LYS F 80 -13.11 -15.29 29.97
N VAL F 81 -14.44 -15.38 30.03
CA VAL F 81 -15.29 -15.76 28.91
C VAL F 81 -16.51 -14.85 28.88
N GLY F 82 -17.15 -14.77 27.71
CA GLY F 82 -18.34 -13.95 27.57
C GLY F 82 -18.77 -13.66 26.13
N THR F 83 -19.90 -12.96 25.97
CA THR F 83 -20.42 -12.61 24.66
C THR F 83 -21.43 -11.49 24.79
N ALA F 84 -21.91 -11.01 23.64
CA ALA F 84 -22.91 -9.95 23.60
C ALA F 84 -23.76 -10.12 22.34
N GLN F 85 -24.94 -9.52 22.36
CA GLN F 85 -25.89 -9.65 21.26
C GLN F 85 -26.61 -8.33 21.04
N ILE F 86 -27.33 -8.26 19.92
CA ILE F 86 -28.13 -7.08 19.59
C ILE F 86 -29.53 -7.28 20.15
N ILE F 87 -29.97 -6.34 20.99
CA ILE F 87 -31.20 -6.50 21.76
C ILE F 87 -32.23 -5.44 21.37
N ALA F 88 -33.39 -5.48 21.99
CA ALA F 88 -34.49 -4.57 21.72
C ALA F 88 -34.91 -3.83 22.99
N ASP F 89 -36.02 -3.10 22.87
CA ASP F 89 -36.50 -2.24 23.93
C ASP F 89 -36.86 -3.01 25.20
N TYR F 90 -37.87 -3.88 25.14
CA TYR F 90 -38.30 -4.67 26.28
C TYR F 90 -37.65 -6.05 26.18
N THR F 91 -36.46 -6.17 26.77
CA THR F 91 -35.69 -7.39 26.72
C THR F 91 -35.38 -7.89 28.12
N ASP F 92 -35.66 -9.17 28.34
CA ASP F 92 -35.23 -9.86 29.56
C ASP F 92 -34.16 -10.90 29.29
N ASP F 93 -33.67 -11.00 28.07
CA ASP F 93 -32.71 -12.04 27.66
C ASP F 93 -31.36 -11.37 27.43
N LEU F 94 -30.43 -11.54 28.37
CA LEU F 94 -29.10 -10.98 28.26
C LEU F 94 -28.05 -12.02 28.65
N PRO F 95 -26.97 -12.16 27.88
CA PRO F 95 -25.96 -13.17 28.20
C PRO F 95 -25.10 -12.73 29.38
N LEU F 96 -24.27 -13.67 29.85
CA LEU F 96 -23.49 -13.50 31.07
C LEU F 96 -22.01 -13.80 30.80
N VAL F 97 -21.18 -13.54 31.82
CA VAL F 97 -19.74 -13.71 31.75
C VAL F 97 -19.25 -14.38 33.02
N ASP F 98 -18.00 -14.84 32.99
CA ASP F 98 -17.40 -15.53 34.15
C ASP F 98 -15.88 -15.42 34.05
N ALA F 99 -15.16 -16.19 34.88
CA ALA F 99 -13.71 -16.12 34.96
C ALA F 99 -13.15 -17.41 35.56
N LEU F 100 -11.83 -17.62 35.40
CA LEU F 100 -11.12 -18.81 35.87
C LEU F 100 -9.78 -18.42 36.52
N GLY F 101 -8.95 -19.41 36.80
CA GLY F 101 -7.63 -19.16 37.37
C GLY F 101 -6.91 -20.46 37.68
N THR F 102 -5.57 -20.37 37.66
CA THR F 102 -4.69 -21.49 37.99
C THR F 102 -3.54 -20.96 38.85
N SER F 103 -2.56 -21.84 39.10
CA SER F 103 -1.40 -21.49 39.92
C SER F 103 -0.29 -22.52 39.79
N GLU F 104 0.92 -22.12 40.19
CA GLU F 104 2.10 -22.99 40.19
C GLU F 104 2.95 -22.71 41.43
N PHE F 105 4.03 -23.47 41.59
CA PHE F 105 4.79 -23.48 42.84
C PHE F 105 6.31 -23.52 42.58
N GLY F 106 7.07 -23.50 43.67
CA GLY F 106 8.53 -23.51 43.65
C GLY F 106 9.08 -23.84 45.03
N LYS F 107 10.41 -23.76 45.16
CA LYS F 107 11.07 -24.09 46.42
C LYS F 107 12.47 -23.45 46.49
N VAL F 108 13.10 -23.59 47.67
CA VAL F 108 14.37 -22.93 48.00
C VAL F 108 15.34 -23.96 48.58
N PHE F 109 16.63 -23.62 48.58
CA PHE F 109 17.70 -24.50 49.05
C PHE F 109 18.70 -23.72 49.91
N ARG F 110 19.72 -24.43 50.40
CA ARG F 110 20.72 -23.86 51.29
C ARG F 110 22.09 -24.49 51.03
N LEU F 111 23.14 -23.67 51.18
CA LEU F 111 24.52 -24.09 50.93
C LEU F 111 25.37 -23.82 52.17
N GLY F 112 26.60 -24.33 52.16
CA GLY F 112 27.51 -24.06 53.27
C GLY F 112 28.85 -24.75 53.12
N ASN F 113 29.87 -24.18 53.77
CA ASN F 113 31.22 -24.73 53.86
C ASN F 113 31.93 -24.06 55.03
N ALA F 114 33.20 -24.40 55.23
CA ALA F 114 33.92 -23.92 56.41
C ALA F 114 35.41 -23.91 56.11
N TYR F 115 36.22 -23.53 57.12
CA TYR F 115 37.68 -23.50 57.02
C TYR F 115 38.32 -23.46 58.40
N LEU F 116 39.54 -23.99 58.53
CA LEU F 116 40.26 -24.07 59.80
C LEU F 116 41.53 -23.23 59.76
N ILE F 117 41.99 -22.79 60.93
CA ILE F 117 43.23 -22.07 61.09
C ILE F 117 43.68 -22.16 62.55
N SER F 118 44.99 -22.09 62.75
CA SER F 118 45.60 -22.23 64.07
C SER F 118 46.05 -20.87 64.60
N ILE F 119 46.76 -20.88 65.72
CA ILE F 119 47.24 -19.64 66.32
C ILE F 119 48.62 -19.26 65.78
N ASP F 120 49.53 -20.22 65.64
CA ASP F 120 50.86 -19.93 65.11
C ASP F 120 50.77 -19.40 63.69
N GLU F 121 49.83 -19.93 62.90
CA GLU F 121 49.63 -19.41 61.54
C GLU F 121 49.17 -17.96 61.57
N ILE F 122 48.28 -17.63 62.52
CA ILE F 122 47.81 -16.24 62.65
C ILE F 122 48.97 -15.32 62.99
N LYS F 123 49.78 -15.73 63.97
CA LYS F 123 50.90 -14.89 64.39
C LYS F 123 51.93 -14.74 63.27
N ALA F 124 52.17 -15.81 62.51
CA ALA F 124 53.10 -15.73 61.39
C ALA F 124 52.57 -14.81 60.29
N GLY F 125 51.28 -14.89 60.01
CA GLY F 125 50.67 -14.02 59.01
C GLY F 125 50.73 -12.57 59.40
N GLN F 126 50.54 -12.28 60.69
CA GLN F 126 50.63 -10.90 61.15
C GLN F 126 52.04 -10.34 61.01
N ALA F 127 53.06 -11.15 61.26
CA ALA F 127 54.45 -10.69 61.28
C ALA F 127 55.11 -10.70 59.92
N THR F 128 54.43 -11.23 58.89
CA THR F 128 55.00 -11.27 57.55
C THR F 128 54.22 -10.50 56.51
N GLY F 129 53.05 -9.97 56.82
CA GLY F 129 52.27 -9.22 55.85
C GLY F 129 51.62 -10.08 54.77
N ARG F 130 51.31 -11.33 55.09
CA ARG F 130 50.64 -12.23 54.13
C ARG F 130 49.67 -13.12 54.90
N PRO F 131 48.51 -12.59 55.29
CA PRO F 131 47.56 -13.39 56.06
C PRO F 131 47.00 -14.58 55.29
N LEU F 132 46.62 -15.63 56.02
CA LEU F 132 46.02 -16.80 55.40
C LEU F 132 44.50 -16.75 55.51
N SER F 133 43.99 -16.08 56.54
CA SER F 133 42.54 -16.05 56.77
C SER F 133 41.81 -15.38 55.62
N THR F 134 42.37 -14.28 55.10
CA THR F 134 41.71 -13.58 53.99
C THR F 134 41.63 -14.46 52.76
N ARG F 135 42.71 -15.18 52.45
CA ARG F 135 42.72 -16.06 51.29
C ARG F 135 41.70 -17.19 51.45
N LYS F 136 41.65 -17.79 52.65
CA LYS F 136 40.69 -18.87 52.88
C LYS F 136 39.25 -18.37 52.79
N ALA F 137 38.97 -17.18 53.32
CA ALA F 137 37.63 -16.62 53.23
C ALA F 137 37.26 -16.30 51.78
N SER F 138 38.23 -15.79 51.01
CA SER F 138 37.97 -15.53 49.59
C SER F 138 37.64 -16.82 48.85
N ALA F 139 38.37 -17.89 49.13
CA ALA F 139 38.04 -19.19 48.53
C ALA F 139 36.64 -19.64 48.93
N CYS F 140 36.29 -19.42 50.21
CA CYS F 140 34.97 -19.82 50.69
C CYS F 140 33.86 -19.10 49.94
N GLN F 141 34.01 -17.79 49.74
CA GLN F 141 32.98 -17.03 49.03
C GLN F 141 32.91 -17.42 47.56
N LEU F 142 34.08 -17.61 46.94
CA LEU F 142 34.15 -18.01 45.54
C LEU F 142 33.44 -19.35 45.32
N ALA F 143 33.58 -20.25 46.28
CA ALA F 143 32.93 -21.56 46.17
C ALA F 143 31.41 -21.42 46.13
N HIS F 144 30.85 -20.58 47.00
CA HIS F 144 29.40 -20.36 46.99
C HIS F 144 28.94 -19.75 45.68
N ASP F 145 29.67 -18.75 45.19
CA ASP F 145 29.28 -18.11 43.93
C ASP F 145 29.28 -19.10 42.77
N GLN F 146 30.33 -19.93 42.70
CA GLN F 146 30.41 -20.91 41.63
C GLN F 146 29.34 -21.99 41.77
N LEU F 147 28.99 -22.39 42.99
CA LEU F 147 27.92 -23.36 43.17
C LEU F 147 26.60 -22.79 42.68
N VAL F 148 26.33 -21.51 42.98
CA VAL F 148 25.11 -20.87 42.49
C VAL F 148 25.09 -20.87 40.97
N ASN F 149 26.22 -20.52 40.35
CA ASN F 149 26.28 -20.52 38.88
C ASN F 149 26.03 -21.92 38.32
N ARG F 150 26.60 -22.95 38.95
CA ARG F 150 26.36 -24.32 38.50
C ARG F 150 24.90 -24.69 38.61
N LEU F 151 24.24 -24.29 39.71
CA LEU F 151 22.83 -24.57 39.87
C LEU F 151 22.01 -23.91 38.76
N VAL F 152 22.34 -22.66 38.43
CA VAL F 152 21.58 -21.95 37.40
C VAL F 152 21.76 -22.60 36.04
N PHE F 153 22.99 -22.93 35.67
CA PHE F 153 23.25 -23.30 34.28
C PHE F 153 23.28 -24.81 34.02
N LYS F 154 23.39 -25.64 35.05
CA LYS F 154 23.42 -27.08 34.83
C LYS F 154 22.40 -27.87 35.66
N GLY F 155 22.09 -27.46 36.89
CA GLY F 155 21.13 -28.17 37.70
C GLY F 155 21.65 -29.48 38.23
N SER F 156 21.03 -30.00 39.29
CA SER F 156 21.40 -31.28 39.87
C SER F 156 20.26 -32.27 39.70
N ALA F 157 20.62 -33.52 39.37
CA ALA F 157 19.64 -34.55 39.12
C ALA F 157 19.01 -35.10 40.41
N PRO F 158 19.79 -35.50 41.42
CA PRO F 158 19.16 -36.02 42.65
C PRO F 158 18.24 -35.04 43.35
N HIS F 159 18.55 -33.74 43.33
CA HIS F 159 17.71 -32.75 43.97
C HIS F 159 16.54 -32.30 43.10
N LYS F 160 16.45 -32.79 41.87
CA LYS F 160 15.40 -32.42 40.93
C LYS F 160 15.41 -30.92 40.64
N ILE F 161 16.53 -30.41 40.13
CA ILE F 161 16.65 -29.05 39.67
C ILE F 161 16.85 -29.06 38.16
N VAL F 162 16.05 -28.29 37.44
CA VAL F 162 16.07 -28.27 35.98
C VAL F 162 16.90 -27.08 35.52
N SER F 163 17.80 -27.32 34.58
CA SER F 163 18.62 -26.26 34.03
C SER F 163 17.82 -25.42 33.04
N VAL F 164 18.48 -24.39 32.50
CA VAL F 164 17.83 -23.53 31.52
C VAL F 164 17.51 -24.30 30.25
N PHE F 165 18.45 -25.16 29.81
CA PHE F 165 18.31 -25.88 28.56
C PHE F 165 17.40 -27.09 28.64
N ASN F 166 16.91 -27.44 29.84
CA ASN F 166 16.07 -28.62 30.00
C ASN F 166 14.66 -28.29 30.43
N HIS F 167 14.25 -27.02 30.33
CA HIS F 167 12.88 -26.66 30.65
C HIS F 167 11.95 -27.26 29.60
N PRO F 168 10.87 -27.92 30.03
CA PRO F 168 9.99 -28.60 29.07
C PRO F 168 9.24 -27.66 28.13
N ASN F 169 8.62 -26.63 28.69
CA ASN F 169 7.75 -25.75 27.92
C ASN F 169 8.49 -24.49 27.48
N ILE F 170 9.49 -24.70 26.62
CA ILE F 170 10.15 -23.60 25.92
C ILE F 170 10.32 -24.00 24.46
N THR F 171 10.57 -23.01 23.61
CA THR F 171 10.72 -23.23 22.19
C THR F 171 12.13 -23.68 21.88
N LYS F 172 12.26 -24.82 21.19
CA LYS F 172 13.54 -25.37 20.78
C LYS F 172 13.56 -25.54 19.27
N ILE F 173 14.66 -25.11 18.64
CA ILE F 173 14.82 -25.16 17.20
C ILE F 173 16.13 -25.87 16.90
N THR F 174 16.04 -27.00 16.19
CA THR F 174 17.25 -27.63 15.68
C THR F 174 17.80 -26.83 14.50
N SER F 175 19.12 -26.76 14.41
CA SER F 175 19.78 -25.90 13.44
C SER F 175 20.77 -26.70 12.61
N GLY F 176 21.05 -26.19 11.42
CA GLY F 176 22.14 -26.67 10.61
C GLY F 176 23.43 -26.04 11.11
N LYS F 177 24.49 -26.83 11.15
CA LYS F 177 25.76 -26.40 11.73
C LYS F 177 26.24 -25.10 11.13
N TRP F 178 26.45 -24.08 11.97
CA TRP F 178 27.07 -22.85 11.49
C TRP F 178 28.50 -23.07 11.06
N ILE F 179 29.17 -24.08 11.63
CA ILE F 179 30.50 -24.49 11.18
C ILE F 179 30.46 -26.00 10.95
N ASP F 180 30.38 -26.41 9.69
CA ASP F 180 30.38 -27.83 9.36
C ASP F 180 31.81 -28.32 9.18
N VAL F 181 32.21 -29.28 10.01
CA VAL F 181 33.58 -29.79 10.06
C VAL F 181 34.53 -28.61 10.20
N SER F 182 34.77 -27.87 9.11
CA SER F 182 35.58 -26.65 9.18
C SER F 182 35.01 -25.50 8.36
N THR F 183 34.10 -25.75 7.41
CA THR F 183 33.55 -24.67 6.60
C THR F 183 32.48 -23.92 7.39
N MET F 184 32.49 -22.59 7.26
CA MET F 184 31.60 -21.73 8.03
C MET F 184 30.52 -21.17 7.11
N LYS F 185 29.29 -21.09 7.63
CA LYS F 185 28.15 -20.68 6.84
C LYS F 185 27.54 -19.39 7.40
N PRO F 186 27.96 -18.22 6.90
CA PRO F 186 27.42 -16.95 7.40
C PRO F 186 25.91 -16.76 7.22
N GLU F 187 25.30 -17.41 6.23
CA GLU F 187 23.94 -17.08 5.83
C GLU F 187 22.85 -17.85 6.56
N THR F 188 23.16 -19.02 7.14
CA THR F 188 22.19 -19.71 7.97
C THR F 188 22.01 -19.03 9.33
N ALA F 189 23.07 -18.41 9.85
CA ALA F 189 22.98 -17.76 11.15
C ALA F 189 21.97 -16.62 11.13
N GLU F 190 22.05 -15.77 10.11
CA GLU F 190 21.12 -14.64 10.02
C GLU F 190 19.68 -15.13 9.87
N ALA F 191 19.47 -16.13 9.03
CA ALA F 191 18.12 -16.67 8.82
C ALA F 191 17.55 -17.22 10.12
N GLU F 192 18.36 -17.98 10.86
CA GLU F 192 17.88 -18.58 12.10
C GLU F 192 17.61 -17.51 13.15
N LEU F 193 18.47 -16.48 13.24
CA LEU F 193 18.23 -15.41 14.19
C LEU F 193 16.95 -14.65 13.86
N THR F 194 16.73 -14.33 12.58
CA THR F 194 15.51 -13.63 12.21
C THR F 194 14.27 -14.47 12.48
N GLN F 195 14.34 -15.78 12.19
CA GLN F 195 13.22 -16.66 12.49
C GLN F 195 12.93 -16.73 13.98
N ALA F 196 13.96 -16.84 14.81
CA ALA F 196 13.79 -16.84 16.27
C ALA F 196 13.24 -15.52 16.79
N ILE F 197 13.61 -14.40 16.18
CA ILE F 197 13.07 -13.10 16.59
C ILE F 197 11.59 -13.03 16.24
N GLU F 198 11.23 -13.49 15.03
CA GLU F 198 9.83 -13.45 14.62
C GLU F 198 8.96 -14.36 15.46
N THR F 199 9.52 -15.52 15.87
CA THR F 199 8.72 -16.51 16.58
C THR F 199 8.19 -15.96 17.90
N ILE F 200 9.02 -15.23 18.65
CA ILE F 200 8.60 -14.71 19.95
C ILE F 200 7.42 -13.76 19.79
N GLU F 201 7.52 -12.83 18.85
CA GLU F 201 6.45 -11.88 18.63
C GLU F 201 5.19 -12.57 18.14
N THR F 202 5.33 -13.54 17.25
CA THR F 202 4.16 -14.24 16.72
C THR F 202 3.44 -15.02 17.82
N ILE F 203 4.21 -15.77 18.63
CA ILE F 203 3.61 -16.63 19.64
C ILE F 203 3.00 -15.80 20.77
N THR F 204 3.75 -14.81 21.26
CA THR F 204 3.24 -13.99 22.37
C THR F 204 2.23 -12.96 21.89
N ARG F 205 2.00 -12.86 20.57
CA ARG F 205 0.96 -12.02 20.01
C ARG F 205 1.19 -10.54 20.31
N GLY F 206 2.43 -10.09 20.19
CA GLY F 206 2.76 -8.68 20.25
C GLY F 206 3.09 -8.15 21.63
N GLN F 207 2.89 -8.93 22.70
CA GLN F 207 3.18 -8.42 24.03
C GLN F 207 4.67 -8.34 24.31
N HIS F 208 5.43 -9.33 23.85
CA HIS F 208 6.85 -9.44 24.16
C HIS F 208 7.67 -9.44 22.87
N ARG F 209 8.83 -8.79 22.90
CA ARG F 209 9.75 -8.76 21.78
C ARG F 209 11.16 -9.05 22.28
N ALA F 210 11.95 -9.71 21.43
CA ALA F 210 13.30 -10.08 21.80
C ALA F 210 14.18 -8.84 21.99
N THR F 211 15.02 -8.88 23.03
CA THR F 211 15.91 -7.77 23.32
C THR F 211 17.35 -8.23 23.53
N ASN F 212 17.57 -9.53 23.69
CA ASN F 212 18.91 -10.02 24.01
C ASN F 212 19.19 -11.30 23.25
N ILE F 213 20.47 -11.49 22.91
CA ILE F 213 20.95 -12.69 22.24
C ILE F 213 22.27 -13.11 22.90
N LEU F 214 22.48 -14.42 23.05
CA LEU F 214 23.69 -14.95 23.68
C LEU F 214 24.22 -16.08 22.80
N ILE F 215 25.44 -15.91 22.31
CA ILE F 215 26.06 -16.87 21.39
C ILE F 215 27.35 -17.42 21.98
N PRO F 216 27.81 -18.59 21.55
CA PRO F 216 29.13 -19.08 21.99
C PRO F 216 30.24 -18.24 21.43
N PRO F 217 31.41 -18.20 22.08
CA PRO F 217 32.52 -17.34 21.63
C PRO F 217 33.32 -17.92 20.46
N SER F 218 32.61 -18.48 19.48
CA SER F 218 33.20 -18.83 18.20
C SER F 218 32.28 -18.28 17.10
N MET F 219 31.01 -18.15 17.46
CA MET F 219 30.07 -17.52 16.55
C MET F 219 30.38 -16.06 16.35
N ARG F 220 31.16 -15.44 17.24
CA ARG F 220 31.71 -14.12 16.96
C ARG F 220 32.61 -14.17 15.72
N LYS F 221 33.44 -15.20 15.63
CA LYS F 221 34.24 -15.40 14.43
C LYS F 221 33.35 -15.68 13.22
N VAL F 222 32.27 -16.44 13.43
CA VAL F 222 31.38 -16.76 12.32
C VAL F 222 30.74 -15.48 11.76
N LEU F 223 30.25 -14.60 12.63
CA LEU F 223 29.51 -13.42 12.20
C LEU F 223 30.42 -12.27 11.83
N ALA F 224 31.69 -12.56 11.55
CA ALA F 224 32.65 -11.53 11.16
C ALA F 224 33.00 -11.53 9.68
N ILE F 225 32.54 -12.52 8.90
CA ILE F 225 32.86 -12.56 7.49
C ILE F 225 32.18 -11.41 6.77
N ARG F 226 32.88 -10.81 5.81
CA ARG F 226 32.34 -9.67 5.08
C ARG F 226 31.19 -10.08 4.17
N MET F 227 30.17 -9.23 4.08
CA MET F 227 29.05 -9.52 3.19
C MET F 227 29.56 -9.59 1.75
N PRO F 228 29.05 -10.55 0.97
CA PRO F 228 29.51 -10.72 -0.41
C PRO F 228 29.69 -9.40 -1.12
N GLU F 229 28.85 -8.42 -0.83
CA GLU F 229 28.95 -7.12 -1.45
C GLU F 229 29.32 -6.12 -0.37
N THR F 230 29.90 -4.99 -0.80
CA THR F 230 30.38 -3.94 0.09
C THR F 230 31.46 -4.48 1.03
N THR F 231 31.72 -3.76 2.12
CA THR F 231 32.79 -4.11 3.05
C THR F 231 32.28 -4.49 4.43
N MET F 232 31.09 -4.04 4.81
CA MET F 232 30.56 -4.29 6.14
C MET F 232 30.30 -5.78 6.37
N SER F 233 30.41 -6.24 7.61
CA SER F 233 30.18 -7.63 7.95
C SER F 233 28.69 -7.90 8.14
N TYR F 234 28.37 -9.19 8.32
CA TYR F 234 26.98 -9.57 8.56
C TYR F 234 26.47 -8.99 9.87
N LEU F 235 27.35 -8.84 10.86
CA LEU F 235 26.94 -8.30 12.15
C LEU F 235 26.44 -6.87 12.02
N ASP F 236 27.12 -6.05 11.21
CA ASP F 236 26.72 -4.66 11.05
C ASP F 236 25.36 -4.55 10.39
N TYR F 237 25.13 -5.33 9.33
CA TYR F 237 23.83 -5.30 8.67
C TYR F 237 22.73 -5.81 9.59
N PHE F 238 23.03 -6.85 10.37
CA PHE F 238 22.04 -7.39 11.30
C PHE F 238 21.66 -6.35 12.35
N LYS F 239 22.65 -5.64 12.88
CA LYS F 239 22.33 -4.58 13.85
C LYS F 239 21.55 -3.45 13.20
N SER F 240 21.91 -3.08 11.96
CA SER F 240 21.22 -1.99 11.28
C SER F 240 19.75 -2.34 11.05
N GLN F 241 19.47 -3.58 10.66
CA GLN F 241 18.10 -3.97 10.37
C GLN F 241 17.35 -4.49 11.60
N ASN F 242 18.03 -4.65 12.73
CA ASN F 242 17.42 -5.15 13.95
C ASN F 242 17.80 -4.31 15.16
N SER F 243 17.65 -2.98 15.04
CA SER F 243 18.07 -2.06 16.08
C SER F 243 17.34 -2.31 17.40
N GLY F 244 18.04 -2.14 18.51
CA GLY F 244 17.48 -2.40 19.83
C GLY F 244 17.96 -3.69 20.47
N ILE F 245 18.32 -4.67 19.64
CA ILE F 245 18.80 -5.94 20.16
C ILE F 245 20.30 -5.86 20.44
N GLU F 246 20.70 -6.35 21.62
CA GLU F 246 22.09 -6.34 22.06
C GLU F 246 22.63 -7.76 22.00
N ILE F 247 23.79 -7.92 21.36
CA ILE F 247 24.41 -9.24 21.19
C ILE F 247 25.60 -9.35 22.14
N ASP F 248 25.70 -10.50 22.80
CA ASP F 248 26.75 -10.74 23.78
C ASP F 248 27.06 -12.23 23.75
N SER F 249 28.24 -12.60 24.23
CA SER F 249 28.69 -13.98 24.21
C SER F 249 29.15 -14.42 25.59
N ILE F 250 28.80 -15.66 25.94
CA ILE F 250 29.23 -16.25 27.21
C ILE F 250 29.81 -17.63 26.90
N ALA F 251 30.68 -18.10 27.78
CA ALA F 251 31.42 -19.35 27.58
C ALA F 251 30.71 -20.56 28.16
N GLU F 252 29.52 -20.39 28.73
CA GLU F 252 28.75 -21.49 29.29
C GLU F 252 27.81 -22.13 28.28
N LEU F 253 27.84 -21.69 27.02
CA LEU F 253 26.94 -22.16 25.99
C LEU F 253 27.62 -23.06 24.97
N GLU F 254 28.77 -23.62 25.31
CA GLU F 254 29.52 -24.47 24.39
C GLU F 254 29.45 -25.95 24.74
N ASP F 255 28.98 -26.29 25.93
CA ASP F 255 28.88 -27.67 26.37
C ASP F 255 27.54 -27.87 27.08
N ILE F 256 26.45 -27.46 26.42
CA ILE F 256 25.16 -27.31 27.09
C ILE F 256 24.65 -28.65 27.62
N ASP F 257 24.97 -29.75 26.96
CA ASP F 257 24.47 -31.05 27.41
C ASP F 257 25.54 -31.95 28.02
N GLY F 258 26.81 -31.68 27.77
CA GLY F 258 27.89 -32.51 28.25
C GLY F 258 28.57 -33.33 27.19
N ALA F 259 28.13 -33.24 25.94
CA ALA F 259 28.72 -33.97 24.82
C ALA F 259 29.16 -33.02 23.72
N GLY F 260 29.31 -31.74 24.06
CA GLY F 260 29.80 -30.75 23.12
C GLY F 260 28.83 -30.38 22.01
N THR F 261 27.73 -29.72 22.35
CA THR F 261 26.84 -29.16 21.36
C THR F 261 26.48 -27.72 21.72
N LYS F 262 26.96 -26.77 20.93
CA LYS F 262 26.76 -25.36 21.24
C LYS F 262 25.29 -24.97 21.04
N GLY F 263 24.90 -23.89 21.72
CA GLY F 263 23.54 -23.41 21.64
C GLY F 263 23.48 -21.90 21.74
N VAL F 264 22.34 -21.35 21.28
CA VAL F 264 22.10 -19.92 21.26
C VAL F 264 20.76 -19.65 21.92
N LEU F 265 20.72 -18.58 22.73
CA LEU F 265 19.51 -18.18 23.45
C LEU F 265 19.06 -16.82 22.95
N VAL F 266 17.79 -16.72 22.59
CA VAL F 266 17.14 -15.46 22.25
C VAL F 266 15.96 -15.29 23.19
N TYR F 267 15.93 -14.16 23.91
CA TYR F 267 14.94 -13.98 24.96
C TYR F 267 14.77 -12.49 25.25
N GLU F 268 13.75 -12.17 26.03
CA GLU F 268 13.52 -10.83 26.55
C GLU F 268 13.82 -10.80 28.05
N LYS F 269 14.58 -9.80 28.48
CA LYS F 269 14.96 -9.72 29.88
C LYS F 269 14.01 -8.83 30.67
N ASN F 270 13.29 -9.42 31.61
CA ASN F 270 12.37 -8.65 32.44
C ASN F 270 12.10 -9.43 33.72
N PRO F 271 12.17 -8.74 34.86
CA PRO F 271 12.01 -9.51 36.11
C PRO F 271 10.67 -10.20 36.25
N MET F 272 9.71 -9.96 35.35
CA MET F 272 8.42 -10.63 35.39
C MET F 272 8.37 -11.89 34.53
N ASN F 273 9.45 -12.21 33.80
CA ASN F 273 9.50 -13.40 32.96
C ASN F 273 10.46 -14.46 33.49
N MET F 274 11.46 -14.06 34.27
CA MET F 274 12.47 -14.99 34.80
C MET F 274 13.14 -14.30 35.98
N SER F 275 13.67 -15.11 36.89
CA SER F 275 14.23 -14.55 38.12
C SER F 275 15.15 -15.52 38.86
N ILE F 276 16.19 -14.97 39.49
CA ILE F 276 17.06 -15.69 40.41
C ILE F 276 17.03 -14.94 41.74
N GLU F 277 16.92 -15.69 42.83
CA GLU F 277 16.74 -15.09 44.15
C GLU F 277 17.72 -15.69 45.14
N ILE F 278 18.24 -14.84 46.02
CA ILE F 278 19.16 -15.24 47.09
C ILE F 278 18.60 -14.71 48.41
N PRO F 279 17.70 -15.44 49.07
CA PRO F 279 17.08 -14.91 50.30
C PRO F 279 18.06 -14.64 51.43
N GLU F 280 19.20 -15.31 51.48
CA GLU F 280 20.19 -15.05 52.52
C GLU F 280 21.58 -15.00 51.88
N ALA F 281 22.33 -13.96 52.21
CA ALA F 281 23.65 -13.76 51.61
C ALA F 281 24.71 -14.56 52.36
N PHE F 282 25.93 -14.53 51.82
CA PHE F 282 27.06 -15.22 52.42
C PHE F 282 27.34 -14.68 53.82
N ASN F 283 27.33 -15.56 54.81
CA ASN F 283 27.55 -15.19 56.20
C ASN F 283 28.66 -16.05 56.79
N MET F 284 29.38 -15.49 57.75
CA MET F 284 30.45 -16.20 58.45
C MET F 284 30.13 -16.21 59.94
N LEU F 285 29.81 -17.39 60.47
CA LEU F 285 29.53 -17.54 61.88
C LEU F 285 30.80 -17.31 62.69
N PRO F 286 30.68 -16.90 63.95
CA PRO F 286 31.88 -16.69 64.78
C PRO F 286 32.66 -17.97 64.98
N ALA F 287 33.97 -17.82 65.14
CA ALA F 287 34.87 -18.97 65.24
C ALA F 287 34.59 -19.76 66.50
N GLN F 288 34.68 -21.09 66.39
CA GLN F 288 34.48 -21.99 67.52
C GLN F 288 35.82 -22.63 67.90
N PRO F 289 36.45 -22.18 68.98
CA PRO F 289 37.83 -22.61 69.25
C PRO F 289 37.92 -24.05 69.70
N LYS F 290 39.07 -24.67 69.42
CA LYS F 290 39.48 -25.95 69.96
C LYS F 290 40.87 -25.78 70.55
N ASP F 291 41.54 -26.90 70.84
CA ASP F 291 42.88 -26.80 71.43
C ASP F 291 43.84 -26.13 70.46
N LEU F 292 44.14 -24.85 70.72
CA LEU F 292 45.14 -24.09 69.96
C LEU F 292 44.82 -24.01 68.47
N HIS F 293 43.52 -24.00 68.14
CA HIS F 293 43.08 -23.71 66.78
C HIS F 293 41.57 -23.49 66.73
N PHE F 294 41.04 -23.07 65.59
CA PHE F 294 39.65 -22.62 65.49
C PHE F 294 38.94 -23.35 64.36
N LYS F 295 37.70 -22.95 64.11
CA LYS F 295 36.89 -23.50 63.02
C LYS F 295 35.77 -22.49 62.73
N VAL F 296 35.78 -21.92 61.52
CA VAL F 296 34.85 -20.85 61.16
C VAL F 296 33.90 -21.40 60.10
N PRO F 297 32.62 -21.65 60.43
CA PRO F 297 31.67 -22.11 59.41
C PRO F 297 31.07 -20.99 58.58
N CYS F 298 30.61 -21.30 57.37
CA CYS F 298 29.97 -20.36 56.47
C CYS F 298 28.72 -20.98 55.88
N THR F 299 27.75 -20.13 55.54
CA THR F 299 26.48 -20.63 55.00
C THR F 299 25.78 -19.52 54.23
N SER F 300 24.82 -19.93 53.40
CA SER F 300 23.97 -19.03 52.61
C SER F 300 22.84 -19.86 52.00
N LYS F 301 21.93 -19.16 51.32
CA LYS F 301 20.78 -19.79 50.68
C LYS F 301 20.65 -19.32 49.23
N CYS F 302 20.01 -20.15 48.42
CA CYS F 302 19.81 -19.87 47.00
C CYS F 302 18.57 -20.60 46.52
N THR F 303 18.04 -20.16 45.39
CA THR F 303 16.80 -20.74 44.88
C THR F 303 16.96 -21.38 43.50
N GLY F 304 17.71 -20.76 42.60
CA GLY F 304 17.83 -21.27 41.24
C GLY F 304 17.24 -20.27 40.26
N LEU F 305 16.90 -20.77 39.08
CA LEU F 305 16.25 -19.98 38.04
C LEU F 305 14.85 -20.50 37.79
N THR F 306 13.86 -19.61 37.85
CA THR F 306 12.47 -19.96 37.58
C THR F 306 11.98 -19.14 36.41
N ILE F 307 11.42 -19.82 35.40
CA ILE F 307 10.86 -19.15 34.24
C ILE F 307 9.35 -19.00 34.46
N TYR F 308 8.87 -17.77 34.35
CA TYR F 308 7.49 -17.45 34.71
C TYR F 308 6.54 -17.50 33.53
N ARG F 309 7.00 -17.06 32.37
CA ARG F 309 6.19 -17.08 31.17
C ARG F 309 7.04 -17.67 30.07
N PRO F 310 7.17 -19.01 30.08
CA PRO F 310 8.19 -19.76 29.36
C PRO F 310 8.04 -19.66 27.84
N MET F 311 7.42 -18.58 27.37
CA MET F 311 7.25 -18.37 25.94
C MET F 311 8.06 -17.18 25.50
N THR F 312 8.94 -16.68 26.38
CA THR F 312 9.76 -15.54 26.02
C THR F 312 11.22 -15.96 25.80
N ILE F 313 11.48 -17.26 25.72
CA ILE F 313 12.83 -17.78 25.52
C ILE F 313 12.82 -18.76 24.36
N VAL F 314 13.78 -18.62 23.47
CA VAL F 314 13.94 -19.51 22.33
C VAL F 314 15.36 -20.05 22.33
N LEU F 315 15.49 -21.37 22.25
CA LEU F 315 16.79 -22.04 22.27
C LEU F 315 17.05 -22.67 20.91
N ILE F 316 18.20 -22.37 20.33
CA ILE F 316 18.63 -22.95 19.07
C ILE F 316 19.75 -23.95 19.38
N THR F 317 19.53 -25.21 19.04
CA THR F 317 20.44 -26.29 19.41
C THR F 317 21.17 -26.82 18.19
N GLY F 318 22.49 -26.98 18.32
CA GLY F 318 23.31 -27.61 17.30
C GLY F 318 24.24 -26.67 16.56
N VAL F 319 24.27 -25.40 16.94
CA VAL F 319 25.13 -24.43 16.25
C VAL F 319 26.60 -24.75 16.49
N ALA G 27 -0.57 -44.13 64.18
CA ALA G 27 0.05 -43.24 63.21
C ALA G 27 0.15 -41.81 63.69
N ALA G 28 -0.57 -40.92 63.04
CA ALA G 28 -0.48 -39.50 63.34
C ALA G 28 0.74 -39.02 62.63
N ALA G 29 0.52 -38.30 61.57
CA ALA G 29 1.62 -37.83 60.82
C ALA G 29 2.03 -36.72 61.63
N THR G 30 1.88 -35.55 61.06
CA THR G 30 2.18 -34.39 61.81
C THR G 30 3.31 -34.59 62.81
N MET G 31 3.04 -35.08 63.98
CA MET G 31 4.05 -35.19 64.92
C MET G 31 4.96 -34.05 64.64
N GLY G 32 4.42 -32.86 64.51
CA GLY G 32 5.26 -31.70 64.31
C GLY G 32 4.61 -30.48 64.93
N ILE G 33 5.25 -29.32 64.71
CA ILE G 33 4.78 -28.07 65.29
C ILE G 33 4.35 -27.06 64.23
N TRP G 34 4.94 -27.07 63.04
CA TRP G 34 4.59 -26.12 61.98
C TRP G 34 3.98 -26.86 60.81
N THR G 35 3.02 -26.21 60.15
CA THR G 35 2.38 -26.74 58.96
C THR G 35 3.00 -26.12 57.71
N ALA G 36 2.69 -26.71 56.56
CA ALA G 36 3.25 -26.22 55.30
C ALA G 36 2.75 -24.83 54.96
N GLN G 37 1.53 -24.50 55.41
CA GLN G 37 0.96 -23.19 55.11
C GLN G 37 1.70 -22.07 55.85
N GLU G 38 2.14 -22.34 57.08
CA GLU G 38 2.76 -21.29 57.89
C GLU G 38 4.09 -20.81 57.30
N LEU G 39 4.75 -21.63 56.50
CA LEU G 39 5.98 -21.24 55.80
C LEU G 39 5.71 -21.30 54.31
N HIS G 40 5.17 -20.20 53.77
CA HIS G 40 4.71 -20.17 52.40
C HIS G 40 4.52 -18.72 51.99
N ARG G 41 4.61 -18.47 50.68
CA ARG G 41 4.51 -17.12 50.14
C ARG G 41 3.72 -17.14 48.85
N ILE G 42 2.89 -16.12 48.66
CA ILE G 42 2.14 -15.91 47.42
C ILE G 42 2.64 -14.61 46.80
N LYS G 43 3.16 -14.69 45.58
CA LYS G 43 3.81 -13.54 44.97
C LYS G 43 2.80 -12.45 44.64
N SER G 44 3.23 -11.20 44.74
CA SER G 44 2.35 -10.07 44.49
C SER G 44 1.95 -9.99 43.03
N GLN G 45 2.86 -10.31 42.12
CA GLN G 45 2.57 -10.24 40.70
C GLN G 45 1.52 -11.29 40.32
N SER G 46 0.65 -10.93 39.39
CA SER G 46 -0.38 -11.82 38.87
C SER G 46 -0.48 -11.64 37.37
N TYR G 47 -0.41 -12.75 36.64
CA TYR G 47 -0.43 -12.69 35.17
C TYR G 47 -1.84 -12.93 34.66
N GLU G 48 -2.19 -12.23 33.57
CA GLU G 48 -3.53 -12.31 33.00
C GLU G 48 -3.42 -12.54 31.50
N GLU G 49 -4.28 -13.42 30.98
CA GLU G 49 -4.32 -13.66 29.54
C GLU G 49 -4.79 -12.41 28.82
N ASP G 50 -4.18 -12.13 27.67
CA ASP G 50 -4.44 -10.91 26.92
C ASP G 50 -5.32 -11.22 25.72
N TYR G 51 -6.43 -10.48 25.61
CA TYR G 51 -7.34 -10.60 24.48
C TYR G 51 -7.38 -9.26 23.75
N PRO G 52 -6.64 -9.11 22.65
CA PRO G 52 -6.71 -7.87 21.88
C PRO G 52 -8.10 -7.63 21.32
N VAL G 53 -8.45 -6.35 21.20
CA VAL G 53 -9.78 -5.97 20.73
C VAL G 53 -9.84 -6.01 19.21
N GLY G 54 -9.03 -5.17 18.58
CA GLY G 54 -9.07 -5.06 17.12
C GLY G 54 -8.62 -3.68 16.69
N SER G 55 -8.81 -3.40 15.40
CA SER G 55 -8.38 -2.12 14.85
C SER G 55 -9.39 -1.54 13.86
N ALA G 56 -10.68 -1.80 14.07
CA ALA G 56 -11.68 -1.24 13.16
C ALA G 56 -11.81 0.27 13.36
N LEU G 57 -11.86 0.74 14.61
CA LEU G 57 -12.01 2.16 14.86
C LEU G 57 -10.72 2.91 14.59
N ARG G 58 -9.58 2.24 14.75
CA ARG G 58 -8.29 2.89 14.49
C ARG G 58 -8.04 3.05 13.00
N VAL G 59 -8.49 2.09 12.19
CA VAL G 59 -8.25 2.12 10.75
C VAL G 59 -9.25 2.96 9.99
N PHE G 60 -10.52 2.92 10.36
CA PHE G 60 -11.56 3.63 9.62
C PHE G 60 -12.00 4.87 10.40
N PRO G 61 -12.41 5.93 9.70
CA PRO G 61 -12.76 7.17 10.40
C PRO G 61 -14.02 7.03 11.25
N VAL G 62 -14.11 7.88 12.26
CA VAL G 62 -15.24 7.93 13.18
C VAL G 62 -15.83 9.33 13.18
N THR G 63 -17.14 9.43 12.95
CA THR G 63 -17.84 10.71 12.90
C THR G 63 -18.85 10.79 14.03
N THR G 64 -19.37 12.01 14.24
CA THR G 64 -20.26 12.29 15.36
C THR G 64 -21.49 13.10 14.93
N GLU G 65 -22.15 12.72 13.84
CA GLU G 65 -23.32 13.48 13.38
C GLU G 65 -24.58 13.07 14.13
N LEU G 66 -24.85 11.77 14.21
CA LEU G 66 -26.13 11.30 14.73
C LEU G 66 -26.25 11.55 16.22
N SER G 67 -27.45 11.97 16.63
CA SER G 67 -27.80 12.07 18.04
C SER G 67 -28.29 10.70 18.53
N PRO G 68 -28.28 10.48 19.85
CA PRO G 68 -28.66 9.15 20.36
C PRO G 68 -30.05 8.69 19.95
N THR G 69 -30.99 9.61 19.76
CA THR G 69 -32.37 9.22 19.52
C THR G 69 -32.68 8.93 18.05
N ASP G 70 -31.74 9.14 17.14
CA ASP G 70 -32.01 8.89 15.73
C ASP G 70 -32.02 7.40 15.43
N LYS G 71 -32.87 7.00 14.49
CA LYS G 71 -32.93 5.62 14.03
C LYS G 71 -32.48 5.46 12.58
N THR G 72 -32.57 6.52 11.77
CA THR G 72 -32.20 6.44 10.36
C THR G 72 -31.47 7.72 9.98
N PHE G 73 -30.82 7.69 8.81
CA PHE G 73 -30.17 8.85 8.24
C PHE G 73 -30.14 8.72 6.72
N GLU G 74 -29.91 9.85 6.04
CA GLU G 74 -30.05 9.91 4.59
C GLU G 74 -29.05 10.89 4.00
N TYR G 75 -28.52 10.55 2.82
CA TYR G 75 -27.65 11.43 2.04
C TYR G 75 -28.09 11.38 0.59
N MET G 76 -27.80 12.45 -0.16
CA MET G 76 -28.32 12.63 -1.50
C MET G 76 -27.21 12.94 -2.51
N THR G 77 -27.45 12.56 -3.77
CA THR G 77 -26.56 12.84 -4.88
C THR G 77 -27.36 13.42 -6.04
N PHE G 78 -26.66 14.00 -7.01
CA PHE G 78 -27.28 14.64 -8.17
C PHE G 78 -26.55 14.27 -9.45
N ASP G 79 -27.13 14.67 -10.58
CA ASP G 79 -26.60 14.34 -11.90
C ASP G 79 -27.17 15.30 -12.93
N LYS G 80 -26.73 15.14 -14.19
CA LYS G 80 -27.17 16.00 -15.28
C LYS G 80 -26.97 15.29 -16.61
N VAL G 81 -27.72 15.74 -17.62
CA VAL G 81 -27.60 15.22 -18.98
C VAL G 81 -27.67 16.39 -19.95
N GLY G 82 -27.25 16.16 -21.19
CA GLY G 82 -27.31 17.20 -22.20
C GLY G 82 -26.48 16.84 -23.40
N THR G 83 -26.59 17.69 -24.43
CA THR G 83 -25.87 17.49 -25.69
C THR G 83 -25.87 18.80 -26.46
N ALA G 84 -25.13 18.81 -27.58
CA ALA G 84 -25.05 19.96 -28.46
C ALA G 84 -24.83 19.48 -29.89
N GLN G 85 -25.15 20.35 -30.86
CA GLN G 85 -25.08 19.99 -32.26
C GLN G 85 -24.60 21.19 -33.06
N ILE G 86 -24.19 20.92 -34.30
CA ILE G 86 -23.79 21.98 -35.23
C ILE G 86 -25.02 22.42 -36.01
N ILE G 87 -25.35 23.70 -35.94
CA ILE G 87 -26.58 24.24 -36.49
C ILE G 87 -26.26 25.29 -37.54
N ALA G 88 -27.32 25.82 -38.15
CA ALA G 88 -27.25 26.94 -39.08
C ALA G 88 -28.33 27.96 -38.72
N ASP G 89 -28.27 29.12 -39.36
CA ASP G 89 -29.32 30.11 -39.16
C ASP G 89 -30.65 29.56 -39.66
N TYR G 90 -31.74 30.04 -39.04
CA TYR G 90 -33.09 29.51 -39.27
C TYR G 90 -33.14 28.02 -38.91
N THR G 91 -32.80 27.72 -37.65
CA THR G 91 -32.69 26.33 -37.21
C THR G 91 -33.97 25.79 -36.57
N ASP G 92 -34.52 26.49 -35.57
CA ASP G 92 -35.81 26.14 -34.96
C ASP G 92 -35.84 24.77 -34.28
N ASP G 93 -34.70 24.08 -34.20
CA ASP G 93 -34.62 22.78 -33.54
C ASP G 93 -33.31 22.61 -32.78
N LEU G 94 -33.35 22.89 -31.48
CA LEU G 94 -32.17 22.80 -30.63
C LEU G 94 -32.40 21.79 -29.51
N PRO G 95 -31.37 21.05 -29.13
CA PRO G 95 -31.54 20.02 -28.09
C PRO G 95 -31.74 20.64 -26.71
N LEU G 96 -32.02 19.78 -25.74
CA LEU G 96 -32.40 20.20 -24.40
C LEU G 96 -31.58 19.44 -23.35
N VAL G 97 -31.58 19.96 -22.12
CA VAL G 97 -30.83 19.39 -21.01
C VAL G 97 -31.75 19.30 -19.79
N ASP G 98 -31.33 18.50 -18.81
CA ASP G 98 -32.12 18.29 -17.59
C ASP G 98 -31.19 17.95 -16.44
N ALA G 99 -31.75 17.43 -15.35
CA ALA G 99 -31.00 17.13 -14.13
C ALA G 99 -31.72 16.03 -13.35
N LEU G 100 -31.05 15.48 -12.35
CA LEU G 100 -31.58 14.34 -11.60
C LEU G 100 -31.39 14.46 -10.09
N GLY G 101 -31.66 13.36 -9.38
CA GLY G 101 -31.47 13.31 -7.94
C GLY G 101 -31.63 11.88 -7.46
N THR G 102 -31.06 11.61 -6.29
CA THR G 102 -31.01 10.25 -5.72
C THR G 102 -30.72 10.38 -4.22
N SER G 103 -31.19 9.40 -3.45
CA SER G 103 -30.96 9.38 -2.01
C SER G 103 -30.79 7.95 -1.53
N GLU G 104 -30.09 7.78 -0.40
CA GLU G 104 -29.86 6.48 0.22
C GLU G 104 -30.03 6.60 1.73
N PHE G 105 -30.15 5.46 2.41
CA PHE G 105 -30.55 5.43 3.81
C PHE G 105 -29.60 4.55 4.63
N GLY G 106 -29.88 4.48 5.94
CA GLY G 106 -29.11 3.70 6.89
C GLY G 106 -29.88 3.53 8.18
N LYS G 107 -29.33 2.70 9.08
CA LYS G 107 -30.01 2.35 10.32
C LYS G 107 -29.01 2.32 11.49
N VAL G 108 -29.56 2.17 12.70
CA VAL G 108 -28.80 2.17 13.95
C VAL G 108 -29.26 0.98 14.79
N PHE G 109 -28.38 0.48 15.65
CA PHE G 109 -28.64 -0.71 16.45
C PHE G 109 -28.22 -0.49 17.91
N ARG G 110 -28.58 -1.46 18.76
CA ARG G 110 -28.33 -1.41 20.19
C ARG G 110 -27.80 -2.76 20.67
N LEU G 111 -26.99 -2.72 21.74
CA LEU G 111 -26.24 -3.87 22.23
C LEU G 111 -26.46 -4.00 23.74
N GLY G 112 -26.19 -5.17 24.28
CA GLY G 112 -26.36 -5.37 25.72
C GLY G 112 -25.91 -6.73 26.22
N ASN G 113 -25.58 -6.77 27.51
CA ASN G 113 -25.27 -8.01 28.24
C ASN G 113 -25.39 -7.71 29.73
N ALA G 114 -25.04 -8.70 30.55
CA ALA G 114 -25.19 -8.56 32.00
C ALA G 114 -24.27 -9.56 32.71
N TYR G 115 -24.31 -9.56 34.05
CA TYR G 115 -23.55 -10.50 34.87
C TYR G 115 -24.17 -10.63 36.26
N LEU G 116 -23.83 -11.70 36.98
CA LEU G 116 -24.40 -11.98 38.30
C LEU G 116 -23.32 -12.15 39.35
N ILE G 117 -23.68 -11.90 40.61
CA ILE G 117 -22.79 -12.07 41.75
C ILE G 117 -23.63 -12.14 43.02
N SER G 118 -23.09 -12.79 44.05
CA SER G 118 -23.78 -13.00 45.30
C SER G 118 -23.11 -12.21 46.43
N ILE G 119 -23.74 -12.23 47.60
CA ILE G 119 -23.18 -11.54 48.77
C ILE G 119 -21.93 -12.21 49.30
N ASP G 120 -21.92 -13.55 49.32
CA ASP G 120 -20.76 -14.28 49.83
C ASP G 120 -19.52 -13.99 48.99
N GLU G 121 -19.68 -13.93 47.67
CA GLU G 121 -18.54 -13.62 46.80
C GLU G 121 -18.05 -12.21 47.03
N ILE G 122 -18.95 -11.25 47.25
CA ILE G 122 -18.55 -9.88 47.54
C ILE G 122 -17.74 -9.84 48.83
N LYS G 123 -18.22 -10.53 49.86
CA LYS G 123 -17.52 -10.52 51.14
C LYS G 123 -16.17 -11.21 51.04
N ALA G 124 -16.09 -12.29 50.25
CA ALA G 124 -14.80 -12.97 50.06
C ALA G 124 -13.83 -12.08 49.29
N GLY G 125 -14.31 -11.36 48.30
CA GLY G 125 -13.48 -10.44 47.55
C GLY G 125 -12.95 -9.31 48.40
N GLN G 126 -13.79 -8.73 49.25
CA GLN G 126 -13.35 -7.64 50.11
C GLN G 126 -12.38 -8.12 51.19
N ALA G 127 -12.37 -9.43 51.48
CA ALA G 127 -11.52 -9.99 52.52
C ALA G 127 -10.20 -10.53 52.00
N THR G 128 -10.02 -10.58 50.67
CA THR G 128 -8.76 -11.06 50.11
C THR G 128 -8.11 -10.08 49.14
N GLY G 129 -8.73 -8.95 48.83
CA GLY G 129 -8.14 -8.01 47.90
C GLY G 129 -8.17 -8.44 46.45
N ARG G 130 -9.02 -9.40 46.11
CA ARG G 130 -9.12 -9.90 44.73
C ARG G 130 -10.60 -9.91 44.34
N PRO G 131 -11.13 -8.76 43.94
CA PRO G 131 -12.56 -8.67 43.61
C PRO G 131 -12.94 -9.45 42.35
N LEU G 132 -14.21 -9.82 42.24
CA LEU G 132 -14.70 -10.49 41.04
C LEU G 132 -15.52 -9.56 40.17
N SER G 133 -16.14 -8.54 40.78
CA SER G 133 -17.00 -7.63 40.05
C SER G 133 -16.22 -6.87 38.99
N THR G 134 -15.00 -6.42 39.33
CA THR G 134 -14.20 -5.68 38.36
C THR G 134 -13.83 -6.56 37.17
N ARG G 135 -13.46 -7.81 37.41
CA ARG G 135 -13.12 -8.72 36.32
C ARG G 135 -14.33 -8.96 35.42
N LYS G 136 -15.50 -9.16 36.02
CA LYS G 136 -16.69 -9.39 35.20
C LYS G 136 -17.06 -8.15 34.39
N ALA G 137 -16.93 -6.96 34.98
CA ALA G 137 -17.22 -5.73 34.24
C ALA G 137 -16.25 -5.54 33.07
N SER G 138 -14.97 -5.82 33.30
CA SER G 138 -13.99 -5.73 32.21
C SER G 138 -14.30 -6.74 31.11
N ALA G 139 -14.72 -7.94 31.49
CA ALA G 139 -15.12 -8.93 30.50
C ALA G 139 -16.31 -8.44 29.68
N CYS G 140 -17.28 -7.80 30.33
CA CYS G 140 -18.45 -7.28 29.62
C CYS G 140 -18.04 -6.21 28.61
N GLN G 141 -17.19 -5.28 29.03
CA GLN G 141 -16.76 -4.21 28.13
C GLN G 141 -15.98 -4.77 26.95
N LEU G 142 -15.10 -5.75 27.23
CA LEU G 142 -14.32 -6.40 26.18
C LEU G 142 -15.24 -7.10 25.19
N ALA G 143 -16.29 -7.76 25.69
CA ALA G 143 -17.25 -8.42 24.81
C ALA G 143 -17.95 -7.42 23.90
N HIS G 144 -18.34 -6.27 24.46
CA HIS G 144 -18.95 -5.23 23.63
C HIS G 144 -18.02 -4.78 22.52
N ASP G 145 -16.77 -4.48 22.87
CA ASP G 145 -15.82 -3.99 21.87
C ASP G 145 -15.57 -5.03 20.79
N GLN G 146 -15.42 -6.30 21.19
CA GLN G 146 -15.15 -7.36 20.21
C GLN G 146 -16.35 -7.61 19.31
N LEU G 147 -17.57 -7.49 19.83
CA LEU G 147 -18.73 -7.69 18.97
C LEU G 147 -18.89 -6.54 17.99
N VAL G 148 -18.52 -5.32 18.41
CA VAL G 148 -18.51 -4.21 17.45
C VAL G 148 -17.50 -4.49 16.34
N ASN G 149 -16.33 -5.00 16.71
CA ASN G 149 -15.32 -5.38 15.70
C ASN G 149 -15.86 -6.46 14.76
N ARG G 150 -16.56 -7.44 15.31
CA ARG G 150 -17.15 -8.50 14.50
C ARG G 150 -18.17 -7.94 13.52
N LEU G 151 -18.99 -7.00 13.97
CA LEU G 151 -19.96 -6.36 13.08
C LEU G 151 -19.26 -5.64 11.95
N VAL G 152 -18.16 -4.94 12.26
CA VAL G 152 -17.47 -4.15 11.24
C VAL G 152 -16.82 -5.07 10.20
N PHE G 153 -16.10 -6.10 10.66
CA PHE G 153 -15.28 -6.89 9.74
C PHE G 153 -15.96 -8.13 9.19
N LYS G 154 -17.12 -8.52 9.73
CA LYS G 154 -17.85 -9.67 9.21
C LYS G 154 -19.33 -9.41 8.97
N GLY G 155 -19.95 -8.47 9.69
CA GLY G 155 -21.34 -8.15 9.48
C GLY G 155 -22.28 -9.23 9.98
N SER G 156 -23.59 -8.98 9.89
CA SER G 156 -24.60 -9.96 10.25
C SER G 156 -25.66 -10.01 9.16
N ALA G 157 -25.89 -11.20 8.62
CA ALA G 157 -26.83 -11.38 7.52
C ALA G 157 -28.29 -11.08 7.91
N PRO G 158 -28.82 -11.61 9.03
CA PRO G 158 -30.23 -11.35 9.36
C PRO G 158 -30.56 -9.88 9.54
N HIS G 159 -29.62 -9.10 10.06
CA HIS G 159 -29.82 -7.68 10.27
C HIS G 159 -29.49 -6.83 9.05
N LYS G 160 -29.12 -7.46 7.93
CA LYS G 160 -28.78 -6.75 6.69
C LYS G 160 -27.61 -5.79 6.91
N ILE G 161 -26.55 -6.30 7.55
CA ILE G 161 -25.30 -5.59 7.71
C ILE G 161 -24.26 -6.30 6.84
N VAL G 162 -23.62 -5.55 5.95
CA VAL G 162 -22.67 -6.09 4.99
C VAL G 162 -21.26 -5.77 5.46
N SER G 163 -20.38 -6.77 5.39
CA SER G 163 -18.99 -6.58 5.79
C SER G 163 -18.23 -5.80 4.72
N VAL G 164 -16.95 -5.56 5.00
CA VAL G 164 -16.10 -4.84 4.05
C VAL G 164 -15.84 -5.70 2.82
N PHE G 165 -15.64 -7.00 3.02
CA PHE G 165 -15.24 -7.89 1.93
C PHE G 165 -16.41 -8.39 1.11
N ASN G 166 -17.66 -8.20 1.55
CA ASN G 166 -18.80 -8.72 0.81
C ASN G 166 -19.66 -7.63 0.20
N HIS G 167 -19.18 -6.39 0.15
CA HIS G 167 -19.98 -5.33 -0.42
C HIS G 167 -20.05 -5.49 -1.94
N PRO G 168 -21.25 -5.41 -2.52
CA PRO G 168 -21.39 -5.62 -3.97
C PRO G 168 -20.60 -4.65 -4.82
N ASN G 169 -20.74 -3.35 -4.56
CA ASN G 169 -20.15 -2.33 -5.43
C ASN G 169 -18.80 -1.89 -4.88
N ILE G 170 -17.84 -2.82 -4.91
CA ILE G 170 -16.43 -2.51 -4.65
C ILE G 170 -15.59 -3.20 -5.71
N THR G 171 -14.39 -2.68 -5.91
CA THR G 171 -13.45 -3.24 -6.88
C THR G 171 -12.75 -4.44 -6.26
N LYS G 172 -12.83 -5.59 -6.95
CA LYS G 172 -12.25 -6.83 -6.48
C LYS G 172 -11.28 -7.37 -7.51
N ILE G 173 -10.09 -7.76 -7.05
CA ILE G 173 -9.01 -8.23 -7.93
C ILE G 173 -8.57 -9.58 -7.41
N THR G 174 -8.63 -10.60 -8.26
CA THR G 174 -8.02 -11.89 -7.95
C THR G 174 -6.53 -11.84 -8.21
N SER G 175 -5.76 -12.52 -7.37
CA SER G 175 -4.31 -12.42 -7.42
C SER G 175 -3.68 -13.80 -7.40
N GLY G 176 -2.49 -13.89 -8.00
CA GLY G 176 -1.67 -15.06 -7.84
C GLY G 176 -1.07 -15.14 -6.45
N LYS G 177 -0.65 -16.35 -6.08
CA LYS G 177 -0.16 -16.61 -4.73
C LYS G 177 1.13 -15.83 -4.50
N TRP G 178 1.14 -14.99 -3.46
CA TRP G 178 2.39 -14.31 -3.10
C TRP G 178 3.41 -15.29 -2.55
N ILE G 179 2.96 -16.27 -1.78
CA ILE G 179 3.83 -17.33 -1.24
C ILE G 179 3.26 -18.68 -1.63
N ASP G 180 3.78 -19.28 -2.70
CA ASP G 180 3.36 -20.62 -3.07
C ASP G 180 4.14 -21.66 -2.27
N VAL G 181 3.42 -22.60 -1.69
CA VAL G 181 3.95 -23.59 -0.75
C VAL G 181 5.00 -22.98 0.19
N SER G 182 6.23 -22.81 -0.26
CA SER G 182 7.25 -22.11 0.53
C SER G 182 8.02 -21.08 -0.26
N THR G 183 8.01 -21.14 -1.59
CA THR G 183 8.67 -20.12 -2.39
C THR G 183 7.94 -18.79 -2.30
N MET G 184 8.70 -17.71 -2.36
CA MET G 184 8.17 -16.35 -2.22
C MET G 184 8.39 -15.62 -3.54
N LYS G 185 7.33 -14.99 -4.05
CA LYS G 185 7.42 -14.21 -5.29
C LYS G 185 7.35 -12.72 -4.95
N PRO G 186 8.49 -12.05 -4.84
CA PRO G 186 8.50 -10.63 -4.44
C PRO G 186 8.21 -9.65 -5.56
N GLU G 187 8.09 -10.10 -6.81
CA GLU G 187 7.86 -9.20 -7.93
C GLU G 187 6.41 -9.11 -8.35
N THR G 188 5.56 -10.08 -8.00
CA THR G 188 4.13 -9.95 -8.23
C THR G 188 3.48 -8.99 -7.25
N ALA G 189 3.99 -8.91 -6.02
CA ALA G 189 3.42 -8.01 -5.03
C ALA G 189 3.47 -6.56 -5.48
N GLU G 190 4.64 -6.13 -5.97
CA GLU G 190 4.78 -4.75 -6.41
C GLU G 190 3.87 -4.46 -7.60
N ALA G 191 3.79 -5.38 -8.55
CA ALA G 191 2.95 -5.18 -9.72
C ALA G 191 1.48 -5.05 -9.32
N GLU G 192 1.04 -5.93 -8.43
CA GLU G 192 -0.37 -5.90 -8.00
C GLU G 192 -0.67 -4.65 -7.20
N LEU G 193 0.26 -4.22 -6.34
CA LEU G 193 0.03 -3.00 -5.57
C LEU G 193 -0.05 -1.78 -6.48
N THR G 194 0.86 -1.70 -7.47
CA THR G 194 0.82 -0.57 -8.40
C THR G 194 -0.46 -0.58 -9.22
N GLN G 195 -0.89 -1.76 -9.68
CA GLN G 195 -2.14 -1.86 -10.42
C GLN G 195 -3.35 -1.44 -9.59
N ALA G 196 -3.41 -1.87 -8.33
CA ALA G 196 -4.48 -1.48 -7.43
C ALA G 196 -4.47 0.01 -7.13
N ILE G 197 -3.30 0.63 -7.00
CA ILE G 197 -3.21 2.06 -6.76
C ILE G 197 -3.72 2.81 -7.98
N GLU G 198 -3.33 2.35 -9.18
CA GLU G 198 -3.74 3.06 -10.39
C GLU G 198 -5.22 2.85 -10.69
N THR G 199 -5.79 1.73 -10.24
CA THR G 199 -7.20 1.45 -10.49
C THR G 199 -8.11 2.49 -9.86
N ILE G 200 -7.81 2.90 -8.63
CA ILE G 200 -8.63 3.88 -7.92
C ILE G 200 -8.64 5.20 -8.66
N GLU G 201 -7.48 5.62 -9.15
CA GLU G 201 -7.40 6.88 -9.90
C GLU G 201 -8.09 6.77 -11.25
N THR G 202 -7.97 5.62 -11.92
CA THR G 202 -8.54 5.47 -13.24
C THR G 202 -10.06 5.42 -13.19
N ILE G 203 -10.61 4.63 -12.26
CA ILE G 203 -12.06 4.40 -12.23
C ILE G 203 -12.80 5.65 -11.81
N THR G 204 -12.30 6.34 -10.77
CA THR G 204 -12.95 7.55 -10.28
C THR G 204 -12.53 8.79 -11.05
N ARG G 205 -11.82 8.63 -12.17
CA ARG G 205 -11.47 9.74 -13.08
C ARG G 205 -10.65 10.81 -12.37
N GLY G 206 -9.75 10.38 -11.49
CA GLY G 206 -8.76 11.26 -10.91
C GLY G 206 -9.20 12.07 -9.71
N GLN G 207 -10.44 11.92 -9.26
CA GLN G 207 -10.91 12.65 -8.08
C GLN G 207 -10.35 12.08 -6.79
N HIS G 208 -10.03 10.79 -6.75
CA HIS G 208 -9.59 10.13 -5.52
C HIS G 208 -8.32 9.34 -5.80
N ARG G 209 -7.40 9.35 -4.83
CA ARG G 209 -6.15 8.61 -4.93
C ARG G 209 -5.92 7.85 -3.63
N ALA G 210 -5.24 6.73 -3.74
CA ALA G 210 -5.00 5.85 -2.59
C ALA G 210 -4.05 6.49 -1.60
N THR G 211 -4.31 6.22 -0.31
CA THR G 211 -3.45 6.72 0.76
C THR G 211 -3.00 5.65 1.74
N ASN G 212 -3.72 4.53 1.90
CA ASN G 212 -3.37 3.55 2.91
C ASN G 212 -3.43 2.16 2.30
N ILE G 213 -2.60 1.25 2.85
CA ILE G 213 -2.57 -0.15 2.46
C ILE G 213 -2.54 -0.99 3.74
N LEU G 214 -3.20 -2.15 3.71
CA LEU G 214 -3.24 -3.07 4.85
C LEU G 214 -2.96 -4.48 4.32
N ILE G 215 -1.85 -5.05 4.76
CA ILE G 215 -1.43 -6.39 4.32
C ILE G 215 -1.50 -7.35 5.51
N PRO G 216 -1.59 -8.65 5.28
CA PRO G 216 -1.50 -9.59 6.40
C PRO G 216 -0.14 -9.52 7.05
N PRO G 217 -0.03 -9.81 8.36
CA PRO G 217 1.24 -9.64 9.07
C PRO G 217 2.18 -10.82 8.87
N SER G 218 2.25 -11.32 7.63
CA SER G 218 3.14 -12.41 7.29
C SER G 218 3.88 -12.09 6.00
N MET G 219 3.37 -11.14 5.22
CA MET G 219 3.97 -10.76 3.95
C MET G 219 5.06 -9.72 4.17
N ARG G 220 5.30 -9.34 5.42
CA ARG G 220 6.34 -8.36 5.72
C ARG G 220 7.71 -8.89 5.31
N LYS G 221 7.97 -10.18 5.50
CA LYS G 221 9.24 -10.75 5.04
C LYS G 221 9.33 -10.72 3.52
N VAL G 222 8.22 -10.94 2.83
CA VAL G 222 8.23 -10.88 1.36
C VAL G 222 8.58 -9.48 0.90
N LEU G 223 7.99 -8.47 1.54
CA LEU G 223 8.25 -7.09 1.13
C LEU G 223 9.63 -6.60 1.57
N ALA G 224 10.33 -7.37 2.41
CA ALA G 224 11.61 -6.91 2.96
C ALA G 224 12.81 -7.55 2.28
N ILE G 225 12.61 -8.39 1.26
CA ILE G 225 13.71 -9.03 0.55
C ILE G 225 14.52 -7.99 -0.20
N ARG G 226 15.83 -8.10 -0.17
CA ARG G 226 16.68 -7.10 -0.81
C ARG G 226 16.71 -7.27 -2.33
N MET G 227 16.82 -6.16 -3.04
CA MET G 227 16.88 -6.22 -4.50
C MET G 227 18.03 -7.12 -4.92
N PRO G 228 17.77 -8.03 -5.87
CA PRO G 228 18.80 -8.98 -6.31
C PRO G 228 20.23 -8.44 -6.26
N GLU G 229 20.61 -7.64 -7.25
CA GLU G 229 21.99 -7.14 -7.31
C GLU G 229 22.12 -5.76 -6.68
N THR G 230 21.37 -5.49 -5.60
CA THR G 230 21.43 -4.19 -4.95
C THR G 230 21.47 -4.37 -3.44
N THR G 231 21.56 -3.27 -2.69
CA THR G 231 21.59 -3.31 -1.23
C THR G 231 20.35 -2.65 -0.63
N MET G 232 19.30 -2.47 -1.44
CA MET G 232 18.05 -1.88 -1.01
C MET G 232 16.94 -2.92 -1.21
N SER G 233 15.87 -2.79 -0.42
CA SER G 233 14.77 -3.74 -0.40
C SER G 233 13.63 -3.25 -1.28
N TYR G 234 12.71 -4.16 -1.59
CA TYR G 234 11.57 -3.82 -2.43
C TYR G 234 10.69 -2.75 -1.79
N LEU G 235 10.46 -2.86 -0.48
CA LEU G 235 9.60 -1.90 0.20
C LEU G 235 10.17 -0.50 0.14
N ASP G 236 11.48 -0.37 0.28
CA ASP G 236 12.11 0.94 0.22
C ASP G 236 11.93 1.58 -1.16
N TYR G 237 12.10 0.77 -2.22
CA TYR G 237 11.93 1.28 -3.57
C TYR G 237 10.49 1.70 -3.83
N PHE G 238 9.54 0.86 -3.39
CA PHE G 238 8.12 1.16 -3.54
C PHE G 238 7.76 2.46 -2.81
N LYS G 239 8.27 2.62 -1.59
CA LYS G 239 7.99 3.85 -0.83
C LYS G 239 8.65 5.05 -1.48
N SER G 240 9.83 4.87 -2.06
CA SER G 240 10.51 5.98 -2.73
C SER G 240 9.71 6.47 -3.94
N GLN G 241 9.17 5.55 -4.74
CA GLN G 241 8.42 5.99 -5.90
C GLN G 241 6.94 6.25 -5.62
N ASN G 242 6.44 5.92 -4.43
CA ASN G 242 5.05 6.12 -4.08
C ASN G 242 4.91 6.88 -2.76
N SER G 243 5.63 7.99 -2.61
CA SER G 243 5.64 8.76 -1.37
C SER G 243 4.23 9.23 -1.00
N GLY G 244 3.90 9.15 0.28
CA GLY G 244 2.58 9.49 0.76
C GLY G 244 1.76 8.32 1.25
N ILE G 245 1.96 7.15 0.64
CA ILE G 245 1.24 5.95 1.06
C ILE G 245 1.90 5.34 2.30
N GLU G 246 1.06 5.01 3.28
CA GLU G 246 1.52 4.39 4.52
C GLU G 246 1.08 2.94 4.52
N ILE G 247 1.99 2.03 4.88
CA ILE G 247 1.72 0.60 4.88
C ILE G 247 1.64 0.10 6.31
N ASP G 248 0.60 -0.68 6.60
CA ASP G 248 0.41 -1.26 7.92
C ASP G 248 -0.11 -2.69 7.75
N SER G 249 -0.09 -3.44 8.84
CA SER G 249 -0.55 -4.82 8.83
C SER G 249 -1.51 -5.06 9.98
N ILE G 250 -2.56 -5.83 9.71
CA ILE G 250 -3.54 -6.22 10.71
C ILE G 250 -3.78 -7.72 10.60
N ALA G 251 -4.15 -8.33 11.72
CA ALA G 251 -4.36 -9.77 11.79
C ALA G 251 -5.74 -10.19 11.33
N GLU G 252 -6.64 -9.26 11.07
CA GLU G 252 -7.99 -9.56 10.59
C GLU G 252 -8.02 -9.89 9.12
N LEU G 253 -6.93 -9.66 8.39
CA LEU G 253 -6.85 -9.97 6.97
C LEU G 253 -6.20 -11.31 6.70
N GLU G 254 -5.83 -12.05 7.75
CA GLU G 254 -5.24 -13.37 7.61
C GLU G 254 -6.29 -14.47 7.50
N ASP G 255 -7.56 -14.12 7.67
CA ASP G 255 -8.66 -15.08 7.54
C ASP G 255 -9.91 -14.33 7.14
N ILE G 256 -10.26 -14.39 5.85
CA ILE G 256 -11.32 -13.53 5.33
C ILE G 256 -12.66 -14.25 5.36
N ASP G 257 -12.73 -15.46 4.80
CA ASP G 257 -13.99 -16.16 4.60
C ASP G 257 -14.14 -17.37 5.52
N GLY G 258 -13.37 -17.40 6.61
CA GLY G 258 -13.44 -18.52 7.52
C GLY G 258 -12.79 -19.79 7.01
N ALA G 259 -11.98 -19.71 5.96
CA ALA G 259 -11.33 -20.89 5.40
C ALA G 259 -9.83 -20.73 5.21
N GLY G 260 -9.26 -19.57 5.49
CA GLY G 260 -7.83 -19.36 5.37
C GLY G 260 -7.37 -18.46 4.25
N THR G 261 -8.28 -17.82 3.52
CA THR G 261 -7.89 -16.90 2.47
C THR G 261 -7.31 -15.62 3.07
N LYS G 262 -6.46 -14.95 2.31
CA LYS G 262 -5.80 -13.72 2.75
C LYS G 262 -6.10 -12.61 1.76
N GLY G 263 -6.12 -11.38 2.25
CA GLY G 263 -6.48 -10.25 1.41
C GLY G 263 -5.73 -9.00 1.78
N VAL G 264 -5.65 -8.08 0.82
CA VAL G 264 -4.99 -6.79 0.98
C VAL G 264 -5.98 -5.70 0.59
N LEU G 265 -6.04 -4.64 1.40
CA LEU G 265 -6.97 -3.53 1.19
C LEU G 265 -6.18 -2.30 0.78
N VAL G 266 -6.56 -1.71 -0.35
CA VAL G 266 -6.04 -0.42 -0.80
C VAL G 266 -7.21 0.54 -0.89
N TYR G 267 -7.12 1.65 -0.17
CA TYR G 267 -8.25 2.56 -0.06
C TYR G 267 -7.72 3.95 0.29
N GLU G 268 -8.64 4.92 0.31
CA GLU G 268 -8.26 6.28 0.66
C GLU G 268 -9.02 6.67 1.92
N LYS G 269 -8.31 6.88 3.02
CA LYS G 269 -8.97 7.20 4.28
C LYS G 269 -9.52 8.60 4.31
N ASN G 270 -10.82 8.73 4.60
CA ASN G 270 -11.44 10.04 4.71
C ASN G 270 -12.81 9.90 5.34
N PRO G 271 -13.12 10.74 6.34
CA PRO G 271 -14.46 10.53 6.89
C PRO G 271 -15.56 10.98 5.96
N MET G 272 -15.23 11.23 4.69
CA MET G 272 -16.20 11.63 3.69
C MET G 272 -16.64 10.47 2.81
N ASN G 273 -15.88 9.37 2.79
CA ASN G 273 -16.20 8.18 2.02
C ASN G 273 -16.69 7.03 2.89
N MET G 274 -16.32 6.99 4.16
CA MET G 274 -16.69 5.92 5.08
C MET G 274 -16.61 6.46 6.50
N SER G 275 -17.41 5.87 7.39
CA SER G 275 -17.43 6.33 8.77
C SER G 275 -18.08 5.27 9.65
N ILE G 276 -17.71 5.28 10.93
CA ILE G 276 -18.32 4.46 11.96
C ILE G 276 -18.78 5.39 13.08
N GLU G 277 -19.99 5.17 13.58
CA GLU G 277 -20.58 6.04 14.59
C GLU G 277 -21.01 5.24 15.81
N ILE G 278 -20.78 5.82 16.98
CA ILE G 278 -21.19 5.23 18.25
C ILE G 278 -22.00 6.29 19.02
N PRO G 279 -23.30 6.40 18.77
CA PRO G 279 -24.08 7.47 19.42
C PRO G 279 -24.18 7.35 20.93
N GLU G 280 -23.92 6.17 21.51
CA GLU G 280 -23.96 6.04 22.96
C GLU G 280 -22.88 5.04 23.39
N ALA G 281 -22.13 5.41 24.42
CA ALA G 281 -21.02 4.59 24.89
C ALA G 281 -21.47 3.58 25.92
N PHE G 282 -20.50 2.84 26.46
CA PHE G 282 -20.79 1.79 27.42
C PHE G 282 -21.33 2.39 28.72
N ASN G 283 -22.44 1.81 29.20
CA ASN G 283 -23.06 2.23 30.46
C ASN G 283 -23.37 1.01 31.30
N MET G 284 -23.40 1.18 32.61
CA MET G 284 -23.76 0.13 33.54
C MET G 284 -24.89 0.63 34.44
N LEU G 285 -26.01 -0.08 34.44
CA LEU G 285 -27.14 0.26 35.29
C LEU G 285 -26.91 -0.25 36.70
N PRO G 286 -27.57 0.35 37.71
CA PRO G 286 -27.39 -0.12 39.09
C PRO G 286 -27.87 -1.55 39.29
N ALA G 287 -27.42 -2.18 40.37
CA ALA G 287 -27.71 -3.59 40.63
C ALA G 287 -29.19 -3.78 40.99
N GLN G 288 -29.70 -4.95 40.65
CA GLN G 288 -31.09 -5.33 40.91
C GLN G 288 -31.11 -6.53 41.83
N PRO G 289 -31.29 -6.33 43.13
CA PRO G 289 -31.14 -7.43 44.09
C PRO G 289 -32.21 -8.50 43.92
N LYS G 290 -31.80 -9.74 44.20
CA LYS G 290 -32.71 -10.88 44.30
C LYS G 290 -32.43 -11.57 45.63
N ASP G 291 -32.92 -12.80 45.81
CA ASP G 291 -32.78 -13.50 47.09
C ASP G 291 -31.30 -13.85 47.27
N LEU G 292 -30.59 -12.91 47.90
CA LEU G 292 -29.18 -13.06 48.28
C LEU G 292 -28.24 -13.09 47.08
N HIS G 293 -28.59 -12.35 46.02
CA HIS G 293 -27.67 -12.12 44.91
C HIS G 293 -28.19 -10.99 44.01
N PHE G 294 -27.39 -10.56 43.04
CA PHE G 294 -27.70 -9.36 42.27
C PHE G 294 -27.66 -9.67 40.78
N LYS G 295 -28.05 -8.66 39.98
CA LYS G 295 -27.95 -8.72 38.52
C LYS G 295 -27.66 -7.31 38.02
N VAL G 296 -26.59 -7.15 37.25
CA VAL G 296 -26.13 -5.85 36.78
C VAL G 296 -26.18 -5.86 35.26
N PRO G 297 -27.16 -5.21 34.64
CA PRO G 297 -27.22 -5.18 33.16
C PRO G 297 -26.31 -4.11 32.58
N CYS G 298 -25.96 -4.30 31.31
CA CYS G 298 -25.13 -3.36 30.57
C CYS G 298 -25.71 -3.15 29.17
N THR G 299 -25.42 -2.00 28.58
CA THR G 299 -25.97 -1.67 27.27
C THR G 299 -25.08 -0.62 26.60
N SER G 300 -25.22 -0.50 25.28
CA SER G 300 -24.52 0.47 24.46
C SER G 300 -25.12 0.42 23.06
N LYS G 301 -24.73 1.37 22.21
CA LYS G 301 -25.21 1.44 20.84
C LYS G 301 -24.03 1.57 19.87
N CYS G 302 -24.29 1.22 18.62
CA CYS G 302 -23.29 1.27 17.56
C CYS G 302 -24.02 1.31 16.22
N THR G 303 -23.30 1.61 15.15
CA THR G 303 -23.90 1.72 13.83
C THR G 303 -23.32 0.70 12.85
N GLY G 304 -22.00 0.63 12.76
CA GLY G 304 -21.32 -0.17 11.77
C GLY G 304 -20.75 0.68 10.65
N LEU G 305 -19.96 0.03 9.82
CA LEU G 305 -19.27 0.71 8.73
C LEU G 305 -20.22 0.93 7.56
N THR G 306 -20.33 2.18 7.12
CA THR G 306 -21.13 2.55 5.96
C THR G 306 -20.21 3.16 4.91
N ILE G 307 -20.26 2.64 3.70
CA ILE G 307 -19.42 3.11 2.60
C ILE G 307 -20.25 4.07 1.76
N TYR G 308 -19.75 5.29 1.59
CA TYR G 308 -20.51 6.35 0.93
C TYR G 308 -20.19 6.49 -0.54
N ARG G 309 -18.93 6.27 -0.91
CA ARG G 309 -18.55 6.30 -2.31
C ARG G 309 -17.92 4.97 -2.65
N PRO G 310 -18.75 3.91 -2.67
CA PRO G 310 -18.23 2.56 -2.92
C PRO G 310 -17.39 2.49 -4.20
N MET G 311 -16.11 2.81 -4.10
CA MET G 311 -15.23 2.79 -5.25
C MET G 311 -13.83 3.12 -4.78
N THR G 312 -13.73 3.91 -3.73
CA THR G 312 -12.43 4.27 -3.18
C THR G 312 -11.81 3.11 -2.40
N ILE G 313 -12.35 1.90 -2.55
CA ILE G 313 -11.82 0.72 -1.87
C ILE G 313 -11.54 -0.37 -2.89
N VAL G 314 -10.34 -0.94 -2.81
CA VAL G 314 -9.93 -2.04 -3.69
C VAL G 314 -9.44 -3.18 -2.82
N LEU G 315 -9.99 -4.36 -3.03
CA LEU G 315 -9.64 -5.56 -2.28
C LEU G 315 -8.95 -6.55 -3.21
N ILE G 316 -7.80 -7.05 -2.78
CA ILE G 316 -7.05 -8.06 -3.53
C ILE G 316 -7.25 -9.39 -2.81
N THR G 317 -7.80 -10.37 -3.51
CA THR G 317 -8.19 -11.64 -2.92
C THR G 317 -7.24 -12.74 -3.36
N GLY G 318 -6.79 -13.56 -2.42
CA GLY G 318 -5.97 -14.73 -2.69
C GLY G 318 -4.49 -14.55 -2.43
N VAL G 319 -4.08 -13.44 -1.83
CA VAL G 319 -2.67 -13.20 -1.55
C VAL G 319 -2.17 -14.20 -0.52
N ALA H 2 27.11 16.09 -21.88
CA ALA H 2 25.80 16.72 -21.96
C ALA H 2 25.08 16.31 -23.25
N GLN H 3 25.40 17.02 -24.33
CA GLN H 3 24.79 16.73 -25.63
C GLN H 3 25.75 17.17 -26.72
N ILE H 4 25.56 16.60 -27.91
CA ILE H 4 26.38 16.88 -29.08
C ILE H 4 25.55 17.69 -30.06
N ASN H 5 26.08 18.82 -30.49
CA ASN H 5 25.36 19.67 -31.44
C ASN H 5 25.33 19.01 -32.81
N ALA H 6 24.35 19.41 -33.62
CA ALA H 6 24.17 18.83 -34.94
C ALA H 6 24.01 19.94 -35.98
N SER H 7 24.53 19.69 -37.17
CA SER H 7 24.41 20.61 -38.30
C SER H 7 24.04 19.82 -39.53
N TYR H 8 23.05 20.31 -40.28
CA TYR H 8 22.54 19.62 -41.45
C TYR H 8 22.87 20.41 -42.72
N GLN H 9 22.58 19.79 -43.85
CA GLN H 9 22.90 20.38 -45.15
C GLN H 9 21.93 19.85 -46.20
N ARG H 10 21.35 20.76 -46.98
CA ARG H 10 20.40 20.41 -48.02
C ARG H 10 20.65 21.29 -49.25
N ASP H 11 20.58 20.66 -50.42
CA ASP H 11 20.85 21.32 -51.69
C ASP H 11 19.56 21.64 -52.42
N MET H 12 19.53 22.78 -53.10
CA MET H 12 18.34 23.20 -53.83
C MET H 12 18.20 22.41 -55.12
N ALA H 13 16.99 22.44 -55.69
CA ALA H 13 16.73 21.80 -56.97
C ALA H 13 17.40 22.58 -58.09
N ILE H 14 17.72 21.85 -59.17
CA ILE H 14 18.44 22.46 -60.29
C ILE H 14 17.56 23.44 -61.04
N ALA H 15 16.34 23.05 -61.38
CA ALA H 15 15.51 23.89 -62.23
C ALA H 15 14.04 23.50 -62.10
N LEU H 16 13.18 24.37 -62.64
CA LEU H 16 11.73 24.19 -62.69
C LEU H 16 11.29 23.99 -64.13
N PRO H 17 10.13 23.38 -64.37
CA PRO H 17 9.69 23.15 -65.76
C PRO H 17 9.47 24.45 -66.51
N GLY H 18 9.87 24.46 -67.78
CA GLY H 18 9.65 25.59 -68.65
C GLY H 18 10.36 26.87 -68.27
N MET H 19 11.64 26.79 -67.92
CA MET H 19 12.44 27.96 -67.60
C MET H 19 13.68 27.98 -68.48
N VAL H 20 14.19 29.18 -68.74
CA VAL H 20 15.38 29.32 -69.58
C VAL H 20 16.57 28.68 -68.87
N ALA H 21 17.21 27.73 -69.54
CA ALA H 21 18.26 26.95 -68.90
C ALA H 21 19.54 27.76 -68.70
N ASP H 22 19.96 28.50 -69.73
CA ASP H 22 21.25 29.18 -69.69
C ASP H 22 21.10 30.56 -70.32
N THR H 23 22.21 31.28 -70.41
CA THR H 23 22.25 32.63 -70.97
C THR H 23 22.80 32.66 -72.38
N SER H 24 22.88 31.51 -73.04
CA SER H 24 23.34 31.45 -74.43
C SER H 24 22.36 32.20 -75.34
N LYS H 25 22.75 32.33 -76.61
CA LYS H 25 21.95 33.03 -77.60
C LYS H 25 20.54 32.46 -77.68
N TYR H 26 19.55 33.27 -77.30
CA TYR H 26 18.16 32.84 -77.27
C TYR H 26 17.29 33.91 -77.91
N ASN H 27 16.16 33.48 -78.45
CA ASN H 27 15.19 34.38 -79.06
C ASN H 27 13.81 34.03 -78.54
N ILE H 28 13.10 35.02 -78.02
CA ILE H 28 11.74 34.86 -77.51
C ILE H 28 10.82 35.73 -78.35
N ASP H 29 9.75 35.13 -78.87
CA ASP H 29 8.84 35.81 -79.79
C ASP H 29 7.56 36.16 -79.05
N GLY H 30 7.20 37.44 -79.08
CA GLY H 30 5.92 37.91 -78.59
C GLY H 30 4.89 37.98 -79.70
N ALA H 31 3.85 38.76 -79.47
CA ALA H 31 2.76 38.97 -80.44
C ALA H 31 2.15 37.63 -80.86
N CYS H 32 1.98 36.73 -79.89
CA CYS H 32 1.37 35.43 -80.12
C CYS H 32 0.20 35.28 -79.15
N VAL H 33 -0.98 34.94 -79.68
CA VAL H 33 -2.20 34.85 -78.89
C VAL H 33 -2.69 33.41 -78.94
N VAL H 34 -3.12 32.90 -77.77
CA VAL H 34 -3.65 31.55 -77.66
C VAL H 34 -5.01 31.48 -78.33
N ASN H 35 -5.08 30.84 -79.49
CA ASN H 35 -6.33 30.81 -80.24
C ASN H 35 -7.41 30.01 -79.51
N GLU H 36 -7.04 28.86 -78.94
CA GLU H 36 -8.01 27.98 -78.32
C GLU H 36 -7.35 27.17 -77.22
N GLY H 37 -8.09 26.99 -76.12
CA GLY H 37 -7.61 26.14 -75.04
C GLY H 37 -6.53 26.79 -74.19
N ASP H 38 -5.87 25.95 -73.40
CA ASP H 38 -4.78 26.38 -72.53
C ASP H 38 -3.50 25.68 -72.91
N VAL H 39 -2.38 26.35 -72.66
CA VAL H 39 -1.06 25.84 -73.00
C VAL H 39 -0.24 25.73 -71.71
N LEU H 40 0.32 24.56 -71.46
CA LEU H 40 1.22 24.38 -70.33
C LEU H 40 2.54 25.08 -70.59
N VAL H 41 3.24 25.42 -69.51
CA VAL H 41 4.50 26.16 -69.63
C VAL H 41 5.57 25.28 -70.28
N GLY H 42 5.71 24.04 -69.81
CA GLY H 42 6.71 23.15 -70.34
C GLY H 42 6.22 22.25 -71.46
N ALA H 43 5.64 22.86 -72.50
CA ALA H 43 5.10 22.09 -73.62
C ALA H 43 5.28 22.87 -74.90
N ALA H 44 5.25 22.15 -76.02
CA ALA H 44 5.40 22.75 -77.34
C ALA H 44 4.08 23.37 -77.79
N VAL H 45 4.14 24.12 -78.89
CA VAL H 45 2.99 24.80 -79.46
C VAL H 45 2.96 24.58 -80.96
N GLN H 46 1.85 24.98 -81.58
CA GLN H 46 1.66 24.88 -83.01
C GLN H 46 1.12 26.21 -83.52
N VAL H 47 1.43 26.52 -84.78
CA VAL H 47 1.03 27.79 -85.39
C VAL H 47 -0.19 27.51 -86.26
N VAL H 48 -1.37 27.93 -85.77
CA VAL H 48 -2.59 27.74 -86.54
C VAL H 48 -2.63 28.66 -87.75
N GLN H 49 -2.28 29.93 -87.57
CA GLN H 49 -2.35 30.91 -88.65
C GLN H 49 -1.44 32.08 -88.30
N ALA H 50 -0.84 32.66 -89.34
CA ALA H 50 -0.01 33.86 -89.21
C ALA H 50 -0.67 34.97 -90.03
N GLN H 51 -1.14 36.01 -89.36
CA GLN H 51 -1.83 37.09 -90.04
C GLN H 51 -0.87 37.84 -90.97
N ALA H 52 -1.36 38.14 -92.17
CA ALA H 52 -0.55 38.75 -93.21
C ALA H 52 -0.36 40.25 -93.05
N VAL H 53 -1.30 40.95 -92.43
CA VAL H 53 -1.25 42.39 -92.32
C VAL H 53 -0.86 42.85 -90.92
N ASP H 54 -1.53 42.31 -89.89
CA ASP H 54 -1.27 42.73 -88.52
C ASP H 54 0.06 42.19 -88.02
N GLY H 55 0.20 40.87 -87.96
CA GLY H 55 1.45 40.27 -87.56
C GLY H 55 1.34 39.24 -86.46
N HIS H 56 0.19 39.17 -85.81
CA HIS H 56 -0.01 38.21 -84.74
C HIS H 56 -0.03 36.79 -85.29
N LYS H 57 0.44 35.86 -84.46
CA LYS H 57 0.47 34.44 -84.82
C LYS H 57 -0.42 33.68 -83.86
N LEU H 58 -1.37 32.93 -84.41
CA LEU H 58 -2.27 32.13 -83.58
C LEU H 58 -1.58 30.84 -83.16
N VAL H 59 -1.44 30.63 -81.86
CA VAL H 59 -0.73 29.48 -81.31
C VAL H 59 -1.74 28.57 -80.60
N LYS H 60 -1.43 27.28 -80.57
CA LYS H 60 -2.29 26.30 -79.95
C LYS H 60 -1.42 25.12 -79.52
N ALA H 61 -1.94 24.33 -78.57
CA ALA H 61 -1.22 23.15 -78.10
C ALA H 61 -1.07 22.14 -79.23
N LEU H 62 0.01 21.35 -79.16
CA LEU H 62 0.32 20.41 -80.22
C LEU H 62 -0.75 19.32 -80.31
N THR H 63 -1.05 18.91 -81.55
CA THR H 63 -1.97 17.82 -81.81
C THR H 63 -1.27 16.82 -82.72
N THR H 64 -2.02 15.80 -83.16
CA THR H 64 -1.46 14.76 -84.00
C THR H 64 -1.08 15.31 -85.38
N GLY H 65 0.11 14.96 -85.83
CA GLY H 65 0.54 15.34 -87.18
C GLY H 65 0.72 16.83 -87.40
N THR H 66 1.34 17.52 -86.44
CA THR H 66 1.63 18.94 -86.59
C THR H 66 3.06 19.21 -86.13
N THR H 67 3.74 20.10 -86.86
CA THR H 67 5.12 20.41 -86.53
C THR H 67 5.19 21.38 -85.36
N PRO H 68 6.05 21.12 -84.37
CA PRO H 68 6.24 22.07 -83.28
C PRO H 68 6.96 23.34 -83.74
N TYR H 69 6.75 24.41 -82.98
CA TYR H 69 7.32 25.70 -83.36
C TYR H 69 8.11 26.34 -82.23
N GLY H 70 7.73 26.07 -80.99
CA GLY H 70 8.42 26.68 -79.87
C GLY H 70 7.94 26.11 -78.55
N VAL H 71 8.50 26.65 -77.48
CA VAL H 71 8.21 26.20 -76.12
C VAL H 71 7.88 27.44 -75.26
N ALA H 72 6.84 27.32 -74.44
CA ALA H 72 6.45 28.42 -73.57
C ALA H 72 7.50 28.66 -72.48
N ILE H 73 7.50 29.88 -71.95
CA ILE H 73 8.50 30.32 -70.99
C ILE H 73 7.81 30.77 -69.71
N ARG H 74 8.42 30.42 -68.57
CA ARG H 74 7.90 30.79 -67.26
C ARG H 74 7.99 32.31 -67.09
N SER H 75 6.88 32.91 -66.63
CA SER H 75 6.85 34.31 -66.27
C SER H 75 5.86 34.50 -65.13
N HIS H 76 6.23 35.33 -64.17
CA HIS H 76 5.42 35.56 -62.98
C HIS H 76 4.34 36.61 -63.17
N TRP H 77 4.26 37.22 -64.35
CA TRP H 77 3.28 38.27 -64.62
C TRP H 77 2.25 37.86 -65.66
N GLN H 78 2.69 37.42 -66.84
CA GLN H 78 1.75 37.08 -67.90
C GLN H 78 0.91 35.86 -67.56
N THR H 79 1.52 34.86 -66.93
CA THR H 79 0.87 33.58 -66.73
C THR H 79 -0.23 33.69 -65.67
N VAL H 80 -1.11 32.69 -65.67
CA VAL H 80 -2.21 32.59 -64.70
C VAL H 80 -2.14 31.22 -64.04
N ASN H 81 -2.26 31.21 -62.70
CA ASN H 81 -2.17 29.98 -61.93
C ASN H 81 -3.45 29.18 -62.10
N ALA H 82 -3.32 27.93 -62.55
CA ALA H 82 -4.46 27.04 -62.74
C ALA H 82 -4.03 25.61 -62.47
N GLN H 83 -4.92 24.84 -61.85
CA GLN H 83 -4.66 23.44 -61.49
C GLN H 83 -3.36 23.29 -60.70
N ASN H 84 -3.12 24.24 -59.80
CA ASN H 84 -1.92 24.27 -58.96
C ASN H 84 -0.65 24.33 -59.82
N GLN H 85 -0.79 24.78 -61.05
CA GLN H 85 0.31 24.86 -62.00
C GLN H 85 0.31 26.24 -62.64
N MET H 86 1.37 26.52 -63.39
CA MET H 86 1.49 27.74 -64.17
C MET H 86 1.04 27.46 -65.61
N ILE H 87 0.13 28.28 -66.12
CA ILE H 87 -0.51 28.02 -67.39
C ILE H 87 -0.78 29.33 -68.12
N TYR H 88 -0.99 29.22 -69.44
CA TYR H 88 -1.45 30.34 -70.27
C TYR H 88 -2.90 30.07 -70.67
N GLU H 89 -3.75 31.06 -70.47
CA GLU H 89 -5.18 30.91 -70.74
C GLU H 89 -5.52 31.34 -72.16
N ASP H 90 -6.77 31.10 -72.54
CA ASP H 90 -7.27 31.55 -73.83
C ASP H 90 -7.25 33.07 -73.91
N GLY H 91 -6.81 33.58 -75.05
CA GLY H 91 -6.60 35.00 -75.19
C GLY H 91 -5.29 35.43 -74.57
N GLY H 92 -5.06 36.74 -74.58
CA GLY H 92 -3.83 37.28 -74.04
C GLY H 92 -2.64 36.97 -74.94
N ALA H 93 -1.46 37.18 -74.38
CA ALA H 93 -0.21 36.98 -75.09
C ALA H 93 0.58 35.85 -74.46
N ILE H 94 1.41 35.21 -75.28
CA ILE H 94 2.23 34.09 -74.85
C ILE H 94 3.69 34.39 -75.17
N ASN H 95 4.59 33.75 -74.44
CA ASN H 95 6.03 33.90 -74.64
C ASN H 95 6.57 32.54 -75.08
N VAL H 96 6.77 32.39 -76.39
CA VAL H 96 7.33 31.17 -76.98
C VAL H 96 8.71 31.50 -77.50
N MET H 97 9.69 30.64 -77.20
CA MET H 97 11.05 30.84 -77.66
C MET H 97 11.31 29.94 -78.86
N THR H 98 11.85 30.53 -79.93
CA THR H 98 12.13 29.78 -81.16
C THR H 98 13.55 29.22 -81.19
N SER H 99 14.46 29.77 -80.38
CA SER H 99 15.85 29.32 -80.37
C SER H 99 16.42 29.51 -78.97
N GLY H 100 17.12 28.50 -78.48
CA GLY H 100 17.75 28.55 -77.19
C GLY H 100 17.64 27.21 -76.48
N ARG H 101 17.86 27.24 -75.16
CA ARG H 101 17.78 26.06 -74.32
C ARG H 101 16.71 26.26 -73.26
N VAL H 102 16.01 25.17 -72.90
CA VAL H 102 14.91 25.25 -71.96
C VAL H 102 14.73 23.90 -71.29
N TRP H 103 14.24 23.92 -70.06
CA TRP H 103 13.83 22.70 -69.38
C TRP H 103 12.39 22.37 -69.77
N MET H 104 12.15 21.12 -70.13
CA MET H 104 10.86 20.71 -70.68
C MET H 104 10.32 19.52 -69.91
N LEU H 105 8.99 19.41 -69.90
CA LEU H 105 8.34 18.27 -69.27
C LEU H 105 8.66 16.99 -70.04
N SER H 106 8.83 15.90 -69.31
CA SER H 106 9.26 14.62 -69.89
C SER H 106 8.39 13.49 -69.38
N LYS H 107 8.27 12.45 -70.21
CA LYS H 107 7.64 11.21 -69.81
C LYS H 107 8.55 10.00 -69.94
N SER H 108 9.70 10.14 -70.59
CA SER H 108 10.65 9.06 -70.69
C SER H 108 11.33 8.80 -69.34
N THR H 109 11.83 7.58 -69.18
CA THR H 109 12.44 7.16 -67.93
C THR H 109 13.95 6.91 -68.04
N GLU H 110 14.53 7.03 -69.23
CA GLU H 110 15.95 6.78 -69.44
C GLU H 110 16.65 8.06 -69.87
N ALA H 111 17.85 8.27 -69.35
CA ALA H 111 18.61 9.46 -69.70
C ALA H 111 19.01 9.42 -71.18
N PRO H 112 18.85 10.52 -71.90
CA PRO H 112 19.20 10.52 -73.33
C PRO H 112 20.67 10.84 -73.57
N THR H 113 21.07 10.69 -74.83
CA THR H 113 22.42 11.03 -75.25
C THR H 113 22.52 12.54 -75.53
N PHE H 114 23.72 12.97 -75.92
CA PHE H 114 23.96 14.40 -76.11
C PHE H 114 23.46 14.91 -77.46
N GLY H 115 24.00 14.37 -78.55
CA GLY H 115 23.67 14.86 -79.87
C GLY H 115 22.62 14.07 -80.62
N SER H 116 21.47 13.84 -80.01
CA SER H 116 20.40 13.08 -80.63
C SER H 116 19.15 13.93 -80.79
N ALA H 117 18.38 13.62 -81.83
CA ALA H 117 17.18 14.38 -82.13
C ALA H 117 16.11 14.17 -81.05
N VAL H 118 15.28 15.19 -80.87
CA VAL H 118 14.23 15.17 -79.85
C VAL H 118 12.91 14.76 -80.49
N LYS H 119 12.22 13.83 -79.86
CA LYS H 119 10.93 13.34 -80.31
C LYS H 119 9.86 13.72 -79.30
N LEU H 120 8.70 14.13 -79.79
CA LEU H 120 7.60 14.59 -78.95
C LEU H 120 6.37 13.72 -79.17
N ASP H 121 5.51 13.67 -78.15
CA ASP H 121 4.27 12.92 -78.24
C ASP H 121 3.17 13.78 -78.85
N VAL H 122 1.93 13.28 -78.76
CA VAL H 122 0.80 13.99 -79.35
C VAL H 122 0.47 15.24 -78.56
N ASP H 123 0.78 15.25 -77.25
CA ASP H 123 0.41 16.35 -76.39
C ASP H 123 1.52 17.39 -76.22
N GLY H 124 2.64 17.24 -76.92
CA GLY H 124 3.68 18.25 -76.88
C GLY H 124 4.70 18.10 -75.78
N GLN H 125 4.80 16.92 -75.17
CA GLN H 125 5.78 16.67 -74.12
C GLN H 125 6.84 15.70 -74.64
N GLU H 126 8.08 15.89 -74.18
CA GLU H 126 9.18 15.07 -74.64
C GLU H 126 8.96 13.61 -74.27
N LYS H 127 9.25 12.72 -75.22
CA LYS H 127 9.14 11.29 -75.00
C LYS H 127 10.21 10.59 -75.83
N SER H 128 10.76 9.50 -75.28
CA SER H 128 11.84 8.79 -75.95
C SER H 128 11.37 8.22 -77.29
N ASP H 129 10.17 7.63 -77.31
CA ASP H 129 9.61 7.03 -78.52
C ASP H 129 8.42 7.79 -79.05
N GLY H 130 8.44 9.12 -78.96
CA GLY H 130 7.32 9.90 -79.47
C GLY H 130 7.21 9.82 -80.97
N THR H 131 5.98 9.97 -81.46
CA THR H 131 5.73 9.87 -82.90
C THR H 131 6.23 11.11 -83.63
N ILE H 132 6.01 12.29 -83.05
CA ILE H 132 6.39 13.53 -83.73
C ILE H 132 7.91 13.69 -83.69
N GLU H 133 8.49 13.97 -84.87
CA GLU H 133 9.92 14.15 -85.02
C GLU H 133 10.24 15.64 -85.13
N THR H 134 11.26 16.07 -84.40
CA THR H 134 11.61 17.48 -84.30
C THR H 134 13.10 17.67 -84.57
N THR H 135 13.45 18.79 -85.17
CA THR H 135 14.84 19.07 -85.50
C THR H 135 15.66 19.42 -84.26
N TRP H 136 15.01 19.74 -83.15
CA TRP H 136 15.74 20.09 -81.94
C TRP H 136 16.51 18.90 -81.40
N THR H 137 17.61 19.19 -80.71
CA THR H 137 18.49 18.16 -80.16
C THR H 137 18.65 18.33 -78.66
N TYR H 138 19.01 17.24 -77.99
CA TYR H 138 19.19 17.25 -76.55
C TYR H 138 20.43 18.07 -76.17
N ALA H 139 20.48 18.45 -74.89
CA ALA H 139 21.58 19.24 -74.36
C ALA H 139 22.32 18.55 -73.22
N GLY H 140 21.80 17.42 -72.71
CA GLY H 140 22.45 16.66 -71.66
C GLY H 140 21.81 16.84 -70.29
N GLY H 141 21.06 17.91 -70.09
CA GLY H 141 20.41 18.12 -68.81
C GLY H 141 19.32 17.08 -68.59
N TRP H 142 19.34 16.48 -67.39
CA TRP H 142 18.36 15.46 -67.04
C TRP H 142 18.22 15.44 -65.52
N THR H 143 17.18 16.10 -65.02
CA THR H 143 16.93 16.22 -63.58
C THR H 143 15.46 15.94 -63.31
N LYS H 144 15.10 15.96 -62.03
CA LYS H 144 13.73 15.69 -61.61
C LYS H 144 13.40 16.54 -60.39
N TYR H 145 12.35 17.35 -60.50
CA TYR H 145 11.89 18.18 -59.40
C TYR H 145 10.74 17.46 -58.69
N LYS H 146 10.99 17.04 -57.45
CA LYS H 146 10.02 16.28 -56.66
C LYS H 146 9.53 15.06 -57.44
N ASP H 147 8.33 15.17 -58.04
CA ASP H 147 7.76 14.10 -58.84
C ASP H 147 7.59 14.48 -60.31
N ILE H 148 8.23 15.56 -60.75
CA ILE H 148 8.13 16.02 -62.12
C ILE H 148 9.48 15.81 -62.79
N GLN H 149 9.48 15.10 -63.92
CA GLN H 149 10.70 14.84 -64.66
C GLN H 149 10.95 15.95 -65.68
N LEU H 150 12.19 16.45 -65.72
CA LEU H 150 12.55 17.54 -66.59
C LEU H 150 13.75 17.16 -67.44
N VAL H 151 13.78 17.66 -68.67
CA VAL H 151 14.87 17.41 -69.61
C VAL H 151 15.23 18.72 -70.30
N GLU H 152 16.52 18.94 -70.52
CA GLU H 152 17.02 20.14 -71.18
C GLU H 152 17.15 19.88 -72.68
N VAL H 153 16.59 20.78 -73.47
CA VAL H 153 16.54 20.63 -74.92
C VAL H 153 16.99 21.94 -75.58
N GLN H 154 17.80 21.80 -76.63
CA GLN H 154 18.30 22.93 -77.40
C GLN H 154 17.41 23.12 -78.63
N LEU H 155 16.91 24.34 -78.82
CA LEU H 155 16.00 24.64 -79.92
C LEU H 155 16.70 25.43 -81.02
N HIS H 156 16.23 25.25 -82.24
CA HIS H 156 16.72 26.00 -83.40
C HIS H 156 15.55 26.68 -84.09
N GLN H 157 15.84 27.81 -84.73
CA GLN H 157 14.81 28.57 -85.42
C GLN H 157 14.28 27.79 -86.62
N LEU H 158 12.96 27.82 -86.77
CA LEU H 158 12.30 27.14 -87.88
C LEU H 158 12.37 27.99 -89.14
N ALA I 2 -44.16 -32.90 64.27
CA ALA I 2 -44.80 -31.71 64.78
C ALA I 2 -45.18 -31.86 66.25
N TYR I 3 -46.09 -31.01 66.71
CA TYR I 3 -46.65 -31.06 68.08
C TYR I 3 -45.50 -30.83 69.06
N GLU I 4 -45.45 -31.59 70.16
CA GLU I 4 -44.47 -31.35 71.21
C GLU I 4 -43.05 -31.70 70.72
N ASN I 5 -42.09 -31.46 71.60
CA ASN I 5 -40.66 -31.61 71.34
C ASN I 5 -40.14 -30.65 70.29
N LEU I 6 -40.94 -29.66 69.88
CA LEU I 6 -40.54 -28.65 68.91
C LEU I 6 -40.89 -27.28 69.46
N MET I 7 -39.97 -26.34 69.31
CA MET I 7 -40.24 -24.97 69.76
C MET I 7 -41.35 -24.34 68.94
N LEU I 8 -41.37 -24.58 67.63
CA LEU I 8 -42.30 -23.95 66.71
C LEU I 8 -43.11 -25.01 65.98
N ARG I 9 -44.39 -24.72 65.76
CA ARG I 9 -45.18 -25.58 64.89
C ARG I 9 -44.70 -25.44 63.44
N PRO I 10 -44.65 -26.53 62.68
CA PRO I 10 -44.01 -26.45 61.36
C PRO I 10 -44.71 -25.54 60.37
N ALA I 11 -46.03 -25.69 60.17
CA ALA I 11 -46.72 -24.89 59.17
C ALA I 11 -48.20 -24.83 59.49
N CYS I 12 -48.88 -23.87 58.85
CA CYS I 12 -50.30 -23.61 58.98
C CYS I 12 -50.93 -23.58 57.58
N PRO I 13 -52.13 -24.11 57.42
CA PRO I 13 -52.70 -24.24 56.07
C PRO I 13 -53.02 -22.89 55.44
N GLY I 14 -52.95 -22.85 54.11
CA GLY I 14 -53.24 -21.66 53.37
C GLY I 14 -52.14 -20.63 53.33
N ASN I 15 -50.89 -21.03 53.51
CA ASN I 15 -49.76 -20.12 53.53
C ASN I 15 -48.66 -20.66 52.62
N LEU I 16 -47.94 -19.74 51.97
CA LEU I 16 -46.85 -20.13 51.09
C LEU I 16 -45.72 -20.76 51.91
N SER I 17 -45.04 -21.73 51.29
CA SER I 17 -43.96 -22.44 51.97
C SER I 17 -42.58 -21.91 51.56
N ASP I 18 -42.36 -21.69 50.26
CA ASP I 18 -41.09 -21.21 49.76
C ASP I 18 -41.32 -19.95 48.93
N THR I 19 -40.27 -19.14 48.83
CA THR I 19 -40.32 -17.91 48.05
C THR I 19 -39.65 -18.16 46.69
N SER I 20 -40.40 -18.83 45.81
CA SER I 20 -39.89 -19.25 44.51
C SER I 20 -41.00 -19.12 43.46
N THR I 21 -40.99 -18.00 42.74
CA THR I 21 -41.87 -17.77 41.59
C THR I 21 -43.34 -17.99 41.92
N TYR I 22 -43.90 -17.17 42.81
CA TYR I 22 -45.30 -17.27 43.16
C TYR I 22 -46.07 -16.17 42.45
N ASN I 23 -47.37 -16.41 42.26
CA ASN I 23 -48.27 -15.45 41.65
C ASN I 23 -49.57 -15.44 42.43
N ILE I 24 -50.04 -14.25 42.81
CA ILE I 24 -51.23 -14.09 43.62
C ILE I 24 -52.18 -13.16 42.89
N ASP I 25 -53.39 -13.64 42.61
CA ASP I 25 -54.41 -12.80 42.01
C ASP I 25 -55.15 -12.00 43.09
N GLY I 26 -55.34 -10.71 42.84
CA GLY I 26 -55.98 -9.86 43.82
C GLY I 26 -57.37 -9.41 43.44
N ALA I 27 -57.75 -9.63 42.18
CA ALA I 27 -59.08 -9.24 41.71
C ALA I 27 -59.99 -10.47 41.68
N CYS I 28 -60.54 -10.77 42.85
CA CYS I 28 -61.43 -11.92 43.00
C CYS I 28 -62.54 -11.56 43.98
N VAL I 29 -63.69 -12.23 43.81
CA VAL I 29 -64.83 -12.08 44.69
C VAL I 29 -65.32 -13.47 45.07
N ALA I 30 -65.82 -13.60 46.30
CA ALA I 30 -66.27 -14.87 46.85
C ALA I 30 -67.79 -14.99 46.74
N GLN I 31 -68.26 -16.18 46.38
CA GLN I 31 -69.68 -16.46 46.30
C GLN I 31 -70.21 -17.13 47.57
N GLY I 32 -69.41 -18.01 48.18
CA GLY I 32 -69.80 -18.64 49.43
C GLY I 32 -68.66 -18.61 50.42
N ASP I 33 -68.88 -19.26 51.56
CA ASP I 33 -67.84 -19.34 52.57
C ASP I 33 -66.70 -20.22 52.08
N ILE I 34 -65.49 -19.66 52.07
CA ILE I 34 -64.29 -20.35 51.62
C ILE I 34 -63.29 -20.36 52.75
N GLU I 35 -62.72 -21.53 53.02
CA GLU I 35 -61.72 -21.71 54.05
C GLU I 35 -60.33 -21.70 53.44
N PHE I 36 -59.34 -21.31 54.24
CA PHE I 36 -57.96 -21.27 53.78
C PHE I 36 -57.50 -22.67 53.39
N GLY I 37 -56.72 -22.75 52.31
CA GLY I 37 -56.53 -24.01 51.63
C GLY I 37 -57.71 -24.28 50.71
N SER I 38 -57.74 -25.49 50.16
CA SER I 38 -58.85 -25.97 49.33
C SER I 38 -58.94 -25.23 48.00
N ALA I 39 -59.01 -25.99 46.90
CA ALA I 39 -59.06 -25.39 45.58
C ALA I 39 -60.37 -24.66 45.34
N VAL I 40 -60.36 -23.79 44.34
CA VAL I 40 -61.52 -22.97 44.00
C VAL I 40 -61.76 -23.03 42.49
N GLN I 41 -62.98 -22.72 42.08
CA GLN I 41 -63.34 -22.63 40.67
C GLN I 41 -63.50 -21.18 40.25
N VAL I 42 -63.72 -20.97 38.96
CA VAL I 42 -64.02 -19.66 38.41
C VAL I 42 -65.39 -19.75 37.76
N VAL I 43 -66.43 -19.30 38.48
CA VAL I 43 -67.79 -19.37 37.96
C VAL I 43 -67.95 -18.45 36.76
N GLY I 44 -67.50 -17.21 36.89
CA GLY I 44 -67.64 -16.25 35.82
C GLY I 44 -66.81 -15.02 36.10
N ILE I 45 -66.74 -14.15 35.11
CA ILE I 45 -65.98 -12.90 35.19
C ILE I 45 -66.95 -11.74 34.98
N VAL I 46 -66.99 -10.83 35.95
CA VAL I 46 -67.85 -9.65 35.87
C VAL I 46 -66.95 -8.43 35.92
N ASP I 47 -66.90 -7.69 34.80
CA ASP I 47 -66.14 -6.45 34.69
C ASP I 47 -64.71 -6.62 35.20
N GLY I 48 -64.05 -7.69 34.76
CA GLY I 48 -62.66 -7.88 35.08
C GLY I 48 -62.36 -8.82 36.24
N VAL I 49 -63.17 -8.77 37.30
CA VAL I 49 -62.91 -9.60 38.48
C VAL I 49 -63.49 -10.99 38.28
N LYS I 50 -62.98 -11.94 39.04
CA LYS I 50 -63.38 -13.34 38.93
C LYS I 50 -64.18 -13.74 40.17
N VAL I 51 -65.31 -14.42 39.95
CA VAL I 51 -66.17 -14.87 41.04
C VAL I 51 -65.81 -16.32 41.33
N VAL I 52 -65.11 -16.56 42.44
CA VAL I 52 -64.58 -17.87 42.77
C VAL I 52 -65.46 -18.53 43.82
N THR I 53 -65.59 -19.85 43.72
CA THR I 53 -66.37 -20.65 44.67
C THR I 53 -65.53 -21.83 45.12
N ALA I 54 -65.97 -22.46 46.20
CA ALA I 54 -65.33 -23.69 46.63
C ALA I 54 -65.53 -24.79 45.60
N LEU I 55 -64.58 -25.71 45.53
CA LEU I 55 -64.60 -26.74 44.50
C LEU I 55 -65.83 -27.63 44.66
N SER I 56 -66.39 -28.06 43.53
CA SER I 56 -67.60 -28.87 43.53
C SER I 56 -67.39 -29.99 42.52
N ASP I 57 -68.43 -30.74 42.17
CA ASP I 57 -68.33 -31.87 41.25
C ASP I 57 -68.36 -31.35 39.82
N GLY I 58 -67.45 -31.86 38.99
CA GLY I 58 -67.42 -31.45 37.60
C GLY I 58 -66.82 -30.08 37.36
N GLY I 59 -65.90 -29.65 38.21
CA GLY I 59 -65.26 -28.35 38.05
C GLY I 59 -63.76 -28.48 38.16
N THR I 60 -63.06 -27.76 37.28
CA THR I 60 -61.61 -27.80 37.26
C THR I 60 -61.04 -26.81 38.28
N PRO I 61 -60.17 -27.25 39.18
CA PRO I 61 -59.58 -26.32 40.15
C PRO I 61 -58.73 -25.25 39.47
N TYR I 62 -58.69 -24.08 40.09
CA TYR I 62 -57.94 -22.94 39.57
C TYR I 62 -56.80 -22.52 40.47
N GLY I 63 -57.04 -22.39 41.78
CA GLY I 63 -55.99 -21.99 42.69
C GLY I 63 -56.36 -22.33 44.11
N ILE I 64 -55.45 -22.00 45.03
CA ILE I 64 -55.60 -22.27 46.45
C ILE I 64 -55.79 -20.94 47.17
N ALA I 65 -56.75 -20.90 48.08
CA ALA I 65 -57.02 -19.69 48.85
C ALA I 65 -55.82 -19.33 49.73
N PHE I 66 -55.61 -18.03 49.89
CA PHE I 66 -54.47 -17.49 50.60
C PHE I 66 -54.92 -16.82 51.90
N ARG I 67 -54.04 -16.86 52.89
CA ARG I 67 -54.34 -16.33 54.22
C ARG I 67 -53.79 -14.91 54.35
N SER I 68 -54.67 -13.95 54.59
CA SER I 68 -54.30 -12.57 54.86
C SER I 68 -54.89 -12.17 56.20
N GLN I 69 -54.09 -11.50 57.02
CA GLN I 69 -54.49 -11.15 58.38
C GLN I 69 -55.12 -9.78 58.48
N TYR I 70 -55.31 -9.08 57.36
CA TYR I 70 -56.01 -7.80 57.33
C TYR I 70 -57.35 -7.90 56.66
N GLU I 71 -57.44 -8.62 55.54
CA GLU I 71 -58.69 -8.70 54.80
C GLU I 71 -59.75 -9.47 55.58
N HIS I 72 -59.38 -10.63 56.11
CA HIS I 72 -60.33 -11.54 56.74
C HIS I 72 -60.01 -11.63 58.23
N LEU I 73 -60.90 -11.08 59.04
CA LEU I 73 -60.72 -11.03 60.49
C LEU I 73 -61.61 -12.04 61.21
N SER I 74 -61.99 -13.12 60.53
CA SER I 74 -62.87 -14.12 61.11
C SER I 74 -62.37 -15.55 60.95
N GLY I 75 -61.15 -15.75 60.44
CA GLY I 75 -60.61 -17.07 60.25
C GLY I 75 -61.03 -17.77 58.98
N LYS I 76 -61.85 -17.13 58.15
CA LYS I 76 -62.28 -17.71 56.89
C LYS I 76 -62.76 -16.59 55.98
N ILE I 77 -62.90 -16.91 54.70
CA ILE I 77 -63.37 -15.95 53.71
C ILE I 77 -64.89 -16.04 53.64
N LEU I 78 -65.56 -14.93 53.91
CA LEU I 78 -67.03 -14.89 53.93
C LEU I 78 -67.57 -14.49 52.56
N ASP I 79 -68.89 -14.57 52.43
CA ASP I 79 -69.54 -14.25 51.18
C ASP I 79 -69.42 -12.76 50.87
N GLY I 80 -69.29 -12.44 49.59
CA GLY I 80 -69.19 -11.06 49.16
C GLY I 80 -67.95 -10.34 49.66
N GLU I 81 -66.82 -11.04 49.73
CA GLU I 81 -65.57 -10.48 50.21
C GLU I 81 -64.47 -10.74 49.19
N VAL I 82 -63.65 -9.73 48.94
CA VAL I 82 -62.51 -9.91 48.05
C VAL I 82 -61.50 -10.82 48.70
N CYS I 83 -60.76 -11.57 47.88
CA CYS I 83 -59.84 -12.58 48.40
C CYS I 83 -58.66 -12.74 47.46
N ASN I 84 -57.59 -13.30 48.00
CA ASN I 84 -56.38 -13.59 47.25
C ASN I 84 -56.30 -15.08 46.95
N VAL I 85 -55.95 -15.42 45.72
CA VAL I 85 -55.89 -16.80 45.26
C VAL I 85 -54.50 -17.07 44.68
N VAL I 86 -53.86 -18.13 45.15
CA VAL I 86 -52.51 -18.46 44.66
C VAL I 86 -52.61 -19.22 43.35
N SER I 87 -52.63 -18.49 42.24
CA SER I 87 -52.72 -19.14 40.93
C SER I 87 -51.47 -19.94 40.63
N HIS I 88 -50.32 -19.46 41.08
CA HIS I 88 -49.06 -20.19 40.84
C HIS I 88 -48.13 -20.07 42.03
N GLY I 89 -47.39 -21.13 42.31
CA GLY I 89 -46.46 -21.13 43.43
C GLY I 89 -46.49 -22.44 44.16
N ARG I 90 -46.05 -22.41 45.42
CA ARG I 90 -45.94 -23.58 46.28
C ARG I 90 -46.62 -23.26 47.60
N VAL I 91 -47.75 -23.91 47.88
CA VAL I 91 -48.60 -23.56 49.02
C VAL I 91 -48.97 -24.81 49.80
N TRP I 92 -49.27 -24.62 51.09
CA TRP I 92 -49.73 -25.69 51.96
C TRP I 92 -51.24 -25.82 51.78
N ALA I 93 -51.71 -27.03 51.49
CA ALA I 93 -53.12 -27.27 51.24
C ALA I 93 -53.71 -28.17 52.32
N LEU I 94 -54.99 -28.49 52.18
CA LEU I 94 -55.68 -29.39 53.08
C LEU I 94 -55.89 -30.74 52.42
N THR I 95 -55.74 -31.81 53.20
CA THR I 95 -55.82 -33.16 52.66
C THR I 95 -56.61 -34.05 53.63
N SER I 96 -57.13 -35.14 53.09
CA SER I 96 -57.83 -36.14 53.90
C SER I 96 -57.10 -37.46 53.86
N LEU I 97 -55.77 -37.41 53.92
CA LEU I 97 -54.91 -38.58 53.82
C LEU I 97 -54.20 -38.82 55.14
N ASP I 98 -53.54 -39.97 55.24
CA ASP I 98 -52.75 -40.32 56.40
C ASP I 98 -51.29 -40.65 56.08
N GLU I 99 -50.98 -40.93 54.82
CA GLU I 99 -49.61 -41.28 54.41
C GLU I 99 -49.21 -40.43 53.22
N ALA I 100 -47.96 -40.00 53.22
CA ALA I 100 -47.45 -39.17 52.14
C ALA I 100 -47.39 -39.97 50.85
N PRO I 101 -47.91 -39.46 49.73
CA PRO I 101 -47.85 -40.19 48.47
C PRO I 101 -46.43 -40.21 47.93
N SER I 102 -46.28 -40.81 46.74
CA SER I 102 -45.00 -40.84 46.07
C SER I 102 -44.59 -39.41 45.67
N LEU I 103 -43.29 -39.19 45.64
CA LEU I 103 -42.77 -37.87 45.29
C LEU I 103 -43.08 -37.52 43.84
N PHE I 104 -43.38 -36.24 43.61
CA PHE I 104 -43.70 -35.73 42.28
C PHE I 104 -44.88 -36.46 41.65
N SER I 105 -45.85 -36.84 42.46
CA SER I 105 -47.07 -37.50 42.00
C SER I 105 -48.18 -36.48 41.86
N LYS I 106 -49.00 -36.64 40.82
CA LYS I 106 -50.07 -35.69 40.54
C LYS I 106 -51.24 -35.95 41.48
N LEU I 107 -51.61 -34.94 42.25
CA LEU I 107 -52.66 -35.08 43.26
C LEU I 107 -54.04 -34.97 42.62
N GLN I 108 -55.04 -35.45 43.36
CA GLN I 108 -56.44 -35.37 42.97
C GLN I 108 -57.23 -34.65 44.05
N PHE I 109 -58.23 -33.89 43.63
CA PHE I 109 -59.03 -33.08 44.54
C PHE I 109 -60.47 -33.55 44.53
N GLY I 110 -61.13 -33.41 45.67
CA GLY I 110 -62.53 -33.78 45.79
C GLY I 110 -63.14 -33.10 47.00
N SER I 111 -64.45 -33.28 47.15
CA SER I 111 -65.22 -32.69 48.24
C SER I 111 -65.05 -31.16 48.16
N GLY I 112 -64.81 -30.49 49.28
CA GLY I 112 -64.62 -29.04 49.27
C GLY I 112 -63.18 -28.64 49.03
N GLY I 113 -62.59 -29.13 47.94
CA GLY I 113 -61.24 -28.76 47.59
C GLY I 113 -60.15 -29.45 48.39
N VAL I 114 -60.49 -30.47 49.16
CA VAL I 114 -59.51 -31.21 49.94
C VAL I 114 -58.94 -32.34 49.10
N VAL I 115 -57.65 -32.60 49.27
CA VAL I 115 -56.99 -33.67 48.51
C VAL I 115 -57.45 -35.01 49.04
N THR I 116 -57.90 -35.88 48.14
CA THR I 116 -58.36 -37.22 48.50
C THR I 116 -57.35 -38.31 48.20
N GLY I 117 -56.50 -38.11 47.19
CA GLY I 117 -55.50 -39.11 46.85
C GLY I 117 -54.66 -38.64 45.69
N GLY I 118 -53.64 -39.43 45.39
CA GLY I 118 -52.73 -39.18 44.28
C GLY I 118 -53.05 -40.03 43.08
N SER I 119 -51.99 -40.47 42.38
CA SER I 119 -52.10 -41.33 41.20
C SER I 119 -53.03 -40.74 40.15
N GLY I 120 -52.87 -39.44 39.90
CA GLY I 120 -53.61 -38.76 38.86
C GLY I 120 -52.94 -38.88 37.50
N TYR I 121 -53.57 -38.27 36.51
CA TYR I 121 -53.06 -38.27 35.14
C TYR I 121 -52.49 -36.92 34.70
N ALA I 122 -53.15 -35.82 35.06
CA ALA I 122 -52.67 -34.49 34.75
C ALA I 122 -53.07 -33.53 35.86
N GLY I 123 -52.22 -32.55 36.11
CA GLY I 123 -52.51 -31.55 37.12
C GLY I 123 -51.31 -31.12 37.95
N TRP I 124 -51.57 -30.68 39.17
CA TRP I 124 -50.49 -30.22 40.04
C TRP I 124 -49.75 -31.40 40.65
N THR I 125 -48.59 -31.15 41.25
CA THR I 125 -47.79 -32.25 41.78
C THR I 125 -47.53 -32.13 43.27
N PHE I 126 -47.16 -33.25 43.90
CA PHE I 126 -46.88 -33.25 45.32
C PHE I 126 -45.42 -32.95 45.60
N ALA I 127 -45.16 -31.85 46.28
CA ALA I 127 -43.79 -31.51 46.64
C ALA I 127 -43.38 -32.30 47.87
N GLY I 128 -42.21 -32.01 48.41
CA GLY I 128 -41.76 -32.70 49.61
C GLY I 128 -42.25 -32.03 50.87
N GLY I 129 -43.33 -32.54 51.46
CA GLY I 129 -43.84 -31.98 52.69
C GLY I 129 -45.08 -32.69 53.20
N PHE I 130 -45.08 -33.05 54.49
CA PHE I 130 -46.24 -33.69 55.09
C PHE I 130 -46.20 -33.50 56.60
N VAL I 131 -47.12 -32.71 57.14
CA VAL I 131 -47.13 -32.32 58.55
C VAL I 131 -48.50 -32.62 59.12
N LYS I 132 -48.55 -32.76 60.44
CA LYS I 132 -49.78 -33.03 61.18
C LYS I 132 -50.38 -31.74 61.70
N HIS I 133 -51.70 -31.61 61.58
CA HIS I 133 -52.42 -30.40 61.97
C HIS I 133 -53.73 -30.79 62.64
N GLU I 134 -53.90 -30.33 63.88
CA GLU I 134 -55.10 -30.61 64.66
C GLU I 134 -55.37 -32.11 64.72
N ASP I 135 -56.38 -32.56 63.99
CA ASP I 135 -56.65 -33.98 63.79
C ASP I 135 -56.66 -34.25 62.29
N GLY I 136 -55.48 -34.50 61.73
CA GLY I 136 -55.34 -34.63 60.30
C GLY I 136 -53.95 -34.17 59.88
N TYR I 137 -53.74 -34.13 58.57
CA TYR I 137 -52.44 -33.79 58.01
C TYR I 137 -52.59 -32.65 57.00
N ILE I 138 -51.44 -32.07 56.64
CA ILE I 138 -51.36 -30.98 55.68
C ILE I 138 -50.37 -31.38 54.61
N ILE I 139 -50.74 -31.19 53.34
CA ILE I 139 -49.90 -31.56 52.22
C ILE I 139 -49.43 -30.29 51.52
N GLU I 140 -48.26 -30.39 50.89
CA GLU I 140 -47.67 -29.29 50.13
C GLU I 140 -47.92 -29.52 48.64
N VAL I 141 -48.49 -28.52 47.98
CA VAL I 141 -48.88 -28.62 46.58
C VAL I 141 -48.09 -27.62 45.76
N ARG I 142 -47.57 -28.11 44.63
CA ARG I 142 -46.79 -27.29 43.69
C ARG I 142 -47.75 -26.83 42.60
N VAL I 143 -48.35 -25.66 42.81
CA VAL I 143 -49.32 -25.12 41.87
C VAL I 143 -48.62 -24.59 40.63
N LYS I 144 -49.12 -24.98 39.46
CA LYS I 144 -48.63 -24.46 38.19
C LYS I 144 -49.79 -23.93 37.39
N GLN I 145 -49.61 -22.74 36.82
CA GLN I 145 -50.62 -22.15 35.95
C GLN I 145 -50.72 -22.95 34.65
N ASN I 146 -51.89 -22.90 34.03
CA ASN I 146 -52.15 -23.58 32.75
C ASN I 146 -51.99 -25.09 32.89
N ALA I 147 -52.39 -25.64 34.04
CA ALA I 147 -52.27 -27.07 34.30
C ALA I 147 -53.56 -27.82 34.02
N PHE I 148 -54.69 -27.32 34.52
CA PHE I 148 -56.00 -27.92 34.30
C PHE I 148 -56.70 -27.16 33.19
N ILE I 149 -57.12 -27.86 32.15
CA ILE I 149 -57.84 -27.27 31.03
C ILE I 149 -59.28 -27.74 31.13
N VAL I 150 -60.22 -26.79 31.12
CA VAL I 150 -61.64 -27.14 31.23
C VAL I 150 -62.02 -27.94 29.98
N PRO I 151 -62.76 -29.04 30.13
CA PRO I 151 -63.08 -29.85 28.96
C PRO I 151 -64.04 -29.12 28.04
N PRO I 152 -63.96 -29.35 26.73
CA PRO I 152 -64.97 -28.81 25.82
C PRO I 152 -66.32 -29.46 26.06
N PRO I 153 -67.41 -28.76 25.79
CA PRO I 153 -68.74 -29.32 26.05
C PRO I 153 -69.01 -30.54 25.19
N ALA J 2 10.20 12.26 -12.02
CA ALA J 2 9.38 12.28 -10.81
C ALA J 2 8.09 11.51 -11.01
N GLN J 3 7.13 12.15 -11.69
CA GLN J 3 5.85 11.53 -11.96
C GLN J 3 5.24 12.15 -13.20
N ILE J 4 4.36 11.41 -13.86
CA ILE J 4 3.68 11.88 -15.07
C ILE J 4 2.24 12.17 -14.69
N ASN J 5 1.82 13.41 -14.89
CA ASN J 5 0.45 13.80 -14.58
C ASN J 5 -0.52 13.18 -15.60
N ALA J 6 -1.79 13.09 -15.20
CA ALA J 6 -2.81 12.48 -16.03
C ALA J 6 -4.05 13.35 -16.07
N SER J 7 -4.77 13.28 -17.19
CA SER J 7 -6.03 13.99 -17.36
C SER J 7 -7.03 13.04 -17.99
N TYR J 8 -8.28 13.10 -17.54
CA TYR J 8 -9.32 12.18 -17.97
C TYR J 8 -10.46 12.93 -18.64
N GLN J 9 -11.41 12.16 -19.16
CA GLN J 9 -12.52 12.72 -19.93
C GLN J 9 -13.73 11.80 -19.83
N ARG J 10 -14.89 12.37 -19.52
CA ARG J 10 -16.15 11.65 -19.50
C ARG J 10 -17.23 12.49 -20.16
N ASP J 11 -18.20 11.82 -20.77
CA ASP J 11 -19.27 12.49 -21.49
C ASP J 11 -20.63 12.24 -20.83
N MET J 12 -21.48 13.25 -20.86
CA MET J 12 -22.82 13.15 -20.32
C MET J 12 -23.71 12.33 -21.24
N ALA J 13 -24.83 11.88 -20.70
CA ALA J 13 -25.83 11.17 -21.49
C ALA J 13 -26.59 12.16 -22.36
N ILE J 14 -27.42 11.63 -23.25
CA ILE J 14 -28.13 12.48 -24.20
C ILE J 14 -29.47 12.92 -23.65
N ALA J 15 -30.26 12.00 -23.11
CA ALA J 15 -31.62 12.32 -22.71
C ALA J 15 -32.06 11.39 -21.59
N LEU J 16 -33.27 11.64 -21.10
CA LEU J 16 -33.93 10.92 -20.02
C LEU J 16 -35.32 10.52 -20.48
N PRO J 17 -35.91 9.49 -19.88
CA PRO J 17 -37.25 9.06 -20.31
C PRO J 17 -38.28 10.18 -20.15
N GLY J 18 -39.15 10.31 -21.15
CA GLY J 18 -40.20 11.31 -21.15
C GLY J 18 -39.71 12.74 -21.14
N MET J 19 -38.68 13.03 -21.92
CA MET J 19 -38.10 14.37 -21.95
C MET J 19 -38.26 14.95 -23.36
N VAL J 20 -38.60 16.23 -23.43
CA VAL J 20 -38.77 16.89 -24.72
C VAL J 20 -37.44 16.90 -25.46
N ALA J 21 -37.46 16.49 -26.72
CA ALA J 21 -36.22 16.31 -27.48
C ALA J 21 -35.70 17.63 -28.03
N ASP J 22 -36.48 18.29 -28.88
CA ASP J 22 -36.07 19.50 -29.57
C ASP J 22 -36.99 20.65 -29.20
N THR J 23 -36.77 21.79 -29.85
CA THR J 23 -37.59 22.99 -29.66
C THR J 23 -38.53 23.24 -30.84
N SER J 24 -38.90 22.19 -31.56
CA SER J 24 -39.80 22.32 -32.70
C SER J 24 -41.21 22.62 -32.23
N LYS J 25 -42.14 22.69 -33.18
CA LYS J 25 -43.53 22.96 -32.86
C LYS J 25 -44.10 21.85 -31.98
N TYR J 26 -44.37 22.19 -30.73
CA TYR J 26 -44.90 21.23 -29.77
C TYR J 26 -46.12 21.82 -29.09
N ASN J 27 -47.03 20.94 -28.68
CA ASN J 27 -48.25 21.34 -27.99
C ASN J 27 -48.42 20.46 -26.76
N ILE J 28 -48.45 21.08 -25.58
CA ILE J 28 -48.63 20.40 -24.32
C ILE J 28 -50.00 20.77 -23.77
N ASP J 29 -50.80 19.75 -23.44
CA ASP J 29 -52.19 19.94 -23.06
C ASP J 29 -52.33 19.73 -21.56
N GLY J 30 -52.58 20.81 -20.84
CA GLY J 30 -52.92 20.74 -19.43
C GLY J 30 -54.40 20.46 -19.25
N ALA J 31 -54.92 20.77 -18.06
CA ALA J 31 -56.33 20.55 -17.75
C ALA J 31 -56.74 19.10 -17.98
N CYS J 32 -55.91 18.18 -17.49
CA CYS J 32 -56.20 16.75 -17.56
C CYS J 32 -56.02 16.15 -16.18
N VAL J 33 -56.85 15.17 -15.87
CA VAL J 33 -56.85 14.53 -14.54
C VAL J 33 -56.65 13.04 -14.72
N VAL J 34 -55.73 12.47 -13.93
CA VAL J 34 -55.51 11.04 -13.92
C VAL J 34 -56.68 10.37 -13.20
N ASN J 35 -57.54 9.68 -13.95
CA ASN J 35 -58.77 9.15 -13.37
C ASN J 35 -58.47 8.07 -12.32
N GLU J 36 -57.62 7.11 -12.66
CA GLU J 36 -57.31 6.04 -11.72
C GLU J 36 -55.95 5.43 -12.09
N GLY J 37 -55.29 4.86 -11.09
CA GLY J 37 -53.98 4.26 -11.30
C GLY J 37 -52.88 5.30 -11.34
N ASP J 38 -51.68 4.82 -11.65
CA ASP J 38 -50.50 5.66 -11.77
C ASP J 38 -49.99 5.61 -13.21
N VAL J 39 -49.42 6.72 -13.66
CA VAL J 39 -48.90 6.85 -15.01
C VAL J 39 -47.42 7.16 -14.94
N LEU J 40 -46.61 6.35 -15.63
CA LEU J 40 -45.19 6.64 -15.73
C LEU J 40 -44.95 7.83 -16.64
N VAL J 41 -43.79 8.46 -16.48
CA VAL J 41 -43.50 9.67 -17.26
C VAL J 41 -43.36 9.33 -18.73
N GLY J 42 -42.57 8.31 -19.06
CA GLY J 42 -42.35 7.96 -20.45
C GLY J 42 -43.28 6.89 -20.98
N ALA J 43 -44.58 7.17 -20.99
CA ALA J 43 -45.55 6.18 -21.46
C ALA J 43 -46.76 6.90 -22.04
N ALA J 44 -47.49 6.18 -22.89
CA ALA J 44 -48.67 6.75 -23.54
C ALA J 44 -49.88 6.68 -22.61
N VAL J 45 -50.89 7.49 -22.93
CA VAL J 45 -52.11 7.58 -22.14
C VAL J 45 -53.31 7.46 -23.07
N GLN J 46 -54.48 7.29 -22.46
CA GLN J 46 -55.75 7.19 -23.17
C GLN J 46 -56.76 8.11 -22.52
N VAL J 47 -57.72 8.58 -23.30
CA VAL J 47 -58.73 9.51 -22.83
C VAL J 47 -59.99 8.71 -22.54
N VAL J 48 -60.31 8.55 -21.26
CA VAL J 48 -61.49 7.78 -20.86
C VAL J 48 -62.76 8.56 -21.21
N GLN J 49 -62.79 9.86 -20.89
CA GLN J 49 -63.99 10.66 -21.05
C GLN J 49 -63.63 12.13 -20.96
N ALA J 50 -64.24 12.93 -21.82
CA ALA J 50 -64.06 14.38 -21.81
C ALA J 50 -65.35 15.03 -21.31
N GLN J 51 -65.22 15.85 -20.27
CA GLN J 51 -66.39 16.49 -19.67
C GLN J 51 -66.97 17.55 -20.60
N ALA J 52 -68.30 17.58 -20.69
CA ALA J 52 -68.97 18.48 -21.63
C ALA J 52 -68.91 19.93 -21.15
N VAL J 53 -69.14 20.16 -19.86
CA VAL J 53 -69.23 21.52 -19.34
C VAL J 53 -67.91 22.00 -18.77
N ASP J 54 -67.34 21.24 -17.82
CA ASP J 54 -66.11 21.67 -17.17
C ASP J 54 -64.93 21.67 -18.13
N GLY J 55 -64.77 20.58 -18.88
CA GLY J 55 -63.75 20.51 -19.90
C GLY J 55 -62.48 19.78 -19.54
N HIS J 56 -62.42 19.14 -18.38
CA HIS J 56 -61.24 18.37 -17.97
C HIS J 56 -61.31 17.00 -18.63
N LYS J 57 -60.24 16.62 -19.33
CA LYS J 57 -60.17 15.28 -19.91
C LYS J 57 -59.60 14.30 -18.88
N LEU J 58 -60.27 13.17 -18.73
CA LEU J 58 -59.90 12.15 -17.75
C LEU J 58 -59.02 11.11 -18.43
N VAL J 59 -57.74 11.12 -18.09
CA VAL J 59 -56.75 10.27 -18.73
C VAL J 59 -56.48 9.04 -17.88
N LYS J 60 -55.88 8.03 -18.50
CA LYS J 60 -55.60 6.76 -17.85
C LYS J 60 -54.48 6.07 -18.61
N ALA J 61 -53.77 5.18 -17.93
CA ALA J 61 -52.73 4.39 -18.57
C ALA J 61 -53.32 3.52 -19.67
N LEU J 62 -52.54 3.33 -20.73
CA LEU J 62 -53.02 2.61 -21.90
C LEU J 62 -53.28 1.14 -21.59
N THR J 63 -54.33 0.60 -22.19
CA THR J 63 -54.71 -0.81 -22.04
C THR J 63 -54.83 -1.43 -23.43
N THR J 64 -55.32 -2.67 -23.46
CA THR J 64 -55.42 -3.40 -24.73
C THR J 64 -56.56 -2.87 -25.57
N GLY J 65 -56.29 -2.68 -26.86
CA GLY J 65 -57.31 -2.25 -27.80
C GLY J 65 -57.87 -0.86 -27.56
N THR J 66 -56.99 0.10 -27.28
CA THR J 66 -57.39 1.49 -27.07
C THR J 66 -56.46 2.41 -27.83
N THR J 67 -57.01 3.50 -28.35
CA THR J 67 -56.22 4.43 -29.16
C THR J 67 -55.41 5.35 -28.26
N PRO J 68 -54.09 5.41 -28.41
CA PRO J 68 -53.30 6.35 -27.62
C PRO J 68 -53.58 7.79 -28.01
N TYR J 69 -53.37 8.69 -27.04
CA TYR J 69 -53.61 10.11 -27.23
C TYR J 69 -52.34 10.94 -27.17
N GLY J 70 -51.49 10.71 -26.17
CA GLY J 70 -50.27 11.50 -26.04
C GLY J 70 -49.31 10.83 -25.08
N VAL J 71 -48.20 11.51 -24.82
CA VAL J 71 -47.13 11.02 -23.96
C VAL J 71 -46.93 12.01 -22.83
N ALA J 72 -46.88 11.49 -21.60
CA ALA J 72 -46.60 12.34 -20.45
C ALA J 72 -45.18 12.89 -20.53
N ILE J 73 -44.98 14.09 -19.98
CA ILE J 73 -43.69 14.76 -20.04
C ILE J 73 -43.09 14.86 -18.65
N ARG J 74 -41.86 15.39 -18.57
CA ARG J 74 -41.05 15.37 -17.36
C ARG J 74 -41.03 16.76 -16.74
N SER J 75 -41.44 16.84 -15.47
CA SER J 75 -41.47 18.10 -14.74
C SER J 75 -41.07 17.85 -13.29
N HIS J 76 -40.28 18.77 -12.72
CA HIS J 76 -39.79 18.59 -11.37
C HIS J 76 -40.80 19.01 -10.30
N TRP J 77 -41.87 19.71 -10.67
CA TRP J 77 -42.83 20.22 -9.71
C TRP J 77 -44.11 19.39 -9.64
N GLN J 78 -44.62 18.95 -10.78
CA GLN J 78 -45.92 18.31 -10.87
C GLN J 78 -45.87 16.80 -10.69
N THR J 79 -44.68 16.22 -10.53
CA THR J 79 -44.51 14.78 -10.51
C THR J 79 -44.10 14.32 -9.12
N VAL J 80 -44.67 13.20 -8.68
CA VAL J 80 -44.29 12.58 -7.42
C VAL J 80 -43.30 11.46 -7.69
N ASN J 81 -42.47 11.16 -6.69
CA ASN J 81 -41.42 10.16 -6.82
C ASN J 81 -41.86 8.86 -6.17
N ALA J 82 -41.84 7.78 -6.94
CA ALA J 82 -42.18 6.45 -6.44
C ALA J 82 -41.45 5.41 -7.26
N GLN J 83 -41.16 4.28 -6.63
CA GLN J 83 -40.40 3.18 -7.25
C GLN J 83 -39.08 3.66 -7.83
N ASN J 84 -38.45 4.64 -7.18
CA ASN J 84 -37.20 5.24 -7.63
C ASN J 84 -37.33 5.83 -9.04
N GLN J 85 -38.55 6.24 -9.39
CA GLN J 85 -38.83 6.86 -10.68
C GLN J 85 -39.83 7.99 -10.45
N MET J 86 -40.13 8.73 -11.52
CA MET J 86 -41.12 9.78 -11.47
C MET J 86 -42.44 9.30 -12.07
N ILE J 87 -43.53 9.54 -11.35
CA ILE J 87 -44.86 9.10 -11.78
C ILE J 87 -45.84 10.22 -11.55
N TYR J 88 -47.03 10.10 -12.14
CA TYR J 88 -48.17 10.95 -11.86
C TYR J 88 -49.18 10.16 -11.04
N GLU J 89 -49.57 10.70 -9.89
CA GLU J 89 -50.45 9.99 -8.98
C GLU J 89 -51.91 10.18 -9.35
N ASP J 90 -52.78 9.45 -8.66
CA ASP J 90 -54.21 9.57 -8.88
C ASP J 90 -54.70 10.94 -8.45
N GLY J 91 -55.48 11.58 -9.30
CA GLY J 91 -55.88 12.95 -9.09
C GLY J 91 -54.76 13.90 -9.50
N GLY J 92 -55.08 15.19 -9.45
CA GLY J 92 -54.10 16.20 -9.78
C GLY J 92 -53.86 16.35 -11.28
N ALA J 93 -53.40 17.51 -11.71
CA ALA J 93 -53.21 17.76 -13.12
C ALA J 93 -52.03 16.97 -13.66
N ILE J 94 -52.07 16.71 -14.97
CA ILE J 94 -51.03 15.96 -15.67
C ILE J 94 -50.73 16.66 -16.99
N ASN J 95 -49.45 16.67 -17.36
CA ASN J 95 -48.99 17.27 -18.61
C ASN J 95 -48.84 16.15 -19.64
N VAL J 96 -49.61 16.24 -20.72
CA VAL J 96 -49.57 15.26 -21.79
C VAL J 96 -49.22 15.99 -23.09
N MET J 97 -48.21 15.49 -23.79
CA MET J 97 -47.80 16.08 -25.05
C MET J 97 -48.62 15.47 -26.19
N THR J 98 -49.27 16.33 -26.97
CA THR J 98 -50.07 15.88 -28.11
C THR J 98 -49.38 16.11 -29.45
N SER J 99 -48.25 16.83 -29.46
CA SER J 99 -47.52 17.08 -30.69
C SER J 99 -46.10 17.49 -30.33
N GLY J 100 -45.13 17.03 -31.12
CA GLY J 100 -43.74 17.38 -30.93
C GLY J 100 -42.86 16.15 -30.89
N ARG J 101 -41.64 16.34 -30.42
CA ARG J 101 -40.64 15.27 -30.34
C ARG J 101 -40.33 14.98 -28.88
N VAL J 102 -40.41 13.70 -28.50
CA VAL J 102 -40.21 13.28 -27.12
C VAL J 102 -39.44 11.96 -27.10
N TRP J 103 -38.85 11.65 -25.96
CA TRP J 103 -38.14 10.40 -25.73
C TRP J 103 -39.06 9.44 -24.98
N MET J 104 -39.20 8.23 -25.49
CA MET J 104 -40.14 7.26 -24.96
C MET J 104 -39.41 6.02 -24.46
N LEU J 105 -39.97 5.39 -23.43
CA LEU J 105 -39.51 4.09 -22.99
C LEU J 105 -39.82 3.03 -24.04
N SER J 106 -38.93 2.05 -24.17
CA SER J 106 -39.10 1.00 -25.16
C SER J 106 -38.51 -0.29 -24.64
N LYS J 107 -39.07 -1.41 -25.12
CA LYS J 107 -38.52 -2.73 -24.85
C LYS J 107 -37.90 -3.38 -26.08
N SER J 108 -37.78 -2.66 -27.19
CA SER J 108 -37.16 -3.20 -28.38
C SER J 108 -35.63 -3.27 -28.20
N THR J 109 -35.00 -4.10 -29.05
CA THR J 109 -33.57 -4.32 -28.96
C THR J 109 -32.80 -3.93 -30.21
N GLU J 110 -33.47 -3.42 -31.25
CA GLU J 110 -32.80 -3.06 -32.50
C GLU J 110 -33.18 -1.64 -32.89
N ALA J 111 -32.27 -1.01 -33.63
CA ALA J 111 -32.48 0.36 -34.06
C ALA J 111 -33.63 0.44 -35.06
N PRO J 112 -34.49 1.46 -34.95
CA PRO J 112 -35.60 1.59 -35.89
C PRO J 112 -35.25 2.44 -37.10
N THR J 113 -36.04 2.31 -38.17
CA THR J 113 -35.83 3.12 -39.35
C THR J 113 -36.27 4.56 -39.11
N PHE J 114 -35.89 5.44 -40.02
CA PHE J 114 -36.22 6.86 -39.87
C PHE J 114 -37.72 7.10 -39.97
N GLY J 115 -38.31 6.80 -41.12
CA GLY J 115 -39.73 7.00 -41.30
C GLY J 115 -40.52 5.70 -41.28
N SER J 116 -41.23 5.45 -40.19
CA SER J 116 -42.06 4.26 -40.05
C SER J 116 -43.02 4.45 -38.88
N ALA J 117 -44.17 3.80 -38.96
CA ALA J 117 -45.19 3.95 -37.92
C ALA J 117 -44.71 3.36 -36.60
N VAL J 118 -45.07 4.02 -35.51
CA VAL J 118 -44.70 3.58 -34.17
C VAL J 118 -45.78 2.64 -33.65
N LYS J 119 -45.36 1.48 -33.15
CA LYS J 119 -46.27 0.50 -32.56
C LYS J 119 -45.93 0.35 -31.09
N LEU J 120 -46.96 0.40 -30.24
CA LEU J 120 -46.80 0.27 -28.81
C LEU J 120 -47.35 -1.06 -28.31
N ASP J 121 -46.96 -1.44 -27.10
CA ASP J 121 -47.50 -2.64 -26.47
C ASP J 121 -48.76 -2.31 -25.68
N VAL J 122 -49.20 -3.25 -24.83
CA VAL J 122 -50.44 -3.07 -24.09
C VAL J 122 -50.29 -2.15 -22.89
N ASP J 123 -49.09 -1.67 -22.58
CA ASP J 123 -48.89 -0.78 -21.45
C ASP J 123 -48.30 0.58 -21.83
N GLY J 124 -48.14 0.87 -23.12
CA GLY J 124 -47.73 2.19 -23.56
C GLY J 124 -46.26 2.37 -23.85
N GLN J 125 -45.47 1.31 -23.85
CA GLN J 125 -44.04 1.40 -24.15
C GLN J 125 -43.79 0.90 -25.57
N GLU J 126 -42.93 1.59 -26.30
CA GLU J 126 -42.68 1.26 -27.70
C GLU J 126 -42.11 -0.14 -27.83
N LYS J 127 -42.57 -0.87 -28.84
CA LYS J 127 -42.08 -2.21 -29.13
C LYS J 127 -42.14 -2.44 -30.63
N SER J 128 -41.11 -3.08 -31.17
CA SER J 128 -41.03 -3.28 -32.61
C SER J 128 -42.18 -4.13 -33.13
N ASP J 129 -42.53 -5.20 -32.40
CA ASP J 129 -43.61 -6.09 -32.78
C ASP J 129 -44.85 -5.89 -31.91
N GLY J 130 -45.13 -4.66 -31.49
CA GLY J 130 -46.29 -4.40 -30.67
C GLY J 130 -47.59 -4.54 -31.42
N THR J 131 -48.68 -4.62 -30.66
CA THR J 131 -50.00 -4.83 -31.23
C THR J 131 -50.72 -3.51 -31.55
N ILE J 132 -50.66 -2.55 -30.63
CA ILE J 132 -51.36 -1.29 -30.84
C ILE J 132 -50.62 -0.46 -31.89
N GLU J 133 -51.36 0.03 -32.88
CA GLU J 133 -50.81 0.78 -33.99
C GLU J 133 -51.19 2.26 -33.84
N THR J 134 -50.21 3.14 -33.97
CA THR J 134 -50.42 4.58 -33.86
C THR J 134 -50.16 5.23 -35.21
N THR J 135 -50.42 6.54 -35.27
CA THR J 135 -50.09 7.35 -36.44
C THR J 135 -48.76 8.07 -36.29
N TRP J 136 -48.08 7.92 -35.15
CA TRP J 136 -46.80 8.58 -34.93
C TRP J 136 -45.70 7.90 -35.74
N THR J 137 -44.61 8.64 -35.96
CA THR J 137 -43.48 8.15 -36.73
C THR J 137 -42.20 8.36 -35.93
N TYR J 138 -41.20 7.53 -36.23
CA TYR J 138 -39.91 7.64 -35.57
C TYR J 138 -39.17 8.89 -36.03
N ALA J 139 -38.19 9.32 -35.22
CA ALA J 139 -37.39 10.50 -35.52
C ALA J 139 -35.92 10.20 -35.75
N GLY J 140 -35.39 9.14 -35.14
CA GLY J 140 -34.00 8.77 -35.36
C GLY J 140 -33.21 8.53 -34.10
N GLY J 141 -33.56 9.23 -33.02
CA GLY J 141 -32.83 9.06 -31.77
C GLY J 141 -32.98 7.65 -31.24
N TRP J 142 -31.84 7.07 -30.84
CA TRP J 142 -31.83 5.70 -30.31
C TRP J 142 -30.62 5.60 -29.37
N THR J 143 -30.88 5.72 -28.07
CA THR J 143 -29.81 5.64 -27.09
C THR J 143 -30.24 4.81 -25.89
N LYS J 144 -29.46 4.85 -24.81
CA LYS J 144 -29.75 4.09 -23.61
C LYS J 144 -29.11 4.79 -22.42
N TYR J 145 -29.91 5.08 -21.39
CA TYR J 145 -29.41 5.68 -20.17
C TYR J 145 -29.21 4.58 -19.13
N LYS J 146 -27.95 4.37 -18.74
CA LYS J 146 -27.60 3.31 -17.80
C LYS J 146 -28.10 1.95 -18.29
N ASP J 147 -29.21 1.47 -17.70
CA ASP J 147 -29.82 0.22 -18.10
C ASP J 147 -31.25 0.41 -18.60
N ILE J 148 -31.59 1.61 -19.05
CA ILE J 148 -32.92 1.95 -19.56
C ILE J 148 -32.80 2.29 -21.04
N GLN J 149 -33.63 1.68 -21.86
CA GLN J 149 -33.59 1.89 -23.30
C GLN J 149 -34.61 2.94 -23.70
N LEU J 150 -34.16 3.90 -24.51
CA LEU J 150 -34.98 5.03 -24.92
C LEU J 150 -35.03 5.11 -26.44
N VAL J 151 -36.02 5.83 -26.95
CA VAL J 151 -36.20 6.03 -28.38
C VAL J 151 -36.97 7.33 -28.59
N GLU J 152 -36.66 8.01 -29.69
CA GLU J 152 -37.28 9.28 -30.03
C GLU J 152 -38.38 9.06 -31.06
N VAL J 153 -39.53 9.70 -30.84
CA VAL J 153 -40.69 9.58 -31.72
C VAL J 153 -41.22 10.96 -32.03
N GLN J 154 -41.98 11.07 -33.12
CA GLN J 154 -42.63 12.31 -33.52
C GLN J 154 -44.13 12.13 -33.39
N LEU J 155 -44.78 13.04 -32.67
CA LEU J 155 -46.20 12.94 -32.39
C LEU J 155 -47.00 13.88 -33.31
N HIS J 156 -48.25 13.51 -33.55
CA HIS J 156 -49.18 14.32 -34.32
C HIS J 156 -50.49 14.44 -33.56
N GLN J 157 -51.19 15.55 -33.79
CA GLN J 157 -52.46 15.79 -33.11
C GLN J 157 -53.52 14.81 -33.58
N LEU J 158 -54.31 14.31 -32.65
CA LEU J 158 -55.38 13.36 -32.96
C LEU J 158 -56.52 14.06 -33.69
N ALA K 2 11.52 0.96 5.93
CA ALA K 2 11.99 0.69 7.29
C ALA K 2 11.36 -0.58 7.83
N GLN K 3 10.25 -0.44 8.57
CA GLN K 3 9.55 -1.57 9.15
C GLN K 3 8.05 -1.32 9.08
N ILE K 4 7.28 -2.39 9.18
CA ILE K 4 5.82 -2.35 9.10
C ILE K 4 5.28 -2.82 10.44
N ASN K 5 4.42 -2.01 11.06
CA ASN K 5 3.84 -2.35 12.34
C ASN K 5 2.79 -3.45 12.18
N ALA K 6 2.44 -4.07 13.30
CA ALA K 6 1.48 -5.17 13.30
C ALA K 6 0.48 -5.00 14.43
N SER K 7 -0.72 -5.53 14.22
CA SER K 7 -1.77 -5.53 15.22
C SER K 7 -2.49 -6.87 15.15
N TYR K 8 -2.82 -7.41 16.32
CA TYR K 8 -3.38 -8.76 16.42
C TYR K 8 -4.76 -8.70 17.08
N GLN K 9 -5.43 -9.85 17.07
CA GLN K 9 -6.78 -9.96 17.62
C GLN K 9 -7.02 -11.38 18.12
N ARG K 10 -7.78 -11.50 19.20
CA ARG K 10 -8.19 -12.79 19.74
C ARG K 10 -9.53 -12.59 20.46
N ASP K 11 -10.42 -13.57 20.33
CA ASP K 11 -11.75 -13.50 20.90
C ASP K 11 -11.88 -14.47 22.08
N MET K 12 -12.71 -14.10 23.04
CA MET K 12 -12.98 -14.94 24.19
C MET K 12 -13.94 -16.07 23.82
N ALA K 13 -14.07 -17.03 24.72
CA ALA K 13 -15.02 -18.11 24.53
C ALA K 13 -16.42 -17.65 24.88
N ILE K 14 -17.42 -18.46 24.52
CA ILE K 14 -18.81 -18.09 24.73
C ILE K 14 -19.40 -18.67 26.01
N ALA K 15 -18.94 -19.83 26.48
CA ALA K 15 -19.59 -20.50 27.60
C ALA K 15 -18.56 -21.22 28.45
N LEU K 16 -19.05 -21.84 29.53
CA LEU K 16 -18.29 -22.64 30.47
C LEU K 16 -19.26 -23.66 31.03
N PRO K 17 -18.83 -24.88 31.33
CA PRO K 17 -19.78 -25.91 31.78
C PRO K 17 -20.54 -25.47 33.03
N GLY K 18 -21.84 -25.71 33.02
CA GLY K 18 -22.71 -25.40 34.14
C GLY K 18 -22.80 -23.94 34.49
N MET K 19 -22.89 -23.07 33.49
CA MET K 19 -22.97 -21.63 33.70
C MET K 19 -24.29 -21.12 33.18
N VAL K 20 -24.94 -20.23 33.96
CA VAL K 20 -26.23 -19.70 33.56
C VAL K 20 -26.08 -18.90 32.28
N ALA K 21 -26.93 -19.19 31.30
CA ALA K 21 -26.78 -18.66 29.95
C ALA K 21 -27.54 -17.34 29.75
N ASP K 22 -28.70 -17.21 30.39
CA ASP K 22 -29.60 -16.10 30.12
C ASP K 22 -30.07 -15.48 31.43
N THR K 23 -30.58 -14.25 31.33
CA THR K 23 -31.20 -13.57 32.45
C THR K 23 -32.71 -13.77 32.52
N SER K 24 -33.23 -14.74 31.77
CA SER K 24 -34.65 -15.03 31.79
C SER K 24 -35.08 -15.58 33.15
N LYS K 25 -36.36 -15.86 33.28
CA LYS K 25 -36.88 -16.39 34.54
C LYS K 25 -36.23 -17.72 34.88
N TYR K 26 -35.47 -17.74 35.97
CA TYR K 26 -34.81 -18.95 36.43
C TYR K 26 -35.13 -19.15 37.91
N ASN K 27 -34.98 -20.39 38.36
CA ASN K 27 -35.25 -20.74 39.75
C ASN K 27 -34.14 -21.67 40.23
N ILE K 28 -33.28 -21.15 41.10
CA ILE K 28 -32.20 -21.93 41.68
C ILE K 28 -32.59 -22.33 43.10
N ASP K 29 -32.56 -23.63 43.38
CA ASP K 29 -32.99 -24.16 44.67
C ASP K 29 -31.76 -24.52 45.49
N GLY K 30 -31.61 -23.86 46.64
CA GLY K 30 -30.63 -24.27 47.64
C GLY K 30 -31.20 -25.36 48.51
N ALA K 31 -30.62 -25.53 49.69
CA ALA K 31 -31.08 -26.50 50.67
C ALA K 31 -31.10 -27.92 50.09
N CYS K 32 -30.06 -28.25 49.32
CA CYS K 32 -29.87 -29.59 48.80
C CYS K 32 -28.51 -30.08 49.26
N VAL K 33 -28.40 -31.39 49.51
CA VAL K 33 -27.19 -31.97 50.06
C VAL K 33 -26.71 -33.09 49.14
N VAL K 34 -25.39 -33.22 49.03
CA VAL K 34 -24.79 -34.30 48.27
C VAL K 34 -24.79 -35.54 49.16
N ASN K 35 -25.73 -36.44 48.94
CA ASN K 35 -25.85 -37.61 49.80
C ASN K 35 -24.62 -38.51 49.71
N GLU K 36 -24.12 -38.73 48.49
CA GLU K 36 -23.02 -39.66 48.27
C GLU K 36 -22.30 -39.32 46.98
N GLY K 37 -20.97 -39.37 47.03
CA GLY K 37 -20.17 -39.15 45.84
C GLY K 37 -19.98 -37.67 45.53
N ASP K 38 -19.45 -37.41 44.34
CA ASP K 38 -19.22 -36.06 43.85
C ASP K 38 -20.14 -35.79 42.67
N VAL K 39 -20.52 -34.53 42.49
CA VAL K 39 -21.40 -34.09 41.41
C VAL K 39 -20.67 -33.03 40.60
N LEU K 40 -20.59 -33.24 39.29
CA LEU K 40 -19.95 -32.27 38.41
C LEU K 40 -20.86 -31.06 38.20
N VAL K 41 -20.24 -29.95 37.79
CA VAL K 41 -20.96 -28.70 37.62
C VAL K 41 -21.97 -28.78 36.46
N GLY K 42 -21.67 -29.50 35.40
CA GLY K 42 -22.54 -29.52 34.24
C GLY K 42 -23.28 -30.82 34.02
N ALA K 43 -23.77 -31.44 35.09
CA ALA K 43 -24.43 -32.73 34.98
C ALA K 43 -25.72 -32.72 35.77
N ALA K 44 -26.67 -33.54 35.33
CA ALA K 44 -27.96 -33.64 35.99
C ALA K 44 -27.85 -34.42 37.29
N VAL K 45 -28.87 -34.27 38.14
CA VAL K 45 -28.90 -34.89 39.46
C VAL K 45 -30.24 -35.56 39.68
N GLN K 46 -30.29 -36.40 40.70
CA GLN K 46 -31.50 -37.11 41.10
C GLN K 46 -31.77 -36.85 42.58
N VAL K 47 -33.05 -36.94 42.96
CA VAL K 47 -33.47 -36.67 44.33
C VAL K 47 -33.64 -38.02 45.02
N VAL K 48 -32.72 -38.33 45.93
CA VAL K 48 -32.79 -39.58 46.68
C VAL K 48 -33.98 -39.55 47.65
N GLN K 49 -34.12 -38.45 48.38
CA GLN K 49 -35.16 -38.35 49.41
C GLN K 49 -35.35 -36.88 49.77
N ALA K 50 -36.61 -36.50 49.94
CA ALA K 50 -36.97 -35.15 50.39
C ALA K 50 -37.57 -35.28 51.78
N GLN K 51 -36.87 -34.72 52.77
CA GLN K 51 -37.33 -34.81 54.15
C GLN K 51 -38.65 -34.08 54.33
N ALA K 52 -39.53 -34.65 55.16
CA ALA K 52 -40.88 -34.11 55.30
C ALA K 52 -40.90 -32.89 56.23
N VAL K 53 -40.50 -33.08 57.49
CA VAL K 53 -40.58 -32.00 58.46
C VAL K 53 -39.53 -30.93 58.17
N ASP K 54 -38.29 -31.34 57.88
CA ASP K 54 -37.19 -30.38 57.75
C ASP K 54 -37.23 -29.64 56.42
N GLY K 55 -37.11 -30.37 55.31
CA GLY K 55 -37.21 -29.75 54.01
C GLY K 55 -36.02 -29.95 53.10
N HIS K 56 -34.91 -30.44 53.64
CA HIS K 56 -33.72 -30.69 52.82
C HIS K 56 -33.99 -31.82 51.84
N LYS K 57 -33.48 -31.67 50.62
CA LYS K 57 -33.57 -32.69 49.58
C LYS K 57 -32.20 -33.29 49.35
N LEU K 58 -32.10 -34.61 49.46
CA LEU K 58 -30.84 -35.30 49.24
C LEU K 58 -30.60 -35.48 47.75
N VAL K 59 -29.41 -35.09 47.29
CA VAL K 59 -29.10 -35.04 45.87
C VAL K 59 -27.93 -35.97 45.57
N LYS K 60 -28.07 -36.75 44.51
CA LYS K 60 -27.03 -37.68 44.08
C LYS K 60 -26.78 -37.49 42.59
N ALA K 61 -25.97 -38.36 41.98
CA ALA K 61 -25.69 -38.32 40.55
C ALA K 61 -26.62 -39.29 39.84
N LEU K 62 -26.88 -39.01 38.56
CA LEU K 62 -27.81 -39.83 37.80
C LEU K 62 -27.28 -41.24 37.59
N THR K 63 -28.17 -42.22 37.70
CA THR K 63 -27.86 -43.61 37.39
C THR K 63 -28.93 -44.12 36.43
N THR K 64 -28.90 -45.42 36.16
CA THR K 64 -29.85 -46.01 35.23
C THR K 64 -31.26 -46.02 35.83
N GLY K 65 -32.25 -45.67 35.00
CA GLY K 65 -33.64 -45.72 35.40
C GLY K 65 -34.00 -44.77 36.53
N THR K 66 -33.57 -43.53 36.44
CA THR K 66 -33.92 -42.51 37.43
C THR K 66 -34.32 -41.23 36.73
N THR K 67 -35.21 -40.47 37.39
CA THR K 67 -35.75 -39.23 36.84
C THR K 67 -34.82 -38.07 37.17
N PRO K 68 -34.33 -37.33 36.17
CA PRO K 68 -33.50 -36.16 36.45
C PRO K 68 -34.31 -35.05 37.09
N TYR K 69 -33.63 -34.23 37.89
CA TYR K 69 -34.25 -33.13 38.61
C TYR K 69 -33.76 -31.77 38.14
N GLY K 70 -32.46 -31.54 38.15
CA GLY K 70 -31.92 -30.24 37.78
C GLY K 70 -30.45 -30.34 37.45
N VAL K 71 -29.89 -29.19 37.07
CA VAL K 71 -28.49 -29.09 36.67
C VAL K 71 -27.72 -28.30 37.72
N ALA K 72 -26.52 -28.77 38.05
CA ALA K 72 -25.68 -28.06 39.00
C ALA K 72 -25.25 -26.71 38.42
N ILE K 73 -24.98 -25.76 39.31
CA ILE K 73 -24.69 -24.38 38.92
C ILE K 73 -23.30 -24.00 39.42
N ARG K 74 -22.58 -23.28 38.57
CA ARG K 74 -21.19 -22.91 38.81
C ARG K 74 -21.12 -21.73 39.77
N SER K 75 -20.36 -21.89 40.85
CA SER K 75 -20.18 -20.85 41.86
C SER K 75 -18.73 -20.84 42.31
N HIS K 76 -18.25 -19.65 42.68
CA HIS K 76 -16.86 -19.48 43.10
C HIS K 76 -16.65 -19.66 44.59
N TRP K 77 -17.72 -19.81 45.37
CA TRP K 77 -17.61 -19.93 46.82
C TRP K 77 -17.95 -21.33 47.30
N GLN K 78 -19.12 -21.86 46.92
CA GLN K 78 -19.56 -23.15 47.43
C GLN K 78 -18.73 -24.29 46.86
N THR K 79 -18.35 -24.20 45.59
CA THR K 79 -17.67 -25.31 44.94
C THR K 79 -16.25 -25.48 45.44
N VAL K 80 -15.73 -26.70 45.31
CA VAL K 80 -14.37 -27.03 45.71
C VAL K 80 -13.60 -27.49 44.47
N ASN K 81 -12.43 -26.90 44.26
CA ASN K 81 -11.59 -27.21 43.10
C ASN K 81 -10.91 -28.55 43.32
N ALA K 82 -11.08 -29.46 42.36
CA ALA K 82 -10.45 -30.76 42.42
C ALA K 82 -10.37 -31.34 41.01
N GLN K 83 -9.41 -32.24 40.81
CA GLN K 83 -9.18 -32.90 39.53
C GLN K 83 -8.97 -31.88 38.41
N ASN K 84 -8.29 -30.78 38.73
CA ASN K 84 -8.07 -29.69 37.77
C ASN K 84 -9.38 -29.16 37.22
N GLN K 85 -10.43 -29.20 38.05
CA GLN K 85 -11.76 -28.81 37.64
C GLN K 85 -12.50 -28.27 38.86
N MET K 86 -13.78 -27.94 38.66
CA MET K 86 -14.64 -27.48 39.73
C MET K 86 -15.76 -28.49 39.95
N ILE K 87 -15.89 -28.98 41.19
CA ILE K 87 -16.87 -30.01 41.52
C ILE K 87 -17.54 -29.66 42.83
N TYR K 88 -18.63 -30.34 43.13
CA TYR K 88 -19.30 -30.27 44.43
C TYR K 88 -18.95 -31.52 45.23
N GLU K 89 -18.35 -31.33 46.40
CA GLU K 89 -17.91 -32.45 47.22
C GLU K 89 -19.09 -33.05 47.98
N ASP K 90 -18.85 -34.20 48.60
CA ASP K 90 -19.87 -34.88 49.37
C ASP K 90 -20.10 -34.12 50.67
N GLY K 91 -21.35 -34.12 51.14
CA GLY K 91 -21.69 -33.40 52.35
C GLY K 91 -21.62 -31.89 52.22
N GLY K 92 -22.09 -31.33 51.11
CA GLY K 92 -22.09 -29.90 50.93
C GLY K 92 -23.30 -29.47 50.13
N ALA K 93 -23.68 -28.20 50.33
CA ALA K 93 -24.85 -27.66 49.64
C ALA K 93 -24.60 -27.52 48.15
N ILE K 94 -25.64 -27.79 47.36
CA ILE K 94 -25.57 -27.69 45.91
C ILE K 94 -26.60 -26.70 45.43
N ASN K 95 -26.21 -25.85 44.47
CA ASN K 95 -27.12 -24.94 43.78
C ASN K 95 -27.68 -25.69 42.57
N VAL K 96 -28.94 -26.11 42.67
CA VAL K 96 -29.63 -26.83 41.60
C VAL K 96 -30.55 -25.85 40.89
N MET K 97 -30.44 -25.78 39.57
CA MET K 97 -31.35 -24.97 38.77
C MET K 97 -32.48 -25.86 38.26
N THR K 98 -33.69 -25.61 38.76
CA THR K 98 -34.86 -26.37 38.34
C THR K 98 -35.63 -25.70 37.22
N SER K 99 -35.21 -24.53 36.77
CA SER K 99 -35.87 -23.82 35.68
C SER K 99 -34.92 -22.77 35.14
N GLY K 100 -34.91 -22.61 33.81
CA GLY K 100 -34.08 -21.61 33.16
C GLY K 100 -33.25 -22.23 32.07
N ARG K 101 -32.27 -21.47 31.59
CA ARG K 101 -31.38 -21.88 30.52
C ARG K 101 -29.96 -22.00 31.07
N VAL K 102 -29.34 -23.16 30.87
CA VAL K 102 -28.00 -23.44 31.39
C VAL K 102 -27.18 -24.11 30.29
N TRP K 103 -25.86 -24.04 30.45
CA TRP K 103 -24.91 -24.66 29.52
C TRP K 103 -24.55 -26.04 30.07
N MET K 104 -24.90 -27.09 29.34
CA MET K 104 -24.69 -28.44 29.82
C MET K 104 -23.40 -29.03 29.25
N LEU K 105 -23.05 -30.22 29.75
CA LEU K 105 -22.00 -31.04 29.17
C LEU K 105 -22.62 -32.04 28.22
N SER K 106 -22.06 -32.15 27.02
CA SER K 106 -22.65 -32.95 25.96
C SER K 106 -21.66 -33.98 25.45
N LYS K 107 -22.19 -35.12 25.02
CA LYS K 107 -21.40 -36.19 24.41
C LYS K 107 -21.75 -36.41 22.94
N SER K 108 -22.62 -35.57 22.37
CA SER K 108 -23.06 -35.73 21.00
C SER K 108 -22.05 -35.10 20.04
N THR K 109 -22.32 -35.23 18.74
CA THR K 109 -21.43 -34.72 17.71
C THR K 109 -22.13 -33.85 16.66
N GLU K 110 -23.45 -33.71 16.71
CA GLU K 110 -24.19 -32.93 15.73
C GLU K 110 -25.08 -31.92 16.43
N ALA K 111 -25.28 -30.78 15.76
CA ALA K 111 -26.10 -29.73 16.33
C ALA K 111 -27.56 -30.19 16.42
N PRO K 112 -28.26 -29.88 17.52
CA PRO K 112 -29.65 -30.30 17.66
C PRO K 112 -30.63 -29.28 17.10
N THR K 113 -31.88 -29.70 17.01
CA THR K 113 -32.95 -28.82 16.57
C THR K 113 -33.33 -27.85 17.69
N PHE K 114 -34.10 -26.83 17.34
CA PHE K 114 -34.48 -25.81 18.32
C PHE K 114 -35.41 -26.38 19.38
N GLY K 115 -36.61 -26.82 18.96
CA GLY K 115 -37.55 -27.38 19.89
C GLY K 115 -37.67 -28.88 19.80
N SER K 116 -37.09 -29.59 20.76
CA SER K 116 -37.14 -31.05 20.78
C SER K 116 -36.76 -31.53 22.16
N ALA K 117 -37.13 -32.77 22.47
CA ALA K 117 -36.85 -33.34 23.77
C ALA K 117 -35.35 -33.54 23.97
N VAL K 118 -34.92 -33.48 25.22
CA VAL K 118 -33.53 -33.66 25.61
C VAL K 118 -33.36 -35.06 26.17
N LYS K 119 -32.37 -35.79 25.66
CA LYS K 119 -32.10 -37.16 26.07
C LYS K 119 -30.75 -37.19 26.77
N LEU K 120 -30.71 -37.71 28.00
CA LEU K 120 -29.47 -37.88 28.71
C LEU K 120 -29.05 -39.35 28.70
N ASP K 121 -27.79 -39.59 29.08
CA ASP K 121 -27.29 -40.95 29.22
C ASP K 121 -27.25 -41.32 30.70
N VAL K 122 -26.66 -42.48 31.00
CA VAL K 122 -26.65 -42.97 32.37
C VAL K 122 -25.74 -42.12 33.25
N ASP K 123 -24.78 -41.42 32.63
CA ASP K 123 -23.84 -40.60 33.39
C ASP K 123 -24.47 -39.27 33.83
N GLY K 124 -25.50 -38.80 33.16
CA GLY K 124 -26.08 -37.50 33.44
C GLY K 124 -25.69 -36.40 32.48
N GLN K 125 -25.00 -36.72 31.40
CA GLN K 125 -24.61 -35.75 30.38
C GLN K 125 -25.44 -35.94 29.13
N GLU K 126 -25.60 -34.85 28.38
CA GLU K 126 -26.44 -34.88 27.19
C GLU K 126 -25.87 -35.82 26.13
N LYS K 127 -26.75 -36.58 25.50
CA LYS K 127 -26.36 -37.46 24.40
C LYS K 127 -27.50 -37.47 23.40
N SER K 128 -27.16 -37.39 22.11
CA SER K 128 -28.20 -37.29 21.07
C SER K 128 -29.14 -38.48 21.09
N ASP K 129 -28.61 -39.67 21.36
CA ASP K 129 -29.41 -40.89 21.41
C ASP K 129 -29.38 -41.56 22.79
N GLY K 130 -29.47 -40.77 23.84
CA GLY K 130 -29.44 -41.30 25.19
C GLY K 130 -30.71 -42.06 25.52
N THR K 131 -30.68 -42.72 26.68
CA THR K 131 -31.78 -43.58 27.12
C THR K 131 -32.74 -42.85 28.06
N ILE K 132 -32.20 -42.15 29.06
CA ILE K 132 -33.06 -41.47 30.02
C ILE K 132 -33.78 -40.32 29.34
N GLU K 133 -35.08 -40.20 29.62
CA GLU K 133 -35.94 -39.23 28.96
C GLU K 133 -36.28 -38.08 29.91
N THR K 134 -36.19 -36.86 29.39
CA THR K 134 -36.48 -35.66 30.15
C THR K 134 -37.63 -34.90 29.51
N THR K 135 -38.17 -33.94 30.25
CA THR K 135 -39.17 -33.02 29.72
C THR K 135 -38.57 -31.71 29.23
N TRP K 136 -37.25 -31.55 29.33
CA TRP K 136 -36.60 -30.31 28.93
C TRP K 136 -36.46 -30.26 27.41
N THR K 137 -36.24 -29.05 26.90
CA THR K 137 -36.11 -28.82 25.47
C THR K 137 -34.86 -28.01 25.18
N TYR K 138 -34.36 -28.16 23.95
CA TYR K 138 -33.17 -27.44 23.53
C TYR K 138 -33.47 -25.95 23.36
N ALA K 139 -32.41 -25.15 23.40
CA ALA K 139 -32.52 -23.71 23.25
C ALA K 139 -31.84 -23.17 22.00
N GLY K 140 -30.85 -23.87 21.47
CA GLY K 140 -30.21 -23.44 20.24
C GLY K 140 -28.70 -23.33 20.33
N GLY K 141 -28.20 -22.90 21.48
CA GLY K 141 -26.76 -22.72 21.63
C GLY K 141 -26.00 -24.04 21.49
N TRP K 142 -24.88 -23.98 20.77
CA TRP K 142 -24.06 -25.16 20.53
C TRP K 142 -22.64 -24.69 20.25
N THR K 143 -21.78 -24.78 21.27
CA THR K 143 -20.40 -24.35 21.14
C THR K 143 -19.45 -25.36 21.79
N LYS K 144 -18.18 -24.99 21.92
CA LYS K 144 -17.19 -25.88 22.49
C LYS K 144 -16.08 -25.04 23.13
N TYR K 145 -15.75 -25.36 24.38
CA TYR K 145 -14.68 -24.68 25.10
C TYR K 145 -13.44 -25.56 25.05
N LYS K 146 -12.44 -25.14 24.27
CA LYS K 146 -11.23 -25.93 24.04
C LYS K 146 -11.58 -27.31 23.49
N ASP K 147 -11.42 -28.34 24.32
CA ASP K 147 -11.75 -29.71 23.93
C ASP K 147 -13.01 -30.23 24.58
N ILE K 148 -13.81 -29.37 25.22
CA ILE K 148 -15.04 -29.77 25.90
C ILE K 148 -16.22 -29.30 25.08
N GLN K 149 -17.18 -30.19 24.85
CA GLN K 149 -18.38 -29.84 24.10
C GLN K 149 -19.48 -29.39 25.06
N LEU K 150 -20.18 -28.32 24.70
CA LEU K 150 -21.21 -27.73 25.54
C LEU K 150 -22.47 -27.51 24.71
N VAL K 151 -23.63 -27.66 25.37
CA VAL K 151 -24.92 -27.46 24.72
C VAL K 151 -25.84 -26.74 25.70
N GLU K 152 -26.74 -25.93 25.15
CA GLU K 152 -27.70 -25.17 25.95
C GLU K 152 -29.06 -25.84 25.93
N VAL K 153 -29.70 -25.88 27.10
CA VAL K 153 -31.00 -26.53 27.25
C VAL K 153 -31.93 -25.61 28.01
N GLN K 154 -33.23 -25.79 27.81
CA GLN K 154 -34.26 -25.05 28.52
C GLN K 154 -34.90 -25.97 29.56
N LEU K 155 -34.82 -25.59 30.83
CA LEU K 155 -35.27 -26.43 31.93
C LEU K 155 -36.68 -26.05 32.35
N HIS K 156 -37.51 -27.06 32.59
CA HIS K 156 -38.87 -26.88 33.07
C HIS K 156 -39.02 -27.52 34.45
N GLN K 157 -39.79 -26.86 35.29
CA GLN K 157 -40.00 -27.34 36.66
C GLN K 157 -40.76 -28.67 36.65
N LEU K 158 -40.29 -29.59 37.50
CA LEU K 158 -40.92 -30.90 37.61
C LEU K 158 -42.02 -30.88 38.67
N ALA L 2 -45.58 72.09 -78.93
CA ALA L 2 -44.69 71.78 -77.81
C ALA L 2 -44.56 70.27 -77.61
N GLN L 3 -44.45 69.85 -76.35
CA GLN L 3 -44.31 68.45 -76.01
C GLN L 3 -45.24 68.09 -74.86
N ILE L 4 -45.60 66.82 -74.78
CA ILE L 4 -46.46 66.30 -73.73
C ILE L 4 -45.60 65.48 -72.78
N ASN L 5 -45.62 65.84 -71.50
CA ASN L 5 -44.84 65.11 -70.51
C ASN L 5 -45.38 63.70 -70.33
N ALA L 6 -44.47 62.76 -70.06
CA ALA L 6 -44.82 61.35 -69.94
C ALA L 6 -44.30 60.79 -68.62
N SER L 7 -45.05 59.87 -68.05
CA SER L 7 -44.68 59.17 -66.83
C SER L 7 -44.85 57.67 -67.02
N TYR L 8 -43.96 56.91 -66.41
CA TYR L 8 -43.94 55.46 -66.56
C TYR L 8 -44.11 54.78 -65.20
N GLN L 9 -44.50 53.51 -65.25
CA GLN L 9 -44.74 52.73 -64.05
C GLN L 9 -44.32 51.29 -64.26
N ARG L 10 -43.64 50.73 -63.27
CA ARG L 10 -43.17 49.35 -63.31
C ARG L 10 -43.46 48.69 -61.97
N ASP L 11 -43.91 47.43 -62.04
CA ASP L 11 -44.23 46.65 -60.85
C ASP L 11 -43.16 45.59 -60.63
N MET L 12 -42.77 45.41 -59.38
CA MET L 12 -41.77 44.39 -59.04
C MET L 12 -42.37 42.99 -59.14
N ALA L 13 -41.49 41.99 -59.13
CA ALA L 13 -41.92 40.61 -59.18
C ALA L 13 -42.59 40.22 -57.87
N ILE L 14 -43.05 38.97 -57.79
CA ILE L 14 -43.79 38.50 -56.63
C ILE L 14 -42.88 37.67 -55.73
N ALA L 15 -42.08 36.78 -56.31
CA ALA L 15 -41.28 35.89 -55.50
C ALA L 15 -40.08 35.40 -56.30
N LEU L 16 -39.11 34.86 -55.59
CA LEU L 16 -37.91 34.23 -56.12
C LEU L 16 -37.90 32.76 -55.71
N PRO L 17 -37.20 31.91 -56.46
CA PRO L 17 -37.23 30.47 -56.17
C PRO L 17 -36.73 30.16 -54.76
N GLY L 18 -37.41 29.22 -54.11
CA GLY L 18 -37.00 28.72 -52.81
C GLY L 18 -37.05 29.73 -51.68
N MET L 19 -38.12 30.51 -51.60
CA MET L 19 -38.31 31.45 -50.49
C MET L 19 -39.69 31.24 -49.90
N VAL L 20 -39.82 31.58 -48.61
CA VAL L 20 -41.09 31.41 -47.92
C VAL L 20 -42.13 32.37 -48.50
N ALA L 21 -43.40 31.99 -48.41
CA ALA L 21 -44.48 32.76 -48.99
C ALA L 21 -45.21 33.63 -47.97
N ASP L 22 -45.74 33.04 -46.90
CA ASP L 22 -46.46 33.77 -45.87
C ASP L 22 -45.85 33.49 -44.51
N THR L 23 -46.35 34.21 -43.51
CA THR L 23 -45.90 34.07 -42.14
C THR L 23 -46.70 33.04 -41.35
N SER L 24 -47.29 32.07 -42.04
CA SER L 24 -48.05 31.02 -41.35
C SER L 24 -47.12 30.14 -40.54
N LYS L 25 -47.70 29.19 -39.81
CA LYS L 25 -46.92 28.27 -39.00
C LYS L 25 -45.98 27.45 -39.87
N TYR L 26 -44.69 27.48 -39.53
CA TYR L 26 -43.68 26.78 -40.30
C TYR L 26 -42.64 26.23 -39.33
N ASN L 27 -41.91 25.22 -39.81
CA ASN L 27 -40.90 24.54 -39.01
C ASN L 27 -39.69 24.25 -39.89
N ILE L 28 -38.68 25.10 -39.81
CA ILE L 28 -37.41 24.89 -40.49
C ILE L 28 -36.54 24.02 -39.61
N ASP L 29 -35.63 23.26 -40.22
CA ASP L 29 -34.77 22.34 -39.50
C ASP L 29 -33.30 22.65 -39.82
N GLY L 30 -32.52 22.88 -38.77
CA GLY L 30 -31.07 22.94 -38.91
C GLY L 30 -30.49 21.56 -38.67
N ALA L 31 -29.20 21.50 -38.34
CA ALA L 31 -28.52 20.23 -38.04
C ALA L 31 -28.68 19.23 -39.17
N CYS L 32 -28.56 19.72 -40.40
CA CYS L 32 -28.62 18.87 -41.59
C CYS L 32 -27.35 19.11 -42.41
N VAL L 33 -26.78 18.01 -42.91
CA VAL L 33 -25.49 18.05 -43.60
C VAL L 33 -25.67 17.51 -45.01
N VAL L 34 -25.02 18.15 -45.97
CA VAL L 34 -25.02 17.70 -47.36
C VAL L 34 -24.06 16.52 -47.44
N ASN L 35 -24.61 15.31 -47.57
CA ASN L 35 -23.75 14.12 -47.65
C ASN L 35 -22.92 14.13 -48.92
N GLU L 36 -23.53 14.49 -50.05
CA GLU L 36 -22.85 14.40 -51.34
C GLU L 36 -23.57 15.28 -52.35
N GLY L 37 -22.79 15.97 -53.19
CA GLY L 37 -23.35 16.76 -54.27
C GLY L 37 -23.78 18.14 -53.84
N ASP L 38 -24.55 18.78 -54.72
CA ASP L 38 -25.06 20.12 -54.51
C ASP L 38 -26.58 20.10 -54.52
N VAL L 39 -27.17 20.96 -53.69
CA VAL L 39 -28.61 21.06 -53.55
C VAL L 39 -29.04 22.45 -54.00
N LEU L 40 -29.94 22.52 -54.97
CA LEU L 40 -30.50 23.80 -55.39
C LEU L 40 -31.45 24.32 -54.32
N VAL L 41 -31.65 25.64 -54.33
CA VAL L 41 -32.46 26.27 -53.29
C VAL L 41 -33.91 25.80 -53.36
N GLY L 42 -34.50 25.86 -54.54
CA GLY L 42 -35.89 25.44 -54.70
C GLY L 42 -36.06 24.01 -55.15
N ALA L 43 -35.55 23.05 -54.36
CA ALA L 43 -35.62 21.66 -54.77
C ALA L 43 -35.89 20.79 -53.55
N ALA L 44 -36.46 19.61 -53.80
CA ALA L 44 -36.77 18.67 -52.73
C ALA L 44 -35.49 18.04 -52.18
N VAL L 45 -35.61 17.43 -51.00
CA VAL L 45 -34.49 16.87 -50.28
C VAL L 45 -34.89 15.52 -49.70
N GLN L 46 -33.98 14.56 -49.84
CA GLN L 46 -34.16 13.21 -49.29
C GLN L 46 -33.19 13.01 -48.15
N VAL L 47 -33.56 12.14 -47.20
CA VAL L 47 -32.75 11.89 -46.02
C VAL L 47 -32.07 10.53 -46.20
N VAL L 48 -30.74 10.56 -46.34
CA VAL L 48 -29.99 9.32 -46.52
C VAL L 48 -29.96 8.53 -45.21
N GLN L 49 -29.65 9.19 -44.10
CA GLN L 49 -29.50 8.52 -42.82
C GLN L 49 -29.57 9.55 -41.70
N ALA L 50 -30.25 9.19 -40.61
CA ALA L 50 -30.33 10.03 -39.42
C ALA L 50 -29.49 9.39 -38.31
N GLN L 51 -28.52 10.12 -37.82
CA GLN L 51 -27.63 9.60 -36.79
C GLN L 51 -28.38 9.43 -35.47
N ALA L 52 -27.94 8.45 -34.68
CA ALA L 52 -28.60 8.10 -33.43
C ALA L 52 -28.02 8.86 -32.26
N VAL L 53 -26.70 8.87 -32.14
CA VAL L 53 -26.05 9.50 -30.99
C VAL L 53 -25.86 11.00 -31.24
N ASP L 54 -25.25 11.36 -32.36
CA ASP L 54 -24.94 12.76 -32.63
C ASP L 54 -26.21 13.57 -32.91
N GLY L 55 -27.09 13.05 -33.76
CA GLY L 55 -28.37 13.66 -34.04
C GLY L 55 -28.47 14.35 -35.39
N HIS L 56 -27.36 14.56 -36.08
CA HIS L 56 -27.40 15.19 -37.39
C HIS L 56 -28.07 14.25 -38.41
N LYS L 57 -28.77 14.87 -39.36
CA LYS L 57 -29.41 14.15 -40.45
C LYS L 57 -28.65 14.40 -41.75
N LEU L 58 -28.26 13.33 -42.43
CA LEU L 58 -27.52 13.44 -43.68
C LEU L 58 -28.52 13.50 -44.83
N VAL L 59 -28.51 14.61 -45.56
CA VAL L 59 -29.49 14.84 -46.61
C VAL L 59 -28.78 14.81 -47.96
N LYS L 60 -29.60 14.71 -49.02
CA LYS L 60 -29.10 14.58 -50.38
C LYS L 60 -30.21 15.01 -51.33
N ALA L 61 -29.81 15.31 -52.57
CA ALA L 61 -30.78 15.66 -53.60
C ALA L 61 -31.67 14.46 -53.93
N LEU L 62 -32.93 14.75 -54.28
CA LEU L 62 -33.90 13.70 -54.53
C LEU L 62 -33.52 12.91 -55.79
N THR L 63 -33.77 11.60 -55.75
CA THR L 63 -33.50 10.71 -56.86
C THR L 63 -34.72 9.84 -57.12
N THR L 64 -34.57 8.90 -58.04
CA THR L 64 -35.68 8.01 -58.39
C THR L 64 -36.01 7.08 -57.24
N GLY L 65 -37.30 6.84 -57.03
CA GLY L 65 -37.74 5.91 -56.00
C GLY L 65 -37.39 6.31 -54.59
N THR L 66 -37.58 7.59 -54.24
CA THR L 66 -37.27 8.06 -52.90
C THR L 66 -38.38 8.98 -52.43
N THR L 67 -38.57 9.03 -51.11
CA THR L 67 -39.60 9.84 -50.48
C THR L 67 -39.05 11.20 -50.11
N PRO L 68 -39.61 12.30 -50.64
CA PRO L 68 -39.11 13.63 -50.27
C PRO L 68 -39.37 13.93 -48.81
N TYR L 69 -38.52 14.77 -48.24
CA TYR L 69 -38.61 15.15 -46.83
C TYR L 69 -38.87 16.63 -46.63
N GLY L 70 -38.15 17.50 -47.33
CA GLY L 70 -38.33 18.92 -47.16
C GLY L 70 -37.77 19.68 -48.35
N VAL L 71 -37.89 21.00 -48.28
CA VAL L 71 -37.45 21.91 -49.33
C VAL L 71 -36.49 22.92 -48.73
N ALA L 72 -35.34 23.11 -49.38
CA ALA L 72 -34.40 24.13 -48.95
C ALA L 72 -34.98 25.51 -49.17
N ILE L 73 -34.48 26.48 -48.38
CA ILE L 73 -34.99 27.85 -48.46
C ILE L 73 -33.84 28.79 -48.77
N ARG L 74 -34.14 30.09 -48.78
CA ARG L 74 -33.24 31.12 -49.27
C ARG L 74 -32.62 31.86 -48.09
N SER L 75 -31.28 31.95 -48.08
CA SER L 75 -30.56 32.71 -47.07
C SER L 75 -29.31 33.31 -47.70
N HIS L 76 -28.97 34.52 -47.28
CA HIS L 76 -27.85 35.25 -47.86
C HIS L 76 -26.52 34.94 -47.19
N TRP L 77 -26.50 34.08 -46.18
CA TRP L 77 -25.27 33.81 -45.42
C TRP L 77 -24.80 32.38 -45.60
N GLN L 78 -25.69 31.40 -45.44
CA GLN L 78 -25.27 30.00 -45.51
C GLN L 78 -25.01 29.56 -46.95
N THR L 79 -25.81 30.04 -47.90
CA THR L 79 -25.74 29.55 -49.27
C THR L 79 -24.45 30.03 -49.95
N VAL L 80 -23.92 29.17 -50.84
CA VAL L 80 -22.74 29.53 -51.61
C VAL L 80 -23.14 29.94 -53.02
N ASN L 81 -22.51 30.99 -53.52
CA ASN L 81 -22.81 31.58 -54.82
C ASN L 81 -22.11 30.77 -55.89
N ALA L 82 -22.88 30.03 -56.69
CA ALA L 82 -22.31 29.22 -57.76
C ALA L 82 -23.36 28.98 -58.84
N GLN L 83 -22.86 28.69 -60.05
CA GLN L 83 -23.71 28.38 -61.21
C GLN L 83 -24.69 29.51 -61.51
N ASN L 84 -24.25 30.75 -61.27
CA ASN L 84 -25.09 31.94 -61.45
C ASN L 84 -26.37 31.87 -60.62
N GLN L 85 -26.27 31.31 -59.41
CA GLN L 85 -27.41 31.20 -58.51
C GLN L 85 -26.90 30.88 -57.12
N MET L 86 -27.83 30.52 -56.24
CA MET L 86 -27.50 30.17 -54.86
C MET L 86 -27.68 28.67 -54.67
N ILE L 87 -26.65 28.01 -54.13
CA ILE L 87 -26.67 26.58 -53.93
C ILE L 87 -26.08 26.26 -52.57
N TYR L 88 -26.32 25.04 -52.08
CA TYR L 88 -25.69 24.51 -50.90
C TYR L 88 -24.61 23.50 -51.30
N GLU L 89 -23.43 23.65 -50.73
CA GLU L 89 -22.27 22.84 -51.10
C GLU L 89 -22.13 21.65 -50.16
N ASP L 90 -21.31 20.69 -50.58
CA ASP L 90 -21.06 19.50 -49.79
C ASP L 90 -20.37 19.86 -48.49
N GLY L 91 -20.68 19.11 -47.43
CA GLY L 91 -20.11 19.37 -46.13
C GLY L 91 -20.53 20.68 -45.51
N GLY L 92 -21.79 21.06 -45.66
CA GLY L 92 -22.29 22.30 -45.10
C GLY L 92 -23.72 22.12 -44.63
N ALA L 93 -24.12 23.00 -43.72
CA ALA L 93 -25.46 22.92 -43.15
C ALA L 93 -26.51 23.43 -44.14
N ILE L 94 -27.74 22.92 -43.96
CA ILE L 94 -28.87 23.30 -44.81
C ILE L 94 -30.00 23.78 -43.91
N ASN L 95 -30.82 24.67 -44.47
CA ASN L 95 -32.07 25.11 -43.85
C ASN L 95 -33.20 24.47 -44.65
N VAL L 96 -33.68 23.33 -44.18
CA VAL L 96 -34.74 22.57 -44.85
C VAL L 96 -36.06 22.87 -44.15
N MET L 97 -37.09 23.16 -44.94
CA MET L 97 -38.41 23.44 -44.42
C MET L 97 -39.24 22.16 -44.41
N THR L 98 -39.71 21.77 -43.24
CA THR L 98 -40.56 20.59 -43.11
C THR L 98 -42.05 20.92 -43.07
N SER L 99 -42.41 22.17 -42.83
CA SER L 99 -43.80 22.59 -42.82
C SER L 99 -43.87 24.07 -43.18
N GLY L 100 -44.96 24.46 -43.82
CA GLY L 100 -45.20 25.84 -44.18
C GLY L 100 -45.52 25.97 -45.65
N ARG L 101 -45.29 27.17 -46.18
CA ARG L 101 -45.53 27.47 -47.59
C ARG L 101 -44.27 28.06 -48.19
N VAL L 102 -43.86 27.51 -49.35
CA VAL L 102 -42.61 27.92 -49.99
C VAL L 102 -42.85 28.01 -51.50
N TRP L 103 -42.04 28.82 -52.18
CA TRP L 103 -42.09 28.97 -53.63
C TRP L 103 -41.07 27.99 -54.23
N MET L 104 -41.57 26.98 -54.93
CA MET L 104 -40.71 25.94 -55.47
C MET L 104 -40.43 26.20 -56.95
N LEU L 105 -39.60 25.34 -57.55
CA LEU L 105 -39.33 25.45 -58.98
C LEU L 105 -40.23 24.47 -59.71
N SER L 106 -40.75 24.87 -60.87
CA SER L 106 -41.69 24.01 -61.58
C SER L 106 -41.35 23.76 -63.04
N LYS L 107 -41.51 22.52 -63.49
CA LYS L 107 -41.27 22.22 -64.90
C LYS L 107 -42.61 22.12 -65.60
N SER L 108 -43.67 22.57 -64.94
CA SER L 108 -45.01 22.48 -65.49
C SER L 108 -45.29 23.67 -66.41
N THR L 109 -46.38 23.57 -67.15
CA THR L 109 -46.79 24.62 -68.08
C THR L 109 -48.24 25.05 -67.90
N GLU L 110 -49.00 24.40 -67.03
CA GLU L 110 -50.40 24.72 -66.80
C GLU L 110 -50.63 25.07 -65.34
N ALA L 111 -51.55 25.99 -65.11
CA ALA L 111 -51.87 26.39 -63.75
C ALA L 111 -52.53 25.22 -63.00
N PRO L 112 -52.15 24.99 -61.75
CA PRO L 112 -52.73 23.87 -60.99
C PRO L 112 -54.02 24.29 -60.30
N THR L 113 -54.61 23.34 -59.56
CA THR L 113 -55.80 23.61 -58.77
C THR L 113 -55.40 24.05 -57.36
N PHE L 114 -56.36 24.07 -56.44
CA PHE L 114 -56.08 24.58 -55.10
C PHE L 114 -55.67 23.48 -54.14
N GLY L 115 -56.51 22.46 -53.96
CA GLY L 115 -56.25 21.47 -52.93
C GLY L 115 -55.90 20.08 -53.44
N SER L 116 -55.10 20.01 -54.50
CA SER L 116 -54.69 18.73 -55.09
C SER L 116 -53.28 18.37 -54.64
N ALA L 117 -52.98 17.07 -54.66
CA ALA L 117 -51.67 16.61 -54.23
C ALA L 117 -50.59 17.03 -55.22
N VAL L 118 -49.36 17.12 -54.72
CA VAL L 118 -48.22 17.56 -55.50
C VAL L 118 -47.42 16.35 -55.95
N LYS L 119 -46.96 16.39 -57.20
CA LYS L 119 -46.15 15.34 -57.78
C LYS L 119 -44.80 15.93 -58.20
N LEU L 120 -43.72 15.25 -57.84
CA LEU L 120 -42.37 15.68 -58.17
C LEU L 120 -41.71 14.68 -59.11
N ASP L 121 -40.74 15.19 -59.88
CA ASP L 121 -39.99 14.36 -60.82
C ASP L 121 -38.73 13.82 -60.14
N VAL L 122 -37.80 13.29 -60.95
CA VAL L 122 -36.64 12.60 -60.41
C VAL L 122 -35.69 13.57 -59.71
N ASP L 123 -35.56 14.79 -60.21
CA ASP L 123 -34.58 15.71 -59.62
C ASP L 123 -35.18 16.67 -58.59
N GLY L 124 -36.42 16.45 -58.16
CA GLY L 124 -36.97 17.21 -57.05
C GLY L 124 -37.69 18.49 -57.42
N GLN L 125 -38.07 18.67 -58.68
CA GLN L 125 -38.81 19.85 -59.11
C GLN L 125 -40.26 19.46 -59.40
N GLU L 126 -41.16 20.40 -59.17
CA GLU L 126 -42.59 20.13 -59.34
C GLU L 126 -42.90 19.86 -60.81
N LYS L 127 -43.74 18.86 -61.05
CA LYS L 127 -44.15 18.50 -62.39
C LYS L 127 -45.60 18.03 -62.36
N SER L 128 -46.33 18.31 -63.45
CA SER L 128 -47.75 17.97 -63.50
C SER L 128 -47.96 16.46 -63.41
N ASP L 129 -47.14 15.69 -64.12
CA ASP L 129 -47.25 14.24 -64.18
C ASP L 129 -45.98 13.57 -63.68
N GLY L 130 -45.45 14.05 -62.55
CA GLY L 130 -44.26 13.45 -61.99
C GLY L 130 -44.52 12.07 -61.46
N THR L 131 -43.46 11.25 -61.45
CA THR L 131 -43.59 9.88 -60.98
C THR L 131 -43.65 9.80 -59.45
N ILE L 132 -42.93 10.69 -58.77
CA ILE L 132 -42.87 10.65 -57.31
C ILE L 132 -44.11 11.35 -56.74
N GLU L 133 -44.79 10.67 -55.82
CA GLU L 133 -46.00 11.19 -55.20
C GLU L 133 -45.68 11.67 -53.79
N THR L 134 -46.22 12.83 -53.43
CA THR L 134 -46.01 13.43 -52.12
C THR L 134 -47.34 13.58 -51.39
N THR L 135 -47.25 13.91 -50.10
CA THR L 135 -48.42 14.21 -49.30
C THR L 135 -48.72 15.70 -49.24
N TRP L 136 -47.93 16.52 -49.90
CA TRP L 136 -48.14 17.96 -49.88
C TRP L 136 -49.27 18.35 -50.84
N THR L 137 -49.78 19.57 -50.65
CA THR L 137 -50.85 20.10 -51.47
C THR L 137 -50.47 21.47 -52.00
N TYR L 138 -51.08 21.85 -53.11
CA TYR L 138 -50.85 23.16 -53.68
C TYR L 138 -51.47 24.25 -52.79
N ALA L 139 -51.03 25.48 -53.01
CA ALA L 139 -51.50 26.62 -52.22
C ALA L 139 -52.18 27.70 -53.04
N GLY L 140 -51.99 27.73 -54.37
CA GLY L 140 -52.64 28.69 -55.23
C GLY L 140 -51.68 29.56 -56.02
N GLY L 141 -50.53 29.89 -55.42
CA GLY L 141 -49.55 30.73 -56.09
C GLY L 141 -49.02 30.15 -57.38
N TRP L 142 -49.04 30.93 -58.45
CA TRP L 142 -48.55 30.47 -59.75
C TRP L 142 -48.09 31.71 -60.53
N THR L 143 -46.78 31.94 -60.53
CA THR L 143 -46.19 33.08 -61.22
C THR L 143 -44.86 32.63 -61.82
N LYS L 144 -44.09 33.59 -62.34
CA LYS L 144 -42.79 33.30 -62.92
C LYS L 144 -41.89 34.52 -62.76
N TYR L 145 -40.58 34.27 -62.70
CA TYR L 145 -39.59 35.33 -62.57
C TYR L 145 -38.72 35.32 -63.82
N LYS L 146 -38.84 36.37 -64.63
CA LYS L 146 -38.14 36.47 -65.91
C LYS L 146 -38.38 35.24 -66.76
N ASP L 147 -37.43 34.31 -66.77
CA ASP L 147 -37.53 33.07 -67.54
C ASP L 147 -37.58 31.84 -66.65
N ILE L 148 -37.93 32.00 -65.38
CA ILE L 148 -37.98 30.91 -64.41
C ILE L 148 -39.41 30.79 -63.91
N GLN L 149 -39.96 29.58 -63.94
CA GLN L 149 -41.32 29.34 -63.48
C GLN L 149 -41.33 28.88 -62.03
N LEU L 150 -42.22 29.45 -61.24
CA LEU L 150 -42.32 29.17 -59.81
C LEU L 150 -43.75 28.77 -59.47
N VAL L 151 -43.88 28.01 -58.38
CA VAL L 151 -45.18 27.56 -57.89
C VAL L 151 -45.12 27.49 -56.37
N GLU L 152 -46.25 27.76 -55.72
CA GLU L 152 -46.36 27.76 -54.28
C GLU L 152 -46.96 26.44 -53.81
N VAL L 153 -46.38 25.87 -52.75
CA VAL L 153 -46.77 24.55 -52.26
C VAL L 153 -46.84 24.58 -50.74
N GLN L 154 -47.83 23.89 -50.19
CA GLN L 154 -48.01 23.75 -48.75
C GLN L 154 -47.45 22.40 -48.31
N LEU L 155 -46.48 22.43 -47.41
CA LEU L 155 -45.82 21.23 -46.93
C LEU L 155 -46.37 20.82 -45.57
N HIS L 156 -46.29 19.52 -45.28
CA HIS L 156 -46.69 18.96 -44.00
C HIS L 156 -45.55 18.11 -43.44
N GLN L 157 -45.54 17.97 -42.12
CA GLN L 157 -44.51 17.18 -41.46
C GLN L 157 -44.65 15.71 -41.80
N LEU L 158 -43.51 15.05 -42.01
CA LEU L 158 -43.48 13.64 -42.32
C LEU L 158 -43.89 12.80 -41.11
N ALA M 2 -83.98 30.72 32.69
CA ALA M 2 -82.99 30.92 31.64
C ALA M 2 -82.75 29.61 30.88
N GLN M 3 -81.69 28.90 31.25
CA GLN M 3 -81.35 27.64 30.62
C GLN M 3 -80.91 26.65 31.69
N ILE M 4 -80.98 25.37 31.35
CA ILE M 4 -80.56 24.30 32.24
C ILE M 4 -79.21 23.79 31.77
N ASN M 5 -78.23 23.78 32.67
CA ASN M 5 -76.90 23.29 32.32
C ASN M 5 -76.93 21.77 32.15
N ALA M 6 -75.95 21.26 31.41
CA ALA M 6 -75.86 19.83 31.12
C ALA M 6 -74.44 19.35 31.34
N SER M 7 -74.32 18.10 31.80
CA SER M 7 -73.04 17.44 31.99
C SER M 7 -73.14 16.01 31.49
N TYR M 8 -72.12 15.56 30.77
CA TYR M 8 -72.11 14.25 30.13
C TYR M 8 -71.01 13.38 30.73
N GLN M 9 -70.89 12.16 30.20
CA GLN M 9 -69.87 11.23 30.64
C GLN M 9 -69.51 10.29 29.50
N ARG M 10 -68.21 9.98 29.40
CA ARG M 10 -67.72 9.03 28.41
C ARG M 10 -66.68 8.14 29.07
N ASP M 11 -66.75 6.84 28.79
CA ASP M 11 -65.81 5.87 29.30
C ASP M 11 -64.77 5.51 28.24
N MET M 12 -63.53 5.39 28.68
CA MET M 12 -62.45 5.00 27.78
C MET M 12 -62.55 3.52 27.44
N ALA M 13 -61.85 3.12 26.39
CA ALA M 13 -61.81 1.72 26.00
C ALA M 13 -61.00 0.91 27.03
N ILE M 14 -60.99 -0.41 26.83
CA ILE M 14 -60.32 -1.30 27.76
C ILE M 14 -58.89 -1.63 27.32
N ALA M 15 -58.66 -1.92 26.04
CA ALA M 15 -57.32 -2.29 25.60
C ALA M 15 -57.16 -2.06 24.12
N LEU M 16 -55.93 -2.25 23.66
CA LEU M 16 -55.51 -2.11 22.28
C LEU M 16 -54.80 -3.39 21.86
N PRO M 17 -54.78 -3.71 20.57
CA PRO M 17 -54.15 -4.97 20.14
C PRO M 17 -52.67 -5.01 20.48
N GLY M 18 -52.22 -6.18 20.93
CA GLY M 18 -50.81 -6.36 21.25
C GLY M 18 -50.35 -5.69 22.53
N MET M 19 -51.25 -5.44 23.47
CA MET M 19 -50.94 -4.74 24.70
C MET M 19 -50.93 -5.72 25.86
N VAL M 20 -49.91 -5.62 26.71
CA VAL M 20 -49.83 -6.47 27.89
C VAL M 20 -50.99 -6.13 28.82
N ALA M 21 -51.75 -7.16 29.22
CA ALA M 21 -52.98 -6.91 29.95
C ALA M 21 -52.72 -6.62 31.42
N ASP M 22 -52.10 -7.55 32.14
CA ASP M 22 -51.87 -7.40 33.57
C ASP M 22 -50.39 -7.33 33.88
N THR M 23 -50.05 -7.23 35.18
CA THR M 23 -48.67 -7.19 35.63
C THR M 23 -48.25 -8.52 36.25
N SER M 24 -48.86 -9.62 35.82
CA SER M 24 -48.50 -10.94 36.30
C SER M 24 -47.12 -11.33 35.78
N LYS M 25 -46.70 -12.55 36.13
CA LYS M 25 -45.42 -13.06 35.66
C LYS M 25 -45.37 -13.07 34.14
N TYR M 26 -44.39 -12.38 33.59
CA TYR M 26 -44.28 -12.21 32.14
C TYR M 26 -42.82 -12.22 31.74
N ASN M 27 -42.59 -12.46 30.44
CA ASN M 27 -41.24 -12.65 29.93
C ASN M 27 -41.23 -12.35 28.43
N ILE M 28 -40.51 -11.31 28.02
CA ILE M 28 -40.31 -10.99 26.61
C ILE M 28 -38.90 -11.37 26.21
N ASP M 29 -38.77 -11.98 25.03
CA ASP M 29 -37.47 -12.30 24.44
C ASP M 29 -37.16 -11.22 23.42
N GLY M 30 -36.13 -10.42 23.69
CA GLY M 30 -35.81 -9.29 22.84
C GLY M 30 -34.55 -9.47 22.02
N ALA M 31 -34.20 -10.72 21.73
CA ALA M 31 -33.00 -11.04 20.95
C ALA M 31 -33.40 -11.85 19.72
N CYS M 32 -34.42 -11.38 19.02
CA CYS M 32 -34.94 -12.06 17.84
C CYS M 32 -34.92 -11.09 16.65
N VAL M 33 -34.85 -11.66 15.46
CA VAL M 33 -34.79 -10.89 14.23
C VAL M 33 -35.90 -11.35 13.30
N VAL M 34 -36.60 -10.39 12.69
CA VAL M 34 -37.60 -10.71 11.69
C VAL M 34 -36.89 -11.12 10.41
N ASN M 35 -36.94 -12.41 10.09
CA ASN M 35 -36.17 -12.93 8.96
C ASN M 35 -36.74 -12.44 7.64
N GLU M 36 -38.04 -12.55 7.45
CA GLU M 36 -38.67 -12.23 6.17
C GLU M 36 -40.06 -11.67 6.40
N GLY M 37 -40.41 -10.65 5.61
CA GLY M 37 -41.75 -10.09 5.68
C GLY M 37 -41.95 -9.17 6.88
N ASP M 38 -43.21 -8.82 7.09
CA ASP M 38 -43.62 -7.96 8.20
C ASP M 38 -44.47 -8.77 9.17
N VAL M 39 -44.46 -8.37 10.43
CA VAL M 39 -45.20 -9.04 11.49
C VAL M 39 -46.15 -8.03 12.13
N LEU M 40 -47.43 -8.39 12.21
CA LEU M 40 -48.39 -7.54 12.89
C LEU M 40 -48.16 -7.57 14.40
N VAL M 41 -48.64 -6.53 15.08
CA VAL M 41 -48.40 -6.42 16.52
C VAL M 41 -49.17 -7.49 17.28
N GLY M 42 -50.46 -7.65 16.99
CA GLY M 42 -51.26 -8.63 17.69
C GLY M 42 -51.39 -9.96 16.99
N ALA M 43 -50.27 -10.67 16.79
CA ALA M 43 -50.30 -11.93 16.08
C ALA M 43 -49.16 -12.82 16.57
N ALA M 44 -49.31 -14.12 16.34
CA ALA M 44 -48.29 -15.07 16.74
C ALA M 44 -47.16 -15.12 15.71
N VAL M 45 -46.05 -15.76 16.11
CA VAL M 45 -44.87 -15.87 15.28
C VAL M 45 -44.37 -17.31 15.30
N GLN M 46 -43.38 -17.58 14.45
CA GLN M 46 -42.74 -18.87 14.34
C GLN M 46 -41.23 -18.68 14.35
N VAL M 47 -40.52 -19.73 14.77
CA VAL M 47 -39.06 -19.68 14.85
C VAL M 47 -38.50 -20.47 13.67
N VAL M 48 -37.96 -19.75 12.68
CA VAL M 48 -37.38 -20.40 11.51
C VAL M 48 -36.12 -21.15 11.89
N GLN M 49 -35.22 -20.50 12.64
CA GLN M 49 -33.93 -21.07 12.97
C GLN M 49 -33.30 -20.27 14.10
N ALA M 50 -32.65 -20.98 15.02
CA ALA M 50 -31.92 -20.36 16.11
C ALA M 50 -30.43 -20.53 15.87
N GLN M 51 -29.69 -19.42 15.88
CA GLN M 51 -28.27 -19.45 15.60
C GLN M 51 -27.51 -20.14 16.73
N ALA M 52 -26.42 -20.80 16.38
CA ALA M 52 -25.67 -21.62 17.31
C ALA M 52 -24.64 -20.84 18.12
N VAL M 53 -23.97 -19.87 17.51
CA VAL M 53 -22.91 -19.13 18.15
C VAL M 53 -23.36 -17.74 18.58
N ASP M 54 -23.93 -16.96 17.66
CA ASP M 54 -24.33 -15.59 17.98
C ASP M 54 -25.50 -15.57 18.96
N GLY M 55 -26.53 -16.37 18.70
CA GLY M 55 -27.64 -16.52 19.62
C GLY M 55 -28.93 -15.81 19.27
N HIS M 56 -29.01 -15.18 18.10
CA HIS M 56 -30.24 -14.53 17.67
C HIS M 56 -31.17 -15.56 17.04
N LYS M 57 -32.47 -15.38 17.27
CA LYS M 57 -33.49 -16.23 16.68
C LYS M 57 -34.15 -15.51 15.51
N LEU M 58 -34.38 -16.25 14.42
CA LEU M 58 -34.97 -15.70 13.20
C LEU M 58 -36.45 -16.03 13.22
N VAL M 59 -37.27 -15.04 13.57
CA VAL M 59 -38.72 -15.24 13.69
C VAL M 59 -39.40 -14.83 12.39
N LYS M 60 -40.62 -15.32 12.20
CA LYS M 60 -41.38 -15.04 11.00
C LYS M 60 -42.87 -14.98 11.35
N ALA M 61 -43.74 -14.95 10.34
CA ALA M 61 -45.18 -14.96 10.57
C ALA M 61 -45.67 -16.40 10.46
N LEU M 62 -46.78 -16.69 11.12
CA LEU M 62 -47.31 -18.05 11.10
C LEU M 62 -47.81 -18.42 9.70
N THR M 63 -47.67 -19.70 9.37
CA THR M 63 -48.13 -20.23 8.08
C THR M 63 -48.85 -21.55 8.34
N THR M 64 -49.13 -22.27 7.26
CA THR M 64 -49.87 -23.52 7.38
C THR M 64 -49.01 -24.61 8.01
N GLY M 65 -49.57 -25.28 9.03
CA GLY M 65 -48.90 -26.39 9.67
C GLY M 65 -47.60 -26.04 10.37
N THR M 66 -47.66 -25.13 11.34
CA THR M 66 -46.49 -24.74 12.10
C THR M 66 -46.90 -24.46 13.54
N THR M 67 -45.94 -24.63 14.46
CA THR M 67 -46.18 -24.41 15.88
C THR M 67 -45.86 -22.97 16.25
N PRO M 68 -46.81 -22.24 16.83
CA PRO M 68 -46.53 -20.86 17.25
C PRO M 68 -45.57 -20.84 18.43
N TYR M 69 -44.85 -19.74 18.57
CA TYR M 69 -43.88 -19.57 19.64
C TYR M 69 -44.24 -18.48 20.62
N GLY M 70 -44.63 -17.30 20.15
CA GLY M 70 -44.97 -16.20 21.03
C GLY M 70 -45.81 -15.17 20.32
N VAL M 71 -46.13 -14.10 21.03
CA VAL M 71 -46.97 -13.02 20.53
C VAL M 71 -46.19 -11.72 20.60
N ALA M 72 -46.18 -10.98 19.49
CA ALA M 72 -45.55 -9.67 19.47
C ALA M 72 -46.33 -8.71 20.35
N ILE M 73 -45.62 -7.72 20.90
CA ILE M 73 -46.25 -6.78 21.83
C ILE M 73 -46.12 -5.36 21.32
N ARG M 74 -46.62 -4.40 22.10
CA ARG M 74 -46.77 -3.00 21.67
C ARG M 74 -45.64 -2.17 22.26
N SER M 75 -44.90 -1.48 21.38
CA SER M 75 -43.82 -0.61 21.79
C SER M 75 -43.83 0.64 20.91
N HIS M 76 -43.72 1.81 21.53
CA HIS M 76 -43.81 3.06 20.78
C HIS M 76 -42.51 3.46 20.11
N TRP M 77 -41.40 2.77 20.38
CA TRP M 77 -40.11 3.13 19.83
C TRP M 77 -39.66 2.15 18.74
N GLN M 78 -39.75 0.85 19.02
CA GLN M 78 -39.21 -0.14 18.08
C GLN M 78 -40.11 -0.30 16.86
N THR M 79 -41.43 -0.27 17.06
CA THR M 79 -42.36 -0.52 15.97
C THR M 79 -42.39 0.64 14.99
N VAL M 80 -42.76 0.35 13.74
CA VAL M 80 -42.87 1.35 12.68
C VAL M 80 -44.29 1.30 12.14
N ASN M 81 -44.91 2.48 11.98
CA ASN M 81 -46.29 2.55 11.53
C ASN M 81 -46.38 2.21 10.05
N ALA M 82 -47.31 1.32 9.70
CA ALA M 82 -47.52 0.95 8.30
C ALA M 82 -48.94 0.42 8.16
N GLN M 83 -49.58 0.78 7.05
CA GLN M 83 -50.97 0.41 6.77
C GLN M 83 -51.90 0.87 7.90
N ASN M 84 -51.65 2.08 8.40
CA ASN M 84 -52.47 2.71 9.44
C ASN M 84 -52.44 1.93 10.75
N GLN M 85 -51.43 1.07 10.89
CA GLN M 85 -51.27 0.25 12.09
C GLN M 85 -49.79 0.17 12.44
N MET M 86 -49.51 -0.30 13.65
CA MET M 86 -48.15 -0.55 14.09
C MET M 86 -47.70 -1.92 13.60
N ILE M 87 -46.42 -2.01 13.22
CA ILE M 87 -45.91 -3.21 12.56
C ILE M 87 -44.40 -3.30 12.79
N TYR M 88 -43.87 -4.51 12.69
CA TYR M 88 -42.43 -4.78 12.72
C TYR M 88 -41.96 -5.15 11.32
N GLU M 89 -40.88 -4.54 10.87
CA GLU M 89 -40.38 -4.73 9.51
C GLU M 89 -39.30 -5.79 9.45
N ASP M 90 -38.89 -6.08 8.22
CA ASP M 90 -37.79 -7.00 7.98
C ASP M 90 -36.49 -6.41 8.53
N GLY M 91 -35.71 -7.25 9.19
CA GLY M 91 -34.55 -6.76 9.92
C GLY M 91 -34.94 -6.16 11.25
N GLY M 92 -33.93 -5.71 11.98
CA GLY M 92 -34.17 -5.12 13.28
C GLY M 92 -34.58 -6.15 14.32
N ALA M 93 -34.90 -5.70 15.52
CA ALA M 93 -35.23 -6.59 16.62
C ALA M 93 -36.72 -6.52 16.91
N ILE M 94 -37.26 -7.62 17.46
CA ILE M 94 -38.66 -7.76 17.74
C ILE M 94 -38.84 -8.11 19.22
N ASN M 95 -40.00 -7.74 19.76
CA ASN M 95 -40.39 -8.07 21.12
C ASN M 95 -41.46 -9.14 21.06
N VAL M 96 -41.09 -10.38 21.36
CA VAL M 96 -42.03 -11.50 21.41
C VAL M 96 -42.11 -11.98 22.84
N MET M 97 -43.32 -12.05 23.37
CA MET M 97 -43.55 -12.50 24.74
C MET M 97 -43.89 -13.99 24.72
N THR M 98 -43.18 -14.77 25.52
CA THR M 98 -43.42 -16.20 25.61
C THR M 98 -44.19 -16.61 26.85
N SER M 99 -44.58 -15.67 27.70
CA SER M 99 -45.32 -15.97 28.92
C SER M 99 -45.99 -14.69 29.43
N GLY M 100 -47.26 -14.79 29.77
CA GLY M 100 -48.02 -13.67 30.29
C GLY M 100 -49.39 -13.59 29.64
N ARG M 101 -50.04 -12.44 29.83
CA ARG M 101 -51.38 -12.20 29.32
C ARG M 101 -51.33 -11.05 28.32
N VAL M 102 -51.92 -11.25 27.15
CA VAL M 102 -51.89 -10.29 26.06
C VAL M 102 -53.26 -10.20 25.41
N TRP M 103 -53.50 -9.10 24.70
CA TRP M 103 -54.73 -8.87 23.94
C TRP M 103 -54.43 -9.18 22.48
N MET M 104 -54.84 -10.35 22.03
CA MET M 104 -54.59 -10.77 20.65
C MET M 104 -55.71 -10.32 19.73
N LEU M 105 -55.40 -10.25 18.43
CA LEU M 105 -56.42 -10.02 17.42
C LEU M 105 -57.25 -11.28 17.23
N SER M 106 -58.53 -11.08 16.92
CA SER M 106 -59.47 -12.19 16.86
C SER M 106 -60.29 -12.10 15.59
N LYS M 107 -60.75 -13.27 15.12
CA LYS M 107 -61.62 -13.37 13.95
C LYS M 107 -62.92 -14.07 14.27
N SER M 108 -63.18 -14.36 15.54
CA SER M 108 -64.39 -15.03 15.97
C SER M 108 -65.47 -14.01 16.33
N THR M 109 -66.68 -14.51 16.54
CA THR M 109 -67.84 -13.67 16.81
C THR M 109 -68.55 -14.02 18.12
N GLU M 110 -68.03 -14.97 18.88
CA GLU M 110 -68.68 -15.43 20.11
C GLU M 110 -67.69 -15.40 21.26
N ALA M 111 -68.20 -15.12 22.45
CA ALA M 111 -67.37 -15.06 23.65
C ALA M 111 -67.00 -16.47 24.10
N PRO M 112 -65.71 -16.77 24.24
CA PRO M 112 -65.30 -18.12 24.67
C PRO M 112 -65.32 -18.27 26.20
N THR M 113 -65.14 -19.52 26.62
CA THR M 113 -65.14 -19.83 28.03
C THR M 113 -63.85 -19.34 28.69
N PHE M 114 -63.83 -19.39 30.03
CA PHE M 114 -62.67 -18.89 30.77
C PHE M 114 -61.43 -19.74 30.49
N GLY M 115 -61.59 -21.06 30.45
CA GLY M 115 -60.46 -21.94 30.24
C GLY M 115 -60.25 -22.25 28.76
N SER M 116 -60.44 -23.52 28.40
CA SER M 116 -60.38 -23.96 27.00
C SER M 116 -58.97 -23.81 26.45
N ALA M 117 -58.79 -24.13 25.16
CA ALA M 117 -57.50 -24.04 24.51
C ALA M 117 -57.62 -23.06 23.34
N VAL M 118 -56.62 -22.19 23.19
CA VAL M 118 -56.64 -21.20 22.13
C VAL M 118 -56.32 -21.86 20.80
N LYS M 119 -57.08 -21.50 19.77
CA LYS M 119 -56.89 -22.02 18.42
C LYS M 119 -56.70 -20.86 17.47
N LEU M 120 -55.76 -21.00 16.54
CA LEU M 120 -55.39 -19.94 15.61
C LEU M 120 -55.54 -20.42 14.19
N ASP M 121 -55.72 -19.47 13.27
CA ASP M 121 -55.77 -19.82 11.86
C ASP M 121 -54.37 -19.73 11.24
N VAL M 122 -54.30 -19.81 9.92
CA VAL M 122 -53.00 -19.82 9.24
C VAL M 122 -52.34 -18.46 9.33
N ASP M 123 -53.13 -17.40 9.53
CA ASP M 123 -52.57 -16.06 9.61
C ASP M 123 -51.87 -15.80 10.92
N GLY M 124 -52.30 -16.44 12.00
CA GLY M 124 -51.78 -16.18 13.33
C GLY M 124 -52.73 -15.44 14.25
N GLN M 125 -53.94 -15.13 13.80
CA GLN M 125 -54.95 -14.46 14.61
C GLN M 125 -55.90 -15.50 15.18
N GLU M 126 -56.41 -15.23 16.38
CA GLU M 126 -57.27 -16.20 17.05
C GLU M 126 -58.55 -16.43 16.25
N LYS M 127 -58.94 -17.69 16.16
CA LYS M 127 -60.19 -18.08 15.51
C LYS M 127 -60.78 -19.26 16.25
N SER M 128 -62.09 -19.23 16.48
CA SER M 128 -62.73 -20.26 17.29
C SER M 128 -62.58 -21.63 16.63
N ASP M 129 -62.94 -21.74 15.36
CA ASP M 129 -62.78 -22.98 14.61
C ASP M 129 -61.47 -22.99 13.81
N GLY M 130 -60.36 -22.73 14.50
CA GLY M 130 -59.08 -22.71 13.84
C GLY M 130 -58.52 -24.09 13.59
N THR M 131 -57.38 -24.12 12.88
CA THR M 131 -56.74 -25.37 12.52
C THR M 131 -55.44 -25.63 13.25
N ILE M 132 -54.80 -24.60 13.79
CA ILE M 132 -53.52 -24.74 14.50
C ILE M 132 -53.80 -24.81 15.99
N GLU M 133 -53.61 -25.99 16.57
CA GLU M 133 -53.83 -26.18 18.00
C GLU M 133 -52.66 -25.65 18.80
N THR M 134 -52.97 -24.92 19.87
CA THR M 134 -51.98 -24.38 20.78
C THR M 134 -52.29 -24.85 22.20
N THR M 135 -51.28 -24.74 23.07
CA THR M 135 -51.46 -25.07 24.48
C THR M 135 -51.90 -23.88 25.32
N TRP M 136 -51.97 -22.68 24.73
CA TRP M 136 -52.38 -21.50 25.47
C TRP M 136 -53.88 -21.58 25.78
N THR M 137 -54.28 -20.88 26.83
CA THR M 137 -55.66 -20.85 27.29
C THR M 137 -56.17 -19.41 27.30
N TYR M 138 -57.48 -19.28 27.47
CA TYR M 138 -58.10 -17.97 27.53
C TYR M 138 -57.99 -17.39 28.94
N ALA M 139 -58.17 -16.08 29.03
CA ALA M 139 -58.10 -15.38 30.30
C ALA M 139 -59.41 -14.73 30.72
N GLY M 140 -60.31 -14.45 29.80
CA GLY M 140 -61.61 -13.92 30.16
C GLY M 140 -61.99 -12.64 29.45
N GLY M 141 -60.99 -11.80 29.15
CA GLY M 141 -61.29 -10.54 28.49
C GLY M 141 -61.83 -10.75 27.09
N TRP M 142 -62.84 -9.94 26.75
CA TRP M 142 -63.46 -10.01 25.42
C TRP M 142 -64.07 -8.63 25.15
N THR M 143 -63.35 -7.83 24.36
CA THR M 143 -63.81 -6.48 24.04
C THR M 143 -63.62 -6.18 22.56
N LYS M 144 -63.80 -4.91 22.18
CA LYS M 144 -63.69 -4.51 20.78
C LYS M 144 -63.38 -3.02 20.74
N TYR M 145 -62.25 -2.66 20.12
CA TYR M 145 -61.87 -1.25 19.98
C TYR M 145 -62.41 -0.73 18.66
N LYS M 146 -63.41 0.15 18.72
CA LYS M 146 -64.11 0.66 17.55
C LYS M 146 -64.63 -0.48 16.67
N ASP M 147 -63.89 -0.82 15.61
CA ASP M 147 -64.28 -1.89 14.71
C ASP M 147 -63.25 -3.01 14.66
N ILE M 148 -62.41 -3.13 15.70
CA ILE M 148 -61.41 -4.18 15.79
C ILE M 148 -61.75 -5.06 16.98
N GLN M 149 -61.85 -6.36 16.74
CA GLN M 149 -62.15 -7.30 17.82
C GLN M 149 -60.86 -7.71 18.52
N LEU M 150 -60.95 -7.88 19.84
CA LEU M 150 -59.81 -8.25 20.65
C LEU M 150 -60.21 -9.36 21.62
N VAL M 151 -59.25 -10.21 21.95
CA VAL M 151 -59.45 -11.29 22.91
C VAL M 151 -58.18 -11.43 23.74
N GLU M 152 -58.34 -11.84 25.00
CA GLU M 152 -57.24 -11.97 25.93
C GLU M 152 -56.88 -13.43 26.12
N VAL M 153 -55.59 -13.74 26.04
CA VAL M 153 -55.10 -15.12 26.12
C VAL M 153 -53.97 -15.19 27.12
N GLN M 154 -53.70 -16.39 27.62
CA GLN M 154 -52.63 -16.64 28.58
C GLN M 154 -51.57 -17.53 27.93
N LEU M 155 -50.31 -17.11 28.05
CA LEU M 155 -49.20 -17.81 27.41
C LEU M 155 -48.32 -18.48 28.46
N HIS M 156 -47.53 -19.45 27.99
CA HIS M 156 -46.51 -20.09 28.82
C HIS M 156 -45.33 -20.47 27.93
N GLN M 157 -44.18 -20.70 28.58
CA GLN M 157 -42.96 -21.00 27.83
C GLN M 157 -43.12 -22.29 27.05
N LEU M 158 -42.69 -22.27 25.80
CA LEU M 158 -42.84 -23.40 24.90
C LEU M 158 -41.54 -23.66 24.14
N ALA N 2 -87.74 41.22 13.29
CA ALA N 2 -86.66 41.64 12.40
C ALA N 2 -86.75 40.89 11.08
N GLN N 3 -85.60 40.46 10.56
CA GLN N 3 -85.55 39.78 9.28
C GLN N 3 -84.29 38.92 9.23
N ILE N 4 -84.25 38.03 8.24
CA ILE N 4 -83.11 37.18 7.98
C ILE N 4 -82.54 37.58 6.62
N ASN N 5 -81.31 38.06 6.61
CA ASN N 5 -80.67 38.48 5.37
C ASN N 5 -80.38 37.28 4.49
N ALA N 6 -80.36 37.51 3.18
CA ALA N 6 -80.15 36.45 2.20
C ALA N 6 -79.16 36.90 1.15
N SER N 7 -78.48 35.93 0.56
CA SER N 7 -77.52 36.16 -0.52
C SER N 7 -77.82 35.21 -1.67
N TYR N 8 -77.54 35.67 -2.89
CA TYR N 8 -77.89 34.94 -4.09
C TYR N 8 -76.63 34.71 -4.93
N GLN N 9 -76.76 33.84 -5.93
CA GLN N 9 -75.64 33.47 -6.78
C GLN N 9 -76.14 33.07 -8.15
N ARG N 10 -75.36 33.39 -9.18
CA ARG N 10 -75.67 33.02 -10.55
C ARG N 10 -74.37 32.82 -11.31
N ASP N 11 -74.45 32.05 -12.39
CA ASP N 11 -73.28 31.69 -13.18
C ASP N 11 -73.44 32.19 -14.61
N MET N 12 -72.29 32.43 -15.25
CA MET N 12 -72.26 32.91 -16.62
C MET N 12 -72.30 31.74 -17.60
N ALA N 13 -72.38 32.07 -18.89
CA ALA N 13 -72.36 31.07 -19.95
C ALA N 13 -70.93 30.80 -20.39
N ILE N 14 -70.67 29.56 -20.79
CA ILE N 14 -69.30 29.15 -21.11
C ILE N 14 -68.83 29.81 -22.39
N ALA N 15 -69.65 29.81 -23.44
CA ALA N 15 -69.19 30.28 -24.74
C ALA N 15 -70.34 30.81 -25.56
N LEU N 16 -69.99 31.59 -26.57
CA LEU N 16 -70.85 32.17 -27.59
C LEU N 16 -70.48 31.59 -28.95
N PRO N 17 -71.42 31.49 -29.89
CA PRO N 17 -71.13 30.83 -31.16
C PRO N 17 -70.00 31.52 -31.92
N GLY N 18 -69.15 30.72 -32.54
CA GLY N 18 -68.11 31.23 -33.41
C GLY N 18 -66.92 31.86 -32.72
N MET N 19 -66.65 31.52 -31.46
CA MET N 19 -65.52 32.09 -30.74
C MET N 19 -64.49 31.00 -30.44
N VAL N 20 -63.23 31.40 -30.35
CA VAL N 20 -62.16 30.46 -30.09
C VAL N 20 -62.32 29.88 -28.69
N ALA N 21 -61.99 28.59 -28.55
CA ALA N 21 -62.18 27.88 -27.30
C ALA N 21 -60.93 27.87 -26.43
N ASP N 22 -59.80 27.41 -26.96
CA ASP N 22 -58.56 27.31 -26.22
C ASP N 22 -57.48 28.13 -26.91
N THR N 23 -56.33 28.24 -26.23
CA THR N 23 -55.16 28.91 -26.78
C THR N 23 -54.16 27.95 -27.40
N SER N 24 -54.62 26.80 -27.90
CA SER N 24 -53.75 25.84 -28.53
C SER N 24 -53.21 26.36 -29.86
N LYS N 25 -52.44 25.53 -30.54
CA LYS N 25 -51.88 25.91 -31.84
C LYS N 25 -53.00 26.16 -32.84
N TYR N 26 -53.18 27.42 -33.21
CA TYR N 26 -54.23 27.80 -34.14
C TYR N 26 -53.63 28.67 -35.24
N ASN N 27 -54.27 28.65 -36.40
CA ASN N 27 -53.83 29.43 -37.55
C ASN N 27 -55.04 30.10 -38.16
N ILE N 28 -55.13 31.42 -38.04
CA ILE N 28 -56.20 32.21 -38.60
C ILE N 28 -55.68 32.88 -39.86
N ASP N 29 -56.36 32.66 -40.98
CA ASP N 29 -55.92 33.15 -42.29
C ASP N 29 -56.79 34.33 -42.69
N GLY N 30 -56.16 35.48 -42.92
CA GLY N 30 -56.84 36.62 -43.48
C GLY N 30 -56.83 36.56 -44.99
N ALA N 31 -56.77 37.71 -45.66
CA ALA N 31 -56.67 37.79 -47.10
C ALA N 31 -57.76 36.98 -47.79
N CYS N 32 -58.99 37.06 -47.27
CA CYS N 32 -60.14 36.38 -47.84
C CYS N 32 -61.26 37.38 -48.02
N VAL N 33 -62.02 37.21 -49.10
CA VAL N 33 -63.13 38.10 -49.42
C VAL N 33 -64.36 37.28 -49.76
N VAL N 34 -65.52 37.75 -49.32
CA VAL N 34 -66.78 37.05 -49.57
C VAL N 34 -67.14 37.24 -51.03
N ASN N 35 -67.10 36.15 -51.81
CA ASN N 35 -67.42 36.26 -53.23
C ASN N 35 -68.89 36.59 -53.45
N GLU N 36 -69.78 35.93 -52.71
CA GLU N 36 -71.21 36.12 -52.91
C GLU N 36 -71.95 35.71 -51.65
N GLY N 37 -72.99 36.48 -51.30
CA GLY N 37 -73.82 36.17 -50.16
C GLY N 37 -73.21 36.62 -48.84
N ASP N 38 -73.83 36.15 -47.76
CA ASP N 38 -73.41 36.47 -46.41
C ASP N 38 -73.02 35.18 -45.68
N VAL N 39 -72.05 35.30 -44.78
CA VAL N 39 -71.51 34.16 -44.04
C VAL N 39 -71.75 34.39 -42.55
N LEU N 40 -72.34 33.39 -41.90
CA LEU N 40 -72.53 33.46 -40.45
C LEU N 40 -71.20 33.23 -39.73
N VAL N 41 -71.18 33.64 -38.46
CA VAL N 41 -69.94 33.55 -37.68
C VAL N 41 -69.60 32.09 -37.37
N GLY N 42 -70.60 31.29 -37.00
CA GLY N 42 -70.33 29.92 -36.61
C GLY N 42 -70.63 28.90 -37.68
N ALA N 43 -70.26 29.20 -38.93
CA ALA N 43 -70.53 28.32 -40.05
C ALA N 43 -69.27 28.13 -40.89
N ALA N 44 -69.20 26.98 -41.56
CA ALA N 44 -68.07 26.64 -42.39
C ALA N 44 -68.13 27.40 -43.72
N VAL N 45 -67.00 27.40 -44.43
CA VAL N 45 -66.87 28.12 -45.69
C VAL N 45 -66.22 27.20 -46.72
N GLN N 46 -66.35 27.60 -47.99
CA GLN N 46 -65.76 26.88 -49.12
C GLN N 46 -64.90 27.84 -49.92
N VAL N 47 -63.88 27.30 -50.58
CA VAL N 47 -62.96 28.11 -51.37
C VAL N 47 -63.38 28.02 -52.83
N VAL N 48 -63.98 29.09 -53.35
CA VAL N 48 -64.44 29.10 -54.73
C VAL N 48 -63.24 29.17 -55.69
N GLN N 49 -62.28 30.04 -55.40
CA GLN N 49 -61.15 30.24 -56.30
C GLN N 49 -60.04 30.96 -55.54
N ALA N 50 -58.81 30.53 -55.77
CA ALA N 50 -57.63 31.16 -55.20
C ALA N 50 -56.89 31.89 -56.31
N GLN N 51 -56.70 33.20 -56.15
CA GLN N 51 -56.04 34.00 -57.17
C GLN N 51 -54.56 33.63 -57.26
N ALA N 52 -54.07 33.51 -58.49
CA ALA N 52 -52.68 33.09 -58.69
C ALA N 52 -51.70 34.22 -58.38
N VAL N 53 -52.04 35.45 -58.78
CA VAL N 53 -51.12 36.58 -58.68
C VAL N 53 -51.42 37.43 -57.44
N ASP N 54 -52.67 37.88 -57.31
CA ASP N 54 -53.02 38.75 -56.18
C ASP N 54 -52.89 38.02 -54.86
N GLY N 55 -53.34 36.77 -54.79
CA GLY N 55 -53.19 35.95 -53.61
C GLY N 55 -54.42 35.83 -52.74
N HIS N 56 -55.43 36.67 -52.95
CA HIS N 56 -56.64 36.59 -52.15
C HIS N 56 -57.42 35.31 -52.48
N LYS N 57 -58.08 34.75 -51.48
CA LYS N 57 -58.91 33.57 -51.65
C LYS N 57 -60.38 33.96 -51.60
N LEU N 58 -61.13 33.50 -52.59
CA LEU N 58 -62.56 33.76 -52.65
C LEU N 58 -63.30 32.69 -51.84
N VAL N 59 -64.10 33.13 -50.88
CA VAL N 59 -64.78 32.22 -49.96
C VAL N 59 -66.28 32.40 -50.11
N LYS N 60 -67.03 31.36 -49.71
CA LYS N 60 -68.48 31.34 -49.84
C LYS N 60 -69.08 30.51 -48.71
N ALA N 61 -70.36 30.17 -48.82
CA ALA N 61 -71.03 29.31 -47.87
C ALA N 61 -71.10 27.90 -48.44
N LEU N 62 -71.11 26.90 -47.56
CA LEU N 62 -71.12 25.52 -48.00
C LEU N 62 -72.40 25.19 -48.76
N THR N 63 -72.29 24.30 -49.74
CA THR N 63 -73.42 23.83 -50.52
C THR N 63 -73.29 22.33 -50.68
N THR N 64 -74.12 21.75 -51.55
CA THR N 64 -74.10 20.31 -51.76
C THR N 64 -72.86 19.89 -52.54
N GLY N 65 -72.17 18.87 -52.03
CA GLY N 65 -71.03 18.30 -52.72
C GLY N 65 -69.70 18.98 -52.52
N THR N 66 -69.67 20.09 -51.78
CA THR N 66 -68.43 20.83 -51.60
C THR N 66 -67.78 20.46 -50.28
N THR N 67 -66.44 20.55 -50.26
CA THR N 67 -65.57 20.27 -49.13
C THR N 67 -65.33 21.53 -48.31
N PRO N 68 -65.52 21.46 -46.99
CA PRO N 68 -65.28 22.64 -46.15
C PRO N 68 -63.81 22.98 -46.06
N TYR N 69 -63.54 24.25 -45.75
CA TYR N 69 -62.18 24.75 -45.61
C TYR N 69 -61.88 25.27 -44.21
N GLY N 70 -62.78 26.07 -43.64
CA GLY N 70 -62.55 26.62 -42.32
C GLY N 70 -63.83 27.17 -41.74
N VAL N 71 -63.70 27.75 -40.55
CA VAL N 71 -64.84 28.29 -39.79
C VAL N 71 -64.57 29.75 -39.50
N ALA N 72 -65.59 30.59 -39.70
CA ALA N 72 -65.46 32.02 -39.43
C ALA N 72 -65.23 32.28 -37.96
N ILE N 73 -64.60 33.41 -37.66
CA ILE N 73 -64.15 33.74 -36.32
C ILE N 73 -64.78 35.05 -35.87
N ARG N 74 -65.28 35.05 -34.64
CA ARG N 74 -65.90 36.21 -34.02
C ARG N 74 -64.90 37.35 -33.85
N SER N 75 -65.36 38.56 -34.12
CA SER N 75 -64.58 39.77 -33.88
C SER N 75 -65.54 40.95 -33.77
N HIS N 76 -65.12 41.96 -33.01
CA HIS N 76 -65.97 43.12 -32.73
C HIS N 76 -65.76 44.27 -33.69
N TRP N 77 -64.87 44.13 -34.67
CA TRP N 77 -64.56 45.21 -35.59
C TRP N 77 -64.88 44.89 -37.04
N GLN N 78 -64.61 43.66 -37.48
CA GLN N 78 -64.77 43.30 -38.88
C GLN N 78 -66.15 42.74 -39.20
N THR N 79 -67.04 42.66 -38.21
CA THR N 79 -68.33 42.01 -38.38
C THR N 79 -69.45 43.02 -38.13
N VAL N 80 -70.44 43.03 -39.03
CA VAL N 80 -71.62 43.85 -38.83
C VAL N 80 -72.70 43.07 -38.09
N ASN N 81 -73.69 43.79 -37.58
CA ASN N 81 -74.82 43.18 -36.87
C ASN N 81 -76.04 43.19 -37.78
N ALA N 82 -76.61 42.00 -38.00
CA ALA N 82 -77.81 41.86 -38.82
C ALA N 82 -78.61 40.68 -38.33
N GLN N 83 -79.93 40.77 -38.47
CA GLN N 83 -80.86 39.76 -37.96
C GLN N 83 -80.67 39.54 -36.46
N ASN N 84 -80.37 40.63 -35.75
CA ASN N 84 -80.07 40.59 -34.32
C ASN N 84 -78.93 39.63 -34.01
N GLN N 85 -77.99 39.52 -34.95
CA GLN N 85 -76.87 38.60 -34.83
C GLN N 85 -75.66 39.20 -35.52
N MET N 86 -74.49 38.65 -35.19
CA MET N 86 -73.24 39.10 -35.81
C MET N 86 -72.93 38.25 -37.03
N ILE N 87 -72.52 38.89 -38.12
CA ILE N 87 -72.47 38.24 -39.42
C ILE N 87 -71.50 39.01 -40.31
N TYR N 88 -70.83 38.28 -41.21
CA TYR N 88 -70.01 38.88 -42.25
C TYR N 88 -70.85 39.16 -43.48
N GLU N 89 -70.55 40.27 -44.16
CA GLU N 89 -71.29 40.69 -45.35
C GLU N 89 -70.47 40.47 -46.61
N ASP N 90 -71.17 40.58 -47.74
CA ASP N 90 -70.54 40.40 -49.05
C ASP N 90 -69.49 41.48 -49.30
N GLY N 91 -68.41 41.09 -49.98
CA GLY N 91 -67.34 42.03 -50.28
C GLY N 91 -66.57 42.54 -49.09
N GLY N 92 -66.25 41.68 -48.14
CA GLY N 92 -65.52 42.08 -46.95
C GLY N 92 -64.54 41.01 -46.53
N ALA N 93 -63.57 41.41 -45.74
CA ALA N 93 -62.55 40.49 -45.26
C ALA N 93 -63.12 39.55 -44.21
N ILE N 94 -62.68 38.29 -44.25
CA ILE N 94 -63.10 37.28 -43.30
C ILE N 94 -61.89 36.81 -42.51
N ASN N 95 -62.13 36.44 -41.26
CA ASN N 95 -61.14 35.77 -40.42
C ASN N 95 -61.53 34.30 -40.36
N VAL N 96 -61.06 33.52 -41.32
CA VAL N 96 -61.35 32.09 -41.39
C VAL N 96 -60.25 31.34 -40.63
N MET N 97 -60.66 30.44 -39.76
CA MET N 97 -59.73 29.66 -38.96
C MET N 97 -59.49 28.32 -39.64
N THR N 98 -58.22 28.04 -39.96
CA THR N 98 -57.90 26.81 -40.68
C THR N 98 -57.57 25.67 -39.73
N SER N 99 -57.00 25.97 -38.56
CA SER N 99 -56.63 24.95 -37.60
C SER N 99 -56.87 25.48 -36.19
N GLY N 100 -57.27 24.58 -35.29
CA GLY N 100 -57.51 24.95 -33.91
C GLY N 100 -58.80 24.42 -33.34
N ARG N 101 -59.30 25.04 -32.27
CA ARG N 101 -60.55 24.66 -31.62
C ARG N 101 -61.49 25.85 -31.61
N VAL N 102 -62.75 25.60 -31.98
CA VAL N 102 -63.74 26.66 -32.12
C VAL N 102 -65.09 26.12 -31.70
N TRP N 103 -66.01 27.01 -31.34
CA TRP N 103 -67.38 26.66 -30.98
C TRP N 103 -68.25 26.87 -32.22
N MET N 104 -68.74 25.78 -32.80
CA MET N 104 -69.53 25.84 -34.02
C MET N 104 -71.02 25.87 -33.67
N LEU N 105 -71.86 25.87 -34.71
CA LEU N 105 -73.31 25.80 -34.56
C LEU N 105 -73.76 24.39 -34.94
N SER N 106 -74.55 23.77 -34.07
CA SER N 106 -75.00 22.39 -34.26
C SER N 106 -76.51 22.33 -34.29
N LYS N 107 -77.04 21.50 -35.18
CA LYS N 107 -78.45 21.16 -35.19
C LYS N 107 -78.73 19.76 -34.68
N SER N 108 -77.75 19.09 -34.09
CA SER N 108 -77.95 17.78 -33.50
C SER N 108 -78.58 17.93 -32.12
N THR N 109 -79.10 16.82 -31.60
CA THR N 109 -79.78 16.80 -30.31
C THR N 109 -79.15 15.83 -29.32
N GLU N 110 -78.05 15.18 -29.68
CA GLU N 110 -77.40 14.21 -28.82
C GLU N 110 -75.93 14.58 -28.62
N ALA N 111 -75.41 14.25 -27.45
CA ALA N 111 -74.02 14.55 -27.15
C ALA N 111 -73.11 13.68 -28.01
N PRO N 112 -72.03 14.25 -28.56
CA PRO N 112 -71.13 13.46 -29.41
C PRO N 112 -70.08 12.74 -28.58
N THR N 113 -69.29 11.91 -29.27
CA THR N 113 -68.15 11.25 -28.64
C THR N 113 -66.94 12.17 -28.66
N PHE N 114 -65.75 11.62 -28.39
CA PHE N 114 -64.55 12.45 -28.30
C PHE N 114 -63.77 12.44 -29.60
N GLY N 115 -63.39 11.29 -30.13
CA GLY N 115 -62.51 11.24 -31.28
C GLY N 115 -63.16 11.01 -32.62
N SER N 116 -64.49 10.92 -32.69
CA SER N 116 -65.14 10.61 -33.95
C SER N 116 -65.07 11.78 -34.91
N ALA N 117 -65.27 11.48 -36.19
CA ALA N 117 -65.21 12.49 -37.23
C ALA N 117 -66.45 13.38 -37.22
N VAL N 118 -66.31 14.56 -37.83
CA VAL N 118 -67.37 15.56 -37.86
C VAL N 118 -68.05 15.50 -39.22
N LYS N 119 -69.39 15.53 -39.20
CA LYS N 119 -70.19 15.55 -40.41
C LYS N 119 -71.00 16.84 -40.44
N LEU N 120 -70.97 17.53 -41.58
CA LEU N 120 -71.70 18.78 -41.75
C LEU N 120 -72.85 18.59 -42.73
N ASP N 121 -73.82 19.49 -42.64
CA ASP N 121 -74.98 19.45 -43.51
C ASP N 121 -74.79 20.42 -44.69
N VAL N 122 -75.88 20.65 -45.43
CA VAL N 122 -75.81 21.48 -46.62
C VAL N 122 -75.46 22.93 -46.27
N ASP N 123 -76.09 23.47 -45.23
CA ASP N 123 -75.90 24.88 -44.90
C ASP N 123 -74.61 25.16 -44.15
N GLY N 124 -73.84 24.14 -43.78
CA GLY N 124 -72.55 24.35 -43.15
C GLY N 124 -72.53 24.32 -41.63
N GLN N 125 -73.61 23.87 -41.00
CA GLN N 125 -73.67 23.74 -39.55
C GLN N 125 -73.55 22.26 -39.17
N GLU N 126 -73.00 22.01 -37.99
CA GLU N 126 -72.77 20.64 -37.55
C GLU N 126 -74.09 19.88 -37.42
N LYS N 127 -74.11 18.66 -37.93
CA LYS N 127 -75.27 17.79 -37.83
C LYS N 127 -74.78 16.38 -37.49
N SER N 128 -75.58 15.65 -36.71
CA SER N 128 -75.17 14.33 -36.28
C SER N 128 -75.02 13.38 -37.46
N ASP N 129 -75.93 13.47 -38.43
CA ASP N 129 -75.97 12.57 -39.58
C ASP N 129 -75.88 13.36 -40.88
N GLY N 130 -75.09 14.43 -40.89
CA GLY N 130 -74.95 15.23 -42.10
C GLY N 130 -74.27 14.48 -43.22
N THR N 131 -74.59 14.87 -44.45
CA THR N 131 -74.06 14.18 -45.62
C THR N 131 -72.60 14.52 -45.86
N ILE N 132 -72.22 15.78 -45.69
CA ILE N 132 -70.86 16.21 -45.98
C ILE N 132 -69.91 15.65 -44.94
N GLU N 133 -68.83 15.02 -45.40
CA GLU N 133 -67.84 14.40 -44.54
C GLU N 133 -66.58 15.26 -44.49
N THR N 134 -66.05 15.46 -43.28
CA THR N 134 -64.89 16.30 -43.06
C THR N 134 -63.77 15.50 -42.42
N THR N 135 -62.57 16.09 -42.42
CA THR N 135 -61.42 15.48 -41.76
C THR N 135 -61.26 15.94 -40.32
N TRP N 136 -62.12 16.85 -39.85
CA TRP N 136 -62.01 17.35 -38.49
C TRP N 136 -62.53 16.32 -37.50
N THR N 137 -62.24 16.55 -36.22
CA THR N 137 -62.64 15.66 -35.15
C THR N 137 -63.26 16.47 -34.01
N TYR N 138 -64.07 15.79 -33.21
CA TYR N 138 -64.70 16.44 -32.06
C TYR N 138 -63.68 16.68 -30.95
N ALA N 139 -64.06 17.55 -30.02
CA ALA N 139 -63.20 17.91 -28.90
C ALA N 139 -63.81 17.57 -27.55
N GLY N 140 -65.12 17.73 -27.38
CA GLY N 140 -65.77 17.36 -26.15
C GLY N 140 -66.78 18.38 -25.64
N GLY N 141 -66.55 19.66 -25.93
CA GLY N 141 -67.46 20.68 -25.46
C GLY N 141 -68.84 20.53 -26.07
N TRP N 142 -69.87 20.58 -25.22
CA TRP N 142 -71.25 20.45 -25.67
C TRP N 142 -72.12 21.24 -24.70
N THR N 143 -72.43 22.47 -25.07
CA THR N 143 -73.21 23.37 -24.23
C THR N 143 -74.31 24.01 -25.06
N LYS N 144 -75.09 24.88 -24.42
CA LYS N 144 -76.21 25.55 -25.07
C LYS N 144 -76.35 26.96 -24.51
N TYR N 145 -76.30 27.96 -25.38
CA TYR N 145 -76.45 29.36 -25.00
C TYR N 145 -77.88 29.77 -25.28
N LYS N 146 -78.66 30.00 -24.22
CA LYS N 146 -80.07 30.34 -24.32
C LYS N 146 -80.82 29.28 -25.13
N ASP N 147 -81.15 29.59 -26.38
CA ASP N 147 -81.83 28.66 -27.26
C ASP N 147 -80.95 28.23 -28.44
N ILE N 148 -79.64 28.45 -28.36
CA ILE N 148 -78.72 28.10 -29.43
C ILE N 148 -77.79 27.01 -28.91
N GLN N 149 -77.66 25.93 -29.68
CA GLN N 149 -76.83 24.79 -29.29
C GLN N 149 -75.46 24.93 -29.93
N LEU N 150 -74.42 24.69 -29.13
CA LEU N 150 -73.03 24.86 -29.57
C LEU N 150 -72.25 23.57 -29.35
N VAL N 151 -71.25 23.36 -30.19
CA VAL N 151 -70.39 22.19 -30.10
C VAL N 151 -68.96 22.61 -30.43
N GLU N 152 -68.00 22.01 -29.74
CA GLU N 152 -66.59 22.28 -29.96
C GLU N 152 -66.01 21.27 -30.95
N VAL N 153 -65.06 21.72 -31.76
CA VAL N 153 -64.50 20.90 -32.82
C VAL N 153 -63.02 21.25 -32.98
N GLN N 154 -62.22 20.24 -33.33
CA GLN N 154 -60.80 20.41 -33.60
C GLN N 154 -60.56 20.39 -35.10
N LEU N 155 -59.90 21.43 -35.61
CA LEU N 155 -59.67 21.59 -37.04
C LEU N 155 -58.25 21.20 -37.41
N HIS N 156 -58.07 20.87 -38.70
CA HIS N 156 -56.77 20.54 -39.25
C HIS N 156 -56.59 21.27 -40.58
N GLN N 157 -55.33 21.55 -40.91
CA GLN N 157 -55.02 22.24 -42.16
C GLN N 157 -55.30 21.33 -43.34
N LEU N 158 -55.88 21.90 -44.39
CA LEU N 158 -56.15 21.15 -45.62
C LEU N 158 -54.86 20.83 -46.36
#